data_9KDB
#
_entry.id   9KDB
#
loop_
_entity.id
_entity.type
_entity.pdbx_description
1 polymer Nb1-25
2 polymer 'Short transient receptor potential channel 3'
3 non-polymer 'ZINC ION'
4 non-polymer 'CALCIUM ION'
5 non-polymer '[(2~{S})-2-[(~{E})-octadec-9-enoyl]oxy-3-oxidanyl-propyl] octadec-9-enoate'
#
loop_
_entity_poly.entity_id
_entity_poly.type
_entity_poly.pdbx_seq_one_letter_code
_entity_poly.pdbx_strand_id
1 'polypeptide(L)'
;MKYLLPTAAAGLLLLAAQPAMAQVQLQESGGGSVQSGGSLRLSCAASGDKNYYMGWFRQAPGKEREGVAAIKSDGETRYA
DSSVTGRFTISQDNAKKTLYLQMTSLKPEDTAMYYCAADRYIGTRWKYVRPEDYSYWGQGTQVTVSSAAAYPYDVPDYAL
EGSGPSRLEEELRRRLTEHHHHHH
;
E,F,G,H
2 'polypeptide(L)'
;MSTKVRKCKEQARVTFPAPEEEEDEGEDEGAEPQRRRRGWRGVNGGLEPRSAPSQREPHGYCPPPFSHGPDLSMEGSPSL
RRMTVMREKGRRQAVRGPAFMFNDRGTSLTAEEERFLDAAEYGNIPVVRKMLEESKTLNVNCVDYMGQNALQLAVGNEHL
EVTELLLKKENLARIGDALLLAISKGYVRIVEAILNHPGFAASKRLTLSPCEQELQDDDFYAYDEDGTRFSPDITPIILA
AHCQKYEVVHMLLMKGARIERPHDYFCKCGDCMEKQRHDSFSHSRSRINAYKGLASPAYLSLSSEDPVLTALELSNELAK
LANIEKEFKNDYRKLSMQCKDFVVGVLDLCRDSEEVEAILNGDLESAEPLEVHRHKASLSRVKLAIKYEVKKFVAHPNCQ
QQLLTIWYENLSGLREQTIAIKCLVVLVVALGLPFLAIGYWIAPCSRLGKILRSPFMKFVAHAASFIIFLGLLVFNASDR
FEGITTLPNITVTDYPKQIFRVKTTQFTWTEMLIMVWVLGMMWSECKELWLEGPREYILQLWNVLDFGMLSIFIAAFTAR
FLAFLQATKAQQYVDSYVQESDLSEVTLPPEIQYFTYARDKWLPSDPQIISEGLYAIAVVLSFSRIAYILPANESFGPLQ
ISLGRTVKDIFKFMVLFIMVFFAFMIGMFILYSYYLGAKVNAAFTTVEESFKTLFWSIFGLSEVTSVVLKYDHKFIENIG
YVLYGIYNVTMVVVLLNMLIAMINSSYQEIEDDSDVEWKFARSKLWLSYFDDGKTLPPPFSLVPSPKSFVYFIMRIVNFP
KCRRRRLQKDIEMGMGNSKSRLNLFTQSNSRVFESHSFNSILNQPTRYQQIMKRLIKRYVLKAQVDKENDEVNEGELKEI
KQDISSLRYELLEDKSQATEELAILIHKLSEKLNPSMLRCE
;
A,B,C,D
#
# COMPACT_ATOMS: atom_id res chain seq x y z
N GLN A 23 -27.70 -53.36 -25.34
CA GLN A 23 -28.95 -52.55 -25.33
C GLN A 23 -29.88 -53.08 -24.24
N VAL A 24 -30.18 -52.27 -23.23
CA VAL A 24 -31.02 -52.73 -22.09
C VAL A 24 -32.42 -53.05 -22.64
N GLN A 25 -33.03 -54.12 -22.11
CA GLN A 25 -34.38 -54.52 -22.58
C GLN A 25 -35.40 -54.14 -21.51
N LEU A 26 -36.39 -53.32 -21.85
CA LEU A 26 -37.41 -52.90 -20.86
C LEU A 26 -38.77 -53.46 -21.29
N GLN A 27 -39.48 -54.09 -20.36
CA GLN A 27 -40.83 -54.63 -20.66
C GLN A 27 -41.79 -54.14 -19.57
N GLU A 28 -42.94 -53.59 -19.96
CA GLU A 28 -43.87 -53.01 -18.96
C GLU A 28 -44.95 -54.03 -18.60
N SER A 29 -45.46 -53.97 -17.37
CA SER A 29 -46.51 -54.85 -16.91
C SER A 29 -47.29 -54.14 -15.83
N GLY A 30 -48.51 -54.64 -15.57
CA GLY A 30 -49.37 -54.08 -14.56
C GLY A 30 -50.47 -53.17 -15.07
N GLY A 31 -50.42 -52.79 -16.34
CA GLY A 31 -51.44 -51.91 -16.89
C GLY A 31 -52.76 -52.61 -17.09
N GLY A 32 -53.80 -51.80 -17.28
CA GLY A 32 -55.14 -52.31 -17.50
C GLY A 32 -56.17 -51.20 -17.38
N SER A 33 -57.41 -51.62 -17.17
CA SER A 33 -58.53 -50.70 -17.03
C SER A 33 -58.95 -50.63 -15.57
N VAL A 34 -59.00 -49.40 -15.05
CA VAL A 34 -59.37 -49.20 -13.62
C VAL A 34 -60.46 -48.12 -13.55
N GLN A 35 -61.34 -48.20 -12.55
CA GLN A 35 -62.37 -47.14 -12.38
C GLN A 35 -61.69 -45.90 -11.79
N SER A 36 -62.30 -44.73 -11.96
CA SER A 36 -61.69 -43.48 -11.45
C SER A 36 -61.45 -43.59 -9.95
N GLY A 37 -60.47 -42.87 -9.43
CA GLY A 37 -60.15 -42.92 -8.02
C GLY A 37 -59.54 -44.21 -7.56
N GLY A 38 -59.26 -45.14 -8.47
CA GLY A 38 -58.70 -46.43 -8.12
C GLY A 38 -57.19 -46.36 -7.93
N SER A 39 -56.59 -47.53 -7.84
CA SER A 39 -55.15 -47.66 -7.61
C SER A 39 -54.57 -48.67 -8.59
N LEU A 40 -53.42 -48.33 -9.15
CA LEU A 40 -52.70 -49.23 -10.06
C LEU A 40 -51.22 -49.22 -9.70
N ARG A 41 -50.55 -50.30 -10.08
CA ARG A 41 -49.08 -50.42 -9.86
C ARG A 41 -48.46 -50.97 -11.15
N LEU A 42 -47.60 -50.18 -11.78
CA LEU A 42 -46.93 -50.57 -13.02
C LEU A 42 -45.55 -51.11 -12.69
N SER A 43 -45.17 -52.19 -13.35
CA SER A 43 -43.87 -52.82 -13.16
C SER A 43 -43.08 -52.77 -14.46
N CYS A 44 -41.77 -52.63 -14.34
CA CYS A 44 -40.88 -52.54 -15.49
C CYS A 44 -39.67 -53.43 -15.23
N ALA A 45 -39.57 -54.53 -15.98
CA ALA A 45 -38.44 -55.44 -15.86
C ALA A 45 -37.31 -54.96 -16.75
N ALA A 46 -36.12 -54.77 -16.16
CA ALA A 46 -34.98 -54.23 -16.94
C ALA A 46 -33.93 -55.34 -17.14
N SER A 47 -33.41 -55.46 -18.36
CA SER A 47 -32.38 -56.50 -18.66
C SER A 47 -31.10 -55.83 -19.17
N GLY A 48 -30.13 -55.61 -18.29
CA GLY A 48 -28.87 -54.94 -18.66
C GLY A 48 -28.32 -54.17 -17.47
N ASP A 49 -27.08 -53.69 -17.52
CA ASP A 49 -26.52 -53.05 -16.34
C ASP A 49 -26.45 -51.54 -16.42
N LYS A 50 -26.36 -50.98 -17.62
CA LYS A 50 -26.19 -49.51 -17.76
C LYS A 50 -27.58 -48.84 -17.72
N ASN A 51 -28.30 -49.00 -16.61
CA ASN A 51 -29.61 -48.34 -16.46
C ASN A 51 -29.57 -47.57 -15.14
N TYR A 52 -28.61 -46.66 -15.01
CA TYR A 52 -28.46 -45.88 -13.76
C TYR A 52 -29.56 -44.83 -13.66
N TYR A 53 -30.21 -44.52 -14.78
CA TYR A 53 -31.32 -43.54 -14.79
C TYR A 53 -32.54 -44.18 -15.43
N MET A 54 -33.66 -44.25 -14.71
CA MET A 54 -34.91 -44.79 -15.21
C MET A 54 -36.03 -43.82 -14.91
N GLY A 55 -37.12 -43.94 -15.67
CA GLY A 55 -38.24 -43.05 -15.49
C GLY A 55 -39.48 -43.60 -16.18
N TRP A 56 -40.62 -43.00 -15.84
CA TRP A 56 -41.90 -43.37 -16.42
C TRP A 56 -42.42 -42.22 -17.26
N PHE A 57 -42.96 -42.55 -18.43
CA PHE A 57 -43.49 -41.55 -19.36
C PHE A 57 -44.84 -42.01 -19.86
N ARG A 58 -45.76 -41.05 -19.99
CA ARG A 58 -47.09 -41.32 -20.49
C ARG A 58 -47.29 -40.58 -21.80
N GLN A 59 -48.14 -41.15 -22.67
CA GLN A 59 -48.46 -40.54 -23.95
C GLN A 59 -49.96 -40.69 -24.18
N ALA A 60 -50.72 -39.67 -23.82
CA ALA A 60 -52.15 -39.67 -24.11
C ALA A 60 -52.39 -39.57 -25.61
N PRO A 61 -53.47 -40.16 -26.11
CA PRO A 61 -53.74 -40.10 -27.55
C PRO A 61 -53.91 -38.68 -28.03
N GLY A 62 -53.36 -38.40 -29.22
CA GLY A 62 -53.45 -37.08 -29.80
C GLY A 62 -52.45 -36.07 -29.25
N LYS A 63 -51.56 -36.49 -28.35
CA LYS A 63 -50.58 -35.60 -27.75
C LYS A 63 -49.20 -36.24 -27.85
N GLU A 64 -48.22 -35.56 -27.28
CA GLU A 64 -46.83 -36.02 -27.27
C GLU A 64 -46.50 -36.73 -25.97
N ARG A 65 -45.45 -37.54 -26.01
CA ARG A 65 -45.01 -38.26 -24.84
C ARG A 65 -44.42 -37.29 -23.81
N GLU A 66 -44.89 -37.39 -22.57
CA GLU A 66 -44.47 -36.49 -21.51
C GLU A 66 -44.04 -37.28 -20.29
N GLY A 67 -43.20 -36.65 -19.47
CA GLY A 67 -42.67 -37.32 -18.30
C GLY A 67 -43.70 -37.51 -17.21
N VAL A 68 -43.44 -38.48 -16.34
CA VAL A 68 -44.24 -38.72 -15.14
C VAL A 68 -43.38 -38.71 -13.89
N ALA A 69 -42.30 -39.49 -13.89
CA ALA A 69 -41.38 -39.54 -12.78
C ALA A 69 -40.03 -40.04 -13.28
N ALA A 70 -38.99 -39.83 -12.48
CA ALA A 70 -37.66 -40.29 -12.81
C ALA A 70 -36.87 -40.50 -11.52
N ILE A 71 -36.18 -41.63 -11.44
CA ILE A 71 -35.45 -42.02 -10.24
C ILE A 71 -34.04 -42.44 -10.62
N LYS A 72 -33.06 -42.04 -9.82
CA LYS A 72 -31.67 -42.41 -10.04
C LYS A 72 -31.39 -43.78 -9.42
N SER A 73 -30.12 -44.18 -9.42
CA SER A 73 -29.73 -45.39 -8.71
C SER A 73 -29.71 -45.17 -7.21
N ASP A 74 -29.22 -44.01 -6.76
CA ASP A 74 -29.20 -43.70 -5.34
C ASP A 74 -30.58 -43.44 -4.77
N GLY A 75 -31.60 -43.33 -5.61
CA GLY A 75 -32.96 -43.18 -5.16
C GLY A 75 -33.51 -41.77 -5.25
N GLU A 76 -32.70 -40.80 -5.68
CA GLU A 76 -33.21 -39.44 -5.85
C GLU A 76 -34.28 -39.43 -6.93
N THR A 77 -35.45 -38.91 -6.60
CA THR A 77 -36.58 -38.95 -7.53
C THR A 77 -36.96 -37.52 -7.90
N ARG A 78 -37.53 -37.33 -9.10
CA ARG A 78 -38.28 -36.09 -9.38
C ARG A 78 -39.56 -36.46 -10.12
N TYR A 79 -40.65 -35.72 -9.85
CA TYR A 79 -41.95 -36.00 -10.50
C TYR A 79 -42.31 -34.86 -11.43
N ALA A 80 -42.79 -35.19 -12.62
CA ALA A 80 -43.23 -34.18 -13.58
C ALA A 80 -44.52 -33.53 -13.10
N ASP A 81 -44.56 -32.19 -13.14
CA ASP A 81 -45.72 -31.42 -12.73
C ASP A 81 -46.05 -31.62 -11.25
N SER A 82 -47.13 -31.00 -10.80
CA SER A 82 -47.63 -31.20 -9.44
C SER A 82 -48.95 -31.95 -9.42
N SER A 83 -49.48 -32.32 -10.58
CA SER A 83 -50.70 -33.12 -10.61
C SER A 83 -50.44 -34.55 -10.17
N VAL A 84 -49.27 -35.10 -10.54
CA VAL A 84 -48.93 -36.46 -10.15
C VAL A 84 -48.22 -36.53 -8.82
N THR A 85 -47.71 -35.41 -8.30
CA THR A 85 -47.02 -35.42 -7.03
C THR A 85 -47.98 -35.74 -5.90
N GLY A 86 -47.59 -36.67 -5.02
CA GLY A 86 -48.40 -37.09 -3.91
C GLY A 86 -49.35 -38.22 -4.19
N ARG A 87 -49.61 -38.48 -5.47
CA ARG A 87 -50.56 -39.56 -5.86
C ARG A 87 -49.81 -40.62 -6.68
N PHE A 88 -48.73 -40.23 -7.37
CA PHE A 88 -47.90 -41.22 -8.09
C PHE A 88 -46.57 -41.38 -7.36
N THR A 89 -46.12 -42.61 -7.17
CA THR A 89 -44.85 -42.89 -6.51
C THR A 89 -44.04 -43.83 -7.38
N ILE A 90 -42.79 -43.41 -7.66
CA ILE A 90 -41.85 -44.26 -8.46
C ILE A 90 -40.88 -44.90 -7.46
N SER A 91 -40.48 -46.15 -7.72
CA SER A 91 -39.55 -46.86 -6.83
C SER A 91 -38.87 -47.97 -7.62
N GLN A 92 -37.72 -48.44 -7.14
CA GLN A 92 -36.97 -49.47 -7.90
C GLN A 92 -36.33 -50.48 -6.95
N ASP A 93 -36.55 -51.77 -7.19
CA ASP A 93 -35.81 -52.77 -6.41
C ASP A 93 -34.31 -52.56 -6.55
N ASN A 94 -33.88 -51.97 -7.68
CA ASN A 94 -32.48 -51.66 -7.95
C ASN A 94 -31.63 -52.93 -7.99
N ALA A 95 -31.52 -53.62 -6.85
CA ALA A 95 -30.80 -54.89 -6.84
C ALA A 95 -31.48 -55.92 -7.73
N LYS A 96 -32.80 -55.96 -7.71
CA LYS A 96 -33.57 -56.94 -8.47
C LYS A 96 -33.94 -56.47 -9.87
N LYS A 97 -33.49 -55.27 -10.26
CA LYS A 97 -33.65 -54.76 -11.62
C LYS A 97 -35.13 -54.64 -12.02
N THR A 98 -35.90 -53.93 -11.19
CA THR A 98 -37.31 -53.71 -11.45
C THR A 98 -37.67 -52.28 -11.10
N LEU A 99 -38.52 -51.67 -11.92
CA LEU A 99 -38.98 -50.31 -11.71
C LEU A 99 -40.48 -50.33 -11.48
N TYR A 100 -40.94 -49.61 -10.46
CA TYR A 100 -42.34 -49.61 -10.08
C TYR A 100 -42.91 -48.19 -10.14
N LEU A 101 -44.19 -48.09 -10.49
CA LEU A 101 -44.93 -46.83 -10.48
C LEU A 101 -46.25 -47.08 -9.74
N GLN A 102 -46.35 -46.59 -8.52
CA GLN A 102 -47.57 -46.72 -7.72
C GLN A 102 -48.49 -45.56 -8.05
N MET A 103 -49.62 -45.87 -8.68
CA MET A 103 -50.60 -44.87 -9.10
C MET A 103 -51.82 -44.96 -8.21
N THR A 104 -52.14 -43.87 -7.53
CA THR A 104 -53.30 -43.79 -6.65
C THR A 104 -54.14 -42.58 -7.03
N SER A 105 -55.44 -42.65 -6.71
CA SER A 105 -56.39 -41.59 -7.03
C SER A 105 -56.40 -41.30 -8.53
N LEU A 106 -56.64 -42.35 -9.31
CA LEU A 106 -56.63 -42.24 -10.75
C LEU A 106 -57.76 -41.34 -11.23
N LYS A 107 -57.49 -40.60 -12.30
CA LYS A 107 -58.42 -39.66 -12.91
C LYS A 107 -58.58 -39.99 -14.39
N PRO A 108 -59.70 -39.58 -15.00
CA PRO A 108 -59.89 -39.88 -16.43
C PRO A 108 -58.80 -39.32 -17.32
N GLU A 109 -58.19 -38.18 -16.97
CA GLU A 109 -57.12 -37.64 -17.79
C GLU A 109 -55.83 -38.42 -17.65
N ASP A 110 -55.74 -39.35 -16.70
CA ASP A 110 -54.57 -40.21 -16.57
C ASP A 110 -54.56 -41.34 -17.58
N THR A 111 -55.63 -41.53 -18.34
CA THR A 111 -55.66 -42.56 -19.36
C THR A 111 -54.66 -42.22 -20.46
N ALA A 112 -53.67 -43.09 -20.64
CA ALA A 112 -52.61 -42.89 -21.61
C ALA A 112 -51.87 -44.21 -21.79
N MET A 113 -50.80 -44.18 -22.57
CA MET A 113 -49.89 -45.30 -22.74
C MET A 113 -48.63 -45.00 -21.95
N TYR A 114 -48.31 -45.86 -20.99
CA TYR A 114 -47.21 -45.61 -20.06
C TYR A 114 -45.99 -46.42 -20.45
N TYR A 115 -44.86 -45.73 -20.63
CA TYR A 115 -43.59 -46.34 -20.99
C TYR A 115 -42.61 -46.15 -19.84
N CYS A 116 -41.74 -47.13 -19.66
CA CYS A 116 -40.57 -46.99 -18.80
C CYS A 116 -39.33 -46.89 -19.67
N ALA A 117 -38.48 -45.92 -19.37
CA ALA A 117 -37.28 -45.67 -20.15
C ALA A 117 -36.06 -45.71 -19.22
N ALA A 118 -34.92 -46.09 -19.79
CA ALA A 118 -33.69 -46.21 -19.04
C ALA A 118 -32.56 -45.56 -19.82
N ASP A 119 -31.55 -45.09 -19.10
CA ASP A 119 -30.38 -44.50 -19.73
C ASP A 119 -29.21 -44.58 -18.77
N ARG A 120 -28.00 -44.65 -19.32
CA ARG A 120 -26.80 -44.74 -18.51
C ARG A 120 -26.42 -43.40 -17.89
N TYR A 121 -26.74 -42.29 -18.57
CA TYR A 121 -26.37 -40.97 -18.11
C TYR A 121 -27.39 -39.97 -18.65
N ILE A 122 -27.69 -38.94 -17.85
CA ILE A 122 -28.59 -37.89 -18.31
C ILE A 122 -27.90 -36.53 -18.26
N GLY A 123 -27.51 -36.10 -17.07
CA GLY A 123 -26.85 -34.81 -16.92
C GLY A 123 -27.65 -33.79 -16.14
N THR A 124 -27.40 -32.50 -16.38
CA THR A 124 -28.12 -31.44 -15.69
C THR A 124 -29.59 -31.38 -16.06
N ARG A 125 -29.97 -32.03 -17.15
CA ARG A 125 -31.36 -32.05 -17.61
C ARG A 125 -32.15 -33.21 -17.04
N TRP A 126 -31.55 -33.99 -16.13
CA TRP A 126 -32.27 -35.11 -15.54
C TRP A 126 -33.46 -34.65 -14.72
N LYS A 127 -33.28 -33.55 -13.99
CA LYS A 127 -34.33 -33.05 -13.08
C LYS A 127 -35.51 -32.44 -13.84
N TYR A 128 -35.56 -32.58 -15.16
CA TYR A 128 -36.69 -32.10 -15.93
C TYR A 128 -37.61 -33.22 -16.39
N VAL A 129 -37.16 -34.48 -16.31
CA VAL A 129 -37.90 -35.65 -16.79
C VAL A 129 -38.35 -35.41 -18.22
N ARG A 130 -37.37 -35.38 -19.13
CA ARG A 130 -37.68 -35.11 -20.56
C ARG A 130 -37.44 -36.39 -21.36
N PRO A 131 -38.42 -36.86 -22.16
CA PRO A 131 -38.29 -38.14 -22.88
C PRO A 131 -37.08 -38.21 -23.79
N GLU A 132 -36.63 -37.09 -24.34
CA GLU A 132 -35.52 -37.12 -25.30
C GLU A 132 -34.18 -37.44 -24.65
N ASP A 133 -34.10 -37.46 -23.32
CA ASP A 133 -32.86 -37.76 -22.64
C ASP A 133 -32.66 -39.25 -22.36
N TYR A 134 -33.63 -40.09 -22.70
CA TYR A 134 -33.58 -41.51 -22.40
C TYR A 134 -33.45 -42.30 -23.70
N SER A 135 -32.50 -43.22 -23.73
CA SER A 135 -32.15 -43.93 -24.95
C SER A 135 -32.86 -45.27 -25.11
N TYR A 136 -33.12 -45.98 -24.03
CA TYR A 136 -33.74 -47.30 -24.07
C TYR A 136 -35.18 -47.19 -23.60
N TRP A 137 -36.11 -47.76 -24.36
CA TRP A 137 -37.52 -47.64 -24.08
C TRP A 137 -38.17 -49.02 -24.10
N GLY A 138 -39.22 -49.17 -23.28
CA GLY A 138 -40.03 -50.36 -23.31
C GLY A 138 -41.13 -50.26 -24.36
N GLN A 139 -41.93 -51.31 -24.43
CA GLN A 139 -43.04 -51.34 -25.39
C GLN A 139 -44.21 -50.48 -24.95
N GLY A 140 -44.38 -50.27 -23.65
CA GLY A 140 -45.47 -49.46 -23.15
C GLY A 140 -46.72 -50.27 -22.84
N THR A 141 -47.40 -49.92 -21.75
CA THR A 141 -48.62 -50.60 -21.34
C THR A 141 -49.75 -49.60 -21.25
N GLN A 142 -50.92 -49.98 -21.75
CA GLN A 142 -52.07 -49.09 -21.82
C GLN A 142 -52.78 -49.05 -20.48
N VAL A 143 -53.01 -47.85 -19.97
CA VAL A 143 -53.77 -47.61 -18.74
C VAL A 143 -55.00 -46.80 -19.13
N THR A 144 -56.18 -47.35 -18.86
CA THR A 144 -57.45 -46.63 -19.19
C THR A 144 -58.24 -46.42 -17.90
N VAL A 145 -58.26 -45.20 -17.38
CA VAL A 145 -59.04 -44.88 -16.15
C VAL A 145 -60.44 -44.44 -16.57
N SER A 146 -61.46 -45.16 -16.11
CA SER A 146 -62.86 -44.82 -16.48
C SER A 146 -63.55 -44.20 -15.27
N SER A 147 -64.26 -43.09 -15.48
CA SER A 147 -65.00 -42.44 -14.37
C SER A 147 -66.41 -43.05 -14.29
N GLY B 97 12.45 -31.31 -29.03
CA GLY B 97 12.58 -29.93 -28.58
C GLY B 97 12.42 -29.78 -27.08
N PRO B 98 11.18 -29.79 -26.60
CA PRO B 98 10.94 -29.69 -25.16
C PRO B 98 11.54 -30.87 -24.41
N ALA B 99 12.03 -30.59 -23.20
CA ALA B 99 12.61 -31.64 -22.38
C ALA B 99 11.57 -32.67 -21.98
N PHE B 100 10.36 -32.23 -21.64
CA PHE B 100 9.30 -33.11 -21.17
C PHE B 100 8.14 -33.07 -22.15
N MET B 101 7.65 -34.23 -22.55
CA MET B 101 6.48 -34.37 -23.40
C MET B 101 5.32 -34.85 -22.54
N PHE B 102 4.44 -33.92 -22.17
CA PHE B 102 3.36 -34.21 -21.24
C PHE B 102 2.17 -34.90 -21.90
N ASN B 103 2.16 -35.02 -23.23
CA ASN B 103 1.05 -35.65 -23.93
C ASN B 103 1.09 -37.17 -23.78
N THR B 107 1.81 -40.90 -32.10
CA THR B 107 2.00 -39.91 -31.01
C THR B 107 1.80 -38.51 -31.58
N SER B 108 1.39 -38.40 -32.85
CA SER B 108 1.25 -37.07 -33.49
C SER B 108 -0.17 -36.54 -33.28
N LEU B 109 -1.09 -37.37 -32.80
CA LEU B 109 -2.52 -36.99 -32.67
C LEU B 109 -3.14 -36.92 -34.07
N THR B 110 -4.05 -37.83 -34.37
CA THR B 110 -4.64 -37.90 -35.74
C THR B 110 -5.43 -36.61 -36.04
N ALA B 111 -5.76 -36.40 -37.30
CA ALA B 111 -6.55 -35.21 -37.69
C ALA B 111 -7.91 -35.24 -37.00
N GLU B 112 -8.51 -36.44 -36.90
CA GLU B 112 -9.84 -36.60 -36.23
C GLU B 112 -9.71 -36.18 -34.78
N GLU B 113 -8.62 -36.57 -34.12
CA GLU B 113 -8.41 -36.23 -32.69
C GLU B 113 -8.01 -34.76 -32.58
N GLU B 114 -7.21 -34.24 -33.51
CA GLU B 114 -6.91 -32.81 -33.47
C GLU B 114 -8.17 -31.99 -33.63
N ARG B 115 -9.03 -32.36 -34.58
CA ARG B 115 -10.29 -31.65 -34.78
C ARG B 115 -11.21 -31.81 -33.58
N PHE B 116 -11.25 -33.02 -33.01
CA PHE B 116 -12.13 -33.28 -31.88
C PHE B 116 -11.70 -32.50 -30.64
N LEU B 117 -10.41 -32.44 -30.37
CA LEU B 117 -9.93 -31.74 -29.19
C LEU B 117 -10.17 -30.24 -29.29
N ASP B 118 -9.96 -29.66 -30.47
CA ASP B 118 -10.25 -28.23 -30.64
C ASP B 118 -11.73 -27.95 -30.50
N ALA B 119 -12.59 -28.82 -31.03
CA ALA B 119 -14.02 -28.61 -30.91
C ALA B 119 -14.47 -28.63 -29.46
N ALA B 120 -13.94 -29.56 -28.66
CA ALA B 120 -14.28 -29.61 -27.25
C ALA B 120 -13.71 -28.42 -26.49
N GLU B 121 -12.48 -28.00 -26.83
CA GLU B 121 -11.84 -26.91 -26.10
C GLU B 121 -12.52 -25.57 -26.36
N TYR B 122 -12.95 -25.32 -27.59
CA TYR B 122 -13.55 -24.06 -27.96
C TYR B 122 -15.06 -24.13 -28.03
N GLY B 123 -15.66 -25.20 -27.55
CA GLY B 123 -17.11 -25.30 -27.49
C GLY B 123 -17.80 -25.38 -28.83
N ASN B 124 -17.23 -26.11 -29.78
CA ASN B 124 -17.85 -26.34 -31.08
C ASN B 124 -18.85 -27.48 -30.92
N ILE B 125 -19.99 -27.16 -30.33
CA ILE B 125 -20.99 -28.18 -30.02
C ILE B 125 -21.47 -28.94 -31.26
N PRO B 126 -21.79 -28.28 -32.38
CA PRO B 126 -22.19 -29.05 -33.57
C PRO B 126 -21.15 -30.06 -34.02
N VAL B 127 -19.87 -29.70 -33.97
CA VAL B 127 -18.82 -30.63 -34.36
C VAL B 127 -18.63 -31.72 -33.32
N VAL B 128 -18.64 -31.34 -32.04
CA VAL B 128 -18.48 -32.33 -30.97
C VAL B 128 -19.60 -33.36 -31.05
N ARG B 129 -20.84 -32.91 -31.22
CA ARG B 129 -21.95 -33.85 -31.30
C ARG B 129 -21.85 -34.73 -32.53
N LYS B 130 -21.45 -34.15 -33.67
CA LYS B 130 -21.37 -34.93 -34.90
C LYS B 130 -20.31 -36.02 -34.80
N MET B 131 -19.15 -35.70 -34.23
CA MET B 131 -18.07 -36.68 -34.15
C MET B 131 -18.39 -37.80 -33.16
N LEU B 132 -19.05 -37.46 -32.06
CA LEU B 132 -19.43 -38.49 -31.09
C LEU B 132 -20.53 -39.40 -31.62
N GLU B 133 -21.20 -39.02 -32.70
CA GLU B 133 -22.28 -39.83 -33.26
C GLU B 133 -21.79 -40.73 -34.39
N GLU B 134 -21.22 -40.15 -35.44
CA GLU B 134 -20.89 -40.97 -36.63
C GLU B 134 -19.50 -41.58 -36.56
N SER B 135 -18.53 -40.91 -35.94
CA SER B 135 -17.16 -41.41 -35.99
C SER B 135 -17.03 -42.72 -35.23
N LYS B 136 -16.39 -43.69 -35.85
CA LYS B 136 -16.20 -45.02 -35.22
C LYS B 136 -14.70 -45.25 -35.04
N THR B 137 -13.89 -44.28 -35.47
CA THR B 137 -12.42 -44.44 -35.40
C THR B 137 -11.84 -43.38 -34.47
N LEU B 138 -12.64 -42.86 -33.53
CA LEU B 138 -12.16 -41.76 -32.64
C LEU B 138 -11.96 -42.24 -31.21
N ASN B 139 -10.85 -41.84 -30.57
CA ASN B 139 -10.59 -42.17 -29.14
C ASN B 139 -10.90 -40.92 -28.32
N VAL B 140 -12.02 -40.91 -27.59
CA VAL B 140 -12.45 -39.71 -26.82
C VAL B 140 -11.38 -39.36 -25.80
N ASN B 141 -10.46 -40.29 -25.52
CA ASN B 141 -9.46 -40.09 -24.48
C ASN B 141 -8.14 -39.55 -25.02
N CYS B 142 -8.13 -39.04 -26.25
CA CYS B 142 -6.95 -38.40 -26.79
C CYS B 142 -6.61 -37.14 -25.99
N VAL B 143 -5.32 -36.87 -25.85
CA VAL B 143 -4.85 -35.79 -25.01
C VAL B 143 -4.13 -34.74 -25.86
N ASP B 144 -4.08 -33.53 -25.34
CA ASP B 144 -3.37 -32.43 -25.99
C ASP B 144 -1.94 -32.37 -25.47
N TYR B 145 -1.23 -31.28 -25.75
CA TYR B 145 0.17 -31.18 -25.39
C TYR B 145 0.40 -31.19 -23.88
N MET B 146 -0.62 -30.91 -23.09
CA MET B 146 -0.53 -30.95 -21.64
C MET B 146 -1.18 -32.18 -21.03
N GLY B 147 -1.52 -33.18 -21.85
CA GLY B 147 -2.17 -34.37 -21.35
C GLY B 147 -3.58 -34.16 -20.84
N GLN B 148 -4.32 -33.25 -21.46
CA GLN B 148 -5.71 -32.97 -21.10
C GLN B 148 -6.60 -33.50 -22.21
N ASN B 149 -7.53 -34.38 -21.86
CA ASN B 149 -8.43 -34.95 -22.85
C ASN B 149 -9.59 -33.98 -23.10
N ALA B 150 -10.58 -34.42 -23.87
CA ALA B 150 -11.67 -33.53 -24.25
C ALA B 150 -12.46 -33.06 -23.03
N LEU B 151 -12.72 -33.97 -22.09
CA LEU B 151 -13.50 -33.62 -20.91
C LEU B 151 -12.79 -32.55 -20.08
N GLN B 152 -11.48 -32.68 -19.88
CA GLN B 152 -10.75 -31.71 -19.09
C GLN B 152 -10.65 -30.37 -19.81
N LEU B 153 -10.57 -30.38 -21.14
CA LEU B 153 -10.55 -29.13 -21.90
C LEU B 153 -11.90 -28.45 -21.88
N ALA B 154 -12.99 -29.22 -22.01
CA ALA B 154 -14.33 -28.64 -21.97
C ALA B 154 -14.66 -28.09 -20.58
N VAL B 155 -14.29 -28.82 -19.52
CA VAL B 155 -14.56 -28.36 -18.17
C VAL B 155 -13.76 -27.10 -17.87
N GLY B 156 -12.50 -27.05 -18.30
CA GLY B 156 -11.68 -25.89 -18.03
C GLY B 156 -12.20 -24.61 -18.66
N ASN B 157 -12.80 -24.73 -19.84
CA ASN B 157 -13.36 -23.58 -20.54
C ASN B 157 -14.85 -23.38 -20.28
N GLU B 158 -15.43 -24.19 -19.40
CA GLU B 158 -16.83 -24.08 -19.01
C GLU B 158 -17.76 -24.28 -20.21
N HIS B 159 -17.65 -25.46 -20.82
CA HIS B 159 -18.52 -25.85 -21.93
C HIS B 159 -19.45 -26.94 -21.39
N LEU B 160 -20.57 -26.51 -20.81
CA LEU B 160 -21.52 -27.45 -20.22
C LEU B 160 -22.13 -28.36 -21.28
N GLU B 161 -22.50 -27.81 -22.43
CA GLU B 161 -23.12 -28.61 -23.47
C GLU B 161 -22.15 -29.65 -24.02
N VAL B 162 -20.89 -29.28 -24.20
CA VAL B 162 -19.89 -30.24 -24.62
C VAL B 162 -19.64 -31.27 -23.52
N THR B 163 -19.64 -30.83 -22.26
CA THR B 163 -19.38 -31.74 -21.16
C THR B 163 -20.43 -32.84 -21.08
N GLU B 164 -21.71 -32.50 -21.26
CA GLU B 164 -22.75 -33.53 -21.21
C GLU B 164 -22.69 -34.44 -22.42
N LEU B 165 -22.29 -33.93 -23.57
CA LEU B 165 -22.12 -34.79 -24.75
C LEU B 165 -21.00 -35.80 -24.53
N LEU B 166 -19.89 -35.36 -23.93
CA LEU B 166 -18.77 -36.27 -23.67
C LEU B 166 -19.15 -37.33 -22.64
N LEU B 167 -19.87 -36.93 -21.59
CA LEU B 167 -20.23 -37.86 -20.53
C LEU B 167 -21.25 -38.89 -20.99
N LYS B 168 -21.96 -38.63 -22.08
CA LYS B 168 -22.89 -39.65 -22.62
C LYS B 168 -22.04 -40.76 -23.24
N LYS B 169 -20.86 -40.41 -23.75
CA LYS B 169 -19.96 -41.39 -24.35
C LYS B 169 -19.33 -42.22 -23.22
N GLU B 170 -19.53 -43.53 -23.27
CA GLU B 170 -18.93 -44.41 -22.28
C GLU B 170 -17.42 -44.45 -22.48
N ASN B 171 -16.74 -45.24 -21.64
CA ASN B 171 -15.28 -45.39 -21.65
C ASN B 171 -14.57 -44.05 -21.75
N LEU B 172 -15.15 -43.01 -21.16
CA LEU B 172 -14.51 -41.70 -21.07
C LEU B 172 -13.68 -41.63 -19.81
N ALA B 173 -12.48 -41.08 -19.93
CA ALA B 173 -11.52 -41.06 -18.84
C ALA B 173 -11.50 -39.71 -18.15
N ARG B 174 -10.75 -39.64 -17.06
CA ARG B 174 -10.55 -38.42 -16.26
C ARG B 174 -11.88 -37.87 -15.73
N ILE B 175 -12.79 -38.76 -15.38
CA ILE B 175 -14.06 -38.33 -14.78
C ILE B 175 -13.80 -37.69 -13.41
N GLY B 176 -12.96 -38.32 -12.60
CA GLY B 176 -12.71 -37.80 -11.26
C GLY B 176 -11.98 -36.48 -11.27
N ASP B 177 -11.02 -36.31 -12.19
CA ASP B 177 -10.28 -35.05 -12.25
C ASP B 177 -11.15 -33.92 -12.79
N ALA B 178 -12.05 -34.22 -13.72
CA ALA B 178 -12.91 -33.18 -14.26
C ALA B 178 -13.82 -32.60 -13.18
N LEU B 179 -14.28 -33.45 -12.26
CA LEU B 179 -15.07 -32.94 -11.14
C LEU B 179 -14.25 -32.00 -10.26
N LEU B 180 -13.02 -32.40 -9.95
CA LEU B 180 -12.16 -31.53 -9.14
C LEU B 180 -11.82 -30.25 -9.88
N LEU B 181 -11.59 -30.34 -11.19
CA LEU B 181 -11.35 -29.14 -11.98
C LEU B 181 -12.57 -28.24 -11.99
N ALA B 182 -13.76 -28.82 -12.15
CA ALA B 182 -14.98 -28.03 -12.14
C ALA B 182 -15.24 -27.42 -10.77
N ILE B 183 -15.01 -28.19 -9.70
CA ILE B 183 -15.19 -27.67 -8.35
C ILE B 183 -14.23 -26.53 -8.07
N SER B 184 -12.98 -26.67 -8.53
CA SER B 184 -11.98 -25.64 -8.28
C SER B 184 -12.36 -24.32 -8.94
N LYS B 185 -12.93 -24.36 -10.14
CA LYS B 185 -13.37 -23.18 -10.84
C LYS B 185 -14.79 -22.75 -10.47
N GLY B 186 -15.47 -23.53 -9.64
CA GLY B 186 -16.82 -23.20 -9.21
C GLY B 186 -17.87 -23.25 -10.30
N TYR B 187 -17.73 -24.16 -11.24
CA TYR B 187 -18.71 -24.33 -12.32
C TYR B 187 -19.81 -25.23 -11.80
N VAL B 188 -20.82 -24.62 -11.17
CA VAL B 188 -21.86 -25.38 -10.48
C VAL B 188 -22.63 -26.26 -11.46
N ARG B 189 -22.95 -25.72 -12.63
CA ARG B 189 -23.72 -26.50 -13.61
C ARG B 189 -22.90 -27.68 -14.12
N ILE B 190 -21.60 -27.48 -14.35
CA ILE B 190 -20.75 -28.58 -14.79
C ILE B 190 -20.59 -29.61 -13.69
N VAL B 191 -20.52 -29.16 -12.43
CA VAL B 191 -20.33 -30.08 -11.31
C VAL B 191 -21.49 -31.06 -11.22
N GLU B 192 -22.72 -30.55 -11.32
CA GLU B 192 -23.88 -31.45 -11.23
C GLU B 192 -24.01 -32.31 -12.49
N ALA B 193 -23.44 -31.88 -13.60
CA ALA B 193 -23.39 -32.74 -14.77
C ALA B 193 -22.40 -33.90 -14.58
N ILE B 194 -21.24 -33.60 -13.99
CA ILE B 194 -20.26 -34.64 -13.72
C ILE B 194 -20.72 -35.55 -12.59
N LEU B 195 -21.31 -34.97 -11.54
CA LEU B 195 -21.77 -35.76 -10.37
C LEU B 195 -22.91 -36.66 -10.82
N ASN B 196 -23.35 -36.51 -12.07
CA ASN B 196 -24.42 -37.37 -12.63
C ASN B 196 -23.75 -38.38 -13.56
N HIS B 197 -22.50 -38.74 -13.28
CA HIS B 197 -21.81 -39.77 -14.06
C HIS B 197 -21.81 -41.02 -13.20
N PRO B 198 -22.17 -42.19 -13.73
CA PRO B 198 -22.29 -43.39 -12.90
C PRO B 198 -21.07 -43.68 -12.04
N GLY B 199 -19.92 -43.07 -12.35
CA GLY B 199 -18.78 -43.19 -11.46
C GLY B 199 -19.04 -42.58 -10.09
N PHE B 200 -19.83 -41.52 -10.04
CA PHE B 200 -20.22 -40.89 -8.78
C PHE B 200 -21.62 -41.28 -8.31
N ALA B 201 -22.59 -41.30 -9.23
CA ALA B 201 -23.98 -41.56 -8.84
C ALA B 201 -24.14 -42.97 -8.28
N ALA B 202 -23.61 -43.97 -8.98
CA ALA B 202 -23.80 -45.35 -8.56
C ALA B 202 -22.93 -45.73 -7.38
N SER B 203 -21.75 -45.14 -7.24
CA SER B 203 -20.81 -45.51 -6.20
C SER B 203 -20.93 -44.56 -5.02
N LYS B 204 -20.04 -44.72 -4.04
CA LYS B 204 -20.02 -43.91 -2.83
C LYS B 204 -18.71 -43.15 -2.71
N ARG B 205 -18.21 -42.64 -3.82
CA ARG B 205 -16.93 -41.93 -3.81
C ARG B 205 -17.02 -40.62 -3.03
N LEU B 206 -18.17 -39.96 -3.06
CA LEU B 206 -18.31 -38.71 -2.33
C LEU B 206 -18.34 -38.93 -0.83
N THR B 207 -18.92 -40.05 -0.38
CA THR B 207 -19.07 -40.30 1.05
C THR B 207 -17.77 -40.74 1.71
N LEU B 208 -16.92 -41.49 1.00
CA LEU B 208 -15.75 -42.09 1.63
C LEU B 208 -14.71 -41.03 1.97
N SER B 209 -13.92 -41.32 3.02
CA SER B 209 -12.91 -40.35 3.52
C SER B 209 -11.69 -40.26 2.59
N PRO B 210 -10.79 -39.26 2.77
CA PRO B 210 -9.58 -39.16 1.96
C PRO B 210 -8.71 -40.42 2.18
N CYS B 211 -8.67 -40.93 3.42
CA CYS B 211 -7.89 -42.16 3.72
C CYS B 211 -8.49 -43.34 2.97
N GLU B 212 -9.81 -43.55 3.11
CA GLU B 212 -10.50 -44.66 2.40
C GLU B 212 -10.30 -44.47 0.89
N GLN B 213 -10.29 -43.22 0.44
CA GLN B 213 -10.07 -42.93 -1.01
C GLN B 213 -8.68 -43.44 -1.41
N GLU B 214 -7.68 -43.24 -0.56
CA GLU B 214 -6.28 -43.62 -0.91
C GLU B 214 -6.07 -45.13 -0.68
N LEU B 215 -7.14 -45.86 -0.38
CA LEU B 215 -7.03 -47.33 -0.21
C LEU B 215 -7.62 -48.00 -1.45
N GLN B 216 -8.50 -47.29 -2.16
CA GLN B 216 -9.16 -47.86 -3.38
C GLN B 216 -8.11 -48.06 -4.47
N ASP B 217 -7.22 -47.09 -4.66
CA ASP B 217 -6.16 -47.19 -5.69
C ASP B 217 -6.79 -47.51 -7.05
N ASP B 218 -7.85 -46.78 -7.42
CA ASP B 218 -8.53 -46.99 -8.71
C ASP B 218 -8.11 -45.89 -9.67
N ASP B 219 -7.30 -44.94 -9.18
CA ASP B 219 -6.83 -43.82 -10.03
C ASP B 219 -8.04 -43.16 -10.70
N PHE B 220 -9.09 -42.88 -9.93
CA PHE B 220 -10.32 -42.26 -10.48
C PHE B 220 -10.08 -40.75 -10.63
N TYR B 221 -9.36 -40.15 -9.69
CA TYR B 221 -9.16 -38.69 -9.72
C TYR B 221 -7.81 -38.37 -10.35
N ALA B 222 -7.27 -39.30 -11.15
CA ALA B 222 -5.97 -39.09 -11.81
C ALA B 222 -6.15 -38.14 -13.00
N TYR B 223 -5.25 -37.18 -13.18
CA TYR B 223 -5.32 -36.23 -14.32
C TYR B 223 -4.37 -36.68 -15.43
N ASP B 224 -3.58 -37.72 -15.18
CA ASP B 224 -2.60 -38.21 -16.18
C ASP B 224 -2.12 -39.59 -15.78
N GLU B 225 -1.16 -40.15 -16.53
CA GLU B 225 -0.68 -41.50 -16.25
C GLU B 225 -0.23 -41.65 -14.81
N ASP B 226 0.44 -40.64 -14.26
CA ASP B 226 0.88 -40.67 -12.88
C ASP B 226 0.62 -39.32 -12.23
N GLY B 227 -0.20 -39.31 -11.20
CA GLY B 227 -0.44 -38.12 -10.41
C GLY B 227 -1.88 -37.64 -10.52
N THR B 228 -2.17 -36.64 -9.68
CA THR B 228 -3.48 -36.00 -9.64
C THR B 228 -3.27 -34.49 -9.71
N ARG B 229 -4.32 -33.79 -10.14
CA ARG B 229 -4.21 -32.33 -10.26
C ARG B 229 -3.98 -31.68 -8.91
N PHE B 230 -4.71 -32.13 -7.89
CA PHE B 230 -4.55 -31.67 -6.52
C PHE B 230 -3.96 -32.79 -5.68
N SER B 231 -3.71 -32.47 -4.41
CA SER B 231 -3.15 -33.47 -3.51
C SER B 231 -4.11 -34.65 -3.38
N PRO B 232 -3.60 -35.88 -3.31
CA PRO B 232 -4.51 -37.04 -3.25
C PRO B 232 -5.42 -37.03 -2.03
N ASP B 233 -5.01 -36.35 -0.96
CA ASP B 233 -5.84 -36.25 0.24
C ASP B 233 -7.02 -35.30 0.07
N ILE B 234 -7.04 -34.51 -0.99
CA ILE B 234 -8.09 -33.54 -1.21
C ILE B 234 -9.25 -34.24 -1.92
N THR B 235 -10.35 -34.39 -1.20
CA THR B 235 -11.58 -34.96 -1.73
C THR B 235 -12.42 -33.87 -2.38
N PRO B 236 -13.48 -34.23 -3.10
CA PRO B 236 -14.35 -33.19 -3.66
C PRO B 236 -14.90 -32.23 -2.62
N ILE B 237 -15.29 -32.71 -1.44
CA ILE B 237 -15.85 -31.83 -0.43
C ILE B 237 -14.77 -30.92 0.15
N ILE B 238 -13.57 -31.46 0.36
CA ILE B 238 -12.47 -30.64 0.89
C ILE B 238 -12.09 -29.57 -0.13
N LEU B 239 -12.02 -29.93 -1.41
CA LEU B 239 -11.69 -28.96 -2.43
C LEU B 239 -12.74 -27.87 -2.53
N ALA B 240 -14.01 -28.24 -2.47
CA ALA B 240 -15.08 -27.24 -2.50
C ALA B 240 -15.00 -26.31 -1.30
N ALA B 241 -14.70 -26.87 -0.12
CA ALA B 241 -14.51 -26.03 1.05
C ALA B 241 -13.28 -25.14 0.91
N HIS B 242 -12.20 -25.67 0.35
CA HIS B 242 -10.98 -24.86 0.16
C HIS B 242 -11.27 -23.64 -0.73
N CYS B 243 -11.98 -23.85 -1.83
CA CYS B 243 -12.31 -22.79 -2.75
C CYS B 243 -13.46 -21.93 -2.28
N GLN B 244 -14.14 -22.33 -1.20
CA GLN B 244 -15.27 -21.60 -0.64
C GLN B 244 -16.39 -21.43 -1.66
N LYS B 245 -16.79 -22.55 -2.25
CA LYS B 245 -17.91 -22.60 -3.18
C LYS B 245 -19.14 -23.03 -2.37
N TYR B 246 -19.96 -22.06 -1.97
CA TYR B 246 -21.07 -22.36 -1.08
C TYR B 246 -22.08 -23.30 -1.72
N GLU B 247 -22.36 -23.10 -3.01
CA GLU B 247 -23.33 -23.97 -3.67
C GLU B 247 -22.77 -25.35 -3.94
N VAL B 248 -21.48 -25.44 -4.25
CA VAL B 248 -20.87 -26.76 -4.49
C VAL B 248 -20.78 -27.54 -3.18
N VAL B 249 -20.43 -26.86 -2.09
CA VAL B 249 -20.39 -27.54 -0.78
C VAL B 249 -21.77 -28.07 -0.42
N HIS B 250 -22.82 -27.27 -0.67
CA HIS B 250 -24.17 -27.72 -0.40
C HIS B 250 -24.53 -28.95 -1.23
N MET B 251 -24.18 -28.94 -2.51
CA MET B 251 -24.47 -30.08 -3.38
C MET B 251 -23.78 -31.33 -2.89
N LEU B 252 -22.51 -31.21 -2.48
CA LEU B 252 -21.77 -32.36 -1.98
C LEU B 252 -22.29 -32.80 -0.61
N LEU B 253 -22.68 -31.84 0.22
CA LEU B 253 -23.26 -32.19 1.53
C LEU B 253 -24.59 -32.92 1.36
N MET B 254 -25.39 -32.53 0.37
CA MET B 254 -26.63 -33.24 0.11
C MET B 254 -26.39 -34.69 -0.29
N LYS B 255 -25.23 -34.98 -0.89
CA LYS B 255 -24.88 -36.34 -1.28
C LYS B 255 -24.32 -37.16 -0.13
N GLY B 256 -24.01 -36.54 1.00
CA GLY B 256 -23.44 -37.24 2.14
C GLY B 256 -21.97 -37.03 2.35
N ALA B 257 -21.34 -36.11 1.63
CA ALA B 257 -19.91 -35.87 1.77
C ALA B 257 -19.62 -35.07 3.04
N ARG B 258 -18.64 -35.53 3.82
CA ARG B 258 -18.20 -34.85 5.02
C ARG B 258 -16.68 -34.80 5.02
N ILE B 259 -16.15 -33.83 5.78
CA ILE B 259 -14.68 -33.74 5.94
C ILE B 259 -14.38 -34.60 7.18
N GLU B 260 -13.49 -35.57 7.11
CA GLU B 260 -13.13 -36.32 8.35
C GLU B 260 -12.14 -35.46 9.14
N ARG B 261 -12.34 -35.32 10.45
CA ARG B 261 -11.37 -34.56 11.29
C ARG B 261 -10.05 -35.32 11.30
N PRO B 262 -8.89 -34.64 11.23
CA PRO B 262 -7.59 -35.31 11.12
C PRO B 262 -7.02 -36.00 12.38
N HIS B 263 -7.82 -36.22 13.43
CA HIS B 263 -7.35 -36.84 14.70
C HIS B 263 -6.42 -35.87 15.42
N ASP B 264 -6.01 -36.23 16.65
CA ASP B 264 -5.08 -35.39 17.39
C ASP B 264 -3.66 -35.59 16.88
N TYR B 265 -2.80 -34.60 17.12
CA TYR B 265 -1.42 -34.71 16.69
C TYR B 265 -0.72 -35.88 17.38
N PHE B 266 -0.94 -36.05 18.67
CA PHE B 266 -0.35 -37.16 19.42
C PHE B 266 -1.33 -38.33 19.49
N CYS B 267 -1.74 -38.79 18.32
CA CYS B 267 -2.66 -39.91 18.20
C CYS B 267 -1.86 -41.19 17.98
N LYS B 268 -2.14 -42.21 18.79
CA LYS B 268 -1.41 -43.47 18.74
C LYS B 268 -2.24 -44.58 18.10
N CYS B 269 -3.23 -44.23 17.30
CA CYS B 269 -4.03 -45.24 16.60
C CYS B 269 -3.19 -45.88 15.50
N GLY B 270 -3.73 -46.96 14.92
CA GLY B 270 -3.02 -47.66 13.87
C GLY B 270 -2.81 -46.79 12.64
N ASP B 271 -3.82 -46.01 12.25
CA ASP B 271 -3.71 -45.20 11.05
C ASP B 271 -2.68 -44.08 11.23
N CYS B 272 -2.76 -43.33 12.33
CA CYS B 272 -1.83 -42.23 12.54
C CYS B 272 -0.41 -42.72 12.77
N MET B 273 -0.24 -43.92 13.35
CA MET B 273 1.10 -44.44 13.56
C MET B 273 1.74 -44.88 12.25
N GLU B 274 0.98 -45.61 11.41
CA GLU B 274 1.55 -46.13 10.17
C GLU B 274 1.72 -45.06 9.10
N LYS B 275 0.87 -44.02 9.11
CA LYS B 275 1.02 -42.95 8.14
C LYS B 275 2.21 -42.05 8.48
N GLN B 276 2.40 -41.75 9.77
CA GLN B 276 3.58 -40.99 10.18
C GLN B 276 4.85 -41.76 9.92
N ARG B 277 4.85 -43.07 10.20
CA ARG B 277 6.03 -43.89 9.96
C ARG B 277 6.35 -43.96 8.46
N HIS B 278 5.32 -44.09 7.62
CA HIS B 278 5.54 -44.22 6.19
C HIS B 278 6.17 -42.97 5.60
N ASP B 279 5.47 -41.84 5.67
CA ASP B 279 5.90 -40.62 4.99
C ASP B 279 6.18 -39.48 5.95
N SER B 280 5.23 -39.13 6.81
CA SER B 280 5.37 -38.09 7.83
C SER B 280 5.36 -36.69 7.21
N PHE B 281 5.37 -36.61 5.89
CA PHE B 281 5.18 -35.35 5.17
C PHE B 281 3.88 -35.29 4.43
N SER B 282 3.47 -36.40 3.80
CA SER B 282 2.11 -36.48 3.27
C SER B 282 1.09 -36.40 4.40
N HIS B 283 1.37 -37.08 5.52
CA HIS B 283 0.47 -37.04 6.66
C HIS B 283 0.35 -35.63 7.23
N SER B 284 1.48 -34.93 7.33
CA SER B 284 1.44 -33.56 7.84
C SER B 284 0.68 -32.64 6.90
N ARG B 285 0.87 -32.80 5.59
CA ARG B 285 0.15 -31.97 4.64
C ARG B 285 -1.31 -32.41 4.51
N SER B 286 -1.60 -33.68 4.74
CA SER B 286 -2.98 -34.16 4.65
C SER B 286 -3.86 -33.55 5.74
N ARG B 287 -3.33 -33.43 6.96
CA ARG B 287 -4.13 -32.87 8.04
C ARG B 287 -4.32 -31.37 7.89
N ILE B 288 -3.36 -30.68 7.28
CA ILE B 288 -3.54 -29.25 6.99
C ILE B 288 -4.67 -29.06 6.00
N ASN B 289 -4.72 -29.90 4.95
CA ASN B 289 -5.78 -29.79 3.96
C ASN B 289 -7.14 -30.07 4.57
N ALA B 290 -7.23 -31.08 5.45
CA ALA B 290 -8.49 -31.37 6.11
C ALA B 290 -8.93 -30.21 7.00
N TYR B 291 -7.99 -29.63 7.75
CA TYR B 291 -8.33 -28.47 8.58
C TYR B 291 -8.58 -27.23 7.76
N LYS B 292 -7.94 -27.11 6.60
CA LYS B 292 -8.20 -25.97 5.73
C LYS B 292 -9.61 -26.00 5.17
N GLY B 293 -10.21 -27.18 5.07
CA GLY B 293 -11.59 -27.30 4.65
C GLY B 293 -12.55 -27.17 5.82
N LEU B 294 -12.15 -27.67 6.98
CA LEU B 294 -12.97 -27.50 8.18
C LEU B 294 -13.08 -26.04 8.57
N ALA B 295 -12.01 -25.29 8.43
CA ALA B 295 -11.96 -23.88 8.81
C ALA B 295 -12.51 -22.95 7.74
N SER B 296 -13.12 -23.49 6.69
CA SER B 296 -13.64 -22.59 5.67
C SER B 296 -15.05 -22.14 6.03
N PRO B 297 -15.37 -20.87 5.82
CA PRO B 297 -16.74 -20.40 6.08
C PRO B 297 -17.78 -21.11 5.23
N ALA B 298 -17.40 -21.59 4.05
CA ALA B 298 -18.34 -22.33 3.22
C ALA B 298 -18.78 -23.62 3.90
N TYR B 299 -17.85 -24.33 4.52
CA TYR B 299 -18.16 -25.56 5.21
C TYR B 299 -18.62 -25.35 6.64
N LEU B 300 -18.13 -24.29 7.31
CA LEU B 300 -18.54 -24.02 8.68
C LEU B 300 -20.02 -23.73 8.77
N SER B 301 -20.55 -22.93 7.83
CA SER B 301 -21.95 -22.51 7.92
C SER B 301 -22.92 -23.59 7.48
N LEU B 302 -22.53 -24.43 6.53
CA LEU B 302 -23.46 -25.38 5.91
C LEU B 302 -23.42 -26.78 6.52
N SER B 303 -22.51 -27.05 7.46
CA SER B 303 -22.35 -28.39 7.99
C SER B 303 -22.94 -28.56 9.38
N SER B 304 -22.64 -27.66 10.31
CA SER B 304 -23.04 -27.81 11.70
C SER B 304 -24.28 -26.98 11.99
N GLU B 305 -25.08 -27.45 12.96
CA GLU B 305 -26.26 -26.71 13.39
C GLU B 305 -25.90 -25.42 14.11
N ASP B 306 -24.70 -25.36 14.71
CA ASP B 306 -24.23 -24.19 15.43
C ASP B 306 -22.84 -23.84 14.90
N PRO B 307 -22.78 -23.19 13.73
CA PRO B 307 -21.46 -22.84 13.18
C PRO B 307 -20.62 -21.93 14.06
N VAL B 308 -21.26 -21.05 14.84
CA VAL B 308 -20.51 -20.16 15.71
C VAL B 308 -19.78 -20.95 16.79
N LEU B 309 -20.47 -21.91 17.41
CA LEU B 309 -19.82 -22.77 18.39
C LEU B 309 -18.74 -23.63 17.74
N THR B 310 -19.02 -24.17 16.55
CA THR B 310 -18.05 -25.00 15.85
C THR B 310 -16.80 -24.20 15.48
N ALA B 311 -16.98 -22.96 15.02
CA ALA B 311 -15.84 -22.16 14.62
C ALA B 311 -15.00 -21.75 15.82
N LEU B 312 -15.64 -21.46 16.95
CA LEU B 312 -14.90 -21.09 18.16
C LEU B 312 -14.05 -22.25 18.65
N GLU B 313 -14.64 -23.44 18.73
CA GLU B 313 -13.88 -24.61 19.17
C GLU B 313 -12.77 -24.96 18.19
N LEU B 314 -13.07 -24.88 16.88
CA LEU B 314 -12.06 -25.17 15.88
C LEU B 314 -10.94 -24.13 15.89
N SER B 315 -11.26 -22.88 16.20
CA SER B 315 -10.24 -21.84 16.27
C SER B 315 -9.23 -22.14 17.37
N ASN B 316 -9.70 -22.62 18.53
CA ASN B 316 -8.79 -23.03 19.59
C ASN B 316 -7.96 -24.23 19.18
N GLU B 317 -8.59 -25.21 18.52
CA GLU B 317 -7.88 -26.42 18.12
C GLU B 317 -6.77 -26.10 17.13
N LEU B 318 -7.04 -25.20 16.18
CA LEU B 318 -6.02 -24.82 15.21
C LEU B 318 -4.93 -23.96 15.85
N ALA B 319 -5.29 -23.14 16.84
CA ALA B 319 -4.29 -22.34 17.52
C ALA B 319 -3.30 -23.20 18.28
N LYS B 320 -3.79 -24.26 18.93
CA LYS B 320 -2.90 -25.16 19.66
C LYS B 320 -1.96 -25.90 18.71
N LEU B 321 -2.47 -26.35 17.56
CA LEU B 321 -1.63 -27.05 16.59
C LEU B 321 -0.57 -26.15 15.98
N ALA B 322 -0.78 -24.83 15.99
CA ALA B 322 0.25 -23.93 15.47
C ALA B 322 1.51 -24.01 16.32
N ASN B 323 1.36 -24.18 17.63
CA ASN B 323 2.52 -24.34 18.50
C ASN B 323 3.14 -25.72 18.34
N ILE B 324 2.30 -26.76 18.23
CA ILE B 324 2.81 -28.12 18.15
C ILE B 324 3.57 -28.33 16.85
N GLU B 325 3.01 -27.91 15.72
CA GLU B 325 3.68 -27.98 14.43
C GLU B 325 4.36 -26.63 14.19
N LYS B 326 5.59 -26.50 14.69
CA LYS B 326 6.30 -25.23 14.58
C LYS B 326 6.60 -24.89 13.13
N GLU B 327 6.87 -25.90 12.30
CA GLU B 327 7.27 -25.62 10.92
C GLU B 327 6.09 -25.18 10.07
N PHE B 328 4.89 -25.69 10.35
CA PHE B 328 3.68 -25.26 9.68
C PHE B 328 2.85 -24.32 10.55
N LYS B 329 3.52 -23.51 11.37
CA LYS B 329 2.83 -22.61 12.28
C LYS B 329 2.02 -21.56 11.54
N ASN B 330 2.59 -21.00 10.47
CA ASN B 330 1.88 -19.98 9.70
C ASN B 330 0.63 -20.54 9.03
N ASP B 331 0.68 -21.81 8.58
CA ASP B 331 -0.49 -22.42 7.97
C ASP B 331 -1.64 -22.54 8.97
N TYR B 332 -1.34 -22.98 10.19
CA TYR B 332 -2.39 -23.16 11.19
C TYR B 332 -2.87 -21.84 11.78
N ARG B 333 -1.99 -20.85 11.91
CA ARG B 333 -2.41 -19.55 12.40
C ARG B 333 -3.34 -18.86 11.39
N LYS B 334 -3.09 -19.06 10.10
CA LYS B 334 -3.97 -18.51 9.09
C LYS B 334 -5.35 -19.15 9.17
N LEU B 335 -5.41 -20.46 9.40
CA LEU B 335 -6.70 -21.14 9.50
C LEU B 335 -7.44 -20.75 10.76
N SER B 336 -6.72 -20.50 11.86
CA SER B 336 -7.35 -20.06 13.09
C SER B 336 -8.02 -18.71 12.90
N MET B 337 -7.37 -17.80 12.18
CA MET B 337 -7.97 -16.50 11.90
C MET B 337 -9.21 -16.62 11.02
N GLN B 338 -9.27 -17.65 10.18
CA GLN B 338 -10.46 -17.88 9.37
C GLN B 338 -11.67 -18.21 10.25
N CYS B 339 -11.47 -19.02 11.29
CA CYS B 339 -12.55 -19.28 12.23
C CYS B 339 -12.81 -18.08 13.11
N LYS B 340 -11.78 -17.28 13.40
CA LYS B 340 -11.95 -16.11 14.25
C LYS B 340 -12.84 -15.07 13.60
N ASP B 341 -12.63 -14.79 12.31
CA ASP B 341 -13.41 -13.76 11.64
C ASP B 341 -14.69 -14.31 11.01
N PHE B 342 -14.93 -15.61 11.08
CA PHE B 342 -16.24 -16.14 10.71
C PHE B 342 -17.27 -15.80 11.77
N VAL B 343 -16.93 -16.01 13.05
CA VAL B 343 -17.86 -15.70 14.13
C VAL B 343 -18.05 -14.19 14.28
N VAL B 344 -17.02 -13.41 13.98
CA VAL B 344 -17.19 -11.97 13.91
C VAL B 344 -18.11 -11.60 12.76
N GLY B 345 -18.00 -12.31 11.64
CA GLY B 345 -18.87 -12.05 10.51
C GLY B 345 -20.32 -12.37 10.82
N VAL B 346 -20.56 -13.46 11.57
CA VAL B 346 -21.92 -13.80 11.95
C VAL B 346 -22.46 -12.81 12.96
N LEU B 347 -21.63 -12.38 13.90
CA LEU B 347 -22.05 -11.37 14.87
C LEU B 347 -22.35 -10.04 14.19
N ASP B 348 -21.61 -9.70 13.13
CA ASP B 348 -21.84 -8.45 12.42
C ASP B 348 -23.19 -8.41 11.73
N LEU B 349 -23.80 -9.56 11.45
CA LEU B 349 -25.05 -9.62 10.73
C LEU B 349 -26.28 -9.53 11.63
N CYS B 350 -26.09 -9.57 12.95
CA CYS B 350 -27.24 -9.49 13.86
C CYS B 350 -27.87 -8.11 13.79
N ARG B 351 -29.19 -8.07 13.78
CA ARG B 351 -29.93 -6.84 13.57
C ARG B 351 -30.83 -6.44 14.74
N ASP B 352 -31.13 -7.34 15.67
CA ASP B 352 -31.93 -7.00 16.83
C ASP B 352 -31.31 -7.68 18.04
N SER B 353 -31.90 -7.42 19.22
CA SER B 353 -31.35 -7.93 20.47
C SER B 353 -31.43 -9.45 20.52
N GLU B 354 -32.53 -10.03 20.03
CA GLU B 354 -32.70 -11.48 20.11
C GLU B 354 -31.60 -12.21 19.36
N GLU B 355 -31.26 -11.72 18.16
CA GLU B 355 -30.18 -12.34 17.40
C GLU B 355 -28.84 -12.19 18.10
N VAL B 356 -28.59 -11.02 18.70
CA VAL B 356 -27.34 -10.82 19.43
C VAL B 356 -27.29 -11.71 20.66
N GLU B 357 -28.40 -11.80 21.40
CA GLU B 357 -28.45 -12.65 22.59
C GLU B 357 -28.30 -14.12 22.25
N ALA B 358 -28.61 -14.53 21.02
CA ALA B 358 -28.37 -15.90 20.60
C ALA B 358 -26.90 -16.15 20.28
N ILE B 359 -26.23 -15.21 19.64
CA ILE B 359 -24.82 -15.38 19.29
C ILE B 359 -23.95 -15.30 20.54
N LEU B 360 -24.27 -14.38 21.45
CA LEU B 360 -23.42 -14.14 22.62
C LEU B 360 -23.68 -15.13 23.74
N ASN B 361 -24.94 -15.45 24.01
CA ASN B 361 -25.28 -16.35 25.11
C ASN B 361 -25.40 -17.81 24.67
N GLY B 362 -25.15 -18.11 23.40
CA GLY B 362 -25.40 -19.46 22.92
C GLY B 362 -26.89 -19.74 22.89
N ASP B 363 -27.25 -20.98 23.22
CA ASP B 363 -28.64 -21.37 23.24
C ASP B 363 -29.39 -20.65 24.36
N ALA B 377 -28.36 -13.69 32.00
CA ALA B 377 -27.79 -13.77 30.65
C ALA B 377 -26.33 -14.21 30.71
N SER B 378 -26.12 -15.52 30.78
CA SER B 378 -24.77 -16.08 30.83
C SER B 378 -24.12 -15.92 29.46
N LEU B 379 -23.14 -15.02 29.38
CA LEU B 379 -22.45 -14.73 28.12
C LEU B 379 -21.45 -15.85 27.81
N SER B 380 -22.01 -17.01 27.49
CA SER B 380 -21.19 -18.20 27.31
C SER B 380 -20.19 -18.04 26.18
N ARG B 381 -20.65 -17.51 25.04
CA ARG B 381 -19.78 -17.36 23.89
C ARG B 381 -18.82 -16.19 24.03
N VAL B 382 -19.22 -15.14 24.76
CA VAL B 382 -18.30 -14.04 25.04
C VAL B 382 -17.14 -14.52 25.90
N LYS B 383 -17.46 -15.35 26.90
CA LYS B 383 -16.40 -15.91 27.77
C LYS B 383 -15.50 -16.83 26.94
N LEU B 384 -16.08 -17.63 26.03
CA LEU B 384 -15.26 -18.49 25.16
C LEU B 384 -14.37 -17.65 24.25
N ALA B 385 -14.91 -16.58 23.68
CA ALA B 385 -14.13 -15.75 22.78
C ALA B 385 -12.97 -15.09 23.51
N ILE B 386 -13.19 -14.64 24.75
CA ILE B 386 -12.10 -14.14 25.56
C ILE B 386 -11.12 -15.25 25.90
N LYS B 387 -11.65 -16.43 26.25
CA LYS B 387 -10.79 -17.57 26.55
C LYS B 387 -9.96 -17.98 25.33
N TYR B 388 -10.59 -17.97 24.15
CA TYR B 388 -9.91 -18.34 22.91
C TYR B 388 -9.23 -17.15 22.23
N GLU B 389 -9.24 -15.98 22.87
CA GLU B 389 -8.62 -14.78 22.33
C GLU B 389 -9.17 -14.41 20.96
N VAL B 390 -10.49 -14.54 20.80
CA VAL B 390 -11.17 -14.03 19.60
C VAL B 390 -11.51 -12.57 19.92
N LYS B 391 -10.53 -11.69 19.69
CA LYS B 391 -10.64 -10.33 20.17
C LYS B 391 -11.67 -9.53 19.40
N LYS B 392 -11.73 -9.70 18.07
CA LYS B 392 -12.66 -8.92 17.28
C LYS B 392 -14.11 -9.28 17.59
N PHE B 393 -14.36 -10.52 18.03
CA PHE B 393 -15.71 -10.89 18.45
C PHE B 393 -16.14 -10.11 19.67
N VAL B 394 -15.25 -10.04 20.68
CA VAL B 394 -15.58 -9.31 21.91
C VAL B 394 -15.58 -7.80 21.66
N ALA B 395 -14.64 -7.32 20.86
CA ALA B 395 -14.52 -5.90 20.58
C ALA B 395 -15.54 -5.39 19.57
N HIS B 396 -16.33 -6.27 18.98
CA HIS B 396 -17.31 -5.84 17.99
C HIS B 396 -18.40 -5.01 18.65
N PRO B 397 -18.90 -3.97 17.97
CA PRO B 397 -19.93 -3.12 18.59
C PRO B 397 -21.18 -3.87 19.01
N ASN B 398 -21.54 -4.95 18.31
CA ASN B 398 -22.70 -5.74 18.71
C ASN B 398 -22.50 -6.38 20.07
N CYS B 399 -21.30 -6.88 20.33
CA CYS B 399 -21.00 -7.45 21.64
C CYS B 399 -20.80 -6.37 22.69
N GLN B 400 -20.17 -5.26 22.31
CA GLN B 400 -19.88 -4.20 23.26
C GLN B 400 -21.15 -3.54 23.77
N GLN B 401 -22.14 -3.32 22.90
CA GLN B 401 -23.39 -2.72 23.34
C GLN B 401 -24.13 -3.63 24.32
N GLN B 402 -23.92 -4.93 24.22
CA GLN B 402 -24.52 -5.84 25.19
C GLN B 402 -23.77 -5.82 26.52
N LEU B 403 -22.45 -5.64 26.47
CA LEU B 403 -21.67 -5.54 27.70
C LEU B 403 -21.95 -4.23 28.42
N LEU B 404 -22.14 -3.15 27.69
CA LEU B 404 -22.45 -1.86 28.31
C LEU B 404 -23.76 -1.91 29.07
N THR B 405 -24.75 -2.62 28.53
CA THR B 405 -26.03 -2.75 29.22
C THR B 405 -25.87 -3.47 30.55
N ILE B 406 -25.08 -4.55 30.56
CA ILE B 406 -24.81 -5.24 31.82
C ILE B 406 -23.87 -4.43 32.69
N TRP B 407 -22.95 -3.67 32.08
CA TRP B 407 -22.03 -2.85 32.86
C TRP B 407 -22.78 -1.78 33.65
N TYR B 408 -23.71 -1.09 33.00
CA TYR B 408 -24.57 -0.12 33.68
C TYR B 408 -25.93 -0.76 33.92
N GLU B 409 -25.98 -1.66 34.92
CA GLU B 409 -27.22 -2.36 35.22
C GLU B 409 -28.30 -1.39 35.67
N ASN B 410 -28.07 -0.72 36.80
CA ASN B 410 -29.07 0.22 37.36
C ASN B 410 -28.50 1.63 37.33
N LEU B 411 -27.65 1.95 36.34
CA LEU B 411 -27.03 3.26 36.23
C LEU B 411 -27.31 3.88 34.87
N SER B 412 -28.58 3.84 34.45
CA SER B 412 -28.95 4.43 33.17
C SER B 412 -28.58 5.91 33.11
N GLY B 413 -28.71 6.60 34.24
CA GLY B 413 -28.29 8.00 34.28
C GLY B 413 -26.80 8.18 34.11
N LEU B 414 -26.01 7.34 34.79
CA LEU B 414 -24.56 7.46 34.74
C LEU B 414 -23.96 7.06 33.40
N ARG B 415 -24.74 6.41 32.53
CA ARG B 415 -24.19 5.96 31.26
C ARG B 415 -23.76 7.14 30.39
N GLU B 416 -24.57 8.18 30.31
CA GLU B 416 -24.30 9.31 29.42
C GLU B 416 -23.61 10.46 30.13
N GLN B 417 -23.29 10.33 31.42
CA GLN B 417 -22.62 11.41 32.13
C GLN B 417 -21.19 11.57 31.63
N THR B 418 -20.66 12.78 31.81
CA THR B 418 -19.32 13.09 31.35
C THR B 418 -18.27 12.34 32.19
N ILE B 419 -17.04 12.35 31.70
CA ILE B 419 -15.96 11.66 32.40
C ILE B 419 -15.69 12.31 33.75
N ALA B 420 -15.75 13.64 33.81
CA ALA B 420 -15.52 14.34 35.07
C ALA B 420 -16.56 13.96 36.11
N ILE B 421 -17.83 13.85 35.70
CA ILE B 421 -18.88 13.44 36.63
C ILE B 421 -18.65 12.01 37.10
N LYS B 422 -18.23 11.12 36.20
CA LYS B 422 -17.89 9.76 36.61
C LYS B 422 -16.71 9.76 37.57
N CYS B 423 -15.71 10.60 37.32
CA CYS B 423 -14.63 10.74 38.29
C CYS B 423 -15.11 11.44 39.56
N LEU B 424 -16.12 12.31 39.43
CA LEU B 424 -16.68 12.96 40.61
C LEU B 424 -17.35 11.95 41.53
N VAL B 425 -18.11 11.00 40.97
CA VAL B 425 -18.80 10.02 41.80
C VAL B 425 -17.83 9.03 42.42
N VAL B 426 -16.64 8.84 41.83
CA VAL B 426 -15.63 8.00 42.46
C VAL B 426 -15.20 8.60 43.79
N LEU B 427 -14.96 9.91 43.80
CA LEU B 427 -14.61 10.60 45.04
C LEU B 427 -15.77 10.56 46.02
N VAL B 428 -17.01 10.75 45.54
CA VAL B 428 -18.17 10.68 46.41
C VAL B 428 -18.28 9.30 47.04
N VAL B 429 -18.07 8.25 46.25
CA VAL B 429 -18.03 6.90 46.79
C VAL B 429 -16.84 6.75 47.74
N ALA B 430 -15.69 7.28 47.36
CA ALA B 430 -14.49 7.12 48.18
C ALA B 430 -14.65 7.79 49.54
N LEU B 431 -15.19 9.01 49.57
CA LEU B 431 -15.38 9.70 50.85
C LEU B 431 -16.36 8.96 51.74
N GLY B 432 -17.45 8.48 51.18
CA GLY B 432 -18.48 7.77 51.92
C GLY B 432 -18.39 6.27 51.90
N LEU B 433 -17.25 5.71 51.46
CA LEU B 433 -17.15 4.25 51.35
C LEU B 433 -17.38 3.51 52.67
N PRO B 434 -16.83 3.94 53.81
CA PRO B 434 -17.18 3.26 55.07
C PRO B 434 -18.67 3.29 55.37
N PHE B 435 -19.36 4.37 55.03
CA PHE B 435 -20.80 4.44 55.25
C PHE B 435 -21.57 3.63 54.22
N LEU B 436 -21.08 3.60 52.97
CA LEU B 436 -21.73 2.79 51.95
C LEU B 436 -21.64 1.30 52.28
N ALA B 437 -20.49 0.87 52.83
CA ALA B 437 -20.35 -0.52 53.24
C ALA B 437 -21.32 -0.86 54.35
N ILE B 438 -21.51 0.05 55.31
CA ILE B 438 -22.45 -0.19 56.39
C ILE B 438 -23.86 -0.35 55.85
N GLY B 439 -24.24 0.49 54.88
CA GLY B 439 -25.56 0.40 54.29
C GLY B 439 -25.82 -0.93 53.62
N TYR B 440 -24.79 -1.52 53.01
CA TYR B 440 -24.95 -2.83 52.38
C TYR B 440 -25.27 -3.91 53.39
N TRP B 441 -24.61 -3.88 54.56
CA TRP B 441 -24.84 -4.91 55.57
C TRP B 441 -26.24 -4.79 56.17
N ILE B 442 -26.65 -3.57 56.52
CA ILE B 442 -27.95 -3.38 57.16
C ILE B 442 -29.08 -3.61 56.15
N ALA B 443 -28.91 -3.14 54.91
CA ALA B 443 -29.94 -3.22 53.88
C ALA B 443 -29.36 -3.79 52.60
N PRO B 444 -29.07 -5.11 52.58
CA PRO B 444 -28.56 -5.72 51.34
C PRO B 444 -29.54 -5.64 50.18
N CYS B 445 -30.84 -5.73 50.44
CA CYS B 445 -31.86 -5.68 49.41
C CYS B 445 -32.67 -4.40 49.59
N SER B 446 -32.33 -3.39 48.81
CA SER B 446 -32.98 -2.08 48.87
C SER B 446 -32.61 -1.32 47.60
N ARG B 447 -32.96 -0.03 47.56
CA ARG B 447 -32.51 0.81 46.46
C ARG B 447 -30.99 0.93 46.46
N LEU B 448 -30.39 1.06 47.65
CA LEU B 448 -28.94 1.10 47.76
C LEU B 448 -28.31 -0.22 47.37
N GLY B 449 -28.97 -1.34 47.67
CA GLY B 449 -28.40 -2.63 47.33
C GLY B 449 -28.27 -2.86 45.84
N LYS B 450 -29.29 -2.48 45.07
CA LYS B 450 -29.27 -2.72 43.64
C LYS B 450 -28.22 -1.86 42.94
N ILE B 451 -28.14 -0.58 43.32
CA ILE B 451 -27.15 0.30 42.69
C ILE B 451 -25.74 -0.12 43.09
N LEU B 452 -25.56 -0.59 44.32
CA LEU B 452 -24.23 -1.01 44.76
C LEU B 452 -23.81 -2.30 44.08
N ARG B 453 -24.76 -3.14 43.66
CA ARG B 453 -24.43 -4.37 42.97
C ARG B 453 -24.21 -4.18 41.49
N SER B 454 -24.37 -2.97 40.98
CA SER B 454 -24.10 -2.72 39.57
C SER B 454 -22.61 -2.95 39.28
N PRO B 455 -22.28 -3.59 38.16
CA PRO B 455 -20.87 -3.84 37.86
C PRO B 455 -20.03 -2.58 37.78
N PHE B 456 -20.59 -1.48 37.28
CA PHE B 456 -19.84 -0.23 37.25
C PHE B 456 -19.60 0.31 38.66
N MET B 457 -20.59 0.20 39.54
CA MET B 457 -20.43 0.67 40.91
C MET B 457 -19.53 -0.22 41.75
N LYS B 458 -19.39 -1.49 41.39
CA LYS B 458 -18.42 -2.36 42.05
C LYS B 458 -17.01 -2.15 41.54
N PHE B 459 -16.85 -1.67 40.31
CA PHE B 459 -15.53 -1.24 39.85
C PHE B 459 -15.14 0.09 40.48
N VAL B 460 -16.10 1.02 40.59
CA VAL B 460 -15.82 2.30 41.22
C VAL B 460 -15.47 2.10 42.70
N ALA B 461 -16.22 1.23 43.39
CA ALA B 461 -15.95 0.99 44.80
C ALA B 461 -14.57 0.38 45.00
N HIS B 462 -14.18 -0.56 44.13
CA HIS B 462 -12.84 -1.15 44.24
C HIS B 462 -11.77 -0.12 43.91
N ALA B 463 -12.01 0.71 42.90
CA ALA B 463 -11.08 1.79 42.61
C ALA B 463 -11.05 2.81 43.74
N ALA B 464 -12.21 3.10 44.33
CA ALA B 464 -12.25 4.08 45.43
C ALA B 464 -11.49 3.58 46.64
N SER B 465 -11.63 2.29 46.97
CA SER B 465 -10.93 1.75 48.13
C SER B 465 -9.42 1.79 47.94
N PHE B 466 -8.95 1.51 46.72
CA PHE B 466 -7.52 1.54 46.49
C PHE B 466 -6.97 2.95 46.50
N ILE B 467 -7.76 3.94 46.06
CA ILE B 467 -7.34 5.33 46.19
C ILE B 467 -7.19 5.70 47.66
N ILE B 468 -8.08 5.18 48.51
CA ILE B 468 -7.93 5.38 49.94
C ILE B 468 -6.66 4.73 50.46
N PHE B 469 -6.35 3.53 49.96
CA PHE B 469 -5.14 2.84 50.39
C PHE B 469 -3.89 3.63 50.01
N LEU B 470 -3.85 4.18 48.80
CA LEU B 470 -2.74 5.04 48.43
C LEU B 470 -2.73 6.33 49.24
N GLY B 471 -3.90 6.83 49.62
CA GLY B 471 -3.95 7.97 50.50
C GLY B 471 -3.40 7.66 51.87
N LEU B 472 -3.67 6.46 52.39
CA LEU B 472 -3.11 6.05 53.67
C LEU B 472 -1.59 5.90 53.58
N LEU B 473 -1.09 5.40 52.45
CA LEU B 473 0.36 5.28 52.28
C LEU B 473 1.02 6.64 52.29
N VAL B 474 0.44 7.62 51.58
CA VAL B 474 1.02 8.96 51.54
C VAL B 474 0.84 9.65 52.87
N PHE B 475 -0.36 9.57 53.47
CA PHE B 475 -0.61 10.24 54.74
C PHE B 475 0.20 9.64 55.88
N ASN B 476 0.63 8.38 55.76
CA ASN B 476 1.43 7.77 56.81
C ASN B 476 2.76 8.51 56.97
N ALA B 477 3.35 8.96 55.86
CA ALA B 477 4.59 9.71 55.87
C ALA B 477 4.37 11.21 55.75
N SER B 478 3.22 11.71 56.21
CA SER B 478 2.90 13.11 56.06
C SER B 478 3.68 14.02 57.01
N ASP B 479 4.23 13.46 58.09
CA ASP B 479 5.01 14.26 59.01
C ASP B 479 6.43 14.50 58.52
N ARG B 480 6.84 13.88 57.41
CA ARG B 480 8.19 14.01 56.88
C ARG B 480 8.21 14.65 55.50
N PHE B 481 7.11 15.30 55.09
CA PHE B 481 7.05 15.87 53.75
C PHE B 481 8.12 16.94 53.56
N GLU B 482 8.34 17.78 54.56
CA GLU B 482 9.38 18.80 54.49
C GLU B 482 10.70 18.36 55.13
N GLY B 483 10.78 17.11 55.57
CA GLY B 483 12.00 16.59 56.16
C GLY B 483 11.86 16.41 57.67
N ILE B 484 12.82 15.69 58.22
CA ILE B 484 12.85 15.39 59.65
C ILE B 484 13.62 16.47 60.38
N THR B 485 13.06 16.96 61.48
CA THR B 485 13.75 17.97 62.27
C THR B 485 14.92 17.37 63.04
N THR B 486 14.74 16.15 63.56
CA THR B 486 15.78 15.50 64.35
C THR B 486 16.78 14.82 63.44
N LEU B 487 18.06 15.04 63.70
CA LEU B 487 19.11 14.37 62.96
C LEU B 487 19.11 12.88 63.29
N PRO B 488 19.54 12.03 62.35
CA PRO B 488 19.65 10.59 62.65
C PRO B 488 20.70 10.27 63.71
N ASN B 489 21.44 11.26 64.18
CA ASN B 489 22.47 11.08 65.20
C ASN B 489 21.95 11.30 66.62
N ILE B 490 20.78 11.90 66.77
CA ILE B 490 20.24 12.28 68.07
C ILE B 490 18.94 11.55 68.30
N THR B 491 18.74 11.06 69.53
CA THR B 491 17.53 10.34 69.90
C THR B 491 16.60 11.27 70.67
N VAL B 492 15.32 11.24 70.31
CA VAL B 492 14.28 12.02 70.99
C VAL B 492 13.26 11.03 71.54
N THR B 493 12.92 11.18 72.82
CA THR B 493 11.98 10.31 73.50
C THR B 493 10.83 11.13 74.08
N ASP B 494 9.62 10.59 73.98
CA ASP B 494 8.45 11.31 74.48
C ASP B 494 8.50 11.47 76.00
N TYR B 495 8.89 10.42 76.72
CA TYR B 495 9.05 10.52 78.16
C TYR B 495 10.42 9.96 78.56
N PRO B 496 10.98 10.45 79.67
CA PRO B 496 12.39 10.16 79.97
C PRO B 496 12.74 8.68 80.07
N LYS B 497 11.85 7.85 80.61
CA LYS B 497 12.18 6.43 80.81
C LYS B 497 11.94 5.58 79.58
N GLN B 498 11.52 6.17 78.47
CA GLN B 498 11.18 5.38 77.29
C GLN B 498 12.43 4.86 76.60
N ILE B 499 12.35 3.63 76.09
CA ILE B 499 13.35 3.11 75.16
C ILE B 499 13.11 3.75 73.80
N PHE B 500 14.19 4.24 73.19
CA PHE B 500 14.04 4.97 71.92
C PHE B 500 13.42 4.08 70.84
N ARG B 501 13.86 2.83 70.76
CA ARG B 501 13.34 1.93 69.72
C ARG B 501 11.85 1.66 69.87
N VAL B 502 11.29 1.85 71.07
CA VAL B 502 9.85 1.73 71.24
C VAL B 502 9.14 2.83 70.46
N LYS B 503 9.65 4.06 70.53
CA LYS B 503 9.00 5.17 69.85
C LYS B 503 9.11 5.06 68.34
N THR B 504 10.23 4.52 67.85
CA THR B 504 10.44 4.42 66.40
C THR B 504 9.80 3.19 65.78
N THR B 505 9.34 2.23 66.58
CA THR B 505 8.72 1.02 66.07
C THR B 505 7.24 0.90 66.40
N GLN B 506 6.72 1.74 67.29
CA GLN B 506 5.31 1.66 67.65
C GLN B 506 4.43 1.97 66.45
N PHE B 507 3.36 1.18 66.30
CA PHE B 507 2.41 1.40 65.22
C PHE B 507 1.45 2.52 65.58
N THR B 508 1.16 3.38 64.60
CA THR B 508 0.22 4.46 64.77
C THR B 508 -1.15 4.05 64.24
N TRP B 509 -2.13 4.93 64.34
CA TRP B 509 -3.48 4.57 63.85
C TRP B 509 -3.48 4.44 62.33
N THR B 510 -2.69 5.25 61.63
CA THR B 510 -2.62 5.07 60.18
C THR B 510 -1.97 3.74 59.81
N GLU B 511 -0.98 3.31 60.60
CA GLU B 511 -0.30 2.04 60.32
C GLU B 511 -1.27 0.87 60.43
N MET B 512 -2.14 0.89 61.44
CA MET B 512 -3.08 -0.20 61.63
C MET B 512 -4.06 -0.31 60.47
N LEU B 513 -4.51 0.83 59.93
CA LEU B 513 -5.40 0.81 58.78
C LEU B 513 -4.73 0.19 57.57
N ILE B 514 -3.44 0.50 57.35
CA ILE B 514 -2.72 -0.08 56.22
C ILE B 514 -2.61 -1.59 56.37
N MET B 515 -2.32 -2.05 57.60
CA MET B 515 -2.18 -3.50 57.83
C MET B 515 -3.52 -4.19 57.53
N VAL B 516 -4.63 -3.60 58.00
CA VAL B 516 -5.98 -4.19 57.77
C VAL B 516 -6.27 -4.19 56.27
N TRP B 517 -6.02 -3.08 55.59
CA TRP B 517 -6.28 -2.97 54.14
C TRP B 517 -5.49 -4.08 53.42
N VAL B 518 -4.26 -4.35 53.87
CA VAL B 518 -3.41 -5.41 53.25
C VAL B 518 -4.06 -6.77 53.53
N LEU B 519 -4.46 -7.02 54.78
CA LEU B 519 -5.16 -8.26 55.09
C LEU B 519 -6.40 -8.44 54.23
N GLY B 520 -7.16 -7.36 54.05
CA GLY B 520 -8.32 -7.43 53.17
C GLY B 520 -7.94 -7.70 51.73
N MET B 521 -6.87 -7.05 51.24
CA MET B 521 -6.42 -7.28 49.88
C MET B 521 -5.84 -8.69 49.72
N MET B 522 -5.08 -9.15 50.72
CA MET B 522 -4.51 -10.50 50.65
C MET B 522 -5.60 -11.56 50.69
N TRP B 523 -6.64 -11.34 51.50
CA TRP B 523 -7.73 -12.31 51.57
C TRP B 523 -8.43 -12.46 50.22
N SER B 524 -8.62 -11.36 49.52
CA SER B 524 -9.21 -11.43 48.18
C SER B 524 -8.31 -12.20 47.23
N GLU B 525 -7.00 -12.00 47.33
CA GLU B 525 -6.07 -12.73 46.47
C GLU B 525 -6.01 -14.20 46.86
N CYS B 526 -6.09 -14.51 48.16
CA CYS B 526 -6.11 -15.90 48.58
C CYS B 526 -7.36 -16.62 48.09
N LYS B 527 -8.52 -15.97 48.15
CA LYS B 527 -9.74 -16.59 47.66
C LYS B 527 -9.67 -16.83 46.16
N GLU B 528 -9.13 -15.87 45.41
CA GLU B 528 -8.96 -16.06 43.97
C GLU B 528 -7.97 -17.18 43.68
N LEU B 529 -6.93 -17.30 44.52
CA LEU B 529 -5.98 -18.40 44.36
C LEU B 529 -6.64 -19.75 44.62
N TRP B 530 -7.54 -19.81 45.59
CA TRP B 530 -8.22 -21.06 45.94
C TRP B 530 -9.35 -21.38 44.95
N LEU B 531 -10.16 -20.38 44.60
CA LEU B 531 -11.28 -20.61 43.71
C LEU B 531 -10.81 -20.88 42.29
N GLU B 532 -10.17 -19.90 41.68
CA GLU B 532 -9.72 -20.04 40.27
C GLU B 532 -8.77 -21.24 40.18
N GLY B 533 -7.71 -21.24 41.00
CA GLY B 533 -6.76 -22.38 41.00
C GLY B 533 -5.33 -21.89 41.13
N PRO B 534 -4.41 -22.69 41.70
CA PRO B 534 -3.04 -22.23 41.93
C PRO B 534 -2.25 -22.09 40.63
N ARG B 535 -2.88 -22.40 39.49
CA ARG B 535 -2.15 -22.38 38.20
C ARG B 535 -2.66 -21.18 37.38
N GLU B 536 -3.97 -21.14 37.12
CA GLU B 536 -4.58 -20.03 36.35
C GLU B 536 -4.29 -18.70 37.07
N TYR B 537 -4.42 -18.69 38.40
CA TYR B 537 -4.11 -17.46 39.18
C TYR B 537 -2.79 -16.86 38.65
N ILE B 538 -1.73 -17.65 38.69
CA ILE B 538 -0.39 -17.16 38.24
C ILE B 538 -0.52 -16.64 36.80
N LEU B 539 -1.24 -17.36 35.94
CA LEU B 539 -1.34 -16.98 34.53
C LEU B 539 -2.14 -15.69 34.36
N GLN B 540 -1.67 -14.65 35.05
CA GLN B 540 -2.23 -13.31 34.91
C GLN B 540 -1.23 -12.32 35.49
N LEU B 541 -0.96 -11.24 34.75
CA LEU B 541 0.06 -10.29 35.17
C LEU B 541 -0.32 -9.62 36.48
N TRP B 542 -1.59 -9.25 36.64
CA TRP B 542 -1.99 -8.53 37.85
C TRP B 542 -1.97 -9.43 39.08
N ASN B 543 -2.41 -10.68 38.92
CA ASN B 543 -2.51 -11.58 40.08
C ASN B 543 -1.13 -11.84 40.70
N VAL B 544 -0.11 -12.05 39.87
CA VAL B 544 1.23 -12.25 40.41
C VAL B 544 1.79 -10.95 40.98
N LEU B 545 1.53 -9.83 40.31
CA LEU B 545 1.99 -8.54 40.82
C LEU B 545 1.27 -8.16 42.12
N ASP B 546 -0.04 -8.37 42.18
CA ASP B 546 -0.78 -8.06 43.40
C ASP B 546 -0.33 -8.96 44.56
N PHE B 547 -0.11 -10.24 44.28
CA PHE B 547 0.42 -11.12 45.31
C PHE B 547 1.84 -10.75 45.69
N GLY B 548 2.63 -10.26 44.74
CA GLY B 548 3.97 -9.82 45.05
C GLY B 548 4.00 -8.63 45.99
N MET B 549 3.19 -7.61 45.70
CA MET B 549 3.23 -6.40 46.50
C MET B 549 2.58 -6.61 47.86
N LEU B 550 1.59 -7.50 47.95
CA LEU B 550 0.98 -7.79 49.24
C LEU B 550 1.90 -8.62 50.12
N SER B 551 2.66 -9.53 49.52
CA SER B 551 3.62 -10.31 50.29
C SER B 551 4.74 -9.43 50.84
N ILE B 552 5.20 -8.47 50.04
CA ILE B 552 6.23 -7.55 50.50
C ILE B 552 5.69 -6.66 51.62
N PHE B 553 4.41 -6.26 51.52
CA PHE B 553 3.79 -5.53 52.62
C PHE B 553 3.76 -6.36 53.89
N ILE B 554 3.39 -7.63 53.78
CA ILE B 554 3.35 -8.50 54.95
C ILE B 554 4.75 -8.69 55.52
N ALA B 555 5.73 -8.91 54.65
CA ALA B 555 7.11 -9.02 55.11
C ALA B 555 7.59 -7.74 55.76
N ALA B 556 7.21 -6.59 55.19
CA ALA B 556 7.58 -5.31 55.79
C ALA B 556 6.97 -5.15 57.18
N PHE B 557 5.69 -5.51 57.33
CA PHE B 557 5.04 -5.39 58.62
C PHE B 557 5.51 -6.46 59.60
N THR B 558 5.81 -7.65 59.10
CA THR B 558 6.37 -8.69 59.96
C THR B 558 7.72 -8.27 60.52
N ALA B 559 8.57 -7.68 59.68
CA ALA B 559 9.87 -7.21 60.14
C ALA B 559 9.72 -6.11 61.18
N ARG B 560 8.82 -5.16 60.95
CA ARG B 560 8.59 -4.10 61.92
C ARG B 560 7.98 -4.65 63.21
N PHE B 561 7.12 -5.66 63.10
CA PHE B 561 6.55 -6.27 64.30
C PHE B 561 7.63 -6.93 65.15
N LEU B 562 8.59 -7.61 64.50
CA LEU B 562 9.69 -8.22 65.24
C LEU B 562 10.52 -7.17 65.94
N ALA B 563 10.77 -6.03 65.28
CA ALA B 563 11.48 -4.93 65.92
C ALA B 563 10.69 -4.39 67.10
N PHE B 564 9.36 -4.30 66.95
CA PHE B 564 8.52 -3.81 68.03
C PHE B 564 8.58 -4.74 69.24
N LEU B 565 8.59 -6.05 69.01
CA LEU B 565 8.67 -7.00 70.12
C LEU B 565 9.99 -6.87 70.86
N GLN B 566 11.09 -6.68 70.13
CA GLN B 566 12.38 -6.51 70.77
C GLN B 566 12.42 -5.23 71.60
N ALA B 567 11.83 -4.16 71.08
CA ALA B 567 11.80 -2.89 71.82
C ALA B 567 10.99 -3.02 73.11
N THR B 568 9.86 -3.75 73.06
CA THR B 568 9.06 -3.94 74.25
C THR B 568 9.82 -4.74 75.32
N LYS B 569 10.59 -5.75 74.89
CA LYS B 569 11.40 -6.50 75.83
C LYS B 569 12.42 -5.60 76.51
N ALA B 570 13.07 -4.71 75.74
CA ALA B 570 13.96 -3.73 76.34
C ALA B 570 13.21 -2.79 77.25
N GLN B 571 12.02 -2.35 76.82
CA GLN B 571 11.20 -1.46 77.65
C GLN B 571 10.79 -2.14 78.94
N GLN B 572 10.43 -3.43 78.87
CA GLN B 572 10.00 -4.15 80.06
C GLN B 572 11.10 -4.19 81.12
N TYR B 573 12.35 -4.34 80.68
CA TYR B 573 13.46 -4.34 81.63
C TYR B 573 13.59 -3.00 82.34
N VAL B 574 13.39 -1.90 81.61
CA VAL B 574 13.59 -0.57 82.18
C VAL B 574 12.55 -0.29 83.25
N ASP B 575 11.27 -0.55 82.96
CA ASP B 575 10.22 -0.19 83.90
C ASP B 575 10.21 -1.07 85.14
N SER B 576 10.77 -2.28 85.06
CA SER B 576 10.75 -3.22 86.17
C SER B 576 12.10 -3.36 86.87
N TYR B 577 13.16 -2.78 86.34
CA TYR B 577 14.47 -2.88 86.97
C TYR B 577 15.25 -1.59 87.04
N VAL B 578 14.83 -0.51 86.37
CA VAL B 578 15.60 0.72 86.28
C VAL B 578 14.77 1.87 86.85
N GLN B 579 15.35 2.58 87.81
CA GLN B 579 14.79 3.82 88.34
C GLN B 579 15.88 4.86 88.49
N GLU B 580 16.74 4.97 87.48
CA GLU B 580 18.00 5.73 87.58
C GLU B 580 17.93 7.08 86.89
N SER B 581 16.79 7.78 87.03
CA SER B 581 16.65 9.17 86.58
C SER B 581 16.94 9.31 85.08
N ASP B 582 16.07 8.69 84.29
CA ASP B 582 15.98 8.89 82.85
C ASP B 582 17.17 8.29 82.11
N LEU B 583 17.65 7.13 82.55
CA LEU B 583 18.69 6.38 81.84
C LEU B 583 19.94 7.22 81.61
N SER B 584 20.33 8.00 82.64
CA SER B 584 21.48 8.88 82.51
C SER B 584 22.77 8.20 82.96
N GLU B 585 22.80 7.73 84.21
CA GLU B 585 24.00 7.11 84.76
C GLU B 585 23.98 5.59 84.69
N VAL B 586 22.78 4.98 84.58
CA VAL B 586 22.69 3.52 84.58
C VAL B 586 23.29 2.98 83.30
N THR B 587 24.06 1.90 83.44
CA THR B 587 24.69 1.23 82.30
C THR B 587 23.92 -0.06 82.05
N LEU B 588 23.04 -0.05 81.05
CA LEU B 588 22.23 -1.21 80.74
C LEU B 588 23.08 -2.31 80.12
N PRO B 589 22.61 -3.55 80.17
CA PRO B 589 23.33 -4.63 79.51
C PRO B 589 23.42 -4.37 78.01
N PRO B 590 24.47 -4.86 77.36
CA PRO B 590 24.65 -4.57 75.92
C PRO B 590 23.50 -5.02 75.06
N GLU B 591 22.80 -6.10 75.44
CA GLU B 591 21.64 -6.54 74.68
C GLU B 591 20.52 -5.52 74.74
N ILE B 592 20.37 -4.84 75.87
CA ILE B 592 19.27 -3.90 76.08
C ILE B 592 19.75 -2.48 75.79
N GLN B 593 21.04 -2.22 75.99
CA GLN B 593 21.59 -0.89 75.71
C GLN B 593 21.50 -0.56 74.23
N TYR B 594 21.50 -1.57 73.35
CA TYR B 594 21.46 -1.33 71.92
C TYR B 594 20.19 -0.59 71.50
N PHE B 595 19.10 -0.76 72.24
CA PHE B 595 17.83 -0.19 71.84
C PHE B 595 17.66 1.27 72.27
N THR B 596 18.67 1.86 72.89
CA THR B 596 18.68 3.29 73.19
C THR B 596 19.48 4.08 72.15
N TYR B 597 19.98 3.42 71.12
CA TYR B 597 20.85 4.05 70.13
C TYR B 597 20.05 4.75 69.05
N ALA B 598 20.70 5.71 68.38
CA ALA B 598 20.11 6.41 67.26
C ALA B 598 20.22 5.54 66.00
N ARG B 599 19.76 6.09 64.87
CA ARG B 599 19.76 5.33 63.63
C ARG B 599 21.17 4.98 63.18
N ASP B 600 22.16 5.81 63.54
CA ASP B 600 23.52 5.58 63.07
C ASP B 600 24.14 4.33 63.69
N LYS B 601 23.73 3.97 64.90
CA LYS B 601 24.29 2.81 65.59
C LYS B 601 23.49 1.54 65.36
N TRP B 602 22.43 1.59 64.55
CA TRP B 602 21.65 0.39 64.28
C TRP B 602 22.48 -0.62 63.50
N LEU B 603 22.25 -1.90 63.79
CA LEU B 603 22.91 -2.95 63.04
C LEU B 603 22.42 -2.93 61.59
N PRO B 604 23.29 -3.22 60.62
CA PRO B 604 22.88 -3.14 59.21
C PRO B 604 21.77 -4.11 58.84
N SER B 605 21.54 -5.15 59.62
CA SER B 605 20.55 -6.17 59.30
C SER B 605 19.49 -6.32 60.39
N ASP B 606 19.25 -5.26 61.16
CA ASP B 606 18.19 -5.35 62.14
C ASP B 606 16.83 -5.24 61.46
N PRO B 607 15.77 -5.78 62.07
CA PRO B 607 14.48 -5.83 61.38
C PRO B 607 13.90 -4.48 61.00
N GLN B 608 14.19 -3.43 61.77
CA GLN B 608 13.63 -2.12 61.46
C GLN B 608 14.12 -1.59 60.12
N ILE B 609 15.42 -1.77 59.83
CA ILE B 609 15.95 -1.35 58.54
C ILE B 609 15.38 -2.21 57.42
N ILE B 610 15.23 -3.51 57.67
CA ILE B 610 14.64 -4.40 56.67
C ILE B 610 13.19 -4.03 56.42
N SER B 611 12.48 -3.61 57.47
CA SER B 611 11.07 -3.27 57.32
C SER B 611 10.88 -2.09 56.38
N GLU B 612 11.59 -0.99 56.63
CA GLU B 612 11.40 0.20 55.81
C GLU B 612 11.99 0.02 54.42
N GLY B 613 12.98 -0.86 54.27
CA GLY B 613 13.46 -1.18 52.94
C GLY B 613 12.43 -1.93 52.11
N LEU B 614 11.75 -2.90 52.72
CA LEU B 614 10.70 -3.62 52.02
C LEU B 614 9.44 -2.78 51.88
N TYR B 615 9.15 -1.93 52.86
CA TYR B 615 7.97 -1.07 52.78
C TYR B 615 8.07 -0.12 51.59
N ALA B 616 9.27 0.38 51.30
CA ALA B 616 9.45 1.26 50.14
C ALA B 616 9.15 0.54 48.84
N ILE B 617 9.60 -0.72 48.72
CA ILE B 617 9.33 -1.49 47.51
C ILE B 617 7.83 -1.70 47.33
N ALA B 618 7.13 -2.04 48.42
CA ALA B 618 5.70 -2.28 48.35
C ALA B 618 4.95 -1.02 47.92
N VAL B 619 5.35 0.13 48.45
CA VAL B 619 4.68 1.39 48.09
C VAL B 619 4.84 1.68 46.61
N VAL B 620 6.04 1.46 46.06
CA VAL B 620 6.25 1.64 44.63
C VAL B 620 5.39 0.67 43.84
N LEU B 621 5.33 -0.59 44.29
CA LEU B 621 4.49 -1.58 43.62
C LEU B 621 3.01 -1.26 43.78
N SER B 622 2.64 -0.57 44.86
CA SER B 622 1.24 -0.23 45.06
C SER B 622 0.72 0.69 43.96
N PHE B 623 1.46 1.77 43.67
CA PHE B 623 1.02 2.70 42.65
C PHE B 623 1.06 2.09 41.25
N SER B 624 1.67 0.92 41.08
CA SER B 624 1.58 0.21 39.81
C SER B 624 0.18 -0.34 39.55
N ARG B 625 -0.62 -0.53 40.60
CA ARG B 625 -1.99 -1.01 40.43
C ARG B 625 -2.92 0.05 39.86
N ILE B 626 -2.47 1.30 39.73
CA ILE B 626 -3.29 2.30 39.06
C ILE B 626 -3.52 1.91 37.61
N ALA B 627 -2.57 1.21 37.00
CA ALA B 627 -2.76 0.70 35.65
C ALA B 627 -3.82 -0.39 35.57
N TYR B 628 -4.27 -0.94 36.71
CA TYR B 628 -5.34 -1.91 36.69
C TYR B 628 -6.70 -1.28 36.39
N ILE B 629 -6.87 0.02 36.69
CA ILE B 629 -8.13 0.71 36.41
C ILE B 629 -8.07 1.53 35.13
N LEU B 630 -6.91 1.62 34.48
CA LEU B 630 -6.74 2.37 33.25
C LEU B 630 -7.45 1.80 32.03
N PRO B 631 -7.60 0.47 31.89
CA PRO B 631 -8.32 -0.03 30.70
C PRO B 631 -9.75 0.48 30.59
N ALA B 632 -10.39 0.81 31.72
CA ALA B 632 -11.77 1.25 31.70
C ALA B 632 -11.93 2.60 31.01
N ASN B 633 -10.89 3.42 30.95
CA ASN B 633 -10.98 4.73 30.34
C ASN B 633 -10.67 4.64 28.85
N GLU B 634 -11.46 5.36 28.04
CA GLU B 634 -11.33 5.28 26.60
C GLU B 634 -10.12 6.02 26.06
N SER B 635 -9.56 6.96 26.83
CA SER B 635 -8.41 7.72 26.37
C SER B 635 -7.09 7.10 26.84
N PHE B 636 -7.00 6.74 28.11
CA PHE B 636 -5.78 6.16 28.66
C PHE B 636 -5.74 4.64 28.58
N GLY B 637 -6.86 4.00 28.23
CA GLY B 637 -6.90 2.57 28.07
C GLY B 637 -6.04 2.05 26.93
N PRO B 638 -6.21 2.62 25.73
CA PRO B 638 -5.33 2.21 24.61
C PRO B 638 -3.86 2.49 24.88
N LEU B 639 -3.54 3.55 25.63
CA LEU B 639 -2.15 3.86 25.92
C LEU B 639 -1.50 2.78 26.77
N GLN B 640 -2.23 2.25 27.76
CA GLN B 640 -1.67 1.21 28.60
C GLN B 640 -1.53 -0.11 27.85
N ILE B 641 -2.43 -0.38 26.91
CA ILE B 641 -2.32 -1.59 26.09
C ILE B 641 -1.04 -1.54 25.26
N SER B 642 -0.77 -0.40 24.63
CA SER B 642 0.44 -0.27 23.84
C SER B 642 1.68 -0.26 24.72
N LEU B 643 1.57 0.26 25.94
CA LEU B 643 2.71 0.24 26.86
C LEU B 643 3.09 -1.18 27.23
N GLY B 644 2.10 -2.02 27.54
CA GLY B 644 2.40 -3.41 27.86
C GLY B 644 2.97 -4.17 26.68
N ARG B 645 2.53 -3.84 25.47
CA ARG B 645 3.07 -4.50 24.29
C ARG B 645 4.55 -4.18 24.09
N THR B 646 4.95 -2.92 24.34
CA THR B 646 6.36 -2.56 24.22
C THR B 646 7.20 -3.26 25.27
N VAL B 647 6.67 -3.39 26.50
CA VAL B 647 7.42 -4.06 27.56
C VAL B 647 7.71 -5.51 27.18
N LYS B 648 6.71 -6.19 26.59
CA LYS B 648 6.92 -7.55 26.13
C LYS B 648 7.95 -7.59 25.00
N ASP B 649 7.93 -6.59 24.12
CA ASP B 649 8.92 -6.53 23.05
C ASP B 649 10.32 -6.29 23.59
N ILE B 650 10.45 -5.44 24.62
CA ILE B 650 11.76 -5.14 25.18
C ILE B 650 12.32 -6.34 25.92
N PHE B 651 11.45 -7.20 26.48
CA PHE B 651 11.92 -8.32 27.28
C PHE B 651 12.82 -9.25 26.47
N LYS B 652 12.45 -9.53 25.22
CA LYS B 652 13.31 -10.40 24.41
C LYS B 652 14.60 -9.71 24.00
N PHE B 653 14.57 -8.39 23.82
CA PHE B 653 15.78 -7.66 23.46
C PHE B 653 16.76 -7.55 24.62
N MET B 654 16.24 -7.55 25.85
CA MET B 654 17.13 -7.46 27.04
C MET B 654 18.07 -8.66 27.04
N VAL B 655 17.55 -9.85 26.71
CA VAL B 655 18.36 -11.07 26.73
C VAL B 655 19.60 -10.89 25.87
N LEU B 656 19.46 -10.25 24.71
CA LEU B 656 20.62 -9.95 23.87
C LEU B 656 21.57 -8.98 24.57
N PHE B 657 21.03 -7.97 25.25
CA PHE B 657 21.88 -6.99 25.90
C PHE B 657 22.49 -7.54 27.19
N ILE B 658 21.83 -8.50 27.84
CA ILE B 658 22.42 -9.12 29.05
C ILE B 658 23.72 -9.83 28.66
N MET B 659 23.73 -10.52 27.52
CA MET B 659 24.94 -11.21 27.07
C MET B 659 26.05 -10.21 26.78
N VAL B 660 25.73 -9.08 26.15
CA VAL B 660 26.71 -8.02 25.95
C VAL B 660 27.12 -7.41 27.28
N PHE B 661 26.15 -7.16 28.16
CA PHE B 661 26.46 -6.57 29.46
C PHE B 661 27.36 -7.48 30.29
N PHE B 662 27.07 -8.79 30.28
CA PHE B 662 27.85 -9.71 31.08
C PHE B 662 29.25 -9.92 30.50
N ALA B 663 29.38 -9.74 29.18
CA ALA B 663 30.70 -9.86 28.55
C ALA B 663 31.65 -8.81 29.07
N PHE B 664 31.19 -7.57 29.18
CA PHE B 664 32.05 -6.48 29.65
C PHE B 664 32.11 -6.40 31.17
N MET B 665 31.07 -6.88 31.86
CA MET B 665 31.12 -6.90 33.32
C MET B 665 32.23 -7.81 33.81
N ILE B 666 32.32 -9.02 33.26
CA ILE B 666 33.39 -9.93 33.64
C ILE B 666 34.73 -9.46 33.08
N GLY B 667 34.74 -9.00 31.82
CA GLY B 667 35.99 -8.63 31.19
C GLY B 667 36.65 -7.42 31.84
N MET B 668 35.87 -6.38 32.13
CA MET B 668 36.44 -5.18 32.75
C MET B 668 36.72 -5.38 34.23
N PHE B 669 35.93 -6.20 34.91
CA PHE B 669 36.24 -6.52 36.31
C PHE B 669 37.55 -7.28 36.41
N ILE B 670 37.76 -8.25 35.51
CA ILE B 670 39.01 -9.02 35.52
C ILE B 670 40.20 -8.08 35.29
N LEU B 671 40.04 -7.12 34.38
CA LEU B 671 41.12 -6.20 34.07
C LEU B 671 41.48 -5.34 35.28
N TYR B 672 40.48 -4.81 35.98
CA TYR B 672 40.70 -3.81 37.02
C TYR B 672 40.62 -4.37 38.43
N SER B 673 40.44 -5.69 38.60
CA SER B 673 40.26 -6.24 39.94
C SER B 673 41.51 -6.07 40.79
N TYR B 674 42.69 -6.14 40.17
CA TYR B 674 43.93 -6.03 40.92
C TYR B 674 44.28 -4.59 41.28
N TYR B 675 43.65 -3.61 40.64
CA TYR B 675 43.89 -2.21 40.95
C TYR B 675 42.78 -1.65 41.83
N LEU B 676 42.68 -2.17 43.06
CA LEU B 676 41.64 -1.71 43.97
C LEU B 676 41.99 -0.33 44.52
N GLY B 677 43.12 -0.23 45.21
CA GLY B 677 43.57 1.05 45.75
C GLY B 677 44.37 1.88 44.78
N ALA B 678 44.47 1.48 43.52
CA ALA B 678 45.28 2.17 42.52
C ALA B 678 44.42 2.79 41.42
N LYS B 679 43.19 3.15 41.73
CA LYS B 679 42.29 3.75 40.78
C LYS B 679 41.72 5.04 41.34
N VAL B 680 41.23 5.90 40.43
CA VAL B 680 40.60 7.14 40.84
C VAL B 680 39.34 6.84 41.64
N ASN B 681 38.57 5.84 41.22
CA ASN B 681 37.41 5.40 41.99
C ASN B 681 37.37 3.88 42.07
N ALA B 682 36.27 3.32 42.56
CA ALA B 682 36.10 1.88 42.72
C ALA B 682 35.29 1.27 41.59
N ALA B 683 35.50 1.74 40.37
CA ALA B 683 34.60 1.45 39.27
C ALA B 683 34.48 -0.04 38.99
N PHE B 684 35.59 -0.68 38.61
CA PHE B 684 35.55 -2.08 38.18
C PHE B 684 36.32 -2.99 39.12
N THR B 685 36.57 -2.55 40.35
CA THR B 685 37.41 -3.32 41.28
C THR B 685 36.73 -4.59 41.75
N THR B 686 35.40 -4.65 41.74
CA THR B 686 34.64 -5.82 42.16
C THR B 686 33.56 -6.10 41.12
N VAL B 687 32.98 -7.30 41.17
CA VAL B 687 31.91 -7.67 40.18
C VAL B 687 30.73 -6.72 40.36
N GLU B 688 30.39 -6.39 41.61
CA GLU B 688 29.25 -5.48 41.89
C GLU B 688 29.56 -4.09 41.33
N GLU B 689 30.75 -3.58 41.62
CA GLU B 689 31.16 -2.23 41.12
C GLU B 689 31.23 -2.28 39.60
N SER B 690 31.68 -3.39 39.04
CA SER B 690 31.68 -3.54 37.56
C SER B 690 30.25 -3.52 37.05
N PHE B 691 29.31 -4.17 37.74
CA PHE B 691 27.89 -4.12 37.34
C PHE B 691 27.36 -2.68 37.47
N LYS B 692 27.59 -2.06 38.63
CA LYS B 692 27.08 -0.69 38.86
C LYS B 692 27.54 0.24 37.75
N THR B 693 28.85 0.29 37.50
CA THR B 693 29.41 1.22 36.50
C THR B 693 28.77 0.98 35.13
N LEU B 694 28.72 -0.28 34.70
CA LEU B 694 28.20 -0.53 33.35
C LEU B 694 26.71 -0.30 33.26
N PHE B 695 25.95 -0.49 34.34
CA PHE B 695 24.52 -0.26 34.29
C PHE B 695 24.21 1.23 34.15
N TRP B 696 24.89 2.06 34.93
CA TRP B 696 24.63 3.49 34.86
C TRP B 696 25.27 4.15 33.65
N SER B 697 26.17 3.46 32.96
CA SER B 697 26.66 3.94 31.68
C SER B 697 25.57 3.95 30.62
N ILE B 698 24.48 3.21 30.84
CA ILE B 698 23.37 3.22 29.90
C ILE B 698 22.72 4.61 29.88
N PHE B 699 22.66 5.26 31.03
CA PHE B 699 22.04 6.56 31.17
C PHE B 699 23.06 7.69 31.24
N GLY B 700 24.33 7.41 30.94
CA GLY B 700 25.34 8.43 30.98
C GLY B 700 25.71 8.89 32.37
N LEU B 701 25.46 8.06 33.38
CA LEU B 701 25.71 8.43 34.76
C LEU B 701 27.01 7.87 35.31
N SER B 702 27.84 7.26 34.47
CA SER B 702 29.16 6.78 34.86
C SER B 702 30.21 7.61 34.15
N GLU B 703 31.14 8.16 34.92
CA GLU B 703 32.15 9.07 34.38
C GLU B 703 33.27 8.29 33.69
N VAL B 704 34.03 8.99 32.85
CA VAL B 704 35.14 8.36 32.14
C VAL B 704 36.29 8.04 33.06
N THR B 705 36.43 8.73 34.19
CA THR B 705 37.47 8.41 35.15
C THR B 705 37.29 7.04 35.78
N SER B 706 36.24 6.31 35.40
CA SER B 706 36.05 4.95 35.87
C SER B 706 37.18 4.03 35.40
N VAL B 707 37.83 4.38 34.29
CA VAL B 707 38.85 3.53 33.71
C VAL B 707 40.26 4.05 33.94
N VAL B 708 40.42 5.15 34.66
CA VAL B 708 41.72 5.77 34.86
C VAL B 708 42.41 5.13 36.05
N LEU B 709 43.71 4.84 35.90
CA LEU B 709 44.53 4.24 36.94
C LEU B 709 45.43 5.29 37.56
N LYS B 710 45.78 5.08 38.84
CA LYS B 710 46.77 5.91 39.49
C LYS B 710 48.19 5.53 39.07
N TYR B 711 48.41 4.27 38.72
CA TYR B 711 49.73 3.79 38.35
C TYR B 711 50.04 4.14 36.89
N ASP B 712 51.30 3.92 36.50
CA ASP B 712 51.77 4.22 35.16
C ASP B 712 51.56 3.06 34.19
N HIS B 713 50.61 2.17 34.49
CA HIS B 713 50.32 1.02 33.63
C HIS B 713 49.34 1.47 32.56
N LYS B 714 49.86 2.22 31.59
CA LYS B 714 49.01 2.77 30.54
C LYS B 714 48.42 1.69 29.64
N PHE B 715 49.08 0.54 29.54
CA PHE B 715 48.55 -0.54 28.71
C PHE B 715 47.21 -1.02 29.24
N ILE B 716 47.12 -1.24 30.55
CA ILE B 716 45.86 -1.68 31.14
C ILE B 716 44.83 -0.56 31.11
N GLU B 717 45.27 0.67 31.38
CA GLU B 717 44.34 1.80 31.35
C GLU B 717 43.78 2.04 29.96
N ASN B 718 44.60 1.90 28.93
CA ASN B 718 44.13 2.17 27.54
C ASN B 718 43.23 1.01 27.09
N ILE B 719 43.48 -0.22 27.56
CA ILE B 719 42.56 -1.31 27.26
C ILE B 719 41.20 -1.03 27.89
N GLY B 720 41.20 -0.54 29.13
CA GLY B 720 39.94 -0.19 29.77
C GLY B 720 39.21 0.91 29.04
N TYR B 721 39.95 1.87 28.48
CA TYR B 721 39.32 2.91 27.66
C TYR B 721 38.64 2.31 26.44
N VAL B 722 39.32 1.38 25.76
CA VAL B 722 38.76 0.80 24.54
C VAL B 722 37.59 -0.11 24.89
N LEU B 723 37.74 -0.95 25.91
CA LEU B 723 36.64 -1.83 26.31
C LEU B 723 35.43 -1.02 26.76
N TYR B 724 35.65 0.04 27.54
CA TYR B 724 34.55 0.88 27.96
C TYR B 724 33.99 1.68 26.79
N GLY B 725 34.84 2.09 25.86
CA GLY B 725 34.36 2.74 24.66
C GLY B 725 33.59 1.81 23.75
N ILE B 726 34.05 0.57 23.61
CA ILE B 726 33.33 -0.42 22.80
C ILE B 726 31.99 -0.76 23.44
N TYR B 727 31.96 -0.84 24.78
CA TYR B 727 30.71 -1.14 25.47
C TYR B 727 29.65 -0.08 25.20
N ASN B 728 30.04 1.20 25.26
CA ASN B 728 29.10 2.26 24.99
C ASN B 728 28.61 2.24 23.54
N VAL B 729 29.53 2.01 22.60
CA VAL B 729 29.13 1.91 21.20
C VAL B 729 28.24 0.70 20.97
N THR B 730 28.62 -0.44 21.53
CA THR B 730 27.81 -1.65 21.38
C THR B 730 26.43 -1.48 21.99
N MET B 731 26.36 -0.85 23.16
CA MET B 731 25.08 -0.63 23.83
C MET B 731 24.17 0.25 23.01
N VAL B 732 24.73 1.28 22.35
CA VAL B 732 23.93 2.13 21.47
C VAL B 732 23.39 1.33 20.29
N VAL B 733 24.24 0.48 19.70
CA VAL B 733 23.82 -0.32 18.56
C VAL B 733 22.68 -1.26 18.95
N VAL B 734 22.80 -1.90 20.12
CA VAL B 734 21.73 -2.76 20.59
C VAL B 734 20.45 -1.96 20.83
N LEU B 735 20.58 -0.78 21.44
CA LEU B 735 19.41 0.08 21.64
C LEU B 735 18.86 0.56 20.31
N LEU B 736 19.75 0.92 19.37
CA LEU B 736 19.29 1.37 18.05
C LEU B 736 18.57 0.25 17.31
N ASN B 737 19.08 -0.98 17.40
CA ASN B 737 18.42 -2.11 16.77
C ASN B 737 17.05 -2.36 17.41
N MET B 738 16.97 -2.26 18.74
CA MET B 738 15.69 -2.45 19.41
C MET B 738 14.70 -1.37 19.00
N LEU B 739 15.15 -0.12 18.89
CA LEU B 739 14.27 0.97 18.49
C LEU B 739 13.73 0.76 17.08
N ILE B 740 14.60 0.36 16.16
CA ILE B 740 14.17 0.19 14.77
C ILE B 740 13.26 -1.03 14.64
N ALA B 741 13.63 -2.14 15.27
CA ALA B 741 12.84 -3.36 15.15
C ALA B 741 11.44 -3.16 15.71
N MET B 742 11.31 -2.46 16.83
CA MET B 742 9.99 -2.23 17.41
C MET B 742 9.17 -1.26 16.58
N ILE B 743 9.83 -0.34 15.86
CA ILE B 743 9.10 0.55 14.97
C ILE B 743 8.51 -0.24 13.81
N ASN B 744 9.29 -1.14 13.21
CA ASN B 744 8.79 -1.97 12.13
C ASN B 744 7.72 -2.94 12.60
N SER B 745 7.83 -3.43 13.83
CA SER B 745 6.81 -4.32 14.37
C SER B 745 5.46 -3.64 14.46
N SER B 746 5.43 -2.34 14.78
CA SER B 746 4.18 -1.62 14.83
C SER B 746 3.68 -1.26 13.44
N TYR B 747 4.59 -1.11 12.47
CA TYR B 747 4.19 -0.76 11.11
C TYR B 747 3.35 -1.85 10.46
N GLN B 748 3.48 -3.10 10.91
CA GLN B 748 2.65 -4.19 10.44
C GLN B 748 1.49 -4.48 11.38
N ASP B 752 -6.41 0.06 12.75
CA ASP B 752 -7.36 -0.11 13.84
C ASP B 752 -7.23 -1.46 14.53
N ASP B 753 -6.03 -1.75 15.05
CA ASP B 753 -5.82 -2.94 15.86
C ASP B 753 -5.64 -2.61 17.34
N SER B 754 -5.12 -1.42 17.66
CA SER B 754 -5.02 -1.00 19.06
C SER B 754 -6.40 -0.83 19.66
N ASP B 755 -7.36 -0.37 18.87
CA ASP B 755 -8.73 -0.24 19.35
C ASP B 755 -9.32 -1.60 19.70
N VAL B 756 -9.06 -2.61 18.88
CA VAL B 756 -9.57 -3.95 19.16
C VAL B 756 -8.94 -4.52 20.42
N GLU B 757 -7.64 -4.35 20.59
CA GLU B 757 -6.95 -4.90 21.76
C GLU B 757 -7.40 -4.21 23.04
N TRP B 758 -7.62 -2.90 22.99
CA TRP B 758 -8.09 -2.19 24.17
C TRP B 758 -9.51 -2.60 24.54
N LYS B 759 -10.41 -2.64 23.55
CA LYS B 759 -11.79 -3.03 23.83
C LYS B 759 -11.87 -4.49 24.29
N PHE B 760 -10.90 -5.31 23.90
CA PHE B 760 -10.84 -6.67 24.42
C PHE B 760 -10.38 -6.67 25.87
N ALA B 761 -9.36 -5.90 26.20
CA ALA B 761 -8.86 -5.85 27.57
C ALA B 761 -9.87 -5.19 28.50
N ARG B 762 -10.54 -4.15 28.04
CA ARG B 762 -11.57 -3.50 28.86
C ARG B 762 -12.72 -4.46 29.16
N SER B 763 -13.11 -5.27 28.17
CA SER B 763 -14.18 -6.23 28.36
C SER B 763 -13.80 -7.28 29.41
N LYS B 764 -12.53 -7.69 29.44
CA LYS B 764 -12.08 -8.60 30.48
C LYS B 764 -12.18 -7.95 31.86
N LEU B 765 -11.91 -6.65 31.93
CA LEU B 765 -12.11 -5.92 33.19
C LEU B 765 -13.58 -5.92 33.58
N TRP B 766 -14.48 -5.72 32.61
CA TRP B 766 -15.90 -5.73 32.90
C TRP B 766 -16.37 -7.09 33.37
N LEU B 767 -15.93 -8.16 32.70
CA LEU B 767 -16.41 -9.50 33.05
C LEU B 767 -16.00 -9.91 34.46
N SER B 768 -14.95 -9.32 35.00
CA SER B 768 -14.56 -9.62 36.38
C SER B 768 -15.56 -9.07 37.39
N TYR B 769 -16.34 -8.05 37.02
CA TYR B 769 -17.31 -7.45 37.91
C TYR B 769 -18.74 -7.90 37.64
N PHE B 770 -18.97 -8.75 36.65
CA PHE B 770 -20.33 -9.21 36.38
C PHE B 770 -20.78 -10.23 37.42
N ASP B 771 -19.84 -10.98 37.99
CA ASP B 771 -20.19 -11.98 39.00
C ASP B 771 -20.59 -11.30 40.31
N ASP B 772 -21.48 -11.95 41.04
CA ASP B 772 -21.98 -11.40 42.29
C ASP B 772 -21.04 -11.61 43.47
N GLY B 773 -19.99 -12.42 43.31
CA GLY B 773 -19.08 -12.66 44.41
C GLY B 773 -18.28 -11.43 44.80
N LYS B 774 -17.82 -10.67 43.80
CA LYS B 774 -16.97 -9.50 44.03
C LYS B 774 -17.87 -8.28 44.26
N THR B 775 -18.47 -8.24 45.46
CA THR B 775 -19.43 -7.20 45.78
C THR B 775 -18.78 -5.99 46.46
N LEU B 776 -18.15 -6.22 47.61
CA LEU B 776 -17.54 -5.15 48.38
C LEU B 776 -16.04 -5.10 48.17
N PRO B 777 -15.43 -3.94 48.37
CA PRO B 777 -13.97 -3.82 48.22
C PRO B 777 -13.23 -4.69 49.22
N PRO B 778 -12.00 -5.10 48.90
CA PRO B 778 -11.27 -6.04 49.76
C PRO B 778 -11.14 -5.58 51.20
N PRO B 779 -10.89 -4.29 51.47
CA PRO B 779 -10.86 -3.87 52.88
C PRO B 779 -12.17 -4.08 53.61
N PHE B 780 -13.30 -3.93 52.93
CA PHE B 780 -14.61 -4.08 53.54
C PHE B 780 -15.21 -5.45 53.34
N SER B 781 -14.49 -6.37 52.69
CA SER B 781 -14.97 -7.73 52.50
C SER B 781 -14.60 -8.66 53.64
N LEU B 782 -13.89 -8.16 54.66
CA LEU B 782 -13.55 -9.00 55.80
C LEU B 782 -14.79 -9.38 56.60
N VAL B 783 -15.70 -8.44 56.80
CA VAL B 783 -16.92 -8.69 57.56
C VAL B 783 -17.85 -9.59 56.74
N PRO B 784 -18.27 -10.74 57.26
CA PRO B 784 -19.15 -11.67 56.55
C PRO B 784 -20.62 -11.47 56.89
N GLN B 844 -41.40 -27.27 15.09
CA GLN B 844 -40.49 -28.31 15.57
C GLN B 844 -39.14 -27.77 16.06
N PRO B 845 -38.45 -26.93 15.28
CA PRO B 845 -37.17 -26.40 15.75
C PRO B 845 -37.36 -25.43 16.91
N THR B 846 -36.34 -25.36 17.77
CA THR B 846 -36.37 -24.41 18.86
C THR B 846 -36.16 -22.99 18.33
N ARG B 847 -36.40 -22.01 19.20
CA ARG B 847 -36.24 -20.62 18.80
C ARG B 847 -34.79 -20.31 18.44
N TYR B 848 -33.84 -20.87 19.18
CA TYR B 848 -32.43 -20.67 18.88
C TYR B 848 -32.07 -21.22 17.51
N GLN B 849 -32.65 -22.37 17.16
CA GLN B 849 -32.41 -22.94 15.83
C GLN B 849 -32.96 -22.03 14.73
N GLN B 850 -34.12 -21.42 14.96
CA GLN B 850 -34.68 -20.50 13.99
C GLN B 850 -33.80 -19.27 13.82
N ILE B 851 -33.26 -18.74 14.92
CA ILE B 851 -32.35 -17.61 14.83
C ILE B 851 -31.08 -17.99 14.11
N MET B 852 -30.52 -19.16 14.42
CA MET B 852 -29.29 -19.60 13.78
C MET B 852 -29.49 -19.79 12.27
N LYS B 853 -30.62 -20.37 11.88
CA LYS B 853 -30.89 -20.56 10.46
C LYS B 853 -30.99 -19.22 9.74
N ARG B 854 -31.62 -18.22 10.37
CA ARG B 854 -31.71 -16.90 9.76
C ARG B 854 -30.34 -16.27 9.60
N LEU B 855 -29.49 -16.38 10.61
CA LEU B 855 -28.18 -15.72 10.55
C LEU B 855 -27.25 -16.44 9.59
N ILE B 856 -27.34 -17.76 9.51
CA ILE B 856 -26.48 -18.50 8.59
C ILE B 856 -26.87 -18.24 7.14
N LYS B 857 -28.18 -18.24 6.85
CA LYS B 857 -28.63 -17.86 5.52
C LYS B 857 -28.27 -16.41 5.22
N ARG B 858 -28.40 -15.54 6.23
CA ARG B 858 -27.93 -14.16 6.08
C ARG B 858 -26.43 -14.11 5.85
N TYR B 859 -25.67 -15.05 6.43
CA TYR B 859 -24.23 -15.08 6.23
C TYR B 859 -23.88 -15.59 4.84
N VAL B 860 -24.55 -16.66 4.39
CA VAL B 860 -24.23 -17.25 3.10
C VAL B 860 -24.52 -16.27 1.98
N LEU B 861 -25.67 -15.59 2.03
CA LEU B 861 -25.99 -14.61 1.02
C LEU B 861 -25.04 -13.42 1.09
N LYS B 862 -24.66 -13.00 2.29
CA LYS B 862 -23.73 -11.86 2.42
C LYS B 862 -22.35 -12.27 1.90
N ALA B 863 -21.94 -13.51 2.16
CA ALA B 863 -20.65 -13.97 1.64
C ALA B 863 -20.66 -14.04 0.12
N GLN B 864 -21.76 -14.46 -0.47
CA GLN B 864 -21.86 -14.51 -1.93
C GLN B 864 -21.87 -13.13 -2.55
N VAL B 865 -22.49 -12.16 -1.88
CA VAL B 865 -22.45 -10.77 -2.36
C VAL B 865 -21.03 -10.24 -2.28
N ASP B 866 -20.32 -10.52 -1.19
CA ASP B 866 -18.94 -10.06 -1.07
C ASP B 866 -18.04 -10.71 -2.10
N LYS B 867 -18.29 -11.96 -2.47
CA LYS B 867 -17.48 -12.59 -3.54
C LYS B 867 -17.73 -11.84 -4.84
N GLU B 868 -18.99 -11.52 -5.13
CA GLU B 868 -19.29 -10.82 -6.36
C GLU B 868 -18.74 -9.41 -6.39
N ASN B 869 -18.23 -8.90 -5.27
CA ASN B 869 -17.56 -7.61 -5.25
C ASN B 869 -16.06 -7.73 -5.44
N ASP B 870 -15.52 -8.94 -5.54
CA ASP B 870 -14.10 -9.11 -5.80
C ASP B 870 -13.78 -8.75 -7.25
N GLU B 871 -12.50 -8.44 -7.48
CA GLU B 871 -12.05 -8.10 -8.82
C GLU B 871 -12.20 -9.29 -9.76
N VAL B 872 -12.52 -9.01 -11.01
CA VAL B 872 -12.62 -10.04 -12.03
C VAL B 872 -11.22 -10.42 -12.48
N ASN B 873 -10.95 -11.72 -12.55
CA ASN B 873 -9.66 -12.23 -12.97
C ASN B 873 -9.65 -12.51 -14.47
N GLU B 874 -8.48 -12.89 -14.98
CA GLU B 874 -8.39 -13.28 -16.38
C GLU B 874 -9.18 -14.55 -16.67
N GLY B 875 -9.19 -15.49 -15.73
CA GLY B 875 -9.94 -16.72 -15.95
C GLY B 875 -11.43 -16.50 -16.03
N GLU B 876 -11.96 -15.56 -15.24
CA GLU B 876 -13.38 -15.24 -15.32
C GLU B 876 -13.73 -14.61 -16.65
N LEU B 877 -12.86 -13.73 -17.17
CA LEU B 877 -13.09 -13.13 -18.47
C LEU B 877 -12.96 -14.16 -19.59
N LYS B 878 -12.04 -15.11 -19.44
CA LYS B 878 -11.87 -16.18 -20.46
C LYS B 878 -13.13 -17.06 -20.49
N GLU B 879 -13.82 -17.19 -19.37
CA GLU B 879 -15.07 -17.95 -19.38
C GLU B 879 -16.11 -17.29 -20.26
N ILE B 880 -16.20 -15.96 -20.22
CA ILE B 880 -17.12 -15.24 -21.10
C ILE B 880 -16.65 -15.31 -22.55
N LYS B 881 -15.34 -15.25 -22.77
CA LYS B 881 -14.81 -15.37 -24.13
C LYS B 881 -15.18 -16.71 -24.75
N GLN B 882 -15.21 -17.77 -23.94
CA GLN B 882 -15.63 -19.07 -24.43
C GLN B 882 -17.13 -19.16 -24.61
N ASP B 883 -17.90 -18.38 -23.85
CA ASP B 883 -19.35 -18.31 -24.07
C ASP B 883 -19.66 -17.76 -25.45
N ILE B 884 -18.94 -16.73 -25.87
CA ILE B 884 -19.09 -16.21 -27.23
C ILE B 884 -18.58 -17.22 -28.24
N SER B 885 -17.50 -17.92 -27.91
CA SER B 885 -16.96 -18.94 -28.81
C SER B 885 -17.97 -20.06 -29.03
N SER B 886 -18.57 -20.56 -27.96
CA SER B 886 -19.59 -21.60 -28.10
C SER B 886 -20.82 -21.07 -28.82
N LEU B 887 -21.26 -19.85 -28.46
CA LEU B 887 -22.44 -19.27 -29.09
C LEU B 887 -22.23 -19.07 -30.58
N ARG B 888 -21.03 -18.65 -30.98
CA ARG B 888 -20.76 -18.43 -32.39
C ARG B 888 -20.91 -19.71 -33.20
N TYR B 889 -20.40 -20.83 -32.67
CA TYR B 889 -20.50 -22.09 -33.39
C TYR B 889 -21.94 -22.58 -33.50
N GLU B 890 -22.73 -22.39 -32.43
CA GLU B 890 -24.13 -22.81 -32.47
C GLU B 890 -24.92 -21.98 -33.48
N LEU B 891 -24.69 -20.67 -33.50
CA LEU B 891 -25.45 -19.80 -34.40
C LEU B 891 -25.08 -20.00 -35.85
N LEU B 892 -23.78 -20.08 -36.14
CA LEU B 892 -23.35 -20.24 -37.53
C LEU B 892 -23.83 -21.56 -38.12
N GLU B 893 -23.78 -22.63 -37.32
CA GLU B 893 -24.33 -23.90 -37.77
C GLU B 893 -25.85 -23.80 -37.95
N ASP B 894 -26.53 -23.08 -37.05
CA ASP B 894 -27.96 -22.89 -37.19
C ASP B 894 -28.29 -22.10 -38.45
N LYS B 895 -27.48 -21.09 -38.78
CA LYS B 895 -27.65 -20.37 -40.04
C LYS B 895 -27.44 -21.29 -41.23
N SER B 896 -26.47 -22.20 -41.14
CA SER B 896 -26.25 -23.18 -42.21
C SER B 896 -27.43 -24.13 -42.35
N GLN B 897 -28.13 -24.41 -41.25
CA GLN B 897 -29.31 -25.27 -41.34
C GLN B 897 -30.42 -24.60 -42.16
N ALA B 898 -30.54 -23.28 -42.07
CA ALA B 898 -31.51 -22.57 -42.90
C ALA B 898 -31.16 -22.71 -44.38
N THR B 899 -29.88 -22.62 -44.72
CA THR B 899 -29.48 -22.71 -46.12
C THR B 899 -29.76 -24.09 -46.71
N GLU B 900 -29.44 -25.15 -45.97
CA GLU B 900 -29.65 -26.49 -46.50
C GLU B 900 -31.14 -26.81 -46.62
N GLU B 901 -31.97 -26.31 -45.69
CA GLU B 901 -33.40 -26.51 -45.80
C GLU B 901 -33.96 -25.81 -47.03
N LEU B 902 -33.48 -24.60 -47.32
CA LEU B 902 -33.92 -23.91 -48.53
C LEU B 902 -33.28 -24.49 -49.78
N ALA B 903 -32.09 -25.08 -49.65
CA ALA B 903 -31.47 -25.73 -50.80
C ALA B 903 -32.28 -26.92 -51.27
N ILE B 904 -32.73 -27.76 -50.34
CA ILE B 904 -33.57 -28.90 -50.72
C ILE B 904 -34.99 -28.48 -51.04
N LEU B 905 -35.42 -27.30 -50.61
CA LEU B 905 -36.74 -26.81 -50.98
C LEU B 905 -36.81 -26.51 -52.47
N ILE B 906 -35.70 -26.06 -53.06
CA ILE B 906 -35.68 -25.77 -54.50
C ILE B 906 -35.83 -27.06 -55.30
N HIS B 907 -35.25 -28.17 -54.81
CA HIS B 907 -35.35 -29.43 -55.54
C HIS B 907 -36.80 -29.87 -55.69
N LYS B 908 -37.59 -29.75 -54.63
CA LYS B 908 -39.01 -30.08 -54.72
C LYS B 908 -39.75 -29.11 -55.64
N LEU B 909 -39.35 -27.84 -55.60
CA LEU B 909 -39.96 -26.82 -56.45
C LEU B 909 -39.21 -26.69 -57.78
N GLN C 23 0.26 -21.98 -61.43
CA GLN C 23 -0.63 -23.05 -60.91
C GLN C 23 0.16 -24.36 -60.87
N VAL C 24 0.37 -24.92 -59.67
CA VAL C 24 1.19 -26.16 -59.54
C VAL C 24 0.46 -27.29 -60.27
N GLN C 25 1.23 -28.16 -60.94
CA GLN C 25 0.61 -29.28 -61.70
C GLN C 25 0.86 -30.57 -60.92
N LEU C 26 -0.20 -31.28 -60.54
CA LEU C 26 -0.05 -32.55 -59.78
C LEU C 26 -0.54 -33.71 -60.65
N GLN C 27 0.25 -34.77 -60.74
CA GLN C 27 -0.16 -35.97 -61.52
C GLN C 27 0.06 -37.20 -60.64
N GLU C 28 -0.94 -38.07 -60.53
CA GLU C 28 -0.83 -39.23 -59.61
C GLU C 28 -0.39 -40.47 -60.40
N SER C 29 0.34 -41.37 -59.75
CA SER C 29 0.80 -42.61 -60.35
C SER C 29 0.95 -43.66 -59.26
N GLY C 30 0.99 -44.92 -59.68
CA GLY C 30 1.14 -46.03 -58.77
C GLY C 30 -0.13 -46.77 -58.43
N GLY C 31 -1.29 -46.23 -58.80
CA GLY C 31 -2.54 -46.89 -58.49
C GLY C 31 -2.78 -48.12 -59.34
N GLY C 32 -3.74 -48.92 -58.90
CA GLY C 32 -4.09 -50.14 -59.61
C GLY C 32 -4.98 -51.02 -58.74
N SER C 33 -5.04 -52.29 -59.12
CA SER C 33 -5.83 -53.30 -58.41
C SER C 33 -4.91 -54.20 -57.61
N VAL C 34 -5.20 -54.31 -56.31
CA VAL C 34 -4.36 -55.14 -55.41
C VAL C 34 -5.29 -56.07 -54.62
N GLN C 35 -4.80 -57.26 -54.24
CA GLN C 35 -5.62 -58.16 -53.39
C GLN C 35 -5.61 -57.62 -51.96
N SER C 36 -6.59 -58.01 -51.16
CA SER C 36 -6.68 -57.50 -49.76
C SER C 36 -5.39 -57.83 -49.01
N GLY C 37 -5.05 -57.03 -48.01
CA GLY C 37 -3.84 -57.25 -47.25
C GLY C 37 -2.56 -56.97 -48.00
N GLY C 38 -2.65 -56.49 -49.23
CA GLY C 38 -1.48 -56.22 -50.04
C GLY C 38 -0.84 -54.88 -49.69
N SER C 39 0.09 -54.48 -50.55
CA SER C 39 0.84 -53.24 -50.36
C SER C 39 0.86 -52.46 -51.66
N LEU C 40 0.65 -51.14 -51.54
CA LEU C 40 0.71 -50.24 -52.70
C LEU C 40 1.49 -49.00 -52.31
N ARG C 41 2.04 -48.35 -53.34
CA ARG C 41 2.80 -47.08 -53.14
C ARG C 41 2.34 -46.10 -54.22
N LEU C 42 1.73 -44.99 -53.81
CA LEU C 42 1.25 -43.96 -54.73
C LEU C 42 2.28 -42.85 -54.83
N SER C 43 2.51 -42.37 -56.05
CA SER C 43 3.46 -41.30 -56.30
C SER C 43 2.72 -40.10 -56.87
N CYS C 44 3.21 -38.91 -56.53
CA CYS C 44 2.60 -37.66 -56.97
C CYS C 44 3.71 -36.72 -57.43
N ALA C 45 3.78 -36.48 -58.73
CA ALA C 45 4.77 -35.57 -59.29
C ALA C 45 4.23 -34.14 -59.24
N ALA C 46 4.99 -33.23 -58.62
CA ALA C 46 4.52 -31.84 -58.46
C ALA C 46 5.34 -30.91 -59.36
N SER C 47 4.67 -29.99 -60.07
CA SER C 47 5.38 -29.04 -60.97
C SER C 47 5.07 -27.61 -60.53
N GLY C 48 5.96 -27.01 -59.74
CA GLY C 48 5.76 -25.63 -59.24
C GLY C 48 6.44 -25.47 -57.89
N ASP C 49 6.57 -24.25 -57.37
CA ASP C 49 7.32 -24.10 -56.13
C ASP C 49 6.45 -23.85 -54.91
N LYS C 50 5.27 -23.27 -55.09
CA LYS C 50 4.42 -22.92 -53.92
C LYS C 50 3.59 -24.15 -53.52
N ASN C 51 4.26 -25.23 -53.14
CA ASN C 51 3.54 -26.44 -52.66
C ASN C 51 4.15 -26.80 -51.29
N TYR C 52 4.08 -25.86 -50.35
CA TYR C 52 4.66 -26.09 -49.00
C TYR C 52 3.77 -27.04 -48.21
N TYR C 53 2.51 -27.21 -48.65
CA TYR C 53 1.58 -28.14 -47.97
C TYR C 53 1.01 -29.10 -49.00
N MET C 54 1.20 -30.41 -48.79
CA MET C 54 0.67 -31.44 -49.67
C MET C 54 -0.03 -32.49 -48.83
N GLY C 55 -0.92 -33.24 -49.48
CA GLY C 55 -1.67 -34.26 -48.79
C GLY C 55 -2.33 -35.21 -49.76
N TRP C 56 -2.80 -36.33 -49.22
CA TRP C 56 -3.49 -37.35 -50.00
C TRP C 56 -4.94 -37.41 -49.56
N PHE C 57 -5.85 -37.52 -50.53
CA PHE C 57 -7.28 -37.58 -50.28
C PHE C 57 -7.89 -38.69 -51.09
N ARG C 58 -8.84 -39.40 -50.48
CA ARG C 58 -9.54 -40.49 -51.13
C ARG C 58 -11.01 -40.12 -51.26
N GLN C 59 -11.66 -40.65 -52.30
CA GLN C 59 -13.08 -40.43 -52.54
C GLN C 59 -13.70 -41.75 -52.97
N ALA C 60 -14.26 -42.48 -52.02
CA ALA C 60 -14.98 -43.70 -52.34
C ALA C 60 -16.26 -43.38 -53.10
N PRO C 61 -16.69 -44.26 -54.00
CA PRO C 61 -17.91 -43.98 -54.77
C PRO C 61 -19.12 -43.82 -53.87
N GLY C 62 -19.97 -42.86 -54.22
CA GLY C 62 -21.17 -42.60 -53.45
C GLY C 62 -20.95 -41.77 -52.19
N LYS C 63 -19.73 -41.31 -51.94
CA LYS C 63 -19.42 -40.52 -50.76
C LYS C 63 -18.65 -39.28 -51.17
N GLU C 64 -18.24 -38.50 -50.18
CA GLU C 64 -17.49 -37.26 -50.40
C GLU C 64 -16.00 -37.50 -50.24
N ARG C 65 -15.22 -36.59 -50.80
CA ARG C 65 -13.77 -36.68 -50.71
C ARG C 65 -13.32 -36.41 -49.28
N GLU C 66 -12.49 -37.30 -48.74
CA GLU C 66 -12.04 -37.20 -47.36
C GLU C 66 -10.52 -37.32 -47.31
N GLY C 67 -9.95 -36.77 -46.23
CA GLY C 67 -8.51 -36.77 -46.09
C GLY C 67 -7.95 -38.14 -45.78
N VAL C 68 -6.66 -38.31 -46.08
CA VAL C 68 -5.91 -39.50 -45.72
C VAL C 68 -4.66 -39.15 -44.93
N ALA C 69 -3.85 -38.23 -45.45
CA ALA C 69 -2.65 -37.78 -44.77
C ALA C 69 -2.28 -36.41 -45.29
N ALA C 70 -1.42 -35.71 -44.56
CA ALA C 70 -0.95 -34.40 -44.96
C ALA C 70 0.42 -34.16 -44.34
N ILE C 71 1.35 -33.65 -45.15
CA ILE C 71 2.73 -33.45 -44.73
C ILE C 71 3.17 -32.05 -45.12
N LYS C 72 3.90 -31.39 -44.24
CA LYS C 72 4.43 -30.06 -44.49
C LYS C 72 5.75 -30.16 -45.25
N SER C 73 6.42 -29.02 -45.43
CA SER C 73 7.76 -29.03 -46.01
C SER C 73 8.79 -29.54 -45.00
N ASP C 74 8.66 -29.13 -43.74
CA ASP C 74 9.58 -29.59 -42.71
C ASP C 74 9.38 -31.05 -42.34
N GLY C 75 8.32 -31.68 -42.83
CA GLY C 75 8.09 -33.09 -42.62
C GLY C 75 7.06 -33.43 -41.57
N GLU C 76 6.49 -32.42 -40.90
CA GLU C 76 5.43 -32.69 -39.93
C GLU C 76 4.23 -33.30 -40.64
N THR C 77 3.78 -34.45 -40.16
CA THR C 77 2.70 -35.17 -40.85
C THR C 77 1.49 -35.24 -39.90
N ARG C 78 0.29 -35.32 -40.46
CA ARG C 78 -0.87 -35.79 -39.68
C ARG C 78 -1.69 -36.75 -40.54
N TYR C 79 -2.27 -37.76 -39.92
CA TYR C 79 -3.06 -38.78 -40.66
C TYR C 79 -4.53 -38.65 -40.26
N ALA C 80 -5.42 -38.71 -41.24
CA ALA C 80 -6.85 -38.67 -40.98
C ALA C 80 -7.30 -39.97 -40.33
N ASP C 81 -8.08 -39.85 -39.25
CA ASP C 81 -8.60 -41.01 -38.52
C ASP C 81 -7.49 -41.86 -37.93
N SER C 82 -7.87 -42.96 -37.30
CA SER C 82 -6.91 -43.93 -36.78
C SER C 82 -6.95 -45.24 -37.55
N SER C 83 -7.82 -45.35 -38.55
CA SER C 83 -7.83 -46.56 -39.38
C SER C 83 -6.62 -46.62 -40.30
N VAL C 84 -6.19 -45.46 -40.81
CA VAL C 84 -5.03 -45.42 -41.70
C VAL C 84 -3.72 -45.25 -40.94
N THR C 85 -3.76 -44.85 -39.67
CA THR C 85 -2.55 -44.67 -38.90
C THR C 85 -1.86 -46.00 -38.66
N GLY C 86 -0.55 -46.04 -38.92
CA GLY C 86 0.24 -47.24 -38.75
C GLY C 86 0.31 -48.14 -39.96
N ARG C 87 -0.62 -47.94 -40.90
CA ARG C 87 -0.65 -48.79 -42.13
C ARG C 87 -0.43 -47.91 -43.36
N PHE C 88 -0.78 -46.62 -43.28
CA PHE C 88 -0.49 -45.69 -44.40
C PHE C 88 0.62 -44.73 -43.97
N THR C 89 1.61 -44.51 -44.84
CA THR C 89 2.70 -43.60 -44.56
C THR C 89 2.85 -42.63 -45.72
N ILE C 90 2.84 -41.33 -45.36
CA ILE C 90 3.04 -40.26 -46.39
C ILE C 90 4.49 -39.78 -46.26
N SER C 91 5.12 -39.44 -47.39
CA SER C 91 6.52 -38.97 -47.38
C SER C 91 6.77 -38.17 -48.66
N GLN C 92 7.79 -37.32 -48.65
CA GLN C 92 8.05 -36.46 -49.82
C GLN C 92 9.55 -36.31 -50.07
N ASP C 93 10.00 -36.56 -51.30
CA ASP C 93 11.40 -36.25 -51.61
C ASP C 93 11.71 -34.79 -51.34
N ASN C 94 10.69 -33.92 -51.40
CA ASN C 94 10.81 -32.50 -51.13
C ASN C 94 11.77 -31.82 -52.10
N ALA C 95 13.05 -32.21 -52.05
CA ALA C 95 14.01 -31.66 -53.00
C ALA C 95 13.66 -32.08 -54.42
N LYS C 96 13.23 -33.32 -54.61
CA LYS C 96 12.92 -33.85 -55.93
C LYS C 96 11.46 -33.65 -56.34
N LYS C 97 10.67 -32.97 -55.50
CA LYS C 97 9.31 -32.58 -55.84
C LYS C 97 8.42 -33.79 -56.14
N THR C 98 8.39 -34.73 -55.19
CA THR C 98 7.57 -35.92 -55.32
C THR C 98 6.92 -36.24 -53.98
N LEU C 99 5.66 -36.67 -54.03
CA LEU C 99 4.91 -37.04 -52.84
C LEU C 99 4.56 -38.51 -52.91
N TYR C 100 4.78 -39.23 -51.82
CA TYR C 100 4.57 -40.67 -51.77
C TYR C 100 3.55 -41.04 -50.70
N LEU C 101 2.77 -42.08 -50.96
CA LEU C 101 1.83 -42.65 -50.00
C LEU C 101 2.06 -44.16 -49.96
N GLN C 102 2.68 -44.64 -48.90
CA GLN C 102 2.93 -46.07 -48.73
C GLN C 102 1.72 -46.70 -48.05
N MET C 103 1.00 -47.55 -48.78
CA MET C 103 -0.21 -48.20 -48.30
C MET C 103 0.09 -49.67 -48.04
N THR C 104 -0.11 -50.10 -46.80
CA THR C 104 0.10 -51.48 -46.40
C THR C 104 -1.15 -52.00 -45.70
N SER C 105 -1.33 -53.32 -45.74
CA SER C 105 -2.49 -53.99 -45.15
C SER C 105 -3.79 -53.43 -45.73
N LEU C 106 -3.89 -53.47 -47.06
CA LEU C 106 -5.04 -52.93 -47.74
C LEU C 106 -6.30 -53.71 -47.39
N LYS C 107 -7.41 -53.01 -47.33
CA LYS C 107 -8.72 -53.55 -47.00
C LYS C 107 -9.72 -53.21 -48.09
N PRO C 108 -10.80 -53.98 -48.22
CA PRO C 108 -11.79 -53.67 -49.27
C PRO C 108 -12.39 -52.28 -49.16
N GLU C 109 -12.53 -51.73 -47.95
CA GLU C 109 -13.07 -50.39 -47.81
C GLU C 109 -12.07 -49.32 -48.24
N ASP C 110 -10.82 -49.67 -48.48
CA ASP C 110 -9.83 -48.72 -48.98
C ASP C 110 -9.97 -48.46 -50.47
N THR C 111 -10.83 -49.20 -51.16
CA THR C 111 -11.04 -48.97 -52.58
C THR C 111 -11.70 -47.60 -52.79
N ALA C 112 -11.01 -46.72 -53.48
CA ALA C 112 -11.49 -45.36 -53.71
C ALA C 112 -10.63 -44.74 -54.82
N MET C 113 -10.87 -43.47 -55.08
CA MET C 113 -10.05 -42.68 -56.00
C MET C 113 -9.17 -41.76 -55.17
N TYR C 114 -7.87 -41.89 -55.32
CA TYR C 114 -6.91 -41.19 -54.48
C TYR C 114 -6.33 -39.99 -55.22
N TYR C 115 -6.44 -38.81 -54.60
CA TYR C 115 -5.93 -37.57 -55.15
C TYR C 115 -4.81 -37.05 -54.25
N CYS C 116 -3.83 -36.41 -54.86
CA CYS C 116 -2.84 -35.62 -54.13
C CYS C 116 -3.12 -34.15 -54.38
N ALA C 117 -3.12 -33.37 -53.30
CA ALA C 117 -3.42 -31.95 -53.37
C ALA C 117 -2.27 -31.16 -52.76
N ALA C 118 -2.08 -29.94 -53.25
CA ALA C 118 -1.02 -29.07 -52.78
C ALA C 118 -1.56 -27.67 -52.54
N ASP C 119 -0.92 -26.95 -51.63
CA ASP C 119 -1.30 -25.58 -51.34
C ASP C 119 -0.12 -24.85 -50.74
N ARG C 120 -0.07 -23.54 -50.96
CA ARG C 120 1.02 -22.73 -50.45
C ARG C 120 0.89 -22.47 -48.95
N TYR C 121 -0.35 -22.40 -48.44
CA TYR C 121 -0.59 -22.09 -47.05
C TYR C 121 -1.91 -22.74 -46.63
N ILE C 122 -1.98 -23.20 -45.39
CA ILE C 122 -3.22 -23.76 -44.87
C ILE C 122 -3.69 -23.01 -43.63
N GLY C 123 -2.88 -23.03 -42.57
CA GLY C 123 -3.24 -22.34 -41.35
C GLY C 123 -3.49 -23.26 -40.17
N THR C 124 -4.29 -22.80 -39.20
CA THR C 124 -4.60 -23.62 -38.03
C THR C 124 -5.44 -24.84 -38.36
N ARG C 125 -6.05 -24.88 -39.54
CA ARG C 125 -6.88 -25.99 -39.97
C ARG C 125 -6.09 -27.05 -40.72
N TRP C 126 -4.76 -26.90 -40.80
CA TRP C 126 -3.95 -27.89 -41.50
C TRP C 126 -4.00 -29.24 -40.81
N LYS C 127 -3.99 -29.23 -39.48
CA LYS C 127 -3.94 -30.48 -38.69
C LYS C 127 -5.27 -31.24 -38.75
N TYR C 128 -6.21 -30.82 -39.59
CA TYR C 128 -7.46 -31.55 -39.75
C TYR C 128 -7.52 -32.34 -41.04
N VAL C 129 -6.61 -32.08 -41.98
CA VAL C 129 -6.59 -32.72 -43.30
C VAL C 129 -7.97 -32.59 -43.94
N ARG C 130 -8.33 -31.36 -44.29
CA ARG C 130 -9.67 -31.10 -44.88
C ARG C 130 -9.49 -30.73 -46.35
N PRO C 131 -10.18 -31.40 -47.30
CA PRO C 131 -9.98 -31.14 -48.73
C PRO C 131 -10.20 -29.70 -49.15
N GLU C 132 -11.07 -28.97 -48.46
CA GLU C 132 -11.39 -27.60 -48.87
C GLU C 132 -10.25 -26.62 -48.62
N ASP C 133 -9.20 -27.03 -47.91
CA ASP C 133 -8.08 -26.15 -47.64
C ASP C 133 -6.98 -26.22 -48.69
N TYR C 134 -7.12 -27.08 -49.70
CA TYR C 134 -6.10 -27.29 -50.71
C TYR C 134 -6.61 -26.78 -52.04
N SER C 135 -5.79 -25.98 -52.72
CA SER C 135 -6.20 -25.28 -53.93
C SER C 135 -5.84 -26.03 -55.21
N TYR C 136 -4.72 -26.72 -55.25
CA TYR C 136 -4.25 -27.42 -56.44
C TYR C 136 -4.46 -28.92 -56.26
N TRP C 137 -5.05 -29.56 -57.26
CA TRP C 137 -5.41 -30.96 -57.19
C TRP C 137 -4.90 -31.70 -58.42
N GLY C 138 -4.56 -32.97 -58.22
CA GLY C 138 -4.23 -33.84 -59.32
C GLY C 138 -5.46 -34.47 -59.94
N GLN C 139 -5.22 -35.30 -60.95
CA GLN C 139 -6.32 -35.98 -61.63
C GLN C 139 -6.88 -37.14 -60.82
N GLY C 140 -6.07 -37.75 -59.95
CA GLY C 140 -6.52 -38.85 -59.14
C GLY C 140 -6.28 -40.20 -59.80
N THR C 141 -5.89 -41.19 -59.00
CA THR C 141 -5.64 -42.53 -59.49
C THR C 141 -6.52 -43.52 -58.74
N GLN C 142 -7.10 -44.46 -59.48
CA GLN C 142 -8.05 -45.41 -58.90
C GLN C 142 -7.31 -46.55 -58.23
N VAL C 143 -7.66 -46.82 -56.98
CA VAL C 143 -7.13 -47.94 -56.22
C VAL C 143 -8.31 -48.86 -55.89
N THR C 144 -8.22 -50.11 -56.34
CA THR C 144 -9.31 -51.10 -56.08
C THR C 144 -8.74 -52.28 -55.30
N VAL C 145 -9.01 -52.35 -54.00
CA VAL C 145 -8.53 -53.49 -53.17
C VAL C 145 -9.59 -54.59 -53.20
N SER C 146 -9.21 -55.78 -53.67
CA SER C 146 -10.17 -56.90 -53.77
C SER C 146 -9.84 -57.92 -52.67
N SER C 147 -10.86 -58.39 -51.94
CA SER C 147 -10.64 -59.41 -50.89
C SER C 147 -10.73 -60.81 -51.53
N GLY D 97 -0.42 18.82 -40.29
CA GLY D 97 -0.78 18.92 -38.89
C GLY D 97 0.21 18.25 -37.96
N PRO D 98 0.14 16.92 -37.86
CA PRO D 98 1.09 16.20 -37.03
C PRO D 98 2.52 16.36 -37.52
N ALA D 99 3.46 16.41 -36.58
CA ALA D 99 4.86 16.54 -36.93
C ALA D 99 5.36 15.33 -37.69
N PHE D 100 4.95 14.14 -37.28
CA PHE D 100 5.41 12.89 -37.89
C PHE D 100 4.23 12.17 -38.53
N MET D 101 4.40 11.74 -39.77
CA MET D 101 3.41 10.95 -40.49
C MET D 101 3.91 9.52 -40.56
N PHE D 102 3.38 8.66 -39.69
CA PHE D 102 3.86 7.29 -39.56
C PHE D 102 3.31 6.36 -40.63
N ASN D 103 2.37 6.82 -41.46
CA ASN D 103 1.79 5.97 -42.49
C ASN D 103 2.75 5.80 -43.67
N THR D 107 -1.25 9.09 -51.21
CA THR D 107 -0.91 8.97 -49.77
C THR D 107 -2.17 9.13 -48.94
N SER D 108 -3.34 9.22 -49.59
CA SER D 108 -4.60 9.46 -48.85
C SER D 108 -5.24 8.13 -48.47
N LEU D 109 -4.74 7.01 -49.01
CA LEU D 109 -5.36 5.67 -48.79
C LEU D 109 -6.68 5.61 -49.57
N THR D 110 -6.73 4.78 -50.61
CA THR D 110 -7.94 4.72 -51.47
C THR D 110 -9.15 4.23 -50.67
N ALA D 111 -10.34 4.39 -51.22
CA ALA D 111 -11.57 3.92 -50.54
C ALA D 111 -11.51 2.41 -50.35
N GLU D 112 -10.99 1.70 -51.36
CA GLU D 112 -10.87 0.21 -51.29
C GLU D 112 -9.95 -0.15 -50.14
N GLU D 113 -8.85 0.58 -49.97
CA GLU D 113 -7.88 0.30 -48.89
C GLU D 113 -8.46 0.78 -47.56
N GLU D 114 -9.17 1.91 -47.54
CA GLU D 114 -9.81 2.32 -46.29
C GLU D 114 -10.83 1.28 -45.85
N ARG D 115 -11.65 0.79 -46.77
CA ARG D 115 -12.64 -0.23 -46.45
C ARG D 115 -11.96 -1.53 -46.04
N PHE D 116 -10.88 -1.89 -46.74
CA PHE D 116 -10.20 -3.15 -46.45
C PHE D 116 -9.53 -3.12 -45.07
N LEU D 117 -8.91 -2.01 -44.72
CA LEU D 117 -8.23 -1.91 -43.43
C LEU D 117 -9.21 -1.95 -42.27
N ASP D 118 -10.35 -1.28 -42.41
CA ASP D 118 -11.37 -1.34 -41.35
C ASP D 118 -11.93 -2.73 -41.22
N ALA D 119 -12.16 -3.43 -42.34
CA ALA D 119 -12.69 -4.78 -42.27
C ALA D 119 -11.74 -5.71 -41.55
N ALA D 120 -10.44 -5.60 -41.82
CA ALA D 120 -9.46 -6.44 -41.14
C ALA D 120 -9.34 -6.05 -39.66
N GLU D 121 -9.39 -4.76 -39.36
CA GLU D 121 -9.21 -4.31 -37.98
C GLU D 121 -10.38 -4.72 -37.09
N TYR D 122 -11.60 -4.64 -37.60
CA TYR D 122 -12.79 -4.94 -36.82
C TYR D 122 -13.34 -6.32 -37.11
N GLY D 123 -12.60 -7.17 -37.80
CA GLY D 123 -13.02 -8.53 -38.03
C GLY D 123 -14.23 -8.70 -38.92
N ASN D 124 -14.35 -7.90 -39.97
CA ASN D 124 -15.43 -8.03 -40.94
C ASN D 124 -15.03 -9.13 -41.92
N ILE D 125 -15.17 -10.38 -41.46
CA ILE D 125 -14.72 -11.52 -42.26
C ILE D 125 -15.41 -11.59 -43.63
N PRO D 126 -16.74 -11.41 -43.73
CA PRO D 126 -17.36 -11.44 -45.07
C PRO D 126 -16.78 -10.41 -46.03
N VAL D 127 -16.48 -9.20 -45.54
CA VAL D 127 -15.90 -8.19 -46.41
C VAL D 127 -14.45 -8.49 -46.72
N VAL D 128 -13.68 -8.93 -45.71
CA VAL D 128 -12.28 -9.27 -45.92
C VAL D 128 -12.16 -10.38 -46.96
N ARG D 129 -12.98 -11.42 -46.83
CA ARG D 129 -12.92 -12.52 -47.78
C ARG D 129 -13.33 -12.07 -49.18
N LYS D 130 -14.37 -11.23 -49.27
CA LYS D 130 -14.86 -10.79 -50.57
C LYS D 130 -13.80 -9.96 -51.30
N MET D 131 -13.14 -9.05 -50.58
CA MET D 131 -12.16 -8.18 -51.22
C MET D 131 -10.91 -8.95 -51.65
N LEU D 132 -10.49 -9.93 -50.85
CA LEU D 132 -9.33 -10.73 -51.22
C LEU D 132 -9.62 -11.65 -52.40
N GLU D 133 -10.89 -11.85 -52.75
CA GLU D 133 -11.24 -12.73 -53.86
C GLU D 133 -11.43 -11.96 -55.16
N GLU D 134 -12.35 -10.99 -55.18
CA GLU D 134 -12.68 -10.34 -56.47
C GLU D 134 -11.80 -9.13 -56.78
N SER D 135 -11.35 -8.39 -55.76
CA SER D 135 -10.64 -7.16 -56.03
C SER D 135 -9.30 -7.44 -56.69
N LYS D 136 -9.01 -6.72 -57.77
CA LYS D 136 -7.73 -6.91 -58.49
C LYS D 136 -6.94 -5.62 -58.41
N THR D 137 -7.51 -4.60 -57.75
CA THR D 137 -6.85 -3.27 -57.66
C THR D 137 -6.52 -2.97 -56.20
N LEU D 138 -6.38 -4.00 -55.36
CA LEU D 138 -6.14 -3.76 -53.90
C LEU D 138 -4.71 -4.14 -53.49
N ASN D 139 -4.06 -3.30 -52.69
CA ASN D 139 -2.71 -3.60 -52.15
C ASN D 139 -2.87 -4.06 -50.70
N VAL D 140 -2.73 -5.36 -50.43
CA VAL D 140 -2.95 -5.92 -49.06
C VAL D 140 -2.00 -5.25 -48.09
N ASN D 141 -0.94 -4.60 -48.60
CA ASN D 141 0.09 -4.02 -47.75
C ASN D 141 -0.15 -2.56 -47.44
N CYS D 142 -1.36 -2.05 -47.68
CA CYS D 142 -1.70 -0.69 -47.30
C CYS D 142 -1.67 -0.54 -45.78
N VAL D 143 -1.25 0.64 -45.32
CA VAL D 143 -1.04 0.88 -43.91
C VAL D 143 -2.00 1.96 -43.42
N ASP D 144 -2.26 1.94 -42.12
CA ASP D 144 -3.11 2.94 -41.48
C ASP D 144 -2.23 4.09 -40.97
N TYR D 145 -2.80 4.96 -40.13
CA TYR D 145 -2.08 6.14 -39.68
C TYR D 145 -0.85 5.81 -38.84
N MET D 146 -0.77 4.60 -38.31
CA MET D 146 0.39 4.16 -37.53
C MET D 146 1.29 3.21 -38.31
N GLY D 147 1.10 3.09 -39.62
CA GLY D 147 1.90 2.19 -40.42
C GLY D 147 1.68 0.72 -40.13
N GLN D 148 0.44 0.35 -39.80
CA GLN D 148 0.07 -1.04 -39.54
C GLN D 148 -0.79 -1.53 -40.70
N ASN D 149 -0.38 -2.60 -41.35
CA ASN D 149 -1.13 -3.14 -42.47
C ASN D 149 -2.26 -4.02 -41.94
N ALA D 150 -2.96 -4.71 -42.84
CA ALA D 150 -4.11 -5.49 -42.44
C ALA D 150 -3.73 -6.62 -41.48
N LEU D 151 -2.61 -7.28 -41.76
CA LEU D 151 -2.18 -8.40 -40.91
C LEU D 151 -1.89 -7.93 -39.49
N GLN D 152 -1.21 -6.80 -39.34
CA GLN D 152 -0.89 -6.31 -38.01
C GLN D 152 -2.12 -5.82 -37.28
N LEU D 153 -3.10 -5.27 -38.00
CA LEU D 153 -4.35 -4.86 -37.38
C LEU D 153 -5.19 -6.04 -36.96
N ALA D 154 -5.25 -7.08 -37.81
CA ALA D 154 -6.01 -8.28 -37.46
C ALA D 154 -5.38 -9.03 -36.29
N VAL D 155 -4.05 -9.14 -36.27
CA VAL D 155 -3.37 -9.84 -35.19
C VAL D 155 -3.55 -9.08 -33.88
N GLY D 156 -3.46 -7.75 -33.92
CA GLY D 156 -3.59 -6.96 -32.71
C GLY D 156 -4.96 -7.09 -32.06
N ASN D 157 -6.01 -7.24 -32.87
CA ASN D 157 -7.36 -7.39 -32.37
C ASN D 157 -7.80 -8.84 -32.24
N GLU D 158 -6.90 -9.78 -32.51
CA GLU D 158 -7.16 -11.21 -32.37
C GLU D 158 -8.29 -11.66 -33.30
N HIS D 159 -8.06 -11.46 -34.60
CA HIS D 159 -8.99 -11.90 -35.63
C HIS D 159 -8.31 -13.07 -36.35
N LEU D 160 -8.52 -14.27 -35.82
CA LEU D 160 -7.88 -15.46 -36.39
C LEU D 160 -8.41 -15.73 -37.80
N GLU D 161 -9.71 -15.62 -38.00
CA GLU D 161 -10.28 -15.90 -39.32
C GLU D 161 -9.79 -14.90 -40.37
N VAL D 162 -9.68 -13.63 -40.00
CA VAL D 162 -9.11 -12.64 -40.91
C VAL D 162 -7.63 -12.92 -41.13
N THR D 163 -6.92 -13.33 -40.08
CA THR D 163 -5.49 -13.58 -40.20
C THR D 163 -5.20 -14.69 -41.21
N GLU D 164 -5.97 -15.77 -41.17
CA GLU D 164 -5.74 -16.86 -42.12
C GLU D 164 -6.13 -16.47 -43.53
N LEU D 165 -7.14 -15.62 -43.69
CA LEU D 165 -7.50 -15.13 -45.03
C LEU D 165 -6.39 -14.27 -45.60
N LEU D 166 -5.78 -13.42 -44.78
CA LEU D 166 -4.69 -12.56 -45.25
C LEU D 166 -3.47 -13.39 -45.62
N LEU D 167 -3.14 -14.39 -44.81
CA LEU D 167 -1.96 -15.21 -45.04
C LEU D 167 -2.11 -16.10 -46.27
N LYS D 168 -3.33 -16.33 -46.73
CA LYS D 168 -3.50 -17.10 -48.00
C LYS D 168 -3.06 -16.20 -49.15
N LYS D 169 -3.22 -14.88 -48.99
CA LYS D 169 -2.82 -13.94 -50.02
C LYS D 169 -1.29 -13.85 -50.02
N GLU D 170 -0.67 -14.15 -51.16
CA GLU D 170 0.77 -14.04 -51.28
C GLU D 170 1.17 -12.57 -51.24
N ASN D 171 2.49 -12.32 -51.35
CA ASN D 171 3.08 -10.98 -51.31
C ASN D 171 2.52 -10.15 -50.16
N LEU D 172 2.19 -10.80 -49.05
CA LEU D 172 1.76 -10.10 -47.84
C LEU D 172 2.98 -9.77 -46.99
N ALA D 173 3.01 -8.56 -46.45
CA ALA D 173 4.16 -8.06 -45.73
C ALA D 173 3.94 -8.17 -44.22
N ARG D 174 5.01 -7.85 -43.49
CA ARG D 174 5.01 -7.83 -42.02
C ARG D 174 4.64 -9.19 -41.43
N ILE D 175 5.08 -10.26 -42.09
CA ILE D 175 4.84 -11.60 -41.56
C ILE D 175 5.62 -11.80 -40.25
N GLY D 176 6.88 -11.37 -40.23
CA GLY D 176 7.70 -11.57 -39.05
C GLY D 176 7.22 -10.75 -37.86
N ASP D 177 6.78 -9.51 -38.11
CA ASP D 177 6.30 -8.68 -37.01
C ASP D 177 4.96 -9.18 -36.46
N ALA D 178 4.10 -9.71 -37.33
CA ALA D 178 2.81 -10.21 -36.86
C ALA D 178 3.00 -11.37 -35.91
N LEU D 179 4.00 -12.22 -36.16
CA LEU D 179 4.28 -13.31 -35.21
C LEU D 179 4.72 -12.76 -33.87
N LEU D 180 5.62 -11.78 -33.88
CA LEU D 180 6.06 -11.18 -32.62
C LEU D 180 4.92 -10.48 -31.92
N LEU D 181 4.06 -9.80 -32.67
CA LEU D 181 2.89 -9.16 -32.08
C LEU D 181 1.95 -10.20 -31.49
N ALA D 182 1.72 -11.31 -32.20
CA ALA D 182 0.87 -12.36 -31.68
C ALA D 182 1.48 -13.04 -30.46
N ILE D 183 2.79 -13.29 -30.49
CA ILE D 183 3.47 -13.89 -29.35
C ILE D 183 3.39 -12.98 -28.13
N SER D 184 3.56 -11.67 -28.35
CA SER D 184 3.54 -10.73 -27.24
C SER D 184 2.19 -10.71 -26.54
N LYS D 185 1.10 -10.82 -27.30
CA LYS D 185 -0.23 -10.85 -26.75
C LYS D 185 -0.69 -12.25 -26.37
N GLY D 186 0.12 -13.27 -26.64
CA GLY D 186 -0.21 -14.64 -26.30
C GLY D 186 -1.38 -15.22 -27.06
N TYR D 187 -1.55 -14.85 -28.32
CA TYR D 187 -2.62 -15.38 -29.16
C TYR D 187 -2.12 -16.68 -29.76
N VAL D 188 -2.34 -17.78 -29.03
CA VAL D 188 -1.76 -19.07 -29.41
C VAL D 188 -2.30 -19.53 -30.76
N ARG D 189 -3.59 -19.35 -31.00
CA ARG D 189 -4.17 -19.79 -32.27
C ARG D 189 -3.63 -18.96 -33.43
N ILE D 190 -3.45 -17.65 -33.23
CA ILE D 190 -2.88 -16.82 -34.28
C ILE D 190 -1.42 -17.18 -34.52
N VAL D 191 -0.69 -17.51 -33.45
CA VAL D 191 0.73 -17.83 -33.58
C VAL D 191 0.91 -19.04 -34.48
N GLU D 192 0.13 -20.10 -34.26
CA GLU D 192 0.28 -21.29 -35.10
C GLU D 192 -0.25 -21.05 -36.51
N ALA D 193 -1.12 -20.06 -36.70
CA ALA D 193 -1.52 -19.68 -38.05
C ALA D 193 -0.39 -18.97 -38.78
N ILE D 194 0.30 -18.07 -38.07
CA ILE D 194 1.43 -17.36 -38.67
C ILE D 194 2.62 -18.29 -38.86
N LEU D 195 2.89 -19.15 -37.88
CA LEU D 195 4.05 -20.08 -37.96
C LEU D 195 3.80 -21.07 -39.09
N ASN D 196 2.61 -21.01 -39.69
CA ASN D 196 2.28 -21.89 -40.84
C ASN D 196 2.36 -21.04 -42.11
N HIS D 197 3.21 -20.03 -42.09
CA HIS D 197 3.43 -19.20 -43.30
C HIS D 197 4.77 -19.63 -43.87
N PRO D 198 4.88 -19.89 -45.17
CA PRO D 198 6.13 -20.43 -45.73
C PRO D 198 7.37 -19.63 -45.36
N GLY D 199 7.21 -18.40 -44.88
CA GLY D 199 8.35 -17.67 -44.36
C GLY D 199 8.97 -18.34 -43.14
N PHE D 200 8.14 -18.99 -42.32
CA PHE D 200 8.61 -19.74 -41.16
C PHE D 200 8.69 -21.24 -41.40
N ALA D 201 7.66 -21.82 -42.03
CA ALA D 201 7.60 -23.27 -42.20
C ALA D 201 8.73 -23.77 -43.09
N ALA D 202 8.95 -23.12 -44.23
CA ALA D 202 9.95 -23.59 -45.17
C ALA D 202 11.37 -23.25 -44.74
N SER D 203 11.56 -22.14 -44.04
CA SER D 203 12.89 -21.68 -43.66
C SER D 203 13.22 -22.12 -42.24
N LYS D 204 14.36 -21.67 -41.74
CA LYS D 204 14.85 -22.00 -40.40
C LYS D 204 14.98 -20.76 -39.55
N ARG D 205 14.04 -19.83 -39.67
CA ARG D 205 14.11 -18.58 -38.92
C ARG D 205 13.95 -18.80 -37.43
N LEU D 206 13.16 -19.80 -37.02
CA LEU D 206 12.98 -20.07 -35.61
C LEU D 206 14.23 -20.66 -34.98
N THR D 207 14.97 -21.48 -35.73
CA THR D 207 16.14 -22.15 -35.18
C THR D 207 17.34 -21.22 -35.03
N LEU D 208 17.52 -20.26 -35.94
CA LEU D 208 18.74 -19.47 -35.95
C LEU D 208 18.78 -18.51 -34.76
N SER D 209 20.02 -18.19 -34.33
CA SER D 209 20.22 -17.33 -33.13
C SER D 209 19.90 -15.86 -33.41
N PRO D 210 19.80 -14.99 -32.38
CA PRO D 210 19.57 -13.56 -32.59
C PRO D 210 20.73 -12.96 -33.41
N CYS D 211 21.96 -13.42 -33.16
CA CYS D 211 23.14 -12.93 -33.92
C CYS D 211 23.01 -13.34 -35.38
N GLU D 212 22.76 -14.64 -35.64
CA GLU D 212 22.59 -15.13 -37.03
C GLU D 212 21.41 -14.39 -37.67
N GLN D 213 20.39 -14.08 -36.88
CA GLN D 213 19.21 -13.33 -37.39
C GLN D 213 19.67 -11.95 -37.87
N GLU D 214 20.57 -11.31 -37.12
CA GLU D 214 21.00 -9.92 -37.46
C GLU D 214 22.08 -9.97 -38.56
N LEU D 215 22.33 -11.13 -39.14
CA LEU D 215 23.31 -11.24 -40.26
C LEU D 215 22.52 -11.42 -41.55
N GLN D 216 21.28 -11.90 -41.46
CA GLN D 216 20.44 -12.13 -42.67
C GLN D 216 20.09 -10.79 -43.31
N ASP D 217 19.73 -9.79 -42.50
CA ASP D 217 19.38 -8.45 -43.02
C ASP D 217 18.31 -8.58 -44.10
N ASP D 218 17.25 -9.36 -43.82
CA ASP D 218 16.14 -9.54 -44.78
C ASP D 218 14.96 -8.69 -44.33
N ASP D 219 15.10 -8.02 -43.19
CA ASP D 219 14.01 -7.17 -42.66
C ASP D 219 12.72 -7.98 -42.62
N PHE D 220 12.77 -9.21 -42.10
CA PHE D 220 11.58 -10.08 -42.03
C PHE D 220 10.72 -9.65 -40.83
N TYR D 221 11.36 -9.26 -39.73
CA TYR D 221 10.61 -8.92 -38.51
C TYR D 221 10.43 -7.40 -38.43
N ALA D 222 10.53 -6.71 -39.56
CA ALA D 222 10.37 -5.25 -39.59
C ALA D 222 8.89 -4.89 -39.48
N TYR D 223 8.54 -3.89 -38.67
CA TYR D 223 7.13 -3.46 -38.52
C TYR D 223 6.88 -2.22 -39.37
N ASP D 224 7.91 -1.68 -40.01
CA ASP D 224 7.77 -0.46 -40.84
C ASP D 224 9.01 -0.30 -41.71
N GLU D 225 9.08 0.80 -42.47
CA GLU D 225 10.20 1.02 -43.38
C GLU D 225 11.54 0.89 -42.67
N ASP D 226 11.64 1.42 -41.45
CA ASP D 226 12.86 1.33 -40.67
C ASP D 226 12.51 0.99 -39.23
N GLY D 227 13.00 -0.14 -38.76
CA GLY D 227 12.86 -0.53 -37.36
C GLY D 227 12.00 -1.77 -37.19
N THR D 228 11.99 -2.25 -35.95
CA THR D 228 11.21 -3.41 -35.55
C THR D 228 10.40 -3.04 -34.31
N ARG D 229 9.31 -3.78 -34.09
CA ARG D 229 8.46 -3.49 -32.93
C ARG D 229 9.21 -3.70 -31.63
N PHE D 230 9.98 -4.78 -31.53
CA PHE D 230 10.81 -5.09 -30.39
C PHE D 230 12.28 -4.95 -30.78
N SER D 231 13.15 -5.15 -29.80
CA SER D 231 14.58 -5.06 -30.07
C SER D 231 14.98 -6.10 -31.10
N PRO D 232 15.89 -5.79 -32.02
CA PRO D 232 16.25 -6.77 -33.05
C PRO D 232 16.85 -8.05 -32.49
N ASP D 233 17.43 -7.99 -31.30
CA ASP D 233 17.99 -9.18 -30.67
C ASP D 233 16.93 -10.11 -30.11
N ILE D 234 15.68 -9.67 -30.04
CA ILE D 234 14.60 -10.47 -29.48
C ILE D 234 14.04 -11.37 -30.58
N THR D 235 14.29 -12.66 -30.45
CA THR D 235 13.76 -13.66 -31.36
C THR D 235 12.37 -14.09 -30.91
N PRO D 236 11.65 -14.86 -31.73
CA PRO D 236 10.34 -15.36 -31.28
C PRO D 236 10.41 -16.14 -29.97
N ILE D 237 11.43 -16.98 -29.78
CA ILE D 237 11.52 -17.77 -28.57
C ILE D 237 11.84 -16.89 -27.36
N ILE D 238 12.72 -15.91 -27.55
CA ILE D 238 13.06 -15.00 -26.45
C ILE D 238 11.84 -14.16 -26.08
N LEU D 239 11.09 -13.68 -27.06
CA LEU D 239 9.90 -12.90 -26.78
C LEU D 239 8.86 -13.73 -26.05
N ALA D 240 8.65 -14.97 -26.48
CA ALA D 240 7.71 -15.84 -25.80
C ALA D 240 8.13 -16.11 -24.36
N ALA D 241 9.43 -16.31 -24.14
CA ALA D 241 9.94 -16.47 -22.78
C ALA D 241 9.77 -15.20 -21.97
N HIS D 242 10.02 -14.04 -22.59
CA HIS D 242 9.86 -12.76 -21.87
C HIS D 242 8.42 -12.59 -21.38
N CYS D 243 7.46 -12.86 -22.25
CA CYS D 243 6.05 -12.73 -21.91
C CYS D 243 5.53 -13.89 -21.07
N GLN D 244 6.32 -14.94 -20.90
CA GLN D 244 5.95 -16.12 -20.12
C GLN D 244 4.69 -16.78 -20.67
N LYS D 245 4.71 -17.05 -21.97
CA LYS D 245 3.64 -17.76 -22.65
C LYS D 245 4.06 -19.23 -22.72
N TYR D 246 3.54 -20.04 -21.79
CA TYR D 246 3.98 -21.42 -21.68
C TYR D 246 3.65 -22.22 -22.94
N GLU D 247 2.47 -21.99 -23.51
CA GLU D 247 2.10 -22.75 -24.71
C GLU D 247 2.85 -22.27 -25.93
N VAL D 248 3.12 -20.97 -26.03
CA VAL D 248 3.88 -20.46 -27.17
C VAL D 248 5.33 -20.92 -27.10
N VAL D 249 5.91 -20.92 -25.90
CA VAL D 249 7.28 -21.42 -25.74
C VAL D 249 7.36 -22.88 -26.15
N HIS D 250 6.37 -23.69 -25.75
CA HIS D 250 6.34 -25.09 -26.14
C HIS D 250 6.26 -25.25 -27.66
N MET D 251 5.40 -24.45 -28.30
CA MET D 251 5.27 -24.53 -29.76
C MET D 251 6.57 -24.19 -30.44
N LEU D 252 7.26 -23.15 -29.97
CA LEU D 252 8.54 -22.76 -30.57
C LEU D 252 9.63 -23.78 -30.25
N LEU D 253 9.60 -24.34 -29.05
CA LEU D 253 10.57 -25.38 -28.69
C LEU D 253 10.38 -26.63 -29.55
N MET D 254 9.13 -26.98 -29.86
CA MET D 254 8.88 -28.11 -30.75
C MET D 254 9.46 -27.89 -32.14
N LYS D 255 9.57 -26.63 -32.56
CA LYS D 255 10.14 -26.30 -33.86
C LYS D 255 11.66 -26.27 -33.85
N GLY D 256 12.29 -26.33 -32.68
CA GLY D 256 13.73 -26.29 -32.57
C GLY D 256 14.30 -24.97 -32.11
N ALA D 257 13.48 -24.04 -31.66
CA ALA D 257 13.96 -22.74 -31.21
C ALA D 257 14.58 -22.85 -29.82
N ARG D 258 15.77 -22.27 -29.66
CA ARG D 258 16.47 -22.22 -28.39
C ARG D 258 16.98 -20.80 -28.16
N ILE D 259 17.21 -20.49 -26.89
CA ILE D 259 17.81 -19.17 -26.54
C ILE D 259 19.32 -19.43 -26.54
N GLU D 260 20.11 -18.68 -27.29
CA GLU D 260 21.59 -18.87 -27.19
C GLU D 260 22.07 -18.15 -25.92
N ARG D 261 22.91 -18.79 -25.12
CA ARG D 261 23.47 -18.12 -23.91
C ARG D 261 24.37 -16.97 -24.38
N PRO D 262 24.35 -15.80 -23.71
CA PRO D 262 25.10 -14.62 -24.17
C PRO D 262 26.63 -14.62 -24.00
N HIS D 263 27.26 -15.76 -23.70
CA HIS D 263 28.73 -15.84 -23.47
C HIS D 263 29.08 -15.14 -22.16
N ASP D 264 30.35 -15.25 -21.74
CA ASP D 264 30.77 -14.57 -20.51
C ASP D 264 31.00 -13.09 -20.80
N TYR D 265 30.95 -12.28 -19.74
CA TYR D 265 31.18 -10.85 -19.90
C TYR D 265 32.59 -10.56 -20.41
N PHE D 266 33.58 -11.25 -19.88
CA PHE D 266 34.97 -11.09 -20.32
C PHE D 266 35.31 -12.14 -21.36
N CYS D 267 34.53 -12.15 -22.44
CA CYS D 267 34.73 -13.06 -23.55
C CYS D 267 35.54 -12.38 -24.63
N LYS D 268 36.62 -13.03 -25.07
CA LYS D 268 37.53 -12.46 -26.05
C LYS D 268 37.36 -13.11 -27.42
N CYS D 269 36.21 -13.71 -27.68
CA CYS D 269 35.96 -14.30 -29.00
C CYS D 269 35.77 -13.20 -30.03
N GLY D 270 35.73 -13.60 -31.30
CA GLY D 270 35.57 -12.64 -32.37
C GLY D 270 34.24 -11.90 -32.30
N ASP D 271 33.16 -12.62 -31.98
CA ASP D 271 31.84 -12.00 -31.95
C ASP D 271 31.73 -11.00 -30.80
N CYS D 272 32.13 -11.40 -29.59
CA CYS D 272 32.01 -10.50 -28.45
C CYS D 272 32.96 -9.31 -28.56
N MET D 273 34.11 -9.49 -29.22
CA MET D 273 35.03 -8.38 -29.38
C MET D 273 34.51 -7.35 -30.38
N GLU D 274 34.00 -7.82 -31.53
CA GLU D 274 33.55 -6.90 -32.57
C GLU D 274 32.21 -6.26 -32.24
N LYS D 275 31.35 -6.94 -31.47
CA LYS D 275 30.08 -6.35 -31.09
C LYS D 275 30.26 -5.27 -30.03
N GLN D 276 31.15 -5.52 -29.04
CA GLN D 276 31.46 -4.51 -28.05
C GLN D 276 32.13 -3.31 -28.68
N ARG D 277 33.06 -3.54 -29.61
CA ARG D 277 33.74 -2.45 -30.28
C ARG D 277 32.77 -1.61 -31.12
N HIS D 278 31.84 -2.28 -31.81
CA HIS D 278 30.90 -1.58 -32.67
C HIS D 278 29.99 -0.66 -31.88
N ASP D 279 29.17 -1.22 -30.98
CA ASP D 279 28.14 -0.45 -30.29
C ASP D 279 28.34 -0.41 -28.78
N SER D 280 28.47 -1.57 -28.14
CA SER D 280 28.72 -1.70 -26.70
C SER D 280 27.48 -1.35 -25.88
N PHE D 281 26.44 -0.85 -26.53
CA PHE D 281 25.14 -0.64 -25.90
C PHE D 281 24.08 -1.58 -26.42
N SER D 282 24.07 -1.84 -27.73
CA SER D 282 23.23 -2.92 -28.24
C SER D 282 23.68 -4.26 -27.68
N HIS D 283 25.00 -4.48 -27.61
CA HIS D 283 25.52 -5.72 -27.06
C HIS D 283 25.14 -5.89 -25.60
N SER D 284 25.23 -4.81 -24.82
CA SER D 284 24.85 -4.89 -23.41
C SER D 284 23.37 -5.16 -23.25
N ARG D 285 22.53 -4.54 -24.08
CA ARG D 285 21.10 -4.78 -24.00
C ARG D 285 20.72 -6.13 -24.60
N SER D 286 21.49 -6.61 -25.57
CA SER D 286 21.20 -7.90 -26.19
C SER D 286 21.38 -9.05 -25.19
N ARG D 287 22.42 -8.98 -24.36
CA ARG D 287 22.65 -10.06 -23.41
C ARG D 287 21.65 -10.03 -22.26
N ILE D 288 21.15 -8.85 -21.90
CA ILE D 288 20.09 -8.77 -20.90
C ILE D 288 18.83 -9.44 -21.42
N ASN D 289 18.48 -9.19 -22.69
CA ASN D 289 17.29 -9.81 -23.27
C ASN D 289 17.42 -11.32 -23.34
N ALA D 290 18.61 -11.82 -23.70
CA ALA D 290 18.82 -13.26 -23.74
C ALA D 290 18.70 -13.87 -22.34
N TYR D 291 19.29 -13.21 -21.34
CA TYR D 291 19.17 -13.71 -19.97
C TYR D 291 17.77 -13.52 -19.41
N LYS D 292 17.05 -12.49 -19.87
CA LYS D 292 15.67 -12.30 -19.43
C LYS D 292 14.77 -13.41 -19.92
N GLY D 293 15.13 -14.05 -21.04
CA GLY D 293 14.39 -15.19 -21.53
C GLY D 293 14.86 -16.49 -20.90
N LEU D 294 16.16 -16.59 -20.64
CA LEU D 294 16.68 -17.77 -19.94
C LEU D 294 16.14 -17.86 -18.53
N ALA D 295 16.00 -16.74 -17.86
CA ALA D 295 15.53 -16.69 -16.47
C ALA D 295 14.02 -16.72 -16.35
N SER D 296 13.30 -16.96 -17.44
CA SER D 296 11.85 -16.98 -17.31
C SER D 296 11.38 -18.37 -16.91
N PRO D 297 10.41 -18.46 -16.00
CA PRO D 297 9.86 -19.78 -15.64
C PRO D 297 9.23 -20.51 -16.81
N ALA D 298 8.74 -19.79 -17.81
CA ALA D 298 8.18 -20.43 -19.00
C ALA D 298 9.25 -21.22 -19.75
N TYR D 299 10.44 -20.65 -19.88
CA TYR D 299 11.53 -21.31 -20.57
C TYR D 299 12.33 -22.23 -19.67
N LEU D 300 12.44 -21.91 -18.37
CA LEU D 300 13.18 -22.75 -17.45
C LEU D 300 12.56 -24.13 -17.34
N SER D 301 11.23 -24.21 -17.25
CA SER D 301 10.57 -25.48 -17.02
C SER D 301 10.49 -26.34 -18.28
N LEU D 302 10.36 -25.73 -19.44
CA LEU D 302 10.09 -26.46 -20.68
C LEU D 302 11.33 -26.78 -21.50
N SER D 303 12.51 -26.31 -21.10
CA SER D 303 13.71 -26.48 -21.91
C SER D 303 14.65 -27.55 -21.37
N SER D 304 14.96 -27.52 -20.08
CA SER D 304 15.95 -28.40 -19.49
C SER D 304 15.28 -29.58 -18.79
N GLU D 305 15.99 -30.71 -18.76
CA GLU D 305 15.49 -31.89 -18.05
C GLU D 305 15.46 -31.68 -16.54
N ASP D 306 16.30 -30.78 -16.03
CA ASP D 306 16.38 -30.48 -14.60
C ASP D 306 16.27 -28.97 -14.43
N PRO D 307 15.05 -28.42 -14.52
CA PRO D 307 14.90 -26.97 -14.37
C PRO D 307 15.37 -26.41 -13.04
N VAL D 308 15.26 -27.20 -11.96
CA VAL D 308 15.69 -26.72 -10.65
C VAL D 308 17.20 -26.52 -10.63
N LEU D 309 17.95 -27.48 -11.18
CA LEU D 309 19.40 -27.30 -11.28
C LEU D 309 19.76 -26.17 -12.22
N THR D 310 19.05 -26.05 -13.34
CA THR D 310 19.33 -24.98 -14.30
C THR D 310 19.05 -23.61 -13.69
N ALA D 311 17.96 -23.48 -12.93
CA ALA D 311 17.61 -22.20 -12.34
C ALA D 311 18.60 -21.81 -11.25
N LEU D 312 19.07 -22.79 -10.47
CA LEU D 312 20.04 -22.50 -9.42
C LEU D 312 21.35 -22.00 -10.01
N GLU D 313 21.86 -22.70 -11.03
CA GLU D 313 23.11 -22.28 -11.67
C GLU D 313 22.94 -20.93 -12.36
N LEU D 314 21.80 -20.72 -13.04
CA LEU D 314 21.56 -19.45 -13.70
C LEU D 314 21.39 -18.32 -12.70
N SER D 315 20.83 -18.61 -11.53
CA SER D 315 20.68 -17.57 -10.51
C SER D 315 22.04 -17.05 -10.04
N ASN D 316 23.01 -17.96 -9.86
CA ASN D 316 24.35 -17.54 -9.52
C ASN D 316 25.00 -16.74 -10.64
N GLU D 317 24.82 -17.19 -11.88
CA GLU D 317 25.42 -16.51 -13.02
C GLU D 317 24.89 -15.09 -13.16
N LEU D 318 23.58 -14.91 -12.95
CA LEU D 318 23.00 -13.57 -13.05
C LEU D 318 23.40 -12.71 -11.86
N ALA D 319 23.57 -13.31 -10.68
CA ALA D 319 24.00 -12.56 -9.51
C ALA D 319 25.41 -12.00 -9.70
N LYS D 320 26.30 -12.79 -10.29
CA LYS D 320 27.66 -12.32 -10.53
C LYS D 320 27.68 -11.18 -11.55
N LEU D 321 26.88 -11.29 -12.61
CA LEU D 321 26.82 -10.23 -13.62
C LEU D 321 26.24 -8.93 -13.07
N ALA D 322 25.45 -9.00 -12.00
CA ALA D 322 24.93 -7.76 -11.41
C ALA D 322 26.06 -6.91 -10.86
N ASN D 323 27.09 -7.54 -10.31
CA ASN D 323 28.26 -6.79 -9.83
C ASN D 323 29.11 -6.30 -10.99
N ILE D 324 29.30 -7.15 -12.01
CA ILE D 324 30.16 -6.78 -13.12
C ILE D 324 29.57 -5.63 -13.91
N GLU D 325 28.28 -5.70 -14.24
CA GLU D 325 27.57 -4.62 -14.92
C GLU D 325 26.90 -3.77 -13.85
N LYS D 326 27.64 -2.80 -13.32
CA LYS D 326 27.12 -1.96 -12.25
C LYS D 326 25.93 -1.13 -12.72
N GLU D 327 25.95 -0.69 -13.97
CA GLU D 327 24.90 0.21 -14.45
C GLU D 327 23.60 -0.53 -14.69
N PHE D 328 23.66 -1.80 -15.10
CA PHE D 328 22.49 -2.64 -15.26
C PHE D 328 22.34 -3.62 -14.10
N LYS D 329 22.75 -3.22 -12.90
CA LYS D 329 22.71 -4.09 -11.74
C LYS D 329 21.28 -4.47 -11.37
N ASN D 330 20.36 -3.50 -11.42
CA ASN D 330 18.96 -3.79 -11.08
C ASN D 330 18.33 -4.75 -12.06
N ASP D 331 18.70 -4.67 -13.34
CA ASP D 331 18.15 -5.60 -14.33
C ASP D 331 18.57 -7.04 -14.02
N TYR D 332 19.85 -7.24 -13.68
CA TYR D 332 20.33 -8.59 -13.42
C TYR D 332 19.88 -9.12 -12.06
N ARG D 333 19.75 -8.24 -11.06
CA ARG D 333 19.26 -8.69 -9.77
C ARG D 333 17.79 -9.11 -9.85
N LYS D 334 17.01 -8.44 -10.69
CA LYS D 334 15.63 -8.83 -10.90
C LYS D 334 15.55 -10.21 -11.55
N LEU D 335 16.42 -10.48 -12.52
CA LEU D 335 16.41 -11.78 -13.19
C LEU D 335 16.89 -12.89 -12.25
N SER D 336 17.85 -12.58 -11.37
CA SER D 336 18.32 -13.57 -10.41
C SER D 336 17.19 -13.98 -9.47
N MET D 337 16.38 -13.02 -9.03
CA MET D 337 15.24 -13.35 -8.18
C MET D 337 14.20 -14.19 -8.91
N GLN D 338 14.11 -14.05 -10.23
CA GLN D 338 13.20 -14.89 -11.00
C GLN D 338 13.62 -16.36 -10.95
N CYS D 339 14.92 -16.63 -11.03
CA CYS D 339 15.39 -18.00 -10.86
C CYS D 339 15.31 -18.44 -9.41
N LYS D 340 15.46 -17.50 -8.47
CA LYS D 340 15.40 -17.85 -7.05
C LYS D 340 14.02 -18.33 -6.65
N ASP D 341 12.96 -17.64 -7.10
CA ASP D 341 11.62 -18.02 -6.71
C ASP D 341 10.98 -19.04 -7.65
N PHE D 342 11.66 -19.42 -8.73
CA PHE D 342 11.21 -20.56 -9.53
C PHE D 342 11.47 -21.86 -8.79
N VAL D 343 12.67 -22.02 -8.22
CA VAL D 343 12.99 -23.25 -7.49
C VAL D 343 12.21 -23.32 -6.18
N VAL D 344 11.92 -22.17 -5.57
CA VAL D 344 11.01 -22.16 -4.43
C VAL D 344 9.61 -22.56 -4.86
N GLY D 345 9.19 -22.13 -6.05
CA GLY D 345 7.89 -22.51 -6.56
C GLY D 345 7.78 -24.00 -6.83
N VAL D 346 8.86 -24.60 -7.35
CA VAL D 346 8.86 -26.03 -7.60
C VAL D 346 8.89 -26.80 -6.29
N LEU D 347 9.66 -26.32 -5.32
CA LEU D 347 9.69 -26.95 -4.01
C LEU D 347 8.34 -26.86 -3.30
N ASP D 348 7.61 -25.75 -3.51
CA ASP D 348 6.31 -25.58 -2.89
C ASP D 348 5.28 -26.58 -3.39
N LEU D 349 5.49 -27.16 -4.57
CA LEU D 349 4.53 -28.07 -5.17
C LEU D 349 4.73 -29.53 -4.75
N CYS D 350 5.82 -29.83 -4.04
CA CYS D 350 6.06 -31.20 -3.62
C CYS D 350 5.02 -31.63 -2.58
N ARG D 351 4.53 -32.86 -2.72
CA ARG D 351 3.43 -33.34 -1.90
C ARG D 351 3.77 -34.55 -1.04
N ASP D 352 4.87 -35.26 -1.32
CA ASP D 352 5.28 -36.38 -0.50
C ASP D 352 6.79 -36.32 -0.32
N SER D 353 7.33 -37.26 0.46
CA SER D 353 8.75 -37.25 0.78
C SER D 353 9.60 -37.50 -0.47
N GLU D 354 9.15 -38.40 -1.34
CA GLU D 354 9.95 -38.73 -2.52
C GLU D 354 10.17 -37.52 -3.41
N GLU D 355 9.11 -36.72 -3.61
CA GLU D 355 9.25 -35.51 -4.41
C GLU D 355 10.18 -34.51 -3.73
N VAL D 356 10.08 -34.36 -2.41
CA VAL D 356 10.97 -33.45 -1.70
C VAL D 356 12.41 -33.94 -1.76
N GLU D 357 12.63 -35.24 -1.57
CA GLU D 357 13.97 -35.80 -1.63
C GLU D 357 14.58 -35.69 -3.02
N ALA D 358 13.76 -35.57 -4.07
CA ALA D 358 14.28 -35.34 -5.41
C ALA D 358 14.70 -33.88 -5.61
N ILE D 359 13.92 -32.94 -5.10
CA ILE D 359 14.26 -31.53 -5.26
C ILE D 359 15.46 -31.16 -4.41
N LEU D 360 15.54 -31.69 -3.19
CA LEU D 360 16.60 -31.30 -2.25
C LEU D 360 17.90 -32.05 -2.49
N ASN D 361 17.83 -33.34 -2.76
CA ASN D 361 19.03 -34.14 -2.95
C ASN D 361 19.46 -34.25 -4.41
N GLY D 362 18.75 -33.58 -5.32
CA GLY D 362 19.04 -33.78 -6.73
C GLY D 362 18.65 -35.18 -7.17
N ASP D 363 19.44 -35.76 -8.06
CA ASP D 363 19.18 -37.10 -8.54
C ASP D 363 19.37 -38.12 -7.43
N ALA D 377 21.71 -39.21 2.64
CA ALA D 377 20.93 -38.20 1.91
C ALA D 377 21.74 -36.92 1.75
N SER D 378 22.58 -36.88 0.72
CA SER D 378 23.40 -35.70 0.45
C SER D 378 22.51 -34.59 -0.08
N LEU D 379 22.30 -33.56 0.74
CA LEU D 379 21.43 -32.44 0.38
C LEU D 379 22.16 -31.52 -0.60
N SER D 380 22.36 -32.04 -1.81
CA SER D 380 23.17 -31.33 -2.80
C SER D 380 22.57 -29.98 -3.15
N ARG D 381 21.26 -29.95 -3.40
CA ARG D 381 20.61 -28.71 -3.79
C ARG D 381 20.42 -27.75 -2.62
N VAL D 382 20.25 -28.28 -1.41
CA VAL D 382 20.19 -27.41 -0.23
C VAL D 382 21.51 -26.70 -0.02
N LYS D 383 22.61 -27.43 -0.20
CA LYS D 383 23.95 -26.82 -0.06
C LYS D 383 24.15 -25.78 -1.17
N LEU D 384 23.70 -26.07 -2.40
CA LEU D 384 23.79 -25.09 -3.49
C LEU D 384 22.96 -23.85 -3.18
N ALA D 385 21.75 -24.04 -2.67
CA ALA D 385 20.89 -22.91 -2.37
C ALA D 385 21.49 -22.02 -1.29
N ILE D 386 22.11 -22.63 -0.27
CA ILE D 386 22.83 -21.86 0.72
C ILE D 386 24.05 -21.19 0.10
N LYS D 387 24.77 -21.92 -0.75
CA LYS D 387 25.93 -21.35 -1.43
C LYS D 387 25.52 -20.18 -2.33
N TYR D 388 24.40 -20.34 -3.04
CA TYR D 388 23.90 -19.30 -3.95
C TYR D 388 22.98 -18.31 -3.25
N GLU D 389 22.81 -18.43 -1.93
CA GLU D 389 21.97 -17.53 -1.14
C GLU D 389 20.53 -17.51 -1.66
N VAL D 390 20.02 -18.69 -2.01
CA VAL D 390 18.58 -18.84 -2.32
C VAL D 390 17.91 -19.12 -0.98
N LYS D 391 17.60 -18.04 -0.26
CA LYS D 391 17.18 -18.18 1.13
C LYS D 391 15.79 -18.77 1.24
N LYS D 392 14.86 -18.37 0.37
CA LYS D 392 13.50 -18.86 0.48
C LYS D 392 13.41 -20.36 0.17
N PHE D 393 14.34 -20.88 -0.65
CA PHE D 393 14.39 -22.32 -0.89
C PHE D 393 14.73 -23.07 0.38
N VAL D 394 15.77 -22.61 1.09
CA VAL D 394 16.18 -23.28 2.32
C VAL D 394 15.17 -23.04 3.43
N ALA D 395 14.63 -21.83 3.51
CA ALA D 395 13.68 -21.47 4.56
C ALA D 395 12.28 -22.00 4.30
N HIS D 396 12.03 -22.62 3.15
CA HIS D 396 10.70 -23.12 2.86
C HIS D 396 10.36 -24.28 3.77
N PRO D 397 9.10 -24.40 4.21
CA PRO D 397 8.74 -25.50 5.13
C PRO D 397 9.02 -26.88 4.58
N ASN D 398 8.96 -27.07 3.26
CA ASN D 398 9.28 -28.37 2.69
C ASN D 398 10.74 -28.74 2.91
N CYS D 399 11.63 -27.77 2.79
CA CYS D 399 13.04 -28.02 3.06
C CYS D 399 13.31 -28.11 4.56
N GLN D 400 12.64 -27.27 5.35
CA GLN D 400 12.88 -27.24 6.78
C GLN D 400 12.46 -28.54 7.45
N GLN D 401 11.33 -29.11 7.04
CA GLN D 401 10.89 -30.37 7.63
C GLN D 401 11.86 -31.50 7.32
N GLN D 402 12.58 -31.41 6.21
CA GLN D 402 13.61 -32.41 5.91
C GLN D 402 14.86 -32.19 6.74
N LEU D 403 15.20 -30.92 7.02
CA LEU D 403 16.35 -30.63 7.87
C LEU D 403 16.08 -31.02 9.32
N LEU D 404 14.86 -30.82 9.79
CA LEU D 404 14.52 -31.19 11.15
C LEU D 404 14.66 -32.69 11.38
N THR D 405 14.28 -33.49 10.37
CA THR D 405 14.43 -34.94 10.49
C THR D 405 15.89 -35.34 10.63
N ILE D 406 16.76 -34.73 9.84
CA ILE D 406 18.19 -35.00 9.98
C ILE D 406 18.74 -34.36 11.25
N TRP D 407 18.19 -33.21 11.65
CA TRP D 407 18.65 -32.55 12.86
C TRP D 407 18.40 -33.42 14.10
N TYR D 408 17.20 -33.98 14.21
CA TYR D 408 16.88 -34.93 15.27
C TYR D 408 16.94 -36.34 14.71
N GLU D 409 18.16 -36.84 14.50
CA GLU D 409 18.34 -38.17 13.93
C GLU D 409 17.76 -39.24 14.85
N ASN D 410 18.34 -39.35 16.05
CA ASN D 410 17.89 -40.39 17.01
C ASN D 410 17.29 -39.70 18.24
N LEU D 411 16.67 -38.53 18.06
CA LEU D 411 16.09 -37.78 19.17
C LEU D 411 14.62 -37.49 18.91
N SER D 412 13.87 -38.52 18.50
CA SER D 412 12.45 -38.35 18.24
C SER D 412 11.72 -37.83 19.49
N GLY D 413 12.15 -38.28 20.66
CA GLY D 413 11.56 -37.77 21.89
C GLY D 413 11.87 -36.31 22.13
N LEU D 414 13.12 -35.91 21.90
CA LEU D 414 13.53 -34.53 22.15
C LEU D 414 12.94 -33.53 21.16
N ARG D 415 12.37 -34.00 20.05
CA ARG D 415 11.84 -33.09 19.05
C ARG D 415 10.70 -32.24 19.60
N GLU D 416 9.77 -32.87 20.33
CA GLU D 416 8.58 -32.19 20.82
C GLU D 416 8.73 -31.68 22.24
N GLN D 417 9.89 -31.86 22.87
CA GLN D 417 10.07 -31.39 24.23
C GLN D 417 10.11 -29.86 24.27
N THR D 418 9.78 -29.32 25.43
CA THR D 418 9.73 -27.87 25.60
C THR D 418 11.15 -27.28 25.56
N ILE D 419 11.21 -25.96 25.46
CA ILE D 419 12.50 -25.28 25.39
C ILE D 419 13.26 -25.45 26.70
N ALA D 420 12.56 -25.40 27.83
CA ALA D 420 13.21 -25.57 29.13
C ALA D 420 13.84 -26.95 29.25
N ILE D 421 13.14 -27.98 28.78
CA ILE D 421 13.70 -29.34 28.82
C ILE D 421 14.92 -29.43 27.92
N LYS D 422 14.87 -28.82 26.75
CA LYS D 422 16.05 -28.78 25.88
C LYS D 422 17.20 -28.04 26.54
N CYS D 423 16.90 -26.93 27.22
CA CYS D 423 17.93 -26.27 28.00
C CYS D 423 18.34 -27.10 29.21
N LEU D 424 17.42 -27.90 29.74
CA LEU D 424 17.75 -28.78 30.85
C LEU D 424 18.77 -29.84 30.44
N VAL D 425 18.59 -30.43 29.25
CA VAL D 425 19.52 -31.47 28.81
C VAL D 425 20.87 -30.89 28.44
N VAL D 426 20.95 -29.60 28.10
CA VAL D 426 22.25 -28.97 27.87
C VAL D 426 23.08 -28.99 29.15
N LEU D 427 22.45 -28.64 30.27
CA LEU D 427 23.14 -28.69 31.56
C LEU D 427 23.49 -30.13 31.92
N VAL D 428 22.58 -31.08 31.67
CA VAL D 428 22.87 -32.48 31.94
C VAL D 428 24.06 -32.94 31.13
N VAL D 429 24.12 -32.58 29.84
CA VAL D 429 25.28 -32.87 29.03
C VAL D 429 26.50 -32.13 29.57
N ALA D 430 26.33 -30.86 29.93
CA ALA D 430 27.46 -30.06 30.39
C ALA D 430 28.07 -30.63 31.67
N LEU D 431 27.24 -31.02 32.63
CA LEU D 431 27.76 -31.58 33.88
C LEU D 431 28.49 -32.89 33.63
N GLY D 432 27.94 -33.75 32.80
CA GLY D 432 28.52 -35.05 32.49
C GLY D 432 29.37 -35.11 31.24
N LEU D 433 29.75 -33.95 30.68
CA LEU D 433 30.49 -33.96 29.42
C LEU D 433 31.82 -34.73 29.49
N PRO D 434 32.64 -34.58 30.54
CA PRO D 434 33.85 -35.43 30.61
C PRO D 434 33.53 -36.92 30.63
N PHE D 435 32.44 -37.32 31.25
CA PHE D 435 32.06 -38.73 31.26
C PHE D 435 31.45 -39.16 29.93
N LEU D 436 30.69 -38.26 29.28
CA LEU D 436 30.13 -38.58 27.97
C LEU D 436 31.23 -38.76 26.94
N ALA D 437 32.29 -37.94 27.02
CA ALA D 437 33.41 -38.09 26.10
C ALA D 437 34.10 -39.43 26.30
N ILE D 438 34.26 -39.86 27.56
CA ILE D 438 34.88 -41.15 27.83
C ILE D 438 34.05 -42.28 27.24
N GLY D 439 32.72 -42.19 27.36
CA GLY D 439 31.86 -43.22 26.81
C GLY D 439 31.99 -43.35 25.31
N TYR D 440 32.21 -42.23 24.61
CA TYR D 440 32.40 -42.29 23.16
C TYR D 440 33.65 -43.06 22.78
N TRP D 441 34.74 -42.87 23.52
CA TRP D 441 35.99 -43.54 23.18
C TRP D 441 35.89 -45.05 23.44
N ILE D 442 35.33 -45.43 24.60
CA ILE D 442 35.26 -46.84 24.94
C ILE D 442 34.22 -47.55 24.07
N ALA D 443 33.09 -46.89 23.80
CA ALA D 443 31.98 -47.49 23.05
C ALA D 443 31.54 -46.55 21.95
N PRO D 444 32.34 -46.41 20.89
CA PRO D 444 31.92 -45.56 19.76
C PRO D 444 30.65 -46.04 19.08
N CYS D 445 30.43 -47.34 18.99
CA CYS D 445 29.26 -47.91 18.34
C CYS D 445 28.41 -48.60 19.40
N SER D 446 27.38 -47.90 19.86
CA SER D 446 26.49 -48.39 20.90
C SER D 446 25.24 -47.52 20.89
N ARG D 447 24.37 -47.70 21.89
CA ARG D 447 23.24 -46.79 22.05
C ARG D 447 23.71 -45.37 22.33
N LEU D 448 24.76 -45.23 23.16
CA LEU D 448 25.32 -43.93 23.43
C LEU D 448 25.98 -43.33 22.19
N GLY D 449 26.59 -44.17 21.35
CA GLY D 449 27.24 -43.65 20.16
C GLY D 449 26.28 -43.02 19.18
N LYS D 450 25.13 -43.65 18.95
CA LYS D 450 24.19 -43.13 17.96
C LYS D 450 23.55 -41.83 18.43
N ILE D 451 23.17 -41.75 19.71
CA ILE D 451 22.56 -40.52 20.21
C ILE D 451 23.59 -39.40 20.25
N LEU D 452 24.85 -39.72 20.56
CA LEU D 452 25.88 -38.70 20.61
C LEU D 452 26.23 -38.18 19.22
N ARG D 453 26.03 -39.00 18.18
CA ARG D 453 26.30 -38.58 16.82
C ARG D 453 25.15 -37.81 16.20
N SER D 454 24.04 -37.66 16.90
CA SER D 454 22.93 -36.87 16.37
C SER D 454 23.37 -35.42 16.21
N PRO D 455 22.99 -34.76 15.11
CA PRO D 455 23.40 -33.37 14.91
C PRO D 455 22.94 -32.44 16.01
N PHE D 456 21.76 -32.67 16.59
CA PHE D 456 21.31 -31.84 17.70
C PHE D 456 22.17 -32.07 18.94
N MET D 457 22.55 -33.31 19.21
CA MET D 457 23.39 -33.61 20.37
C MET D 457 24.83 -33.16 20.19
N LYS D 458 25.30 -33.03 18.96
CA LYS D 458 26.63 -32.46 18.72
C LYS D 458 26.63 -30.95 18.78
N PHE D 459 25.49 -30.31 18.53
CA PHE D 459 25.37 -28.88 18.80
C PHE D 459 25.25 -28.61 20.29
N VAL D 460 24.49 -29.44 21.00
CA VAL D 460 24.37 -29.28 22.45
C VAL D 460 25.72 -29.51 23.12
N ALA D 461 26.45 -30.55 22.70
CA ALA D 461 27.75 -30.82 23.29
C ALA D 461 28.73 -29.67 23.06
N HIS D 462 28.72 -29.10 21.85
CA HIS D 462 29.60 -27.96 21.59
C HIS D 462 29.16 -26.74 22.38
N ALA D 463 27.86 -26.51 22.50
CA ALA D 463 27.37 -25.43 23.35
C ALA D 463 27.69 -25.71 24.81
N ALA D 464 27.56 -26.97 25.24
CA ALA D 464 27.84 -27.31 26.64
C ALA D 464 29.30 -27.09 26.98
N SER D 465 30.21 -27.47 26.07
CA SER D 465 31.64 -27.29 26.34
C SER D 465 32.00 -25.82 26.45
N PHE D 466 31.40 -24.98 25.61
CA PHE D 466 31.71 -23.56 25.68
C PHE D 466 31.14 -22.90 26.93
N ILE D 467 29.99 -23.37 27.41
CA ILE D 467 29.47 -22.90 28.69
C ILE D 467 30.44 -23.25 29.81
N ILE D 468 31.05 -24.44 29.74
CA ILE D 468 32.08 -24.79 30.70
C ILE D 468 33.27 -23.86 30.59
N PHE D 469 33.66 -23.52 29.36
CA PHE D 469 34.80 -22.62 29.17
C PHE D 469 34.52 -21.24 29.77
N LEU D 470 33.31 -20.72 29.57
CA LEU D 470 32.95 -19.47 30.22
C LEU D 470 32.87 -19.62 31.73
N GLY D 471 32.46 -20.79 32.21
CA GLY D 471 32.49 -21.04 33.64
C GLY D 471 33.89 -21.05 34.19
N LEU D 472 34.84 -21.61 33.44
CA LEU D 472 36.24 -21.60 33.87
C LEU D 472 36.80 -20.17 33.87
N LEU D 473 36.39 -19.35 32.91
CA LEU D 473 36.84 -17.96 32.89
C LEU D 473 36.33 -17.21 34.11
N VAL D 474 35.06 -17.39 34.45
CA VAL D 474 34.49 -16.71 35.62
C VAL D 474 35.06 -17.28 36.90
N PHE D 475 35.13 -18.61 37.01
CA PHE D 475 35.64 -19.24 38.23
C PHE D 475 37.12 -18.96 38.44
N ASN D 476 37.87 -18.64 37.39
CA ASN D 476 39.28 -18.34 37.56
C ASN D 476 39.47 -17.09 38.41
N ALA D 477 38.59 -16.10 38.26
CA ALA D 477 38.63 -14.87 39.03
C ALA D 477 37.63 -14.88 40.19
N SER D 478 37.31 -16.06 40.71
CA SER D 478 36.31 -16.17 41.76
C SER D 478 36.80 -15.69 43.11
N ASP D 479 38.12 -15.63 43.31
CA ASP D 479 38.66 -15.15 44.57
C ASP D 479 38.66 -13.63 44.67
N ARG D 480 38.31 -12.92 43.60
CA ARG D 480 38.31 -11.47 43.59
C ARG D 480 36.92 -10.88 43.37
N PHE D 481 35.87 -11.69 43.55
CA PHE D 481 34.52 -11.20 43.29
C PHE D 481 34.16 -10.04 44.20
N GLU D 482 34.54 -10.11 45.47
CA GLU D 482 34.29 -9.02 46.40
C GLU D 482 35.48 -8.07 46.54
N GLY D 483 36.53 -8.27 45.75
CA GLY D 483 37.70 -7.41 45.79
C GLY D 483 38.89 -8.10 46.45
N ILE D 484 40.05 -7.48 46.27
CA ILE D 484 41.30 -8.00 46.80
C ILE D 484 41.53 -7.44 48.19
N THR D 485 41.90 -8.30 49.13
CA THR D 485 42.19 -7.85 50.48
C THR D 485 43.52 -7.10 50.54
N THR D 486 44.51 -7.58 49.79
CA THR D 486 45.84 -6.97 49.80
C THR D 486 45.88 -5.77 48.86
N LEU D 487 46.41 -4.66 49.35
CA LEU D 487 46.58 -3.49 48.51
C LEU D 487 47.66 -3.76 47.45
N PRO D 488 47.56 -3.11 46.29
CA PRO D 488 48.61 -3.26 45.27
C PRO D 488 49.96 -2.70 45.70
N ASN D 489 50.04 -2.08 46.88
CA ASN D 489 51.27 -1.52 47.40
C ASN D 489 52.05 -2.48 48.29
N ILE D 490 51.42 -3.57 48.74
CA ILE D 490 52.01 -4.49 49.70
C ILE D 490 52.12 -5.86 49.06
N THR D 491 53.24 -6.53 49.29
CA THR D 491 53.50 -7.86 48.75
C THR D 491 53.24 -8.91 49.83
N VAL D 492 52.52 -9.97 49.47
CA VAL D 492 52.25 -11.10 50.35
C VAL D 492 52.85 -12.34 49.71
N THR D 493 53.61 -13.10 50.49
CA THR D 493 54.27 -14.32 50.02
C THR D 493 53.85 -15.50 50.88
N ASP D 494 53.65 -16.65 50.23
CA ASP D 494 53.22 -17.84 50.96
C ASP D 494 54.29 -18.32 51.93
N TYR D 495 55.55 -18.33 51.49
CA TYR D 495 56.65 -18.69 52.38
C TYR D 495 57.74 -17.62 52.30
N PRO D 496 58.51 -17.44 53.38
CA PRO D 496 59.40 -16.27 53.46
C PRO D 496 60.41 -16.13 52.33
N LYS D 497 60.96 -17.24 51.82
CA LYS D 497 62.00 -17.15 50.81
C LYS D 497 61.45 -17.02 49.39
N GLN D 498 60.14 -16.95 49.23
CA GLN D 498 59.56 -16.91 47.89
C GLN D 498 59.77 -15.56 47.24
N ILE D 499 60.02 -15.58 45.93
CA ILE D 499 59.96 -14.37 45.12
C ILE D 499 58.50 -14.04 44.88
N PHE D 500 58.14 -12.77 45.08
CA PHE D 500 56.73 -12.38 44.98
C PHE D 500 56.18 -12.64 43.57
N ARG D 501 56.96 -12.34 42.54
CA ARG D 501 56.48 -12.54 41.17
C ARG D 501 56.22 -14.01 40.85
N VAL D 502 56.83 -14.93 41.58
CA VAL D 502 56.51 -16.34 41.41
C VAL D 502 55.06 -16.61 41.81
N LYS D 503 54.62 -16.03 42.93
CA LYS D 503 53.27 -16.28 43.41
C LYS D 503 52.23 -15.65 42.50
N THR D 504 52.54 -14.49 41.92
CA THR D 504 51.58 -13.78 41.08
C THR D 504 51.56 -14.27 39.64
N THR D 505 52.52 -15.09 39.23
CA THR D 505 52.58 -15.60 37.87
C THR D 505 52.37 -17.10 37.77
N GLN D 506 52.41 -17.82 38.89
CA GLN D 506 52.22 -19.27 38.85
C GLN D 506 50.83 -19.62 38.35
N PHE D 507 50.77 -20.64 37.48
CA PHE D 507 49.50 -21.11 36.96
C PHE D 507 48.81 -22.02 37.97
N THR D 508 47.50 -21.84 38.12
CA THR D 508 46.70 -22.66 38.99
C THR D 508 46.04 -23.79 38.20
N TRP D 509 45.28 -24.64 38.87
CA TRP D 509 44.63 -25.76 38.14
C TRP D 509 43.55 -25.22 37.20
N THR D 510 42.86 -24.15 37.59
CA THR D 510 41.89 -23.58 36.66
C THR D 510 42.57 -22.98 35.43
N GLU D 511 43.75 -22.39 35.62
CA GLU D 511 44.47 -21.79 34.50
C GLU D 511 44.85 -22.85 33.47
N MET D 512 45.30 -24.02 33.93
CA MET D 512 45.71 -25.07 33.01
C MET D 512 44.54 -25.57 32.18
N LEU D 513 43.35 -25.67 32.78
CA LEU D 513 42.18 -26.09 32.02
C LEU D 513 41.83 -25.09 30.93
N ILE D 514 41.95 -23.79 31.22
CA ILE D 514 41.67 -22.77 30.21
C ILE D 514 42.65 -22.88 29.06
N MET D 515 43.93 -23.10 29.38
CA MET D 515 44.95 -23.20 28.32
C MET D 515 44.64 -24.40 27.42
N VAL D 516 44.27 -25.54 28.03
CA VAL D 516 43.95 -26.77 27.26
C VAL D 516 42.71 -26.50 26.40
N TRP D 517 41.67 -25.91 26.98
CA TRP D 517 40.42 -25.61 26.25
C TRP D 517 40.76 -24.74 25.04
N VAL D 518 41.69 -23.79 25.20
CA VAL D 518 42.09 -22.89 24.09
C VAL D 518 42.83 -23.73 23.04
N LEU D 519 43.77 -24.58 23.46
CA LEU D 519 44.44 -25.45 22.51
C LEU D 519 43.44 -26.32 21.75
N GLY D 520 42.45 -26.85 22.45
CA GLY D 520 41.41 -27.61 21.78
C GLY D 520 40.60 -26.77 20.82
N MET D 521 40.25 -25.54 21.22
CA MET D 521 39.51 -24.65 20.34
C MET D 521 40.36 -24.20 19.16
N MET D 522 41.64 -23.90 19.40
CA MET D 522 42.53 -23.49 18.32
C MET D 522 42.75 -24.62 17.33
N TRP D 523 42.88 -25.85 17.82
CA TRP D 523 43.08 -26.99 16.93
C TRP D 523 41.89 -27.16 15.99
N SER D 524 40.68 -26.99 16.49
CA SER D 524 39.50 -27.05 15.63
C SER D 524 39.52 -25.95 14.59
N GLU D 525 39.96 -24.75 14.96
CA GLU D 525 40.04 -23.65 14.00
C GLU D 525 41.16 -23.89 13.00
N CYS D 526 42.28 -24.46 13.44
CA CYS D 526 43.36 -24.77 12.51
C CYS D 526 42.94 -25.83 11.50
N LYS D 527 42.22 -26.86 11.93
CA LYS D 527 41.75 -27.88 11.00
C LYS D 527 40.78 -27.29 9.99
N GLU D 528 39.87 -26.43 10.45
CA GLU D 528 38.95 -25.77 9.52
C GLU D 528 39.69 -24.87 8.56
N LEU D 529 40.76 -24.21 9.04
CA LEU D 529 41.58 -23.38 8.16
C LEU D 529 42.28 -24.23 7.10
N TRP D 530 42.74 -25.42 7.47
CA TRP D 530 43.44 -26.30 6.53
C TRP D 530 42.47 -27.02 5.60
N LEU D 531 41.37 -27.55 6.14
CA LEU D 531 40.42 -28.29 5.33
C LEU D 531 39.66 -27.38 4.39
N GLU D 532 38.88 -26.46 4.95
CA GLU D 532 38.05 -25.55 4.12
C GLU D 532 38.98 -24.76 3.19
N GLY D 533 39.97 -24.06 3.76
CA GLY D 533 40.94 -23.31 2.94
C GLY D 533 41.27 -21.98 3.58
N PRO D 534 42.47 -21.41 3.34
CA PRO D 534 42.88 -20.17 4.00
C PRO D 534 42.10 -18.95 3.51
N ARG D 535 41.18 -19.16 2.56
CA ARG D 535 40.44 -18.02 1.96
C ARG D 535 38.99 -18.07 2.44
N GLU D 536 38.31 -19.19 2.19
CA GLU D 536 36.90 -19.36 2.61
C GLU D 536 36.82 -19.22 4.14
N TYR D 537 37.77 -19.82 4.86
CA TYR D 537 37.81 -19.68 6.34
C TYR D 537 37.54 -18.22 6.71
N ILE D 538 38.38 -17.32 6.20
CA ILE D 538 38.24 -15.88 6.53
C ILE D 538 36.82 -15.42 6.16
N LEU D 539 36.31 -15.85 5.01
CA LEU D 539 34.99 -15.39 4.55
C LEU D 539 33.88 -15.95 5.43
N GLN D 540 33.99 -15.66 6.73
CA GLN D 540 32.95 -15.98 7.69
C GLN D 540 33.21 -15.17 8.95
N LEU D 541 32.15 -14.55 9.47
CA LEU D 541 32.30 -13.65 10.61
C LEU D 541 32.80 -14.40 11.84
N TRP D 542 32.27 -15.60 12.08
CA TRP D 542 32.65 -16.34 13.29
C TRP D 542 34.08 -16.86 13.21
N ASN D 543 34.49 -17.33 12.03
CA ASN D 543 35.83 -17.92 11.91
C ASN D 543 36.92 -16.90 12.19
N VAL D 544 36.77 -15.68 11.69
CA VAL D 544 37.77 -14.65 11.98
C VAL D 544 37.68 -14.22 13.44
N LEU D 545 36.47 -14.10 13.98
CA LEU D 545 36.31 -13.72 15.38
C LEU D 545 36.84 -14.81 16.31
N ASP D 546 36.54 -16.08 16.01
CA ASP D 546 37.03 -17.17 16.84
C ASP D 546 38.55 -17.26 16.78
N PHE D 547 39.12 -17.08 15.59
CA PHE D 547 40.57 -17.05 15.48
C PHE D 547 41.16 -15.84 16.17
N GLY D 548 40.44 -14.71 16.16
CA GLY D 548 40.92 -13.54 16.85
C GLY D 548 40.99 -13.73 18.36
N MET D 549 39.92 -14.26 18.95
CA MET D 549 39.88 -14.40 20.39
C MET D 549 40.80 -15.52 20.89
N LEU D 550 41.00 -16.56 20.07
CA LEU D 550 41.92 -17.62 20.47
C LEU D 550 43.37 -17.16 20.36
N SER D 551 43.68 -16.33 19.37
CA SER D 551 45.03 -15.80 19.25
C SER D 551 45.36 -14.87 20.42
N ILE D 552 44.39 -14.06 20.84
CA ILE D 552 44.60 -13.18 21.98
C ILE D 552 44.78 -13.99 23.26
N PHE D 553 44.03 -15.10 23.38
CA PHE D 553 44.23 -16.00 24.51
C PHE D 553 45.65 -16.56 24.51
N ILE D 554 46.13 -17.00 23.35
CA ILE D 554 47.47 -17.54 23.26
C ILE D 554 48.51 -16.47 23.58
N ALA D 555 48.32 -15.26 23.05
CA ALA D 555 49.22 -14.16 23.37
C ALA D 555 49.17 -13.82 24.85
N ALA D 556 47.98 -13.86 25.44
CA ALA D 556 47.86 -13.60 26.88
C ALA D 556 48.61 -14.65 27.70
N PHE D 557 48.47 -15.93 27.32
CA PHE D 557 49.15 -16.99 28.05
C PHE D 557 50.64 -17.00 27.75
N THR D 558 51.03 -16.67 26.52
CA THR D 558 52.45 -16.57 26.20
C THR D 558 53.11 -15.47 27.02
N ALA D 559 52.45 -14.32 27.15
CA ALA D 559 53.01 -13.23 27.95
C ALA D 559 53.14 -13.63 29.41
N ARG D 560 52.12 -14.29 29.97
CA ARG D 560 52.20 -14.75 31.35
C ARG D 560 53.26 -15.83 31.52
N PHE D 561 53.43 -16.69 30.52
CA PHE D 561 54.47 -17.71 30.59
C PHE D 561 55.86 -17.08 30.64
N LEU D 562 56.07 -16.03 29.83
CA LEU D 562 57.36 -15.34 29.86
C LEU D 562 57.61 -14.71 31.22
N ALA D 563 56.58 -14.13 31.83
CA ALA D 563 56.71 -13.59 33.18
C ALA D 563 57.02 -14.69 34.18
N PHE D 564 56.40 -15.86 34.01
CA PHE D 564 56.64 -16.98 34.91
C PHE D 564 58.09 -17.46 34.80
N LEU D 565 58.64 -17.50 33.58
CA LEU D 565 60.03 -17.92 33.41
C LEU D 565 60.99 -16.95 34.09
N GLN D 566 60.72 -15.65 33.97
CA GLN D 566 61.57 -14.66 34.62
C GLN D 566 61.51 -14.79 36.14
N ALA D 567 60.32 -15.05 36.68
CA ALA D 567 60.18 -15.21 38.13
C ALA D 567 60.94 -16.44 38.62
N THR D 568 60.90 -17.54 37.86
CA THR D 568 61.62 -18.73 38.25
C THR D 568 63.13 -18.50 38.26
N LYS D 569 63.63 -17.73 37.28
CA LYS D 569 65.05 -17.39 37.26
C LYS D 569 65.44 -16.59 38.50
N ALA D 570 64.60 -15.63 38.90
CA ALA D 570 64.82 -14.92 40.14
C ALA D 570 64.73 -15.85 41.34
N GLN D 571 63.74 -16.76 41.32
CA GLN D 571 63.59 -17.72 42.41
C GLN D 571 64.80 -18.64 42.50
N GLN D 572 65.33 -19.08 41.35
CA GLN D 572 66.47 -19.98 41.35
C GLN D 572 67.68 -19.34 42.03
N TYR D 573 67.87 -18.04 41.81
CA TYR D 573 68.99 -17.35 42.46
C TYR D 573 68.83 -17.35 43.98
N VAL D 574 67.61 -17.16 44.47
CA VAL D 574 67.39 -17.04 45.91
C VAL D 574 67.67 -18.37 46.60
N ASP D 575 67.14 -19.47 46.07
CA ASP D 575 67.29 -20.76 46.75
C ASP D 575 68.71 -21.29 46.69
N SER D 576 69.51 -20.87 45.71
CA SER D 576 70.85 -21.39 45.54
C SER D 576 71.94 -20.40 45.96
N TYR D 577 71.59 -19.17 46.29
CA TYR D 577 72.59 -18.19 46.70
C TYR D 577 72.21 -17.36 47.91
N VAL D 578 70.96 -17.40 48.38
CA VAL D 578 70.49 -16.53 49.46
C VAL D 578 70.00 -17.39 50.61
N GLN D 579 70.54 -17.13 51.80
CA GLN D 579 70.06 -17.71 53.05
C GLN D 579 70.00 -16.64 54.13
N GLU D 580 69.48 -15.47 53.77
CA GLU D 580 69.58 -14.26 54.60
C GLU D 580 68.29 -13.94 55.35
N SER D 581 67.61 -14.97 55.86
CA SER D 581 66.46 -14.80 56.76
C SER D 581 65.35 -13.98 56.09
N ASP D 582 64.78 -14.58 55.05
CA ASP D 582 63.55 -14.11 54.41
C ASP D 582 63.74 -12.79 53.65
N LEU D 583 64.88 -12.63 52.99
CA LEU D 583 65.12 -11.49 52.11
C LEU D 583 64.93 -10.16 52.83
N SER D 584 65.42 -10.09 54.08
CA SER D 584 65.25 -8.89 54.89
C SER D 584 66.42 -7.92 54.72
N GLU D 585 67.63 -8.39 55.01
CA GLU D 585 68.81 -7.54 54.94
C GLU D 585 69.59 -7.69 53.64
N VAL D 586 69.41 -8.82 52.93
CA VAL D 586 70.18 -9.06 51.72
C VAL D 586 69.72 -8.10 50.63
N THR D 587 70.69 -7.54 49.90
CA THR D 587 70.42 -6.61 48.80
C THR D 587 70.67 -7.36 47.50
N LEU D 588 69.59 -7.83 46.87
CA LEU D 588 69.70 -8.58 45.63
C LEU D 588 70.14 -7.68 44.49
N PRO D 589 70.69 -8.26 43.42
CA PRO D 589 71.04 -7.45 42.25
C PRO D 589 69.79 -6.81 41.67
N PRO D 590 69.94 -5.65 41.03
CA PRO D 590 68.75 -4.94 40.52
C PRO D 590 67.94 -5.74 39.53
N GLU D 591 68.57 -6.64 38.76
CA GLU D 591 67.83 -7.49 37.83
C GLU D 591 66.91 -8.44 38.58
N ILE D 592 67.35 -8.92 39.75
CA ILE D 592 66.60 -9.92 40.51
C ILE D 592 65.77 -9.23 41.59
N GLN D 593 66.24 -8.07 42.06
CA GLN D 593 65.49 -7.33 43.08
C GLN D 593 64.15 -6.84 42.54
N TYR D 594 64.05 -6.64 41.22
CA TYR D 594 62.81 -6.13 40.64
C TYR D 594 61.64 -7.08 40.87
N PHE D 595 61.91 -8.37 41.00
CA PHE D 595 60.84 -9.35 41.10
C PHE D 595 60.31 -9.51 42.53
N THR D 596 60.81 -8.74 43.48
CA THR D 596 60.26 -8.69 44.83
C THR D 596 59.32 -7.51 45.02
N TYR D 597 59.08 -6.73 43.97
CA TYR D 597 58.29 -5.50 44.06
C TYR D 597 56.80 -5.78 43.96
N ALA D 598 56.01 -4.84 44.47
CA ALA D 598 54.56 -4.91 44.36
C ALA D 598 54.12 -4.46 42.98
N ARG D 599 52.80 -4.42 42.76
CA ARG D 599 52.28 -4.04 41.45
C ARG D 599 52.63 -2.61 41.09
N ASP D 600 52.80 -1.74 42.08
CA ASP D 600 53.05 -0.33 41.80
C ASP D 600 54.42 -0.11 41.18
N LYS D 601 55.39 -0.96 41.49
CA LYS D 601 56.75 -0.81 40.97
C LYS D 601 56.99 -1.60 39.70
N TRP D 602 55.98 -2.28 39.17
CA TRP D 602 56.14 -3.03 37.93
C TRP D 602 56.41 -2.08 36.77
N LEU D 603 57.25 -2.53 35.84
CA LEU D 603 57.48 -1.75 34.64
C LEU D 603 56.20 -1.69 33.81
N PRO D 604 55.94 -0.56 33.14
CA PRO D 604 54.68 -0.42 32.39
C PRO D 604 54.54 -1.41 31.25
N SER D 605 55.62 -2.02 30.78
CA SER D 605 55.58 -2.92 29.64
C SER D 605 56.12 -4.31 29.98
N ASP D 606 56.03 -4.70 31.25
CA ASP D 606 56.46 -6.05 31.58
C ASP D 606 55.39 -7.06 31.14
N PRO D 607 55.78 -8.31 30.90
CA PRO D 607 54.82 -9.27 30.32
C PRO D 607 53.59 -9.53 31.17
N GLN D 608 53.70 -9.43 32.50
CA GLN D 608 52.55 -9.71 33.35
C GLN D 608 51.42 -8.71 33.11
N ILE D 609 51.76 -7.43 32.96
CA ILE D 609 50.74 -6.43 32.67
C ILE D 609 50.16 -6.63 31.28
N ILE D 610 51.01 -7.00 30.32
CA ILE D 610 50.53 -7.26 28.96
C ILE D 610 49.62 -8.49 28.96
N SER D 611 49.94 -9.49 29.80
CA SER D 611 49.14 -10.71 29.84
C SER D 611 47.71 -10.43 30.27
N GLU D 612 47.55 -9.75 31.41
CA GLU D 612 46.20 -9.50 31.93
C GLU D 612 45.46 -8.47 31.09
N GLY D 613 46.18 -7.59 30.40
CA GLY D 613 45.52 -6.70 29.46
C GLY D 613 44.93 -7.44 28.28
N LEU D 614 45.69 -8.38 27.71
CA LEU D 614 45.18 -9.17 26.60
C LEU D 614 44.17 -10.21 27.07
N TYR D 615 44.34 -10.75 28.28
CA TYR D 615 43.39 -11.72 28.81
C TYR D 615 42.00 -11.11 28.96
N ALA D 616 41.94 -9.84 29.36
CA ALA D 616 40.64 -9.16 29.49
C ALA D 616 39.95 -9.04 28.14
N ILE D 617 40.70 -8.72 27.09
CA ILE D 617 40.12 -8.61 25.75
C ILE D 617 39.57 -9.95 25.30
N ALA D 618 40.33 -11.03 25.53
CA ALA D 618 39.89 -12.36 25.12
C ALA D 618 38.62 -12.77 25.83
N VAL D 619 38.52 -12.47 27.13
CA VAL D 619 37.33 -12.84 27.90
C VAL D 619 36.10 -12.12 27.35
N VAL D 620 36.23 -10.83 27.02
CA VAL D 620 35.12 -10.11 26.42
C VAL D 620 34.75 -10.72 25.07
N LEU D 621 35.76 -11.06 24.27
CA LEU D 621 35.50 -11.70 22.98
C LEU D 621 34.92 -13.10 23.15
N SER D 622 35.23 -13.77 24.26
CA SER D 622 34.70 -15.10 24.50
C SER D 622 33.18 -15.09 24.59
N PHE D 623 32.63 -14.20 25.42
CA PHE D 623 31.19 -14.13 25.58
C PHE D 623 30.48 -13.67 24.33
N SER D 624 31.20 -13.15 23.33
CA SER D 624 30.60 -12.85 22.05
C SER D 624 30.21 -14.11 21.28
N ARG D 625 30.82 -15.25 21.59
CA ARG D 625 30.48 -16.51 20.93
C ARG D 625 29.13 -17.06 21.39
N ILE D 626 28.51 -16.47 22.41
CA ILE D 626 27.16 -16.88 22.78
C ILE D 626 26.20 -16.62 21.64
N ALA D 627 26.46 -15.59 20.84
CA ALA D 627 25.64 -15.33 19.66
C ALA D 627 25.81 -16.39 18.58
N TYR D 628 26.81 -17.27 18.69
CA TYR D 628 26.95 -18.36 17.75
C TYR D 628 25.90 -19.45 17.94
N ILE D 629 25.35 -19.58 19.16
CA ILE D 629 24.31 -20.57 19.43
C ILE D 629 22.92 -19.98 19.42
N LEU D 630 22.79 -18.66 19.28
CA LEU D 630 21.51 -17.98 19.26
C LEU D 630 20.64 -18.26 18.03
N PRO D 631 21.21 -18.48 16.83
CA PRO D 631 20.33 -18.77 15.69
C PRO D 631 19.46 -20.01 15.88
N ALA D 632 19.91 -20.96 16.69
CA ALA D 632 19.16 -22.20 16.88
C ALA D 632 17.84 -21.97 17.60
N ASN D 633 17.72 -20.90 18.37
CA ASN D 633 16.50 -20.63 19.12
C ASN D 633 15.53 -19.81 18.27
N GLU D 634 14.25 -20.18 18.33
CA GLU D 634 13.25 -19.55 17.50
C GLU D 634 12.86 -18.15 17.96
N SER D 635 13.12 -17.82 19.23
CA SER D 635 12.77 -16.51 19.76
C SER D 635 13.93 -15.52 19.65
N PHE D 636 15.13 -15.93 20.05
CA PHE D 636 16.29 -15.05 20.03
C PHE D 636 17.08 -15.14 18.72
N GLY D 637 16.76 -16.12 17.87
CA GLY D 637 17.41 -16.25 16.59
C GLY D 637 17.14 -15.09 15.63
N PRO D 638 15.86 -14.76 15.43
CA PRO D 638 15.55 -13.58 14.59
C PRO D 638 16.12 -12.29 15.15
N LEU D 639 16.22 -12.16 16.47
CA LEU D 639 16.76 -10.94 17.05
C LEU D 639 18.23 -10.75 16.70
N GLN D 640 19.01 -11.84 16.72
CA GLN D 640 20.42 -11.73 16.37
C GLN D 640 20.62 -11.46 14.89
N ILE D 641 19.73 -11.99 14.04
CA ILE D 641 19.81 -11.70 12.61
C ILE D 641 19.61 -10.22 12.35
N SER D 642 18.60 -9.62 12.98
CA SER D 642 18.36 -8.20 12.81
C SER D 642 19.46 -7.37 13.44
N LEU D 643 20.06 -7.86 14.53
CA LEU D 643 21.17 -7.13 15.15
C LEU D 643 22.37 -7.06 14.22
N GLY D 644 22.71 -8.17 13.57
CA GLY D 644 23.82 -8.16 12.63
C GLY D 644 23.55 -7.28 11.42
N ARG D 645 22.30 -7.21 10.98
CA ARG D 645 21.95 -6.35 9.86
C ARG D 645 22.16 -4.88 10.20
N THR D 646 21.80 -4.47 11.42
CA THR D 646 22.00 -3.08 11.82
C THR D 646 23.48 -2.75 11.92
N VAL D 647 24.29 -3.69 12.42
CA VAL D 647 25.73 -3.45 12.52
C VAL D 647 26.34 -3.20 11.16
N LYS D 648 25.91 -3.98 10.15
CA LYS D 648 26.39 -3.76 8.79
C LYS D 648 25.91 -2.40 8.27
N ASP D 649 24.69 -2.00 8.62
CA ASP D 649 24.20 -0.69 8.21
C ASP D 649 24.98 0.43 8.87
N ILE D 650 25.33 0.27 10.14
CA ILE D 650 26.05 1.31 10.86
C ILE D 650 27.48 1.45 10.33
N PHE D 651 28.06 0.35 9.82
CA PHE D 651 29.45 0.39 9.39
C PHE D 651 29.67 1.42 8.28
N LYS D 652 28.75 1.51 7.31
CA LYS D 652 28.91 2.50 6.26
C LYS D 652 28.68 3.91 6.77
N PHE D 653 27.81 4.08 7.76
CA PHE D 653 27.57 5.41 8.32
C PHE D 653 28.73 5.91 9.16
N MET D 654 29.47 4.99 9.77
CA MET D 654 30.64 5.39 10.59
C MET D 654 31.64 6.14 9.71
N VAL D 655 31.85 5.66 8.48
CA VAL D 655 32.82 6.28 7.58
C VAL D 655 32.51 7.76 7.41
N LEU D 656 31.23 8.11 7.29
CA LEU D 656 30.84 9.52 7.22
C LEU D 656 31.18 10.25 8.52
N PHE D 657 30.95 9.61 9.66
CA PHE D 657 31.21 10.26 10.93
C PHE D 657 32.69 10.30 11.26
N ILE D 658 33.48 9.36 10.74
CA ILE D 658 34.95 9.41 10.95
C ILE D 658 35.50 10.68 10.30
N MET D 659 35.02 11.03 9.11
CA MET D 659 35.48 12.24 8.44
C MET D 659 35.11 13.48 9.25
N VAL D 660 33.90 13.52 9.80
CA VAL D 660 33.52 14.61 10.69
C VAL D 660 34.33 14.58 11.97
N PHE D 661 34.52 13.38 12.54
CA PHE D 661 35.29 13.26 13.77
C PHE D 661 36.73 13.70 13.58
N PHE D 662 37.34 13.30 12.46
CA PHE D 662 38.74 13.66 12.22
C PHE D 662 38.90 15.14 11.89
N ALA D 663 37.86 15.76 11.34
CA ALA D 663 37.91 17.19 11.06
C ALA D 663 38.06 17.99 12.34
N PHE D 664 37.30 17.65 13.37
CA PHE D 664 37.37 18.39 14.62
C PHE D 664 38.49 17.90 15.53
N MET D 665 38.91 16.65 15.38
CA MET D 665 40.04 16.16 16.17
C MET D 665 41.31 16.93 15.82
N ILE D 666 41.59 17.09 14.52
CA ILE D 666 42.75 17.85 14.09
C ILE D 666 42.55 19.34 14.35
N GLY D 667 41.35 19.85 14.04
CA GLY D 667 41.11 21.27 14.16
C GLY D 667 41.17 21.77 15.60
N MET D 668 40.54 21.05 16.53
CA MET D 668 40.55 21.47 17.92
C MET D 668 41.88 21.18 18.60
N PHE D 669 42.57 20.11 18.20
CA PHE D 669 43.91 19.87 18.73
C PHE D 669 44.87 20.97 18.30
N ILE D 670 44.80 21.39 17.04
CA ILE D 670 45.67 22.48 16.56
C ILE D 670 45.40 23.75 17.35
N LEU D 671 44.13 24.04 17.63
CA LEU D 671 43.77 25.24 18.36
C LEU D 671 44.34 25.23 19.78
N TYR D 672 44.23 24.10 20.48
CA TYR D 672 44.55 24.03 21.90
C TYR D 672 45.90 23.38 22.19
N SER D 673 46.69 23.03 21.17
CA SER D 673 47.93 22.32 21.42
C SER D 673 48.93 23.19 22.17
N TYR D 674 48.91 24.50 21.92
CA TYR D 674 49.86 25.39 22.57
C TYR D 674 49.47 25.73 24.00
N TYR D 675 48.23 25.49 24.39
CA TYR D 675 47.78 25.74 25.76
C TYR D 675 47.75 24.44 26.56
N LEU D 676 48.92 23.86 26.79
CA LEU D 676 48.99 22.61 27.54
C LEU D 676 48.78 22.88 29.03
N GLY D 677 49.64 23.69 29.62
CA GLY D 677 49.51 24.04 31.03
C GLY D 677 48.61 25.21 31.29
N ALA D 678 47.91 25.72 30.28
CA ALA D 678 47.06 26.90 30.41
C ALA D 678 45.58 26.56 30.22
N LYS D 679 45.19 25.34 30.54
CA LYS D 679 43.81 24.91 30.41
C LYS D 679 43.33 24.31 31.73
N VAL D 680 41.99 24.28 31.88
CA VAL D 680 41.40 23.67 33.06
C VAL D 680 41.73 22.17 33.10
N ASN D 681 41.69 21.51 31.94
CA ASN D 681 42.10 20.12 31.85
C ASN D 681 42.98 19.90 30.63
N ALA D 682 43.27 18.65 30.30
CA ALA D 682 44.12 18.29 29.17
C ALA D 682 43.31 17.88 27.95
N ALA D 683 42.20 18.57 27.70
CA ALA D 683 41.20 18.09 26.76
C ALA D 683 41.78 17.94 25.35
N PHE D 684 42.23 19.03 24.74
CA PHE D 684 42.65 19.01 23.35
C PHE D 684 44.14 19.30 23.19
N THR D 685 44.92 19.13 24.26
CA THR D 685 46.34 19.49 24.22
C THR D 685 47.15 18.56 23.34
N THR D 686 46.71 17.32 23.14
CA THR D 686 47.40 16.36 22.30
C THR D 686 46.38 15.70 21.37
N VAL D 687 46.86 15.01 20.34
CA VAL D 687 45.95 14.35 19.36
C VAL D 687 45.14 13.28 20.10
N GLU D 688 45.79 12.56 21.02
CA GLU D 688 45.10 11.49 21.79
C GLU D 688 44.03 12.12 22.67
N GLU D 689 44.38 13.17 23.39
CA GLU D 689 43.41 13.86 24.30
C GLU D 689 42.31 14.47 23.43
N SER D 690 42.65 14.98 22.26
CA SER D 690 41.61 15.50 21.33
C SER D 690 40.71 14.36 20.90
N PHE D 691 41.26 13.17 20.62
CA PHE D 691 40.42 11.99 20.28
C PHE D 691 39.55 11.61 21.47
N LYS D 692 40.16 11.47 22.65
CA LYS D 692 39.40 11.05 23.85
C LYS D 692 38.22 11.97 24.08
N THR D 693 38.47 13.29 24.13
CA THR D 693 37.39 14.25 24.43
C THR D 693 36.27 14.13 23.41
N LEU D 694 36.61 14.11 22.13
CA LEU D 694 35.55 14.09 21.12
C LEU D 694 34.82 12.76 21.08
N PHE D 695 35.48 11.65 21.42
CA PHE D 695 34.80 10.37 21.41
C PHE D 695 33.77 10.29 22.53
N TRP D 696 34.15 10.72 23.73
CA TRP D 696 33.22 10.64 24.85
C TRP D 696 32.16 11.74 24.81
N SER D 697 32.34 12.75 23.97
CA SER D 697 31.28 13.72 23.73
C SER D 697 30.08 13.09 23.03
N ILE D 698 30.27 11.92 22.41
CA ILE D 698 29.16 11.22 21.78
C ILE D 698 28.16 10.78 22.83
N PHE D 699 28.65 10.38 23.99
CA PHE D 699 27.82 9.88 25.08
C PHE D 699 27.62 10.91 26.18
N GLY D 700 27.99 12.17 25.93
CA GLY D 700 27.82 13.20 26.92
C GLY D 700 28.76 13.08 28.10
N LEU D 701 29.88 12.41 27.93
CA LEU D 701 30.82 12.18 29.02
C LEU D 701 32.00 13.13 29.01
N SER D 702 31.99 14.15 28.15
CA SER D 702 33.02 15.18 28.12
C SER D 702 32.40 16.49 28.55
N GLU D 703 33.01 17.14 29.54
CA GLU D 703 32.46 18.36 30.12
C GLU D 703 32.76 19.57 29.23
N VAL D 704 32.01 20.64 29.45
CA VAL D 704 32.20 21.86 28.68
C VAL D 704 33.49 22.57 29.04
N THR D 705 34.02 22.35 30.25
CA THR D 705 35.29 22.94 30.64
C THR D 705 36.45 22.42 29.82
N SER D 706 36.19 21.50 28.88
CA SER D 706 37.23 21.02 27.99
C SER D 706 37.77 22.14 27.10
N VAL D 707 36.97 23.18 26.87
CA VAL D 707 37.36 24.25 25.96
C VAL D 707 37.75 25.53 26.70
N VAL D 708 37.75 25.52 28.02
CA VAL D 708 38.02 26.72 28.80
C VAL D 708 39.52 26.88 29.00
N LEU D 709 40.02 28.10 28.83
CA LEU D 709 41.42 28.42 29.01
C LEU D 709 41.64 29.15 30.32
N LYS D 710 42.85 28.98 30.88
CA LYS D 710 43.24 29.76 32.05
C LYS D 710 43.64 31.18 31.67
N TYR D 711 44.14 31.38 30.46
CA TYR D 711 44.58 32.69 30.02
C TYR D 711 43.40 33.54 29.55
N ASP D 712 43.67 34.83 29.31
CA ASP D 712 42.66 35.77 28.89
C ASP D 712 42.48 35.81 27.38
N HIS D 713 42.86 34.74 26.68
CA HIS D 713 42.74 34.66 25.22
C HIS D 713 41.34 34.18 24.90
N LYS D 714 40.37 35.09 25.05
CA LYS D 714 38.97 34.73 24.85
C LYS D 714 38.68 34.40 23.38
N PHE D 715 39.46 34.94 22.45
CA PHE D 715 39.24 34.64 21.04
C PHE D 715 39.43 33.16 20.77
N ILE D 716 40.51 32.57 21.28
CA ILE D 716 40.76 31.15 21.09
C ILE D 716 39.76 30.31 21.88
N GLU D 717 39.44 30.75 23.10
CA GLU D 717 38.47 30.02 23.91
C GLU D 717 37.08 30.02 23.28
N ASN D 718 36.67 31.14 22.71
CA ASN D 718 35.31 31.23 22.12
C ASN D 718 35.28 30.44 20.80
N ILE D 719 36.39 30.37 20.06
CA ILE D 719 36.45 29.52 18.89
C ILE D 719 36.28 28.06 19.29
N GLY D 720 36.95 27.66 20.38
CA GLY D 720 36.80 26.30 20.87
C GLY D 720 35.38 26.00 21.29
N TYR D 721 34.70 26.98 21.88
CA TYR D 721 33.28 26.80 22.21
C TYR D 721 32.44 26.55 20.97
N VAL D 722 32.68 27.33 19.92
CA VAL D 722 31.88 27.19 18.70
C VAL D 722 32.23 25.89 17.99
N LEU D 723 33.51 25.57 17.87
CA LEU D 723 33.91 24.32 17.23
C LEU D 723 33.38 23.11 18.00
N TYR D 724 33.47 23.15 19.32
CA TYR D 724 32.94 22.06 20.12
C TYR D 724 31.41 22.05 20.07
N GLY D 725 30.78 23.21 20.01
CA GLY D 725 29.34 23.27 19.84
C GLY D 725 28.89 22.78 18.48
N ILE D 726 29.64 23.13 17.43
CA ILE D 726 29.31 22.66 16.09
C ILE D 726 29.50 21.15 15.99
N TYR D 727 30.55 20.63 16.65
CA TYR D 727 30.80 19.20 16.62
C TYR D 727 29.64 18.42 17.23
N ASN D 728 29.12 18.89 18.37
CA ASN D 728 27.99 18.21 19.00
C ASN D 728 26.74 18.28 18.12
N VAL D 729 26.47 19.45 17.53
CA VAL D 729 25.32 19.57 16.65
C VAL D 729 25.50 18.71 15.41
N THR D 730 26.69 18.74 14.81
CA THR D 730 26.95 17.92 13.62
C THR D 730 26.83 16.44 13.94
N MET D 731 27.34 16.02 15.08
CA MET D 731 27.28 14.62 15.47
C MET D 731 25.85 14.15 15.65
N VAL D 732 24.99 15.02 16.21
CA VAL D 732 23.57 14.68 16.35
C VAL D 732 22.93 14.52 14.97
N VAL D 733 23.25 15.43 14.05
CA VAL D 733 22.67 15.37 12.71
C VAL D 733 23.08 14.09 12.00
N VAL D 734 24.36 13.70 12.13
CA VAL D 734 24.81 12.45 11.54
C VAL D 734 24.10 11.27 12.18
N LEU D 735 23.96 11.28 13.50
CA LEU D 735 23.23 10.22 14.19
C LEU D 735 21.75 10.23 13.80
N LEU D 736 21.16 11.43 13.69
CA LEU D 736 19.76 11.53 13.29
C LEU D 736 19.55 11.01 11.88
N ASN D 737 20.48 11.33 10.96
CA ASN D 737 20.39 10.83 9.60
C ASN D 737 20.52 9.30 9.58
N MET D 738 21.45 8.76 10.37
CA MET D 738 21.60 7.31 10.43
C MET D 738 20.34 6.65 10.98
N LEU D 739 19.74 7.24 12.01
CA LEU D 739 18.53 6.68 12.59
C LEU D 739 17.39 6.66 11.58
N ILE D 740 17.21 7.76 10.86
CA ILE D 740 16.10 7.84 9.90
C ILE D 740 16.35 6.92 8.72
N ALA D 741 17.57 6.92 8.18
CA ALA D 741 17.86 6.11 7.01
C ALA D 741 17.68 4.63 7.30
N MET D 742 18.10 4.18 8.48
CA MET D 742 17.95 2.77 8.84
C MET D 742 16.50 2.41 9.09
N ILE D 743 15.68 3.37 9.54
CA ILE D 743 14.26 3.11 9.70
C ILE D 743 13.60 2.89 8.35
N ASN D 744 13.92 3.75 7.37
CA ASN D 744 13.38 3.59 6.03
C ASN D 744 13.89 2.32 5.35
N SER D 745 15.14 1.93 5.63
CA SER D 745 15.67 0.70 5.05
C SER D 745 14.88 -0.51 5.50
N SER D 746 14.41 -0.52 6.76
CA SER D 746 13.60 -1.63 7.24
C SER D 746 12.17 -1.55 6.72
N TYR D 747 11.68 -0.34 6.43
CA TYR D 747 10.32 -0.20 5.92
C TYR D 747 10.13 -0.85 4.57
N GLN D 748 11.20 -1.01 3.79
CA GLN D 748 11.15 -1.73 2.52
C GLN D 748 11.60 -3.18 2.66
N ASP D 752 7.36 -10.53 6.22
CA ASP D 752 7.94 -11.82 6.56
C ASP D 752 9.25 -12.09 5.83
N ASP D 753 10.23 -11.19 6.01
CA ASP D 753 11.57 -11.40 5.50
C ASP D 753 12.57 -11.74 6.59
N SER D 754 12.35 -11.24 7.82
CA SER D 754 13.21 -11.62 8.94
C SER D 754 13.08 -13.10 9.25
N ASP D 755 11.89 -13.66 9.08
CA ASP D 755 11.70 -15.09 9.29
C ASP D 755 12.50 -15.90 8.28
N VAL D 756 12.53 -15.46 7.02
CA VAL D 756 13.29 -16.17 6.00
C VAL D 756 14.78 -16.11 6.29
N GLU D 757 15.28 -14.94 6.68
CA GLU D 757 16.71 -14.78 6.94
C GLU D 757 17.15 -15.58 8.15
N TRP D 758 16.30 -15.64 9.19
CA TRP D 758 16.65 -16.43 10.37
C TRP D 758 16.64 -17.92 10.05
N LYS D 759 15.61 -18.40 9.38
CA LYS D 759 15.54 -19.82 9.04
C LYS D 759 16.65 -20.21 8.07
N PHE D 760 17.16 -19.26 7.29
CA PHE D 760 18.32 -19.52 6.45
C PHE D 760 19.58 -19.62 7.30
N ALA D 761 19.77 -18.71 8.24
CA ALA D 761 20.95 -18.74 9.09
C ALA D 761 20.95 -19.94 10.02
N ARG D 762 19.78 -20.29 10.55
CA ARG D 762 19.69 -21.48 11.41
C ARG D 762 20.03 -22.75 10.64
N SER D 763 19.59 -22.83 9.38
CA SER D 763 19.88 -24.00 8.56
C SER D 763 21.39 -24.13 8.31
N LYS D 764 22.08 -23.00 8.13
CA LYS D 764 23.53 -23.05 8.00
C LYS D 764 24.18 -23.57 9.28
N LEU D 765 23.62 -23.22 10.43
CA LEU D 765 24.10 -23.77 11.69
C LEU D 765 23.88 -25.29 11.74
N TRP D 766 22.72 -25.74 11.26
CA TRP D 766 22.43 -27.18 11.24
C TRP D 766 23.37 -27.92 10.31
N LEU D 767 23.60 -27.38 9.11
CA LEU D 767 24.43 -28.08 8.13
C LEU D 767 25.87 -28.26 8.60
N SER D 768 26.34 -27.41 9.52
CA SER D 768 27.68 -27.58 10.07
C SER D 768 27.79 -28.81 10.95
N TYR D 769 26.67 -29.30 11.50
CA TYR D 769 26.67 -30.46 12.37
C TYR D 769 26.21 -31.74 11.68
N PHE D 770 25.84 -31.68 10.40
CA PHE D 770 25.42 -32.89 9.71
C PHE D 770 26.60 -33.77 9.37
N ASP D 771 27.78 -33.20 9.17
CA ASP D 771 28.96 -33.98 8.86
C ASP D 771 29.44 -34.75 10.09
N ASP D 772 30.04 -35.91 9.84
CA ASP D 772 30.51 -36.77 10.91
C ASP D 772 31.85 -36.35 11.49
N GLY D 773 32.54 -35.40 10.86
CA GLY D 773 33.83 -34.97 11.37
C GLY D 773 33.73 -34.24 12.70
N LYS D 774 32.72 -33.38 12.84
CA LYS D 774 32.56 -32.55 14.04
C LYS D 774 31.75 -33.35 15.07
N THR D 775 32.42 -34.33 15.68
CA THR D 775 31.75 -35.24 16.61
C THR D 775 31.83 -34.75 18.05
N LEU D 776 33.05 -34.60 18.57
CA LEU D 776 33.26 -34.21 19.95
C LEU D 776 33.61 -32.74 20.06
N PRO D 777 33.34 -32.13 21.21
CA PRO D 777 33.68 -30.71 21.39
C PRO D 777 35.17 -30.47 21.31
N PRO D 778 35.59 -29.26 20.94
CA PRO D 778 37.02 -28.97 20.71
C PRO D 778 37.91 -29.33 21.90
N PRO D 779 37.49 -29.06 23.15
CA PRO D 779 38.34 -29.51 24.27
C PRO D 779 38.54 -31.01 24.33
N PHE D 780 37.54 -31.79 23.95
CA PHE D 780 37.63 -33.24 24.00
C PHE D 780 38.01 -33.87 22.68
N SER D 781 38.28 -33.06 21.65
CA SER D 781 38.71 -33.57 20.36
C SER D 781 40.22 -33.73 20.25
N LEU D 782 40.97 -33.39 21.31
CA LEU D 782 42.41 -33.57 21.28
C LEU D 782 42.79 -35.05 21.24
N VAL D 783 42.10 -35.87 22.02
CA VAL D 783 42.38 -37.30 22.08
C VAL D 783 41.93 -37.95 20.78
N PRO D 784 42.80 -38.66 20.05
CA PRO D 784 42.46 -39.31 18.79
C PRO D 784 42.08 -40.77 18.96
N GLN D 844 11.72 -46.59 -19.41
CA GLN D 844 12.98 -46.03 -19.91
C GLN D 844 13.54 -44.89 -19.03
N PRO D 845 12.73 -43.88 -18.68
CA PRO D 845 13.24 -42.82 -17.82
C PRO D 845 13.52 -43.32 -16.41
N THR D 846 14.49 -42.67 -15.76
CA THR D 846 14.79 -43.00 -14.38
C THR D 846 13.69 -42.46 -13.47
N ARG D 847 13.73 -42.90 -12.21
CA ARG D 847 12.71 -42.47 -11.25
C ARG D 847 12.79 -40.96 -11.01
N TYR D 848 13.99 -40.41 -10.97
CA TYR D 848 14.15 -38.97 -10.79
C TYR D 848 13.55 -38.20 -11.95
N GLN D 849 13.70 -38.73 -13.17
CA GLN D 849 13.09 -38.08 -14.34
C GLN D 849 11.57 -38.11 -14.25
N GLN D 850 11.00 -39.20 -13.75
CA GLN D 850 9.56 -39.27 -13.58
C GLN D 850 9.07 -38.26 -12.55
N ILE D 851 9.80 -38.12 -11.45
CA ILE D 851 9.44 -37.13 -10.44
C ILE D 851 9.55 -35.72 -11.00
N MET D 852 10.63 -35.44 -11.74
CA MET D 852 10.81 -34.11 -12.30
C MET D 852 9.71 -33.77 -13.30
N LYS D 853 9.33 -34.74 -14.14
CA LYS D 853 8.26 -34.50 -15.10
C LYS D 853 6.94 -34.20 -14.39
N ARG D 854 6.65 -34.90 -13.29
CA ARG D 854 5.43 -34.64 -12.54
C ARG D 854 5.45 -33.24 -11.94
N LEU D 855 6.57 -32.83 -11.37
CA LEU D 855 6.63 -31.54 -10.70
C LEU D 855 6.63 -30.39 -11.71
N ILE D 856 7.26 -30.58 -12.86
CA ILE D 856 7.27 -29.53 -13.88
C ILE D 856 5.89 -29.35 -14.49
N LYS D 857 5.22 -30.45 -14.81
CA LYS D 857 3.83 -30.35 -15.27
C LYS D 857 2.95 -29.76 -14.19
N ARG D 858 3.18 -30.16 -12.93
CA ARG D 858 2.48 -29.53 -11.82
C ARG D 858 2.81 -28.05 -11.72
N TYR D 859 4.03 -27.66 -12.08
CA TYR D 859 4.41 -26.24 -12.05
C TYR D 859 3.76 -25.47 -13.18
N VAL D 860 3.77 -26.04 -14.40
CA VAL D 860 3.23 -25.34 -15.55
C VAL D 860 1.73 -25.10 -15.38
N LEU D 861 1.00 -26.12 -14.93
CA LEU D 861 -0.43 -25.95 -14.70
C LEU D 861 -0.69 -24.98 -13.57
N LYS D 862 0.13 -25.01 -12.52
CA LYS D 862 -0.07 -24.08 -11.39
C LYS D 862 0.25 -22.65 -11.84
N ALA D 863 1.27 -22.49 -12.68
CA ALA D 863 1.59 -21.16 -13.19
C ALA D 863 0.47 -20.62 -14.08
N GLN D 864 -0.14 -21.48 -14.88
CA GLN D 864 -1.24 -21.04 -15.74
C GLN D 864 -2.48 -20.70 -14.92
N VAL D 865 -2.73 -21.42 -13.82
CA VAL D 865 -3.83 -21.06 -12.94
C VAL D 865 -3.56 -19.72 -12.27
N ASP D 866 -2.33 -19.48 -11.84
CA ASP D 866 -2.00 -18.20 -11.22
C ASP D 866 -2.11 -17.06 -12.21
N LYS D 867 -1.79 -17.29 -13.48
CA LYS D 867 -1.97 -16.22 -14.48
C LYS D 867 -3.45 -15.90 -14.60
N GLU D 868 -4.29 -16.94 -14.64
CA GLU D 868 -5.72 -16.70 -14.78
C GLU D 868 -6.32 -16.04 -13.55
N ASN D 869 -5.57 -15.91 -12.46
CA ASN D 869 -6.02 -15.17 -11.29
C ASN D 869 -5.57 -13.72 -11.32
N ASP D 870 -4.79 -13.30 -12.31
CA ASP D 870 -4.39 -11.91 -12.43
C ASP D 870 -5.57 -11.06 -12.87
N GLU D 871 -5.46 -9.75 -12.59
CA GLU D 871 -6.51 -8.82 -12.98
C GLU D 871 -6.62 -8.75 -14.50
N VAL D 872 -7.84 -8.56 -14.98
CA VAL D 872 -8.08 -8.39 -16.41
C VAL D 872 -7.71 -6.97 -16.80
N ASN D 873 -6.96 -6.83 -17.89
CA ASN D 873 -6.54 -5.53 -18.38
C ASN D 873 -7.52 -5.01 -19.43
N GLU D 874 -7.28 -3.78 -19.88
CA GLU D 874 -8.10 -3.23 -20.95
C GLU D 874 -7.90 -3.99 -22.26
N GLY D 875 -6.68 -4.43 -22.53
CA GLY D 875 -6.44 -5.17 -23.77
C GLY D 875 -7.14 -6.51 -23.80
N GLU D 876 -7.25 -7.18 -22.65
CA GLU D 876 -7.98 -8.44 -22.60
C GLU D 876 -9.46 -8.22 -22.84
N LEU D 877 -10.03 -7.14 -22.30
CA LEU D 877 -11.43 -6.82 -22.54
C LEU D 877 -11.66 -6.40 -23.98
N LYS D 878 -10.71 -5.70 -24.58
CA LYS D 878 -10.83 -5.28 -26.01
C LYS D 878 -10.82 -6.52 -26.90
N GLU D 879 -10.14 -7.58 -26.49
CA GLU D 879 -10.18 -8.82 -27.27
C GLU D 879 -11.58 -9.40 -27.33
N ILE D 880 -12.31 -9.36 -26.21
CA ILE D 880 -13.69 -9.82 -26.20
C ILE D 880 -14.58 -8.88 -27.00
N LYS D 881 -14.32 -7.57 -26.91
CA LYS D 881 -15.10 -6.60 -27.68
C LYS D 881 -14.96 -6.86 -29.17
N GLN D 882 -13.78 -7.29 -29.62
CA GLN D 882 -13.59 -7.63 -31.02
C GLN D 882 -14.21 -8.97 -31.37
N ASP D 883 -14.33 -9.88 -30.40
CA ASP D 883 -15.04 -11.13 -30.64
C ASP D 883 -16.50 -10.87 -30.97
N ILE D 884 -17.13 -9.94 -30.26
CA ILE D 884 -18.50 -9.55 -30.58
C ILE D 884 -18.53 -8.81 -31.91
N SER D 885 -17.51 -7.99 -32.18
CA SER D 885 -17.44 -7.28 -33.46
C SER D 885 -17.35 -8.24 -34.63
N SER D 886 -16.48 -9.24 -34.53
CA SER D 886 -16.38 -10.24 -35.59
C SER D 886 -17.65 -11.07 -35.69
N LEU D 887 -18.20 -11.47 -34.54
CA LEU D 887 -19.42 -12.29 -34.54
C LEU D 887 -20.59 -11.54 -35.16
N ARG D 888 -20.69 -10.24 -34.88
CA ARG D 888 -21.79 -9.46 -35.44
C ARG D 888 -21.75 -9.43 -36.96
N TYR D 889 -20.56 -9.27 -37.54
CA TYR D 889 -20.44 -9.23 -38.99
C TYR D 889 -20.76 -10.58 -39.63
N GLU D 890 -20.34 -11.67 -38.99
CA GLU D 890 -20.64 -13.00 -39.52
C GLU D 890 -22.13 -13.29 -39.48
N LEU D 891 -22.79 -12.93 -38.38
CA LEU D 891 -24.21 -13.23 -38.24
C LEU D 891 -25.07 -12.38 -39.15
N LEU D 892 -24.79 -11.08 -39.21
CA LEU D 892 -25.60 -10.19 -40.05
C LEU D 892 -25.50 -10.56 -41.52
N GLU D 893 -24.29 -10.91 -41.97
CA GLU D 893 -24.13 -11.39 -43.34
C GLU D 893 -24.85 -12.72 -43.54
N ASP D 894 -24.80 -13.60 -42.53
CA ASP D 894 -25.52 -14.86 -42.61
C ASP D 894 -27.03 -14.63 -42.69
N LYS D 895 -27.54 -13.66 -41.94
CA LYS D 895 -28.95 -13.29 -42.04
C LYS D 895 -29.28 -12.76 -43.43
N SER D 896 -28.37 -11.99 -44.02
CA SER D 896 -28.56 -11.49 -45.38
C SER D 896 -28.57 -12.63 -46.39
N GLN D 897 -27.83 -13.71 -46.12
CA GLN D 897 -27.85 -14.86 -47.02
C GLN D 897 -29.22 -15.53 -47.04
N ALA D 898 -29.93 -15.54 -45.91
CA ALA D 898 -31.28 -16.07 -45.89
C ALA D 898 -32.21 -15.22 -46.77
N THR D 899 -32.06 -13.90 -46.73
CA THR D 899 -32.93 -13.03 -47.51
C THR D 899 -32.72 -13.23 -49.01
N GLU D 900 -31.46 -13.30 -49.45
CA GLU D 900 -31.20 -13.44 -50.88
C GLU D 900 -31.65 -14.81 -51.40
N GLU D 901 -31.51 -15.86 -50.57
CA GLU D 901 -31.99 -17.18 -50.97
C GLU D 901 -33.50 -17.18 -51.13
N LEU D 902 -34.21 -16.51 -50.22
CA LEU D 902 -35.67 -16.41 -50.35
C LEU D 902 -36.06 -15.43 -51.45
N ALA D 903 -35.23 -14.43 -51.73
CA ALA D 903 -35.52 -13.50 -52.81
C ALA D 903 -35.51 -14.20 -54.16
N ILE D 904 -34.51 -15.05 -54.40
CA ILE D 904 -34.46 -15.80 -55.66
C ILE D 904 -35.44 -16.96 -55.65
N LEU D 905 -35.92 -17.39 -54.48
CA LEU D 905 -36.93 -18.43 -54.44
C LEU D 905 -38.25 -17.94 -55.01
N ILE D 906 -38.55 -16.64 -54.83
CA ILE D 906 -39.79 -16.08 -55.37
C ILE D 906 -39.75 -16.06 -56.89
N HIS D 907 -38.57 -15.81 -57.47
CA HIS D 907 -38.46 -15.77 -58.93
C HIS D 907 -38.84 -17.11 -59.55
N LYS D 908 -38.38 -18.21 -58.97
CA LYS D 908 -38.78 -19.53 -59.47
C LYS D 908 -40.26 -19.78 -59.25
N LEU D 909 -40.79 -19.30 -58.13
CA LEU D 909 -42.21 -19.45 -57.81
C LEU D 909 -43.02 -18.26 -58.34
N GLN E 23 -34.40 20.13 -51.66
CA GLN E 23 -33.72 19.01 -52.37
C GLN E 23 -32.70 19.60 -53.34
N VAL E 24 -31.41 19.31 -53.13
CA VAL E 24 -30.34 19.89 -53.99
C VAL E 24 -30.54 19.36 -55.42
N GLN E 25 -30.29 20.23 -56.40
CA GLN E 25 -30.47 19.81 -57.82
C GLN E 25 -29.08 19.63 -58.44
N LEU E 26 -28.78 18.44 -58.95
CA LEU E 26 -27.46 18.18 -59.57
C LEU E 26 -27.65 17.92 -61.06
N GLN E 27 -26.87 18.58 -61.90
CA GLN E 27 -26.94 18.35 -63.36
C GLN E 27 -25.52 18.12 -63.88
N GLU E 28 -25.31 17.06 -64.67
CA GLU E 28 -23.94 16.72 -65.12
C GLU E 28 -23.70 17.28 -66.52
N SER E 29 -22.46 17.64 -66.83
CA SER E 29 -22.07 18.15 -68.13
C SER E 29 -20.61 17.79 -68.39
N GLY E 30 -20.23 17.85 -69.66
CA GLY E 30 -18.88 17.55 -70.07
C GLY E 30 -18.66 16.17 -70.65
N GLY E 31 -19.65 15.29 -70.54
CA GLY E 31 -19.50 13.95 -71.07
C GLY E 31 -19.56 13.91 -72.58
N GLY E 32 -19.12 12.78 -73.13
CA GLY E 32 -19.11 12.58 -74.56
C GLY E 32 -18.28 11.36 -74.93
N SER E 33 -17.90 11.31 -76.20
CA SER E 33 -17.09 10.22 -76.75
C SER E 33 -15.67 10.69 -76.95
N VAL E 34 -14.73 9.95 -76.37
CA VAL E 34 -13.29 10.31 -76.47
C VAL E 34 -12.50 9.07 -76.92
N GLN E 35 -11.40 9.28 -77.64
CA GLN E 35 -10.55 8.11 -78.03
C GLN E 35 -9.75 7.66 -76.79
N SER E 36 -9.28 6.42 -76.80
CA SER E 36 -8.54 5.89 -75.62
C SER E 36 -7.33 6.78 -75.34
N GLY E 37 -6.89 6.82 -74.09
CA GLY E 37 -5.76 7.64 -73.71
C GLY E 37 -6.03 9.13 -73.73
N GLY E 38 -7.26 9.54 -74.01
CA GLY E 38 -7.60 10.94 -74.09
C GLY E 38 -7.85 11.55 -72.71
N SER E 39 -8.39 12.77 -72.74
CA SER E 39 -8.66 13.51 -71.51
C SER E 39 -10.07 14.08 -71.56
N LEU E 40 -10.77 13.97 -70.44
CA LEU E 40 -12.12 14.53 -70.31
C LEU E 40 -12.23 15.25 -68.98
N ARG E 41 -13.17 16.20 -68.93
CA ARG E 41 -13.45 16.95 -67.68
C ARG E 41 -14.97 17.02 -67.50
N LEU E 42 -15.48 16.42 -66.44
CA LEU E 42 -16.91 16.40 -66.14
C LEU E 42 -17.23 17.51 -65.15
N SER E 43 -18.34 18.21 -65.38
CA SER E 43 -18.78 19.29 -64.52
C SER E 43 -20.13 18.94 -63.92
N CYS E 44 -20.35 19.38 -62.69
CA CYS E 44 -21.59 19.10 -61.96
C CYS E 44 -22.06 20.40 -61.30
N ALA E 45 -23.15 20.96 -61.80
CA ALA E 45 -23.72 22.17 -61.23
C ALA E 45 -24.66 21.79 -60.08
N ALA E 46 -24.42 22.37 -58.90
CA ALA E 46 -25.23 22.01 -57.71
C ALA E 46 -26.13 23.19 -57.33
N SER E 47 -27.41 22.92 -57.04
CA SER E 47 -28.36 23.99 -56.65
C SER E 47 -28.92 23.70 -55.26
N GLY E 48 -28.34 24.30 -54.22
CA GLY E 48 -28.79 24.08 -52.83
C GLY E 48 -27.61 24.24 -51.88
N ASP E 49 -27.84 24.29 -50.57
CA ASP E 49 -26.72 24.56 -49.68
C ASP E 49 -26.24 23.34 -48.91
N LYS E 50 -27.11 22.36 -48.67
CA LYS E 50 -26.72 21.19 -47.85
C LYS E 50 -26.03 20.15 -48.75
N ASN E 51 -24.91 20.52 -49.35
CA ASN E 51 -24.14 19.57 -50.19
C ASN E 51 -22.69 19.60 -49.67
N TYR E 52 -22.52 19.29 -48.39
CA TYR E 52 -21.17 19.32 -47.77
C TYR E 52 -20.36 18.11 -48.24
N TYR E 53 -21.04 17.09 -48.77
CA TYR E 53 -20.35 15.88 -49.28
C TYR E 53 -20.81 15.63 -50.71
N MET E 54 -19.87 15.60 -51.66
CA MET E 54 -20.15 15.32 -53.06
C MET E 54 -19.19 14.26 -53.56
N GLY E 55 -19.59 13.59 -54.64
CA GLY E 55 -18.77 12.54 -55.20
C GLY E 55 -19.22 12.19 -56.60
N TRP E 56 -18.36 11.44 -57.29
CA TRP E 56 -18.63 10.97 -58.64
C TRP E 56 -18.78 9.47 -58.63
N PHE E 57 -19.78 8.97 -59.36
CA PHE E 57 -20.06 7.54 -59.44
C PHE E 57 -20.28 7.16 -60.89
N ARG E 58 -19.77 5.98 -61.25
CA ARG E 58 -19.92 5.46 -62.60
C ARG E 58 -20.74 4.18 -62.54
N GLN E 59 -21.46 3.90 -63.62
CA GLN E 59 -22.26 2.69 -63.74
C GLN E 59 -22.09 2.13 -65.15
N ALA E 60 -21.16 1.20 -65.30
CA ALA E 60 -20.99 0.53 -66.58
C ALA E 60 -22.20 -0.36 -66.88
N PRO E 61 -22.55 -0.52 -68.15
CA PRO E 61 -23.71 -1.35 -68.49
C PRO E 61 -23.55 -2.78 -68.01
N GLY E 62 -24.65 -3.35 -67.51
CA GLY E 62 -24.64 -4.70 -67.01
C GLY E 62 -24.06 -4.87 -65.62
N LYS E 63 -23.68 -3.78 -64.95
CA LYS E 63 -23.11 -3.84 -63.61
C LYS E 63 -23.83 -2.85 -62.71
N GLU E 64 -23.37 -2.76 -61.47
CA GLU E 64 -23.95 -1.85 -60.48
C GLU E 64 -23.16 -0.56 -60.41
N ARG E 65 -23.81 0.47 -59.87
CA ARG E 65 -23.18 1.77 -59.72
C ARG E 65 -22.09 1.70 -58.66
N GLU E 66 -20.89 2.18 -59.00
CA GLU E 66 -19.74 2.11 -58.11
C GLU E 66 -19.10 3.49 -58.00
N GLY E 67 -18.38 3.69 -56.89
CA GLY E 67 -17.77 4.97 -56.64
C GLY E 67 -16.58 5.24 -57.54
N VAL E 68 -16.26 6.53 -57.69
CA VAL E 68 -15.07 6.98 -58.40
C VAL E 68 -14.22 7.89 -57.52
N ALA E 69 -14.83 8.92 -56.95
CA ALA E 69 -14.14 9.83 -56.06
C ALA E 69 -15.16 10.50 -55.16
N ALA E 70 -14.68 11.11 -54.07
CA ALA E 70 -15.53 11.82 -53.15
C ALA E 70 -14.71 12.89 -52.44
N ILE E 71 -15.27 14.10 -52.35
CA ILE E 71 -14.58 15.25 -51.79
C ILE E 71 -15.49 15.94 -50.79
N LYS E 72 -14.92 16.37 -49.67
CA LYS E 72 -15.66 17.08 -48.64
C LYS E 72 -15.71 18.57 -48.98
N SER E 73 -16.23 19.37 -48.05
CA SER E 73 -16.18 20.82 -48.21
C SER E 73 -14.78 21.36 -47.96
N ASP E 74 -14.10 20.83 -46.95
CA ASP E 74 -12.74 21.26 -46.66
C ASP E 74 -11.73 20.79 -47.70
N GLY E 75 -12.13 19.93 -48.62
CA GLY E 75 -11.28 19.50 -49.70
C GLY E 75 -10.66 18.13 -49.53
N GLU E 76 -10.91 17.45 -48.40
CA GLU E 76 -10.40 16.10 -48.23
C GLU E 76 -11.03 15.18 -49.25
N THR E 77 -10.20 14.47 -50.00
CA THR E 77 -10.71 13.63 -51.10
C THR E 77 -10.37 12.18 -50.80
N ARG E 78 -11.18 11.25 -51.31
CA ARG E 78 -10.74 9.85 -51.41
C ARG E 78 -11.17 9.31 -52.78
N TYR E 79 -10.34 8.44 -53.35
CA TYR E 79 -10.62 7.87 -54.69
C TYR E 79 -10.91 6.38 -54.56
N ALA E 80 -11.94 5.90 -55.24
CA ALA E 80 -12.27 4.48 -55.24
C ALA E 80 -11.22 3.70 -56.02
N ASP E 81 -10.74 2.60 -55.43
CA ASP E 81 -9.75 1.73 -56.05
C ASP E 81 -8.43 2.46 -56.30
N SER E 82 -7.48 1.77 -56.92
CA SER E 82 -6.22 2.38 -57.33
C SER E 82 -6.10 2.48 -58.84
N SER E 83 -7.11 2.03 -59.58
CA SER E 83 -7.08 2.19 -61.03
C SER E 83 -7.32 3.64 -61.44
N VAL E 84 -8.18 4.35 -60.70
CA VAL E 84 -8.46 5.74 -61.01
C VAL E 84 -7.52 6.70 -60.30
N THR E 85 -6.79 6.24 -59.28
CA THR E 85 -5.88 7.11 -58.56
C THR E 85 -4.73 7.53 -59.46
N GLY E 86 -4.43 8.84 -59.47
CA GLY E 86 -3.37 9.38 -60.28
C GLY E 86 -3.77 9.79 -61.68
N ARG E 87 -4.92 9.29 -62.14
CA ARG E 87 -5.40 9.61 -63.51
C ARG E 87 -6.73 10.36 -63.43
N PHE E 88 -7.50 10.14 -62.35
CA PHE E 88 -8.76 10.90 -62.16
C PHE E 88 -8.56 11.87 -61.00
N THR E 89 -8.99 13.12 -61.17
CA THR E 89 -8.89 14.13 -60.13
C THR E 89 -10.25 14.78 -59.93
N ILE E 90 -10.69 14.79 -58.67
CA ILE E 90 -11.99 15.44 -58.31
C ILE E 90 -11.65 16.79 -57.67
N SER E 91 -12.46 17.81 -57.93
CA SER E 91 -12.22 19.16 -57.36
C SER E 91 -13.54 19.92 -57.36
N GLN E 92 -13.63 20.96 -56.52
CA GLN E 92 -14.90 21.70 -56.42
C GLN E 92 -14.64 23.20 -56.25
N ASP E 93 -15.27 24.04 -57.07
CA ASP E 93 -15.19 25.48 -56.81
C ASP E 93 -15.67 25.81 -55.42
N ASN E 94 -16.56 24.98 -54.86
CA ASN E 94 -17.09 25.14 -53.51
C ASN E 94 -17.85 26.44 -53.36
N ALA E 95 -17.15 27.57 -53.50
CA ALA E 95 -17.83 28.87 -53.45
C ALA E 95 -18.80 29.01 -54.61
N LYS E 96 -18.41 28.55 -55.80
CA LYS E 96 -19.23 28.69 -56.99
C LYS E 96 -20.17 27.51 -57.22
N LYS E 97 -20.19 26.54 -56.30
CA LYS E 97 -21.15 25.43 -56.32
C LYS E 97 -21.02 24.59 -57.60
N THR E 98 -19.80 24.13 -57.87
CA THR E 98 -19.53 23.29 -59.02
C THR E 98 -18.57 22.18 -58.64
N LEU E 99 -18.82 20.98 -59.17
CA LEU E 99 -17.98 19.82 -58.92
C LEU E 99 -17.35 19.38 -60.23
N TYR E 100 -16.05 19.11 -60.20
CA TYR E 100 -15.30 18.76 -61.40
C TYR E 100 -14.65 17.38 -61.24
N LEU E 101 -14.55 16.65 -62.34
CA LEU E 101 -13.84 15.38 -62.41
C LEU E 101 -12.91 15.42 -63.61
N GLN E 102 -11.62 15.57 -63.36
CA GLN E 102 -10.62 15.59 -64.42
C GLN E 102 -10.19 14.16 -64.71
N MET E 103 -10.53 13.67 -65.91
CA MET E 103 -10.24 12.31 -66.33
C MET E 103 -9.13 12.34 -67.37
N THR E 104 -8.03 11.67 -67.08
CA THR E 104 -6.89 11.58 -67.98
C THR E 104 -6.51 10.11 -68.18
N SER E 105 -5.89 9.83 -69.32
CA SER E 105 -5.49 8.47 -69.70
C SER E 105 -6.69 7.53 -69.70
N LEU E 106 -7.70 7.92 -70.48
CA LEU E 106 -8.93 7.15 -70.54
C LEU E 106 -8.68 5.78 -71.15
N LYS E 107 -9.42 4.78 -70.65
CA LYS E 107 -9.33 3.40 -71.09
C LYS E 107 -10.70 2.90 -71.52
N PRO E 108 -10.76 1.87 -72.37
CA PRO E 108 -12.08 1.36 -72.80
C PRO E 108 -12.96 0.91 -71.65
N GLU E 109 -12.40 0.40 -70.56
CA GLU E 109 -13.22 -0.01 -69.43
C GLU E 109 -13.78 1.17 -68.65
N ASP E 110 -13.32 2.39 -68.93
CA ASP E 110 -13.87 3.58 -68.30
C ASP E 110 -15.19 4.01 -68.91
N THR E 111 -15.62 3.39 -70.00
CA THR E 111 -16.89 3.73 -70.61
C THR E 111 -18.03 3.33 -69.67
N ALA E 112 -18.80 4.31 -69.22
CA ALA E 112 -19.89 4.08 -68.28
C ALA E 112 -20.76 5.34 -68.27
N MET E 113 -21.75 5.35 -67.38
CA MET E 113 -22.58 6.51 -67.13
C MET E 113 -22.14 7.12 -65.80
N TYR E 114 -21.73 8.38 -65.84
CA TYR E 114 -21.13 9.03 -64.68
C TYR E 114 -22.14 9.96 -64.02
N TYR E 115 -22.36 9.75 -62.72
CA TYR E 115 -23.28 10.55 -61.93
C TYR E 115 -22.49 11.32 -60.87
N CYS E 116 -22.95 12.51 -60.55
CA CYS E 116 -22.48 13.24 -59.38
C CYS E 116 -23.58 13.22 -58.32
N ALA E 117 -23.19 12.90 -57.09
CA ALA E 117 -24.13 12.80 -55.99
C ALA E 117 -23.69 13.73 -54.86
N ALA E 118 -24.66 14.20 -54.09
CA ALA E 118 -24.41 15.11 -52.99
C ALA E 118 -25.19 14.66 -51.77
N ASP E 119 -24.66 15.01 -50.59
CA ASP E 119 -25.33 14.69 -49.34
C ASP E 119 -24.86 15.64 -48.27
N ARG E 120 -25.72 15.90 -47.30
CA ARG E 120 -25.39 16.80 -46.21
C ARG E 120 -24.45 16.17 -45.19
N TYR E 121 -24.54 14.85 -45.01
CA TYR E 121 -23.74 14.15 -44.02
C TYR E 121 -23.53 12.71 -44.49
N ILE E 122 -22.37 12.16 -44.20
CA ILE E 122 -22.11 10.76 -44.54
C ILE E 122 -21.74 9.96 -43.30
N GLY E 123 -20.65 10.32 -42.64
CA GLY E 123 -20.22 9.62 -41.45
C GLY E 123 -18.91 8.87 -41.60
N THR E 124 -18.72 7.82 -40.79
CA THR E 124 -17.49 7.03 -40.87
C THR E 124 -17.37 6.25 -42.16
N ARG E 125 -18.45 6.10 -42.91
CA ARG E 125 -18.47 5.38 -44.17
C ARG E 125 -18.17 6.28 -45.36
N TRP E 126 -17.84 7.55 -45.12
CA TRP E 126 -17.55 8.45 -46.22
C TRP E 126 -16.30 8.02 -46.97
N LYS E 127 -15.30 7.55 -46.24
CA LYS E 127 -14.00 7.18 -46.84
C LYS E 127 -14.09 5.90 -47.66
N TYR E 128 -15.29 5.37 -47.89
CA TYR E 128 -15.45 4.19 -48.73
C TYR E 128 -16.02 4.52 -50.10
N VAL E 129 -16.55 5.74 -50.28
CA VAL E 129 -17.20 6.16 -51.53
C VAL E 129 -18.24 5.13 -51.94
N ARG E 130 -19.31 5.04 -51.15
CA ARG E 130 -20.37 4.04 -51.42
C ARG E 130 -21.62 4.77 -51.89
N PRO E 131 -22.22 4.41 -53.04
CA PRO E 131 -23.38 5.13 -53.58
C PRO E 131 -24.56 5.22 -52.64
N GLU E 132 -24.75 4.24 -51.77
CA GLU E 132 -25.92 4.23 -50.89
C GLU E 132 -25.87 5.30 -49.80
N ASP E 133 -24.74 5.97 -49.63
CA ASP E 133 -24.61 7.01 -48.61
C ASP E 133 -24.98 8.40 -49.12
N TYR E 134 -25.32 8.54 -50.40
CA TYR E 134 -25.61 9.83 -50.99
C TYR E 134 -27.08 9.89 -51.36
N SER E 135 -27.74 10.98 -50.96
CA SER E 135 -29.19 11.11 -51.10
C SER E 135 -29.62 11.82 -52.37
N TYR E 136 -28.87 12.81 -52.83
CA TYR E 136 -29.23 13.60 -54.00
C TYR E 136 -28.34 13.19 -55.17
N TRP E 137 -28.97 12.93 -56.32
CA TRP E 137 -28.26 12.44 -57.49
C TRP E 137 -28.61 13.28 -58.71
N GLY E 138 -27.64 13.39 -59.62
CA GLY E 138 -27.88 14.01 -60.90
C GLY E 138 -28.44 13.03 -61.91
N GLN E 139 -28.67 13.52 -63.11
CA GLN E 139 -29.20 12.68 -64.18
C GLN E 139 -28.14 11.75 -64.77
N GLY E 140 -26.87 12.13 -64.70
CA GLY E 140 -25.81 11.31 -65.24
C GLY E 140 -25.48 11.63 -66.69
N THR E 141 -24.20 11.60 -67.02
CA THR E 141 -23.74 11.88 -68.37
C THR E 141 -22.95 10.69 -68.89
N GLN E 142 -23.19 10.32 -70.15
CA GLN E 142 -22.57 9.14 -70.73
C GLN E 142 -21.18 9.47 -71.23
N VAL E 143 -20.21 8.66 -70.81
CA VAL E 143 -18.83 8.76 -71.26
C VAL E 143 -18.49 7.47 -71.99
N THR E 144 -18.12 7.58 -73.27
CA THR E 144 -17.77 6.38 -74.07
C THR E 144 -16.32 6.51 -74.56
N VAL E 145 -15.40 5.78 -73.95
CA VAL E 145 -13.97 5.81 -74.38
C VAL E 145 -13.76 4.72 -75.44
N SER E 146 -13.33 5.13 -76.63
CA SER E 146 -13.13 4.16 -77.73
C SER E 146 -11.62 3.97 -77.94
N SER E 147 -11.18 2.71 -78.06
CA SER E 147 -9.74 2.43 -78.31
C SER E 147 -9.49 2.43 -79.82
N GLY F 97 -40.99 16.03 -6.36
CA GLY F 97 -40.11 15.20 -5.56
C GLY F 97 -38.69 15.72 -5.50
N PRO F 98 -37.91 15.48 -6.55
CA PRO F 98 -36.55 15.99 -6.58
C PRO F 98 -36.51 17.51 -6.54
N ALA F 99 -35.48 18.04 -5.87
CA ALA F 99 -35.32 19.49 -5.79
C ALA F 99 -35.06 20.10 -7.15
N PHE F 100 -34.24 19.45 -7.97
CA PHE F 100 -33.86 19.97 -9.28
C PHE F 100 -34.36 19.03 -10.36
N MET F 101 -35.01 19.59 -11.37
CA MET F 101 -35.47 18.86 -12.54
C MET F 101 -34.56 19.20 -13.71
N PHE F 102 -33.62 18.31 -14.01
CA PHE F 102 -32.60 18.56 -15.02
C PHE F 102 -33.10 18.35 -16.44
N ASN F 103 -34.30 17.82 -16.62
CA ASN F 103 -34.83 17.57 -17.97
C ASN F 103 -35.28 18.87 -18.63
N THR F 107 -44.22 18.21 -20.48
CA THR F 107 -42.95 17.99 -19.76
C THR F 107 -42.85 16.53 -19.32
N SER F 108 -43.81 15.69 -19.75
CA SER F 108 -43.83 14.28 -19.30
C SER F 108 -43.03 13.42 -20.28
N LEU F 109 -42.65 13.96 -21.44
CA LEU F 109 -41.97 13.18 -22.50
C LEU F 109 -42.99 12.23 -23.14
N THR F 110 -43.35 12.46 -24.39
CA THR F 110 -44.40 11.65 -25.07
C THR F 110 -43.94 10.19 -25.18
N ALA F 111 -44.87 9.30 -25.48
CA ALA F 111 -44.54 7.87 -25.65
C ALA F 111 -43.54 7.70 -26.80
N GLU F 112 -43.73 8.48 -27.88
CA GLU F 112 -42.82 8.41 -29.06
C GLU F 112 -41.42 8.81 -28.62
N GLU F 113 -41.31 9.84 -27.79
CA GLU F 113 -39.99 10.33 -27.32
C GLU F 113 -39.45 9.36 -26.27
N GLU F 114 -40.31 8.81 -25.40
CA GLU F 114 -39.81 7.80 -24.46
C GLU F 114 -39.27 6.59 -25.20
N ARG F 115 -40.00 6.12 -26.21
CA ARG F 115 -39.54 4.99 -27.00
C ARG F 115 -38.27 5.33 -27.78
N PHE F 116 -38.22 6.55 -28.33
CA PHE F 116 -37.07 6.95 -29.13
C PHE F 116 -35.81 7.07 -28.28
N LEU F 117 -35.93 7.64 -27.09
CA LEU F 117 -34.77 7.81 -26.23
C LEU F 117 -34.21 6.48 -25.75
N ASP F 118 -35.09 5.54 -25.40
CA ASP F 118 -34.62 4.21 -25.00
C ASP F 118 -33.95 3.50 -26.15
N ALA F 119 -34.50 3.62 -27.36
CA ALA F 119 -33.90 2.97 -28.51
C ALA F 119 -32.50 3.49 -28.78
N ALA F 120 -32.31 4.81 -28.68
CA ALA F 120 -30.99 5.38 -28.88
C ALA F 120 -30.04 5.00 -27.75
N GLU F 121 -30.53 4.98 -26.51
CA GLU F 121 -29.67 4.70 -25.37
C GLU F 121 -29.19 3.25 -25.36
N TYR F 122 -30.05 2.31 -25.72
CA TYR F 122 -29.72 0.90 -25.69
C TYR F 122 -29.37 0.34 -27.06
N GLY F 123 -29.17 1.20 -28.05
CA GLY F 123 -28.74 0.76 -29.36
C GLY F 123 -29.75 -0.07 -30.12
N ASN F 124 -31.03 0.29 -30.05
CA ASN F 124 -32.07 -0.38 -30.82
C ASN F 124 -32.07 0.23 -32.22
N ILE F 125 -31.09 -0.19 -33.02
CA ILE F 125 -30.91 0.40 -34.35
C ILE F 125 -32.16 0.24 -35.23
N PRO F 126 -32.80 -0.94 -35.30
CA PRO F 126 -34.02 -1.03 -36.12
C PRO F 126 -35.10 -0.05 -35.73
N VAL F 127 -35.29 0.18 -34.42
CA VAL F 127 -36.30 1.13 -33.98
C VAL F 127 -35.85 2.56 -34.23
N VAL F 128 -34.58 2.86 -33.95
CA VAL F 128 -34.06 4.21 -34.18
C VAL F 128 -34.19 4.58 -35.65
N ARG F 129 -33.81 3.67 -36.54
CA ARG F 129 -33.91 3.95 -37.96
C ARG F 129 -35.36 4.12 -38.40
N LYS F 130 -36.26 3.27 -37.88
CA LYS F 130 -37.66 3.34 -38.28
C LYS F 130 -38.29 4.66 -37.86
N MET F 131 -38.01 5.11 -36.64
CA MET F 131 -38.62 6.34 -36.15
C MET F 131 -38.08 7.57 -36.87
N LEU F 132 -36.79 7.57 -37.19
CA LEU F 132 -36.22 8.70 -37.92
C LEU F 132 -36.71 8.77 -39.35
N GLU F 133 -37.32 7.70 -39.87
CA GLU F 133 -37.81 7.67 -41.24
C GLU F 133 -39.28 8.05 -41.34
N GLU F 134 -40.15 7.30 -40.65
CA GLU F 134 -41.60 7.53 -40.85
C GLU F 134 -42.18 8.57 -39.92
N SER F 135 -41.66 8.70 -38.70
CA SER F 135 -42.29 9.59 -37.73
C SER F 135 -42.16 11.04 -38.17
N LYS F 136 -43.27 11.77 -38.12
CA LYS F 136 -43.26 13.19 -38.52
C LYS F 136 -43.63 14.03 -37.30
N THR F 137 -43.88 13.36 -36.17
CA THR F 137 -44.31 14.07 -34.93
C THR F 137 -43.26 13.89 -33.85
N LEU F 138 -42.00 13.61 -34.23
CA LEU F 138 -40.95 13.33 -33.21
C LEU F 138 -39.93 14.47 -33.13
N ASN F 139 -39.54 14.87 -31.91
CA ASN F 139 -38.49 15.90 -31.71
C ASN F 139 -37.20 15.18 -31.32
N VAL F 140 -36.23 15.09 -32.24
CA VAL F 140 -34.97 14.33 -31.98
C VAL F 140 -34.26 14.93 -30.78
N ASN F 141 -34.63 16.16 -30.39
CA ASN F 141 -33.94 16.87 -29.33
C ASN F 141 -34.59 16.68 -27.97
N CYS F 142 -35.48 15.70 -27.83
CA CYS F 142 -36.06 15.38 -26.53
C CYS F 142 -34.98 14.88 -25.58
N VAL F 143 -35.13 15.22 -24.30
CA VAL F 143 -34.11 14.94 -23.30
C VAL F 143 -34.68 13.98 -22.25
N ASP F 144 -33.77 13.27 -21.59
CA ASP F 144 -34.14 12.35 -20.51
C ASP F 144 -34.07 13.10 -19.18
N TYR F 145 -34.11 12.36 -18.07
CA TYR F 145 -34.17 12.98 -16.76
C TYR F 145 -32.91 13.79 -16.43
N MET F 146 -31.81 13.55 -17.13
CA MET F 146 -30.58 14.30 -16.93
C MET F 146 -30.33 15.32 -18.03
N GLY F 147 -31.32 15.60 -18.87
CA GLY F 147 -31.15 16.54 -19.96
C GLY F 147 -30.21 16.08 -21.05
N GLN F 148 -30.19 14.78 -21.33
CA GLN F 148 -29.36 14.20 -22.38
C GLN F 148 -30.27 13.76 -23.52
N ASN F 149 -30.03 14.28 -24.72
CA ASN F 149 -30.86 13.92 -25.87
C ASN F 149 -30.37 12.59 -26.44
N ALA F 150 -30.92 12.20 -27.59
CA ALA F 150 -30.60 10.91 -28.16
C ALA F 150 -29.12 10.81 -28.53
N LEU F 151 -28.57 11.88 -29.10
CA LEU F 151 -27.16 11.85 -29.51
C LEU F 151 -26.24 11.66 -28.31
N GLN F 152 -26.50 12.35 -27.21
CA GLN F 152 -25.65 12.22 -26.04
C GLN F 152 -25.80 10.86 -25.39
N LEU F 153 -27.00 10.28 -25.44
CA LEU F 153 -27.19 8.93 -24.91
C LEU F 153 -26.52 7.89 -25.77
N ALA F 154 -26.61 8.03 -27.10
CA ALA F 154 -25.97 7.08 -27.99
C ALA F 154 -24.44 7.17 -27.91
N VAL F 155 -23.90 8.38 -27.82
CA VAL F 155 -22.45 8.55 -27.73
C VAL F 155 -21.95 7.99 -26.41
N GLY F 156 -22.68 8.23 -25.32
CA GLY F 156 -22.24 7.74 -24.02
C GLY F 156 -22.16 6.23 -23.94
N ASN F 157 -23.06 5.53 -24.63
CA ASN F 157 -23.08 4.07 -24.64
C ASN F 157 -22.34 3.48 -25.83
N GLU F 158 -21.70 4.32 -26.65
CA GLU F 158 -20.91 3.88 -27.79
C GLU F 158 -21.77 3.12 -28.80
N HIS F 159 -22.78 3.82 -29.32
CA HIS F 159 -23.65 3.28 -30.37
C HIS F 159 -23.32 4.05 -31.64
N LEU F 160 -22.33 3.55 -32.38
CA LEU F 160 -21.88 4.23 -33.60
C LEU F 160 -22.99 4.22 -34.65
N GLU F 161 -23.67 3.09 -34.82
CA GLU F 161 -24.71 3.01 -35.84
C GLU F 161 -25.87 3.95 -35.53
N VAL F 162 -26.26 4.04 -34.26
CA VAL F 162 -27.29 5.00 -33.87
C VAL F 162 -26.78 6.42 -34.04
N THR F 163 -25.51 6.67 -33.72
CA THR F 163 -24.95 8.01 -33.82
C THR F 163 -25.01 8.53 -35.25
N GLU F 164 -24.66 7.69 -36.23
CA GLU F 164 -24.70 8.13 -37.62
C GLU F 164 -26.12 8.32 -38.11
N LEU F 165 -27.06 7.52 -37.62
CA LEU F 165 -28.47 7.72 -37.97
C LEU F 165 -28.98 9.05 -37.44
N LEU F 166 -28.62 9.40 -36.21
CA LEU F 166 -29.06 10.67 -35.63
C LEU F 166 -28.45 11.85 -36.38
N LEU F 167 -27.16 11.76 -36.72
CA LEU F 167 -26.48 12.86 -37.38
C LEU F 167 -26.98 13.08 -38.81
N LYS F 168 -27.63 12.08 -39.40
CA LYS F 168 -28.23 12.30 -40.74
C LYS F 168 -29.44 13.21 -40.57
N LYS F 169 -30.10 13.14 -39.41
CA LYS F 169 -31.24 13.98 -39.15
C LYS F 169 -30.76 15.41 -38.88
N GLU F 170 -31.24 16.36 -39.68
CA GLU F 170 -30.88 17.75 -39.48
C GLU F 170 -31.51 18.27 -38.19
N ASN F 171 -31.26 19.55 -37.89
CA ASN F 171 -31.76 20.21 -36.68
C ASN F 171 -31.55 19.37 -35.43
N LEU F 172 -30.46 18.60 -35.40
CA LEU F 172 -30.07 17.84 -34.22
C LEU F 172 -29.19 18.69 -33.34
N ALA F 173 -29.43 18.65 -32.04
CA ALA F 173 -28.76 19.50 -31.08
C ALA F 173 -27.63 18.75 -30.38
N ARG F 174 -26.87 19.51 -29.58
CA ARG F 174 -25.76 18.98 -28.77
C ARG F 174 -24.70 18.29 -29.63
N ILE F 175 -24.46 18.82 -30.82
CA ILE F 175 -23.40 18.28 -31.67
C ILE F 175 -22.04 18.51 -31.03
N GLY F 176 -21.81 19.71 -30.51
CA GLY F 176 -20.51 20.02 -29.93
C GLY F 176 -20.23 19.24 -28.67
N ASP F 177 -21.25 19.04 -27.82
CA ASP F 177 -21.05 18.28 -26.60
C ASP F 177 -20.83 16.80 -26.87
N ALA F 178 -21.50 16.26 -27.89
CA ALA F 178 -21.33 14.85 -28.20
C ALA F 178 -19.91 14.56 -28.63
N LEU F 179 -19.27 15.49 -29.35
CA LEU F 179 -17.86 15.30 -29.70
C LEU F 179 -16.99 15.27 -28.46
N LEU F 180 -17.22 16.21 -27.54
CA LEU F 180 -16.43 16.23 -26.31
C LEU F 180 -16.70 14.99 -25.48
N LEU F 181 -17.94 14.54 -25.43
CA LEU F 181 -18.26 13.30 -24.73
C LEU F 181 -17.58 12.11 -25.37
N ALA F 182 -17.58 12.05 -26.71
CA ALA F 182 -16.91 10.96 -27.40
C ALA F 182 -15.40 11.02 -27.22
N ILE F 183 -14.82 12.22 -27.29
CA ILE F 183 -13.39 12.37 -27.09
C ILE F 183 -12.99 11.96 -25.68
N SER F 184 -13.81 12.33 -24.69
CA SER F 184 -13.50 12.00 -23.30
C SER F 184 -13.46 10.50 -23.08
N LYS F 185 -14.36 9.76 -23.72
CA LYS F 185 -14.40 8.32 -23.60
C LYS F 185 -13.51 7.61 -24.61
N GLY F 186 -12.87 8.36 -25.50
CA GLY F 186 -11.98 7.79 -26.49
C GLY F 186 -12.64 6.92 -27.53
N TYR F 187 -13.86 7.26 -27.93
CA TYR F 187 -14.58 6.51 -28.96
C TYR F 187 -14.15 7.06 -30.31
N VAL F 188 -13.07 6.48 -30.85
CA VAL F 188 -12.45 7.02 -32.06
C VAL F 188 -13.41 6.97 -33.24
N ARG F 189 -14.15 5.87 -33.37
CA ARG F 189 -15.07 5.74 -34.49
C ARG F 189 -16.21 6.74 -34.37
N ILE F 190 -16.72 6.97 -33.16
CA ILE F 190 -17.77 7.96 -32.97
C ILE F 190 -17.23 9.37 -33.22
N VAL F 191 -15.98 9.63 -32.83
CA VAL F 191 -15.40 10.96 -33.00
C VAL F 191 -15.36 11.33 -34.47
N GLU F 192 -14.89 10.42 -35.32
CA GLU F 192 -14.82 10.74 -36.75
C GLU F 192 -16.21 10.78 -37.38
N ALA F 193 -17.20 10.14 -36.77
CA ALA F 193 -18.57 10.30 -37.24
C ALA F 193 -19.11 11.68 -36.90
N ILE F 194 -18.83 12.16 -35.69
CA ILE F 194 -19.27 13.49 -35.29
C ILE F 194 -18.49 14.57 -36.03
N LEU F 195 -17.18 14.37 -36.17
CA LEU F 195 -16.31 15.38 -36.85
C LEU F 195 -16.71 15.46 -38.32
N ASN F 196 -17.63 14.59 -38.74
CA ASN F 196 -18.13 14.60 -40.13
C ASN F 196 -19.53 15.21 -40.10
N HIS F 197 -19.77 16.10 -39.15
CA HIS F 197 -21.06 16.82 -39.10
C HIS F 197 -20.78 18.23 -39.61
N PRO F 198 -21.59 18.77 -40.52
CA PRO F 198 -21.27 20.08 -41.12
C PRO F 198 -20.99 21.18 -40.10
N GLY F 199 -21.36 20.98 -38.84
CA GLY F 199 -20.96 21.93 -37.81
C GLY F 199 -19.45 21.99 -37.63
N PHE F 200 -18.77 20.86 -37.83
CA PHE F 200 -17.31 20.80 -37.76
C PHE F 200 -16.64 20.81 -39.12
N ALA F 201 -17.17 20.02 -40.07
CA ALA F 201 -16.52 19.89 -41.37
C ALA F 201 -16.52 21.20 -42.13
N ALA F 202 -17.66 21.88 -42.19
CA ALA F 202 -17.76 23.10 -42.98
C ALA F 202 -17.12 24.30 -42.29
N SER F 203 -17.13 24.33 -40.95
CA SER F 203 -16.63 25.48 -40.21
C SER F 203 -15.19 25.23 -39.76
N LYS F 204 -14.66 26.14 -38.97
CA LYS F 204 -13.29 26.09 -38.47
C LYS F 204 -13.27 26.03 -36.95
N ARG F 205 -14.21 25.29 -36.37
CA ARG F 205 -14.30 25.22 -34.91
C ARG F 205 -13.11 24.51 -34.30
N LEU F 206 -12.53 23.53 -35.01
CA LEU F 206 -11.38 22.82 -34.48
C LEU F 206 -10.13 23.69 -34.48
N THR F 207 -9.99 24.58 -35.47
CA THR F 207 -8.79 25.39 -35.59
C THR F 207 -8.76 26.54 -34.60
N LEU F 208 -9.91 27.13 -34.27
CA LEU F 208 -9.92 28.35 -33.47
C LEU F 208 -9.53 28.06 -32.03
N SER F 209 -8.95 29.08 -31.38
CA SER F 209 -8.44 28.93 -29.99
C SER F 209 -9.57 28.87 -28.96
N PRO F 210 -9.30 28.51 -27.68
CA PRO F 210 -10.32 28.52 -26.65
C PRO F 210 -10.86 29.95 -26.45
N CYS F 211 -9.99 30.94 -26.54
CA CYS F 211 -10.41 32.36 -26.41
C CYS F 211 -11.34 32.73 -27.57
N GLU F 212 -10.91 32.45 -28.81
CA GLU F 212 -11.76 32.75 -30.00
C GLU F 212 -13.07 31.96 -29.87
N GLN F 213 -13.00 30.75 -29.30
CA GLN F 213 -14.22 29.93 -29.10
C GLN F 213 -15.17 30.67 -28.17
N GLU F 214 -14.64 31.29 -27.12
CA GLU F 214 -15.50 31.96 -26.10
C GLU F 214 -15.93 33.35 -26.60
N LEU F 215 -15.64 33.67 -27.86
CA LEU F 215 -16.08 34.97 -28.44
C LEU F 215 -17.24 34.69 -29.39
N GLN F 216 -17.35 33.46 -29.88
CA GLN F 216 -18.44 33.09 -30.84
C GLN F 216 -19.78 33.14 -30.11
N ASP F 217 -19.84 32.61 -28.88
CA ASP F 217 -21.09 32.61 -28.09
C ASP F 217 -22.22 31.99 -28.92
N ASP F 218 -21.95 30.83 -29.54
CA ASP F 218 -22.98 30.13 -30.35
C ASP F 218 -23.52 28.96 -29.55
N ASP F 219 -22.97 28.74 -28.35
CA ASP F 219 -23.43 27.63 -27.49
C ASP F 219 -23.41 26.33 -28.29
N PHE F 220 -22.32 26.07 -29.02
CA PHE F 220 -22.21 24.85 -29.85
C PHE F 220 -21.85 23.67 -28.95
N TYR F 221 -20.99 23.90 -27.95
CA TYR F 221 -20.53 22.80 -27.09
C TYR F 221 -21.36 22.76 -25.81
N ALA F 222 -22.56 23.33 -25.84
CA ALA F 222 -23.44 23.34 -24.66
C ALA F 222 -24.08 21.96 -24.49
N TYR F 223 -24.14 21.45 -23.26
CA TYR F 223 -24.76 20.13 -22.98
C TYR F 223 -26.17 20.33 -22.45
N ASP F 224 -26.59 21.58 -22.22
CA ASP F 224 -27.93 21.87 -21.68
C ASP F 224 -28.25 23.34 -21.87
N GLU F 225 -29.39 23.79 -21.36
CA GLU F 225 -29.81 25.19 -21.55
C GLU F 225 -28.73 26.15 -21.10
N ASP F 226 -28.06 25.86 -19.98
CA ASP F 226 -26.98 26.71 -19.49
C ASP F 226 -25.83 25.83 -19.03
N GLY F 227 -24.68 26.00 -19.65
CA GLY F 227 -23.46 25.32 -19.23
C GLY F 227 -22.96 24.35 -20.27
N THR F 228 -21.75 23.84 -19.99
CA THR F 228 -21.09 22.85 -20.83
C THR F 228 -20.65 21.69 -19.94
N ARG F 229 -20.45 20.53 -20.57
CA ARG F 229 -20.04 19.35 -19.81
C ARG F 229 -18.67 19.56 -19.18
N PHE F 230 -17.73 20.12 -19.94
CA PHE F 230 -16.40 20.45 -19.46
C PHE F 230 -16.26 21.97 -19.39
N SER F 231 -15.10 22.41 -18.92
CA SER F 231 -14.85 23.83 -18.81
C SER F 231 -14.91 24.47 -20.19
N PRO F 232 -15.46 25.68 -20.32
CA PRO F 232 -15.57 26.29 -21.66
C PRO F 232 -14.23 26.51 -22.34
N ASP F 233 -13.16 26.62 -21.57
CA ASP F 233 -11.83 26.80 -22.15
C ASP F 233 -11.27 25.52 -22.75
N ILE F 234 -11.90 24.38 -22.49
CA ILE F 234 -11.42 23.09 -22.98
C ILE F 234 -11.96 22.88 -24.39
N THR F 235 -11.07 22.93 -25.36
CA THR F 235 -11.39 22.67 -26.76
C THR F 235 -11.31 21.18 -27.04
N PRO F 236 -11.76 20.72 -28.21
CA PRO F 236 -11.61 19.30 -28.53
C PRO F 236 -10.17 18.81 -28.46
N ILE F 237 -9.21 19.60 -28.93
CA ILE F 237 -7.82 19.17 -28.92
C ILE F 237 -7.27 19.12 -27.49
N ILE F 238 -7.64 20.10 -26.67
CA ILE F 238 -7.19 20.11 -25.28
C ILE F 238 -7.79 18.93 -24.53
N LEU F 239 -9.08 18.64 -24.75
CA LEU F 239 -9.71 17.51 -24.09
C LEU F 239 -9.07 16.20 -24.51
N ALA F 240 -8.79 16.04 -25.80
CA ALA F 240 -8.13 14.83 -26.27
C ALA F 240 -6.74 14.68 -25.65
N ALA F 241 -6.01 15.79 -25.55
CA ALA F 241 -4.71 15.75 -24.88
C ALA F 241 -4.85 15.43 -23.40
N HIS F 242 -5.87 16.00 -22.74
CA HIS F 242 -6.08 15.73 -21.31
C HIS F 242 -6.31 14.23 -21.08
N CYS F 243 -7.16 13.62 -21.89
CA CYS F 243 -7.47 12.21 -21.76
C CYS F 243 -6.39 11.31 -22.33
N GLN F 244 -5.40 11.87 -23.02
CA GLN F 244 -4.29 11.13 -23.62
C GLN F 244 -4.80 10.09 -24.62
N LYS F 245 -5.62 10.55 -25.54
CA LYS F 245 -6.13 9.73 -26.64
C LYS F 245 -5.23 9.99 -27.85
N TYR F 246 -4.27 9.10 -28.07
CA TYR F 246 -3.27 9.33 -29.11
C TYR F 246 -3.90 9.39 -30.49
N GLU F 247 -4.88 8.52 -30.76
CA GLU F 247 -5.50 8.54 -32.08
C GLU F 247 -6.43 9.72 -32.26
N VAL F 248 -7.11 10.14 -31.20
CA VAL F 248 -7.99 11.31 -31.30
C VAL F 248 -7.17 12.58 -31.47
N VAL F 249 -6.05 12.70 -30.76
CA VAL F 249 -5.18 13.85 -30.92
C VAL F 249 -4.66 13.92 -32.34
N HIS F 250 -4.26 12.78 -32.91
CA HIS F 250 -3.80 12.74 -34.29
C HIS F 250 -4.89 13.20 -35.26
N MET F 251 -6.12 12.72 -35.05
CA MET F 251 -7.23 13.11 -35.93
C MET F 251 -7.47 14.61 -35.86
N LEU F 252 -7.44 15.18 -34.66
CA LEU F 252 -7.65 16.61 -34.51
C LEU F 252 -6.46 17.41 -35.05
N LEU F 253 -5.25 16.90 -34.87
CA LEU F 253 -4.08 17.56 -35.41
C LEU F 253 -4.11 17.56 -36.95
N MET F 254 -4.60 16.49 -37.55
CA MET F 254 -4.74 16.45 -39.00
C MET F 254 -5.70 17.52 -39.51
N LYS F 255 -6.68 17.90 -38.68
CA LYS F 255 -7.64 18.93 -39.04
C LYS F 255 -7.11 20.34 -38.83
N GLY F 256 -5.96 20.50 -38.17
CA GLY F 256 -5.40 21.80 -37.90
C GLY F 256 -5.57 22.29 -36.49
N ALA F 257 -6.03 21.46 -35.56
CA ALA F 257 -6.24 21.88 -34.18
C ALA F 257 -4.90 21.95 -33.44
N ARG F 258 -4.68 23.05 -32.73
CA ARG F 258 -3.49 23.24 -31.92
C ARG F 258 -3.92 23.77 -30.55
N ILE F 259 -3.04 23.56 -29.57
CA ILE F 259 -3.29 24.13 -28.22
C ILE F 259 -2.61 25.50 -28.25
N GLU F 260 -3.31 26.58 -27.93
CA GLU F 260 -2.61 27.90 -27.86
C GLU F 260 -1.87 27.96 -26.52
N ARG F 261 -0.61 28.38 -26.51
CA ARG F 261 0.13 28.54 -25.23
C ARG F 261 -0.54 29.66 -24.42
N PRO F 262 -0.67 29.52 -23.09
CA PRO F 262 -1.40 30.50 -22.27
C PRO F 262 -0.73 31.86 -21.99
N HIS F 263 0.34 32.21 -22.70
CA HIS F 263 1.08 33.49 -22.46
C HIS F 263 1.82 33.41 -21.12
N ASP F 264 2.64 34.43 -20.83
CA ASP F 264 3.35 34.45 -19.55
C ASP F 264 2.40 34.91 -18.45
N TYR F 265 2.74 34.57 -17.20
CA TYR F 265 1.92 34.98 -16.08
C TYR F 265 1.87 36.50 -15.95
N PHE F 266 3.01 37.16 -16.11
CA PHE F 266 3.07 38.62 -16.05
C PHE F 266 2.98 39.21 -17.45
N CYS F 267 1.89 38.87 -18.13
CA CYS F 267 1.62 39.36 -19.47
C CYS F 267 0.72 40.58 -19.40
N LYS F 268 1.12 41.66 -20.05
CA LYS F 268 0.39 42.92 -20.00
C LYS F 268 -0.35 43.20 -21.31
N CYS F 269 -0.63 42.16 -22.09
CA CYS F 269 -1.39 42.34 -23.32
C CYS F 269 -2.85 42.64 -22.98
N GLY F 270 -3.61 43.03 -24.02
CA GLY F 270 -5.00 43.36 -23.82
C GLY F 270 -5.82 42.18 -23.33
N ASP F 271 -5.56 40.99 -23.89
CA ASP F 271 -6.35 39.81 -23.51
C ASP F 271 -6.06 39.40 -22.07
N CYS F 272 -4.79 39.30 -21.70
CA CYS F 272 -4.46 38.86 -20.34
C CYS F 272 -4.86 39.90 -19.30
N MET F 273 -4.86 41.19 -19.67
CA MET F 273 -5.25 42.22 -18.72
C MET F 273 -6.76 42.20 -18.49
N GLU F 274 -7.56 42.09 -19.56
CA GLU F 274 -9.01 42.14 -19.41
C GLU F 274 -9.59 40.85 -18.86
N LYS F 275 -8.94 39.71 -19.11
CA LYS F 275 -9.42 38.45 -18.57
C LYS F 275 -9.14 38.34 -17.07
N GLN F 276 -7.94 38.78 -16.64
CA GLN F 276 -7.64 38.82 -15.22
C GLN F 276 -8.54 39.79 -14.48
N ARG F 277 -8.78 40.96 -15.08
CA ARG F 277 -9.65 41.95 -14.45
C ARG F 277 -11.08 41.43 -14.33
N HIS F 278 -11.58 40.75 -15.37
CA HIS F 278 -12.95 40.26 -15.37
C HIS F 278 -13.17 39.22 -14.28
N ASP F 279 -12.47 38.09 -14.36
CA ASP F 279 -12.73 36.96 -13.47
C ASP F 279 -11.55 36.61 -12.59
N SER F 280 -10.38 36.38 -13.19
CA SER F 280 -9.13 36.08 -12.49
C SER F 280 -9.14 34.67 -11.90
N PHE F 281 -10.27 33.99 -11.96
CA PHE F 281 -10.37 32.57 -11.60
C PHE F 281 -10.62 31.68 -12.78
N SER F 282 -11.47 32.11 -13.72
CA SER F 282 -11.57 31.42 -15.00
C SER F 282 -10.25 31.49 -15.75
N HIS F 283 -9.61 32.67 -15.73
CA HIS F 283 -8.33 32.83 -16.41
C HIS F 283 -7.26 31.93 -15.79
N SER F 284 -7.23 31.85 -14.47
CA SER F 284 -6.25 30.98 -13.81
C SER F 284 -6.51 29.52 -14.13
N ARG F 285 -7.78 29.10 -14.16
CA ARG F 285 -8.09 27.72 -14.49
C ARG F 285 -7.94 27.45 -15.98
N SER F 286 -8.14 28.47 -16.82
CA SER F 286 -8.00 28.29 -18.26
C SER F 286 -6.55 27.98 -18.64
N ARG F 287 -5.59 28.66 -18.02
CA ARG F 287 -4.20 28.42 -18.36
C ARG F 287 -3.70 27.08 -17.83
N ILE F 288 -4.25 26.60 -16.72
CA ILE F 288 -3.92 25.26 -16.24
C ILE F 288 -4.38 24.22 -17.22
N ASN F 289 -5.61 24.37 -17.75
CA ASN F 289 -6.13 23.42 -18.72
C ASN F 289 -5.30 23.41 -20.00
N ALA F 290 -4.88 24.60 -20.47
CA ALA F 290 -4.05 24.66 -21.66
C ALA F 290 -2.70 23.98 -21.42
N TYR F 291 -2.10 24.22 -20.25
CA TYR F 291 -0.83 23.57 -19.94
C TYR F 291 -1.00 22.10 -19.64
N LYS F 292 -2.17 21.70 -19.13
CA LYS F 292 -2.42 20.28 -18.90
C LYS F 292 -2.51 19.51 -20.20
N GLY F 293 -2.87 20.18 -21.29
CA GLY F 293 -2.89 19.55 -22.60
C GLY F 293 -1.53 19.64 -23.28
N LEU F 294 -0.81 20.73 -23.06
CA LEU F 294 0.54 20.85 -23.59
C LEU F 294 1.47 19.83 -22.97
N ALA F 295 1.32 19.57 -21.68
CA ALA F 295 2.17 18.65 -20.95
C ALA F 295 1.75 17.19 -21.09
N SER F 296 0.80 16.89 -21.97
CA SER F 296 0.40 15.50 -22.09
C SER F 296 1.30 14.78 -23.08
N PRO F 297 1.69 13.54 -22.78
CA PRO F 297 2.49 12.77 -23.75
C PRO F 297 1.78 12.54 -25.07
N ALA F 298 0.45 12.51 -25.07
CA ALA F 298 -0.29 12.36 -26.32
C ALA F 298 -0.05 13.54 -27.25
N TYR F 299 -0.04 14.75 -26.71
CA TYR F 299 0.19 15.94 -27.50
C TYR F 299 1.66 16.27 -27.67
N LEU F 300 2.50 15.93 -26.69
CA LEU F 300 3.93 16.20 -26.80
C LEU F 300 4.55 15.44 -27.96
N SER F 301 4.18 14.17 -28.13
CA SER F 301 4.82 13.35 -29.14
C SER F 301 4.31 13.63 -30.55
N LEU F 302 3.05 14.00 -30.69
CA LEU F 302 2.42 14.12 -32.01
C LEU F 302 2.41 15.53 -32.57
N SER F 303 2.87 16.53 -31.82
CA SER F 303 2.78 17.91 -32.26
C SER F 303 4.10 18.48 -32.73
N SER F 304 5.18 18.31 -31.97
CA SER F 304 6.46 18.93 -32.26
C SER F 304 7.39 17.94 -32.94
N GLU F 305 8.29 18.47 -33.77
CA GLU F 305 9.30 17.63 -34.43
C GLU F 305 10.31 17.08 -33.44
N ASP F 306 10.51 17.77 -32.31
CA ASP F 306 11.45 17.35 -31.27
C ASP F 306 10.71 17.35 -29.94
N PRO F 307 9.92 16.30 -29.68
CA PRO F 307 9.18 16.26 -28.41
C PRO F 307 10.05 16.27 -27.17
N VAL F 308 11.26 15.70 -27.24
CA VAL F 308 12.14 15.68 -26.09
C VAL F 308 12.58 17.09 -25.73
N LEU F 309 12.96 17.89 -26.73
CA LEU F 309 13.30 19.29 -26.47
C LEU F 309 12.09 20.07 -25.99
N THR F 310 10.92 19.83 -26.59
CA THR F 310 9.71 20.54 -26.19
C THR F 310 9.32 20.20 -24.76
N ALA F 311 9.44 18.93 -24.37
CA ALA F 311 9.06 18.53 -23.02
C ALA F 311 10.02 19.08 -21.98
N LEU F 312 11.32 19.14 -22.31
CA LEU F 312 12.30 19.70 -21.38
C LEU F 312 12.04 21.18 -21.13
N GLU F 313 11.84 21.95 -22.21
CA GLU F 313 11.56 23.37 -22.06
C GLU F 313 10.24 23.60 -21.34
N LEU F 314 9.21 22.81 -21.67
CA LEU F 314 7.92 22.96 -21.01
C LEU F 314 8.00 22.56 -19.54
N SER F 315 8.85 21.58 -19.21
CA SER F 315 8.99 21.18 -17.81
C SER F 315 9.55 22.32 -16.96
N ASN F 316 10.53 23.06 -17.50
CA ASN F 316 11.03 24.23 -16.80
C ASN F 316 9.98 25.31 -16.67
N GLU F 317 9.22 25.56 -17.75
CA GLU F 317 8.20 26.59 -17.73
C GLU F 317 7.12 26.29 -16.69
N LEU F 318 6.71 25.02 -16.59
CA LEU F 318 5.70 24.65 -15.60
C LEU F 318 6.27 24.68 -14.19
N ALA F 319 7.56 24.35 -14.02
CA ALA F 319 8.18 24.41 -12.71
C ALA F 319 8.23 25.84 -12.18
N LYS F 320 8.53 26.81 -13.05
CA LYS F 320 8.57 28.20 -12.63
C LYS F 320 7.19 28.70 -12.24
N LEU F 321 6.15 28.31 -12.99
CA LEU F 321 4.80 28.74 -12.67
C LEU F 321 4.29 28.14 -11.37
N ALA F 322 4.85 27.01 -10.93
CA ALA F 322 4.44 26.44 -9.65
C ALA F 322 4.79 27.38 -8.50
N ASN F 323 5.92 28.07 -8.60
CA ASN F 323 6.28 29.06 -7.58
C ASN F 323 5.44 30.31 -7.71
N ILE F 324 5.20 30.77 -8.94
CA ILE F 324 4.46 32.01 -9.14
C ILE F 324 3.01 31.86 -8.68
N GLU F 325 2.35 30.78 -9.07
CA GLU F 325 0.99 30.48 -8.64
C GLU F 325 1.10 29.55 -7.42
N LYS F 326 1.23 30.15 -6.24
CA LYS F 326 1.40 29.37 -5.03
C LYS F 326 0.17 28.52 -4.74
N GLU F 327 -1.02 29.03 -5.05
CA GLU F 327 -2.24 28.31 -4.69
C GLU F 327 -2.48 27.12 -5.59
N PHE F 328 -2.07 27.20 -6.86
CA PHE F 328 -2.15 26.08 -7.78
C PHE F 328 -0.79 25.43 -7.99
N LYS F 329 0.05 25.42 -6.95
CA LYS F 329 1.39 24.87 -7.05
C LYS F 329 1.37 23.38 -7.33
N ASN F 330 0.48 22.64 -6.67
CA ASN F 330 0.40 21.19 -6.89
C ASN F 330 -0.04 20.86 -8.30
N ASP F 331 -0.93 21.68 -8.89
CA ASP F 331 -1.36 21.43 -10.26
C ASP F 331 -0.19 21.56 -11.23
N TYR F 332 0.63 22.60 -11.07
CA TYR F 332 1.74 22.81 -11.99
C TYR F 332 2.91 21.85 -11.74
N ARG F 333 3.13 21.46 -10.48
CA ARG F 333 4.18 20.49 -10.21
C ARG F 333 3.83 19.12 -10.78
N LYS F 334 2.55 18.77 -10.77
CA LYS F 334 2.12 17.52 -11.38
C LYS F 334 2.35 17.54 -12.88
N LEU F 335 2.07 18.67 -13.53
CA LEU F 335 2.28 18.78 -14.98
C LEU F 335 3.76 18.76 -15.33
N SER F 336 4.60 19.37 -14.48
CA SER F 336 6.04 19.36 -14.72
C SER F 336 6.58 17.93 -14.69
N MET F 337 6.10 17.12 -13.75
CA MET F 337 6.52 15.73 -13.70
C MET F 337 6.06 14.94 -14.92
N GLN F 338 4.95 15.35 -15.53
CA GLN F 338 4.51 14.69 -16.76
C GLN F 338 5.50 14.91 -17.90
N CYS F 339 6.05 16.12 -18.01
CA CYS F 339 7.09 16.36 -18.99
C CYS F 339 8.40 15.72 -18.58
N LYS F 340 8.65 15.61 -17.27
CA LYS F 340 9.90 15.01 -16.80
C LYS F 340 9.97 13.53 -17.15
N ASP F 341 8.88 12.79 -16.95
CA ASP F 341 8.92 11.36 -17.21
C ASP F 341 8.54 11.01 -18.65
N PHE F 342 8.17 11.99 -19.47
CA PHE F 342 8.02 11.74 -20.90
C PHE F 342 9.39 11.58 -21.55
N VAL F 343 10.33 12.47 -21.23
CA VAL F 343 11.67 12.38 -21.81
C VAL F 343 12.43 11.18 -21.25
N VAL F 344 12.16 10.81 -20.00
CA VAL F 344 12.69 9.56 -19.48
C VAL F 344 12.09 8.38 -20.22
N GLY F 345 10.80 8.46 -20.56
CA GLY F 345 10.17 7.39 -21.30
C GLY F 345 10.74 7.24 -22.70
N VAL F 346 11.06 8.37 -23.35
CA VAL F 346 11.65 8.31 -24.67
C VAL F 346 13.08 7.79 -24.59
N LEU F 347 13.83 8.21 -23.58
CA LEU F 347 15.18 7.69 -23.39
C LEU F 347 15.18 6.20 -23.08
N ASP F 348 14.15 5.71 -22.37
CA ASP F 348 14.07 4.30 -22.05
C ASP F 348 13.88 3.42 -23.27
N LEU F 349 13.38 3.98 -24.37
CA LEU F 349 13.09 3.22 -25.57
C LEU F 349 14.27 3.10 -26.53
N CYS F 350 15.35 3.82 -26.26
CA CYS F 350 16.51 3.76 -27.14
C CYS F 350 17.16 2.38 -27.06
N ARG F 351 17.56 1.85 -28.21
CA ARG F 351 18.06 0.48 -28.29
C ARG F 351 19.50 0.37 -28.79
N ASP F 352 20.06 1.41 -29.40
CA ASP F 352 21.44 1.39 -29.84
C ASP F 352 22.08 2.73 -29.51
N SER F 353 23.37 2.85 -29.79
CA SER F 353 24.11 4.06 -29.44
C SER F 353 23.61 5.27 -30.22
N GLU F 354 23.28 5.07 -31.50
CA GLU F 354 22.85 6.21 -32.32
C GLU F 354 21.59 6.85 -31.77
N GLU F 355 20.62 6.03 -31.34
CA GLU F 355 19.41 6.57 -30.76
C GLU F 355 19.70 7.29 -29.45
N VAL F 356 20.58 6.74 -28.62
CA VAL F 356 20.94 7.40 -27.36
C VAL F 356 21.67 8.70 -27.63
N GLU F 357 22.61 8.70 -28.58
CA GLU F 357 23.34 9.91 -28.92
C GLU F 357 22.44 10.99 -29.51
N ALA F 358 21.29 10.62 -30.08
CA ALA F 358 20.34 11.61 -30.55
C ALA F 358 19.54 12.21 -29.41
N ILE F 359 19.13 11.41 -28.44
CA ILE F 359 18.35 11.92 -27.31
C ILE F 359 19.22 12.77 -26.40
N LEU F 360 20.46 12.34 -26.16
CA LEU F 360 21.33 13.03 -25.20
C LEU F 360 22.02 14.25 -25.80
N ASN F 361 22.51 14.15 -27.03
CA ASN F 361 23.23 15.25 -27.65
C ASN F 361 22.33 16.16 -28.49
N GLY F 362 21.02 15.90 -28.51
CA GLY F 362 20.17 16.66 -29.41
C GLY F 362 20.47 16.31 -30.86
N ASP F 363 20.39 17.30 -31.72
CA ASP F 363 20.66 17.10 -33.13
C ASP F 363 22.14 16.77 -33.35
N ALA F 377 31.18 15.20 -28.49
CA ALA F 377 29.81 14.85 -28.15
C ALA F 377 29.27 15.78 -27.07
N SER F 378 28.77 16.94 -27.50
CA SER F 378 28.20 17.92 -26.57
C SER F 378 26.88 17.39 -26.04
N LEU F 379 26.86 17.01 -24.77
CA LEU F 379 25.66 16.45 -24.14
C LEU F 379 24.67 17.57 -23.82
N SER F 380 24.11 18.14 -24.88
CA SER F 380 23.27 19.31 -24.74
C SER F 380 22.04 19.03 -23.88
N ARG F 381 21.37 17.90 -24.14
CA ARG F 381 20.17 17.57 -23.41
C ARG F 381 20.46 17.06 -22.00
N VAL F 382 21.61 16.42 -21.80
CA VAL F 382 22.00 16.02 -20.44
C VAL F 382 22.24 17.25 -19.58
N LYS F 383 22.89 18.26 -20.16
CA LYS F 383 23.14 19.52 -19.41
C LYS F 383 21.80 20.20 -19.13
N LEU F 384 20.87 20.20 -20.09
CA LEU F 384 19.54 20.78 -19.86
C LEU F 384 18.80 20.02 -18.76
N ALA F 385 18.86 18.69 -18.78
CA ALA F 385 18.16 17.90 -17.79
C ALA F 385 18.71 18.16 -16.39
N ILE F 386 20.03 18.30 -16.27
CA ILE F 386 20.62 18.70 -15.00
C ILE F 386 20.21 20.12 -14.64
N LYS F 387 20.22 21.02 -15.62
CA LYS F 387 19.80 22.40 -15.37
C LYS F 387 18.34 22.46 -14.95
N TYR F 388 17.49 21.66 -15.60
CA TYR F 388 16.06 21.63 -15.29
C TYR F 388 15.72 20.63 -14.20
N GLU F 389 16.72 19.98 -13.59
CA GLU F 389 16.53 19.01 -12.53
C GLU F 389 15.62 17.86 -12.97
N VAL F 390 15.81 17.40 -14.19
CA VAL F 390 15.15 16.16 -14.66
C VAL F 390 16.09 15.02 -14.25
N LYS F 391 15.93 14.58 -13.00
CA LYS F 391 16.90 13.68 -12.40
C LYS F 391 16.83 12.29 -13.00
N LYS F 392 15.62 11.78 -13.25
CA LYS F 392 15.49 10.44 -13.78
C LYS F 392 16.04 10.31 -15.19
N PHE F 393 16.04 11.41 -15.95
CA PHE F 393 16.65 11.40 -17.27
C PHE F 393 18.15 11.19 -17.17
N VAL F 394 18.81 11.94 -16.28
CA VAL F 394 20.25 11.81 -16.11
C VAL F 394 20.61 10.50 -15.42
N ALA F 395 19.81 10.09 -14.44
CA ALA F 395 20.07 8.87 -13.70
C ALA F 395 19.67 7.61 -14.44
N HIS F 396 19.05 7.73 -15.61
CA HIS F 396 18.63 6.55 -16.34
C HIS F 396 19.84 5.79 -16.85
N PRO F 397 19.79 4.45 -16.87
CA PRO F 397 20.96 3.67 -17.32
C PRO F 397 21.41 3.98 -18.73
N ASN F 398 20.48 4.39 -19.61
CA ASN F 398 20.88 4.76 -20.97
C ASN F 398 21.77 5.99 -20.98
N CYS F 399 21.46 6.97 -20.13
CA CYS F 399 22.30 8.15 -20.02
C CYS F 399 23.58 7.86 -19.25
N GLN F 400 23.48 7.03 -18.20
CA GLN F 400 24.64 6.74 -17.37
C GLN F 400 25.71 5.98 -18.13
N GLN F 401 25.31 5.02 -18.97
CA GLN F 401 26.29 4.27 -19.74
C GLN F 401 27.02 5.17 -20.74
N GLN F 402 26.39 6.26 -21.18
CA GLN F 402 27.06 7.20 -22.04
C GLN F 402 28.02 8.09 -21.26
N LEU F 403 27.66 8.43 -20.01
CA LEU F 403 28.55 9.22 -19.18
C LEU F 403 29.76 8.41 -18.73
N LEU F 404 29.58 7.13 -18.46
CA LEU F 404 30.70 6.29 -18.07
C LEU F 404 31.74 6.18 -19.18
N THR F 405 31.28 6.11 -20.43
CA THR F 405 32.22 6.06 -21.55
C THR F 405 33.06 7.32 -21.63
N ILE F 406 32.43 8.48 -21.45
CA ILE F 406 33.20 9.73 -21.42
C ILE F 406 34.00 9.84 -20.14
N TRP F 407 33.48 9.31 -19.03
CA TRP F 407 34.20 9.37 -17.77
C TRP F 407 35.52 8.60 -17.85
N TYR F 408 35.49 7.39 -18.40
CA TYR F 408 36.70 6.61 -18.64
C TYR F 408 37.07 6.73 -20.12
N GLU F 409 37.62 7.88 -20.49
CA GLU F 409 37.98 8.12 -21.89
C GLU F 409 39.06 7.14 -22.33
N ASN F 410 40.24 7.23 -21.71
CA ASN F 410 41.37 6.37 -22.11
C ASN F 410 41.71 5.44 -20.94
N LEU F 411 40.72 5.04 -20.14
CA LEU F 411 40.94 4.19 -18.99
C LEU F 411 40.06 2.95 -19.06
N SER F 412 40.04 2.30 -20.23
CA SER F 412 39.26 1.08 -20.40
C SER F 412 39.66 0.02 -19.38
N GLY F 413 40.95 -0.05 -19.06
CA GLY F 413 41.39 -0.99 -18.04
C GLY F 413 40.88 -0.65 -16.66
N LEU F 414 40.92 0.64 -16.30
CA LEU F 414 40.50 1.07 -14.97
C LEU F 414 39.00 0.98 -14.75
N ARG F 415 38.22 0.80 -15.82
CA ARG F 415 36.77 0.77 -15.66
C ARG F 415 36.31 -0.41 -14.81
N GLU F 416 36.88 -1.59 -15.04
CA GLU F 416 36.46 -2.81 -14.35
C GLU F 416 37.31 -3.13 -13.13
N GLN F 417 38.30 -2.30 -12.80
CA GLN F 417 39.14 -2.57 -11.65
C GLN F 417 38.34 -2.39 -10.36
N THR F 418 38.80 -3.07 -9.31
CA THR F 418 38.13 -3.02 -8.03
C THR F 418 38.27 -1.64 -7.39
N ILE F 419 37.49 -1.40 -6.34
CA ILE F 419 37.52 -0.12 -5.65
C ILE F 419 38.88 0.10 -4.99
N ALA F 420 39.46 -0.95 -4.42
CA ALA F 420 40.76 -0.83 -3.77
C ALA F 420 41.84 -0.43 -4.77
N ILE F 421 41.80 -1.02 -5.97
CA ILE F 421 42.77 -0.65 -7.01
C ILE F 421 42.58 0.79 -7.43
N LYS F 422 41.33 1.23 -7.57
CA LYS F 422 41.07 2.64 -7.87
C LYS F 422 41.57 3.55 -6.75
N CYS F 423 41.38 3.14 -5.50
CA CYS F 423 41.96 3.89 -4.40
C CYS F 423 43.48 3.74 -4.38
N LEU F 424 44.00 2.61 -4.86
CA LEU F 424 45.44 2.44 -4.95
C LEU F 424 46.07 3.42 -5.93
N VAL F 425 45.43 3.62 -7.09
CA VAL F 425 45.99 4.53 -8.08
C VAL F 425 45.88 5.99 -7.65
N VAL F 426 44.94 6.30 -6.74
CA VAL F 426 44.88 7.66 -6.19
C VAL F 426 46.15 7.96 -5.41
N LEU F 427 46.58 7.01 -4.58
CA LEU F 427 47.83 7.18 -3.84
C LEU F 427 49.02 7.23 -4.80
N VAL F 428 49.03 6.39 -5.83
CA VAL F 428 50.11 6.41 -6.81
C VAL F 428 50.17 7.77 -7.50
N VAL F 429 49.01 8.31 -7.89
CA VAL F 429 48.97 9.66 -8.43
C VAL F 429 49.40 10.67 -7.37
N ALA F 430 48.92 10.51 -6.15
CA ALA F 430 49.23 11.47 -5.09
C ALA F 430 50.73 11.52 -4.80
N LEU F 431 51.38 10.36 -4.70
CA LEU F 431 52.81 10.34 -4.43
C LEU F 431 53.60 10.97 -5.55
N GLY F 432 53.25 10.68 -6.79
CA GLY F 432 53.93 11.20 -7.96
C GLY F 432 53.32 12.42 -8.59
N LEU F 433 52.39 13.10 -7.89
CA LEU F 433 51.71 14.24 -8.50
C LEU F 433 52.65 15.36 -8.93
N PRO F 434 53.66 15.77 -8.14
CA PRO F 434 54.60 16.77 -8.66
C PRO F 434 55.32 16.33 -9.93
N PHE F 435 55.63 15.04 -10.05
CA PHE F 435 56.27 14.55 -11.27
C PHE F 435 55.28 14.42 -12.42
N LEU F 436 54.03 14.04 -12.12
CA LEU F 436 53.01 13.96 -13.16
C LEU F 436 52.72 15.33 -13.74
N ALA F 437 52.70 16.37 -12.89
CA ALA F 437 52.49 17.73 -13.38
C ALA F 437 53.62 18.16 -14.29
N ILE F 438 54.86 17.80 -13.95
CA ILE F 438 56.00 18.15 -14.80
C ILE F 438 55.87 17.48 -16.16
N GLY F 439 55.45 16.21 -16.18
CA GLY F 439 55.29 15.51 -17.43
C GLY F 439 54.27 16.16 -18.35
N TYR F 440 53.20 16.73 -17.77
CA TYR F 440 52.20 17.42 -18.59
C TYR F 440 52.78 18.63 -19.28
N TRP F 441 53.62 19.40 -18.59
CA TRP F 441 54.19 20.61 -19.18
C TRP F 441 55.17 20.27 -20.30
N ILE F 442 56.06 19.30 -20.06
CA ILE F 442 57.06 18.96 -21.05
C ILE F 442 56.43 18.24 -22.24
N ALA F 443 55.46 17.36 -21.98
CA ALA F 443 54.83 16.54 -23.02
C ALA F 443 53.32 16.62 -22.89
N PRO F 444 52.72 17.77 -23.25
CA PRO F 444 51.25 17.87 -23.21
C PRO F 444 50.55 16.88 -24.13
N CYS F 445 51.12 16.58 -25.29
CA CYS F 445 50.53 15.67 -26.26
C CYS F 445 51.41 14.43 -26.35
N SER F 446 51.01 13.38 -25.65
CA SER F 446 51.75 12.13 -25.59
C SER F 446 50.82 11.06 -25.03
N ARG F 447 51.37 9.88 -24.74
CA ARG F 447 50.59 8.87 -24.04
C ARG F 447 50.19 9.35 -22.65
N LEU F 448 51.12 10.04 -21.96
CA LEU F 448 50.80 10.59 -20.65
C LEU F 448 49.77 11.71 -20.75
N GLY F 449 49.81 12.49 -21.83
CA GLY F 449 48.85 13.58 -21.97
C GLY F 449 47.42 13.10 -22.10
N LYS F 450 47.19 12.06 -22.89
CA LYS F 450 45.82 11.59 -23.10
C LYS F 450 45.24 10.96 -21.84
N ILE F 451 46.03 10.15 -21.13
CA ILE F 451 45.52 9.54 -19.91
C ILE F 451 45.30 10.59 -18.83
N LEU F 452 46.15 11.61 -18.78
CA LEU F 452 46.00 12.66 -17.78
C LEU F 452 44.78 13.53 -18.07
N ARG F 453 44.38 13.64 -19.34
CA ARG F 453 43.21 14.42 -19.69
C ARG F 453 41.91 13.66 -19.54
N SER F 454 41.97 12.39 -19.16
CA SER F 454 40.75 11.63 -18.93
C SER F 454 39.97 12.25 -17.76
N PRO F 455 38.65 12.35 -17.86
CA PRO F 455 37.88 12.95 -16.76
C PRO F 455 38.04 12.22 -15.44
N PHE F 456 38.19 10.89 -15.46
CA PHE F 456 38.42 10.17 -14.23
C PHE F 456 39.78 10.49 -13.63
N MET F 457 40.81 10.62 -14.47
CA MET F 457 42.14 10.95 -13.99
C MET F 457 42.28 12.39 -13.54
N LYS F 458 41.43 13.29 -14.05
CA LYS F 458 41.41 14.66 -13.55
C LYS F 458 40.63 14.79 -12.26
N PHE F 459 39.68 13.89 -12.00
CA PHE F 459 39.06 13.83 -10.68
C PHE F 459 40.00 13.21 -9.66
N VAL F 460 40.73 12.17 -10.05
CA VAL F 460 41.69 11.54 -9.15
C VAL F 460 42.81 12.53 -8.81
N ALA F 461 43.31 13.25 -9.81
CA ALA F 461 44.37 14.22 -9.56
C ALA F 461 43.91 15.33 -8.62
N HIS F 462 42.68 15.82 -8.80
CA HIS F 462 42.17 16.84 -7.89
C HIS F 462 41.95 16.28 -6.49
N ALA F 463 41.45 15.04 -6.40
CA ALA F 463 41.33 14.40 -5.10
C ALA F 463 42.70 14.13 -4.50
N ALA F 464 43.67 13.73 -5.32
CA ALA F 464 45.01 13.46 -4.81
C ALA F 464 45.67 14.71 -4.27
N SER F 465 45.51 15.84 -4.97
CA SER F 465 46.12 17.09 -4.50
C SER F 465 45.53 17.53 -3.17
N PHE F 466 44.21 17.36 -3.00
CA PHE F 466 43.60 17.77 -1.75
C PHE F 466 43.99 16.86 -0.60
N ILE F 467 44.20 15.57 -0.86
CA ILE F 467 44.73 14.68 0.17
C ILE F 467 46.11 15.13 0.60
N ILE F 468 46.92 15.60 -0.35
CA ILE F 468 48.21 16.18 0.00
C ILE F 468 48.05 17.42 0.86
N PHE F 469 47.06 18.26 0.52
CA PHE F 469 46.82 19.47 1.30
C PHE F 469 46.43 19.14 2.74
N LEU F 470 45.56 18.14 2.92
CA LEU F 470 45.24 17.71 4.26
C LEU F 470 46.44 17.07 4.96
N GLY F 471 47.30 16.39 4.20
CA GLY F 471 48.52 15.88 4.77
C GLY F 471 49.45 16.98 5.23
N LEU F 472 49.53 18.08 4.47
CA LEU F 472 50.33 19.22 4.88
C LEU F 472 49.75 19.88 6.13
N LEU F 473 48.43 19.94 6.24
CA LEU F 473 47.80 20.50 7.44
C LEU F 473 48.14 19.67 8.67
N VAL F 474 48.05 18.34 8.55
CA VAL F 474 48.36 17.47 9.68
C VAL F 474 49.85 17.47 9.97
N PHE F 475 50.68 17.37 8.93
CA PHE F 475 52.13 17.34 9.14
C PHE F 475 52.67 18.66 9.67
N ASN F 476 51.96 19.76 9.45
CA ASN F 476 52.42 21.05 9.96
C ASN F 476 52.44 21.04 11.49
N ALA F 477 51.48 20.38 12.12
CA ALA F 477 51.40 20.26 13.56
C ALA F 477 51.93 18.92 14.06
N SER F 478 52.86 18.31 13.33
CA SER F 478 53.35 16.99 13.69
C SER F 478 54.30 17.02 14.89
N ASP F 479 54.88 18.17 15.21
CA ASP F 479 55.76 18.27 16.35
C ASP F 479 55.01 18.38 17.67
N ARG F 480 53.68 18.52 17.63
CA ARG F 480 52.88 18.67 18.83
C ARG F 480 51.90 17.52 19.03
N PHE F 481 52.10 16.40 18.33
CA PHE F 481 51.16 15.29 18.43
C PHE F 481 51.08 14.75 19.85
N GLU F 482 52.22 14.64 20.53
CA GLU F 482 52.25 14.18 21.91
C GLU F 482 52.25 15.33 22.92
N GLY F 483 52.13 16.57 22.45
CA GLY F 483 52.11 17.72 23.33
C GLY F 483 53.40 18.52 23.25
N ILE F 484 53.33 19.72 23.81
CA ILE F 484 54.46 20.64 23.81
C ILE F 484 55.29 20.41 25.07
N THR F 485 56.61 20.32 24.91
CA THR F 485 57.49 20.15 26.06
C THR F 485 57.59 21.44 26.87
N THR F 486 57.64 22.58 26.19
CA THR F 486 57.78 23.87 26.86
C THR F 486 56.43 24.37 27.34
N LEU F 487 56.38 24.80 28.60
CA LEU F 487 55.16 25.38 29.13
C LEU F 487 54.89 26.73 28.46
N PRO F 488 53.62 27.12 28.35
CA PRO F 488 53.30 28.45 27.81
C PRO F 488 53.80 29.61 28.67
N ASN F 489 54.38 29.32 29.83
CA ASN F 489 54.90 30.33 30.73
C ASN F 489 56.38 30.62 30.51
N ILE F 490 57.09 29.77 29.78
CA ILE F 490 58.53 29.88 29.60
C ILE F 490 58.84 30.08 28.13
N THR F 491 59.78 30.96 27.84
CA THR F 491 60.19 31.26 26.47
C THR F 491 61.49 30.53 26.16
N VAL F 492 61.54 29.88 24.99
CA VAL F 492 62.73 29.20 24.50
C VAL F 492 63.14 29.86 23.19
N THR F 493 64.42 30.21 23.08
CA THR F 493 64.96 30.87 21.89
C THR F 493 66.11 30.05 21.32
N ASP F 494 66.18 29.98 20.00
CA ASP F 494 67.23 29.20 19.35
C ASP F 494 68.61 29.79 19.61
N TYR F 495 68.74 31.13 19.51
CA TYR F 495 69.99 31.78 19.84
C TYR F 495 69.73 32.93 20.81
N PRO F 496 70.72 33.27 21.64
CA PRO F 496 70.46 34.19 22.76
C PRO F 496 69.89 35.54 22.38
N LYS F 497 70.30 36.13 21.26
CA LYS F 497 69.85 37.46 20.91
C LYS F 497 68.51 37.48 20.18
N GLN F 498 67.89 36.33 19.99
CA GLN F 498 66.65 36.27 19.22
C GLN F 498 65.49 36.84 20.01
N ILE F 499 64.59 37.54 19.31
CA ILE F 499 63.29 37.91 19.87
C ILE F 499 62.41 36.67 19.84
N PHE F 500 61.74 36.39 20.96
CA PHE F 500 60.95 35.17 21.05
C PHE F 500 59.84 35.13 20.00
N ARG F 501 59.17 36.26 19.78
CA ARG F 501 58.07 36.28 18.82
C ARG F 501 58.53 36.01 17.39
N VAL F 502 59.81 36.22 17.10
CA VAL F 502 60.34 35.83 15.79
C VAL F 502 60.28 34.33 15.62
N LYS F 503 60.66 33.57 16.65
CA LYS F 503 60.68 32.12 16.54
C LYS F 503 59.27 31.54 16.45
N THR F 504 58.31 32.16 17.13
CA THR F 504 56.95 31.64 17.15
C THR F 504 56.12 32.09 15.95
N THR F 505 56.59 33.05 15.17
CA THR F 505 55.87 33.55 14.01
C THR F 505 56.54 33.23 12.68
N GLN F 506 57.79 32.79 12.70
CA GLN F 506 58.49 32.49 11.46
C GLN F 506 57.81 31.34 10.72
N PHE F 507 57.69 31.50 9.40
CA PHE F 507 57.11 30.45 8.57
C PHE F 507 58.13 29.36 8.29
N THR F 508 57.67 28.11 8.35
CA THR F 508 58.51 26.97 8.05
C THR F 508 58.28 26.53 6.60
N TRP F 509 58.99 25.50 6.16
CA TRP F 509 58.82 25.04 4.76
C TRP F 509 57.43 24.44 4.58
N THR F 510 56.89 23.76 5.59
CA THR F 510 55.54 23.25 5.44
C THR F 510 54.52 24.38 5.35
N GLU F 511 54.75 25.47 6.08
CA GLU F 511 53.83 26.61 6.05
C GLU F 511 53.77 27.22 4.66
N MET F 512 54.92 27.36 4.00
CA MET F 512 54.95 27.97 2.67
C MET F 512 54.17 27.13 1.67
N LEU F 513 54.26 25.79 1.76
CA LEU F 513 53.50 24.94 0.86
C LEU F 513 52.01 25.11 1.06
N ILE F 514 51.56 25.25 2.31
CA ILE F 514 50.13 25.45 2.57
C ILE F 514 49.67 26.77 1.97
N MET F 515 50.48 27.82 2.12
CA MET F 515 50.09 29.14 1.58
C MET F 515 49.96 29.04 0.06
N VAL F 516 50.92 28.37 -0.60
CA VAL F 516 50.89 28.23 -2.08
C VAL F 516 49.66 27.41 -2.47
N TRP F 517 49.40 26.30 -1.79
CA TRP F 517 48.24 25.44 -2.09
C TRP F 517 46.97 26.27 -1.99
N VAL F 518 46.90 27.17 -1.00
CA VAL F 518 45.71 28.04 -0.80
C VAL F 518 45.63 29.02 -1.99
N LEU F 519 46.74 29.65 -2.35
CA LEU F 519 46.75 30.52 -3.52
C LEU F 519 46.29 29.79 -4.77
N GLY F 520 46.76 28.55 -4.94
CA GLY F 520 46.30 27.76 -6.07
C GLY F 520 44.83 27.44 -5.99
N MET F 521 44.34 27.10 -4.80
CA MET F 521 42.92 26.82 -4.63
C MET F 521 42.07 28.08 -4.79
N MET F 522 42.55 29.21 -4.26
CA MET F 522 41.82 30.46 -4.39
C MET F 522 41.76 30.91 -5.85
N TRP F 523 42.86 30.73 -6.58
CA TRP F 523 42.88 31.12 -7.99
C TRP F 523 41.84 30.34 -8.79
N SER F 524 41.70 29.04 -8.51
CA SER F 524 40.66 28.26 -9.18
C SER F 524 39.27 28.77 -8.83
N GLU F 525 39.06 29.16 -7.58
CA GLU F 525 37.76 29.69 -7.18
C GLU F 525 37.52 31.07 -7.79
N CYS F 526 38.57 31.89 -7.89
CA CYS F 526 38.42 33.19 -8.52
C CYS F 526 38.08 33.07 -10.00
N LYS F 527 38.72 32.13 -10.71
CA LYS F 527 38.41 31.93 -12.11
C LYS F 527 36.98 31.45 -12.30
N GLU F 528 36.52 30.53 -11.44
CA GLU F 528 35.14 30.07 -11.51
C GLU F 528 34.18 31.20 -11.20
N LEU F 529 34.56 32.09 -10.26
CA LEU F 529 33.73 33.25 -9.95
C LEU F 529 33.64 34.20 -11.14
N TRP F 530 34.73 34.37 -11.88
CA TRP F 530 34.75 35.27 -13.03
C TRP F 530 34.10 34.63 -14.26
N LEU F 531 34.41 33.36 -14.54
CA LEU F 531 33.87 32.71 -15.72
C LEU F 531 32.38 32.42 -15.56
N GLU F 532 32.03 31.59 -14.58
CA GLU F 532 30.61 31.22 -14.38
C GLU F 532 29.80 32.49 -14.11
N GLY F 533 30.19 33.28 -13.11
CA GLY F 533 29.51 34.54 -12.81
C GLY F 533 29.38 34.76 -11.32
N PRO F 534 29.31 36.01 -10.84
CA PRO F 534 29.28 36.28 -9.39
C PRO F 534 27.96 35.85 -8.75
N ARG F 535 27.03 35.33 -9.54
CA ARG F 535 25.69 34.97 -9.01
C ARG F 535 25.56 33.45 -8.97
N GLU F 536 25.75 32.79 -10.12
CA GLU F 536 25.66 31.32 -10.20
C GLU F 536 26.72 30.71 -9.26
N TYR F 537 27.92 31.27 -9.26
CA TYR F 537 28.98 30.78 -8.33
C TYR F 537 28.37 30.56 -6.95
N ILE F 538 27.79 31.60 -6.38
CA ILE F 538 27.19 31.50 -5.01
C ILE F 538 26.16 30.36 -5.00
N LEU F 539 25.34 30.26 -6.05
CA LEU F 539 24.28 29.25 -6.08
C LEU F 539 24.86 27.85 -6.20
N GLN F 540 25.72 27.51 -5.24
CA GLN F 540 26.26 26.17 -5.11
C GLN F 540 26.86 26.04 -3.71
N LEU F 541 26.53 24.93 -3.04
CA LEU F 541 26.97 24.75 -1.66
C LEU F 541 28.48 24.69 -1.55
N TRP F 542 29.13 24.00 -2.48
CA TRP F 542 30.59 23.83 -2.39
C TRP F 542 31.32 25.14 -2.69
N ASN F 543 30.83 25.90 -3.68
CA ASN F 543 31.54 27.12 -4.08
C ASN F 543 31.58 28.14 -2.94
N VAL F 544 30.48 28.30 -2.22
CA VAL F 544 30.48 29.23 -1.09
C VAL F 544 31.33 28.66 0.06
N LEU F 545 31.23 27.35 0.31
CA LEU F 545 32.03 26.75 1.36
C LEU F 545 33.52 26.79 1.03
N ASP F 546 33.88 26.49 -0.22
CA ASP F 546 35.29 26.53 -0.61
C ASP F 546 35.83 27.95 -0.54
N PHE F 547 35.04 28.93 -0.97
CA PHE F 547 35.45 30.32 -0.83
C PHE F 547 35.51 30.74 0.62
N GLY F 548 34.63 30.20 1.46
CA GLY F 548 34.68 30.51 2.87
C GLY F 548 35.95 30.01 3.54
N MET F 549 36.31 28.74 3.30
CA MET F 549 37.47 28.18 3.96
C MET F 549 38.78 28.74 3.41
N LEU F 550 38.80 29.12 2.13
CA LEU F 550 40.01 29.72 1.57
C LEU F 550 40.19 31.14 2.07
N SER F 551 39.10 31.88 2.26
CA SER F 551 39.20 33.23 2.80
C SER F 551 39.69 33.21 4.25
N ILE F 552 39.22 32.24 5.03
CA ILE F 552 39.67 32.11 6.41
C ILE F 552 41.15 31.73 6.46
N PHE F 553 41.58 30.88 5.51
CA PHE F 553 43.01 30.57 5.40
C PHE F 553 43.82 31.82 5.10
N ILE F 554 43.35 32.65 4.16
CA ILE F 554 44.05 33.87 3.82
C ILE F 554 44.08 34.83 5.02
N ALA F 555 42.94 34.96 5.70
CA ALA F 555 42.90 35.79 6.90
C ALA F 555 43.82 35.25 7.99
N ALA F 556 43.87 33.93 8.14
CA ALA F 556 44.77 33.33 9.12
C ALA F 556 46.23 33.62 8.78
N PHE F 557 46.59 33.49 7.50
CA PHE F 557 47.97 33.76 7.10
C PHE F 557 48.28 35.25 7.10
N THR F 558 47.30 36.08 6.76
CA THR F 558 47.51 37.53 6.84
C THR F 558 47.76 37.96 8.27
N ALA F 559 47.00 37.42 9.22
CA ALA F 559 47.20 37.75 10.63
C ALA F 559 48.58 37.31 11.11
N ARG F 560 49.00 36.10 10.74
CA ARG F 560 50.32 35.63 11.12
C ARG F 560 51.42 36.44 10.44
N PHE F 561 51.19 36.87 9.20
CA PHE F 561 52.18 37.71 8.52
C PHE F 561 52.36 39.04 9.24
N LEU F 562 51.25 39.63 9.70
CA LEU F 562 51.35 40.89 10.44
C LEU F 562 52.12 40.70 11.73
N ALA F 563 51.90 39.57 12.43
CA ALA F 563 52.67 39.27 13.63
C ALA F 563 54.15 39.08 13.29
N PHE F 564 54.43 38.45 12.15
CA PHE F 564 55.81 38.24 11.74
C PHE F 564 56.51 39.57 11.46
N LEU F 565 55.80 40.52 10.83
CA LEU F 565 56.39 41.82 10.56
C LEU F 565 56.71 42.57 11.85
N GLN F 566 55.82 42.49 12.83
CA GLN F 566 56.07 43.15 14.11
C GLN F 566 57.27 42.53 14.81
N ALA F 567 57.40 41.21 14.75
CA ALA F 567 58.54 40.54 15.39
C ALA F 567 59.85 40.94 14.73
N THR F 568 59.86 41.06 13.40
CA THR F 568 61.07 41.48 12.70
C THR F 568 61.48 42.89 13.09
N LYS F 569 60.50 43.79 13.25
CA LYS F 569 60.80 45.15 13.70
C LYS F 569 61.44 45.14 15.08
N ALA F 570 60.91 44.31 16.00
CA ALA F 570 61.55 44.15 17.29
C ALA F 570 62.93 43.53 17.16
N GLN F 571 63.07 42.53 16.28
CA GLN F 571 64.37 41.91 16.05
C GLN F 571 65.37 42.90 15.48
N GLN F 572 64.92 43.76 14.55
CA GLN F 572 65.82 44.73 13.95
C GLN F 572 66.41 45.67 14.99
N TYR F 573 65.60 46.06 15.98
CA TYR F 573 66.11 46.93 17.03
C TYR F 573 67.20 46.24 17.85
N VAL F 574 67.04 44.94 18.12
CA VAL F 574 67.99 44.24 18.97
C VAL F 574 69.34 44.11 18.29
N ASP F 575 69.36 43.70 17.01
CA ASP F 575 70.63 43.46 16.34
C ASP F 575 71.38 44.75 16.03
N SER F 576 70.69 45.88 15.95
CA SER F 576 71.32 47.14 15.59
C SER F 576 71.48 48.10 16.76
N TYR F 577 70.94 47.78 17.92
CA TYR F 577 71.06 48.66 19.09
C TYR F 577 71.39 47.95 20.38
N VAL F 578 71.33 46.62 20.45
CA VAL F 578 71.49 45.89 21.71
C VAL F 578 72.67 44.93 21.56
N GLN F 579 73.61 45.03 22.49
CA GLN F 579 74.71 44.08 22.63
C GLN F 579 74.92 43.74 24.10
N GLU F 580 73.82 43.50 24.81
CA GLU F 580 73.83 43.42 26.28
C GLU F 580 73.76 41.99 26.79
N SER F 581 74.47 41.07 26.14
CA SER F 581 74.65 39.70 26.63
C SER F 581 73.30 38.99 26.82
N ASP F 582 72.64 38.78 25.68
CA ASP F 582 71.46 37.91 25.58
C ASP F 582 70.23 38.49 26.28
N LEU F 583 70.04 39.81 26.19
CA LEU F 583 68.84 40.47 26.69
C LEU F 583 68.59 40.16 28.16
N SER F 584 69.67 40.16 28.96
CA SER F 584 69.56 39.84 30.37
C SER F 584 69.32 41.09 31.22
N GLU F 585 70.23 42.06 31.14
CA GLU F 585 70.12 43.27 31.95
C GLU F 585 69.49 44.44 31.21
N VAL F 586 69.52 44.42 29.87
CA VAL F 586 69.00 45.54 29.10
C VAL F 586 67.48 45.60 29.25
N THR F 587 66.97 46.81 29.44
CA THR F 587 65.53 47.06 29.57
C THR F 587 65.04 47.69 28.27
N LEU F 588 64.44 46.86 27.41
CA LEU F 588 63.96 47.34 26.13
C LEU F 588 62.75 48.25 26.30
N PRO F 589 62.46 49.08 25.31
CA PRO F 589 61.25 49.91 25.38
C PRO F 589 60.02 49.03 25.45
N PRO F 590 58.95 49.51 26.08
CA PRO F 590 57.75 48.67 26.25
C PRO F 590 57.15 48.19 24.95
N GLU F 591 57.29 48.96 23.87
CA GLU F 591 56.79 48.52 22.57
C GLU F 591 57.55 47.30 22.07
N ILE F 592 58.85 47.24 22.36
CA ILE F 592 59.71 46.17 21.86
C ILE F 592 59.86 45.09 22.91
N GLN F 593 59.75 45.47 24.19
CA GLN F 593 59.85 44.48 25.27
C GLN F 593 58.70 43.48 25.22
N TYR F 594 57.55 43.88 24.66
CA TYR F 594 56.39 43.00 24.62
C TYR F 594 56.68 41.73 23.81
N PHE F 595 57.57 41.80 22.84
CA PHE F 595 57.81 40.67 21.95
C PHE F 595 58.79 39.65 22.53
N THR F 596 59.27 39.85 23.75
CA THR F 596 60.07 38.86 24.46
C THR F 596 59.23 38.04 25.43
N TYR F 597 57.92 38.27 25.48
CA TYR F 597 57.04 37.64 26.45
C TYR F 597 56.59 36.26 25.98
N ALA F 598 56.18 35.45 26.94
CA ALA F 598 55.62 34.13 26.65
C ALA F 598 54.17 34.26 26.22
N ARG F 599 53.51 33.12 25.98
CA ARG F 599 52.13 33.14 25.52
C ARG F 599 51.20 33.75 26.55
N ASP F 600 51.53 33.63 27.83
CA ASP F 600 50.64 34.11 28.88
C ASP F 600 50.53 35.63 28.89
N LYS F 601 51.58 36.33 28.48
CA LYS F 601 51.57 37.79 28.49
C LYS F 601 51.13 38.39 27.16
N TRP F 602 50.75 37.58 26.18
CA TRP F 602 50.28 38.10 24.91
C TRP F 602 48.97 38.86 25.09
N LEU F 603 48.81 39.93 24.31
CA LEU F 603 47.56 40.66 24.33
C LEU F 603 46.44 39.78 23.79
N PRO F 604 45.22 39.89 24.33
CA PRO F 604 44.13 39.01 23.88
C PRO F 604 43.76 39.18 22.42
N SER F 605 44.12 40.29 21.79
CA SER F 605 43.74 40.58 20.42
C SER F 605 44.95 40.81 19.52
N ASP F 606 46.09 40.23 19.87
CA ASP F 606 47.24 40.37 18.99
C ASP F 606 47.08 39.44 17.78
N PRO F 607 47.72 39.76 16.65
CA PRO F 607 47.47 38.98 15.43
C PRO F 607 47.82 37.51 15.52
N GLN F 608 48.81 37.14 16.34
CA GLN F 608 49.20 35.74 16.43
C GLN F 608 48.07 34.88 17.00
N ILE F 609 47.37 35.37 18.02
CA ILE F 609 46.24 34.64 18.57
C ILE F 609 45.10 34.58 17.57
N ILE F 610 44.87 35.68 16.85
CA ILE F 610 43.82 35.69 15.83
C ILE F 610 44.17 34.73 14.70
N SER F 611 45.46 34.62 14.37
CA SER F 611 45.88 33.74 13.28
C SER F 611 45.54 32.29 13.58
N GLU F 612 45.98 31.80 14.74
CA GLU F 612 45.76 30.39 15.07
C GLU F 612 44.30 30.10 15.38
N GLY F 613 43.54 31.11 15.82
CA GLY F 613 42.11 30.93 15.97
C GLY F 613 41.42 30.73 14.64
N LEU F 614 41.77 31.54 13.64
CA LEU F 614 41.18 31.39 12.32
C LEU F 614 41.75 30.18 11.59
N TYR F 615 43.02 29.85 11.83
CA TYR F 615 43.62 28.68 11.19
C TYR F 615 42.90 27.40 11.61
N ALA F 616 42.49 27.32 12.88
CA ALA F 616 41.76 26.14 13.35
C ALA F 616 40.42 26.00 12.63
N ILE F 617 39.72 27.11 12.42
CA ILE F 617 38.44 27.06 11.72
C ILE F 617 38.64 26.58 10.29
N ALA F 618 39.67 27.09 9.61
CA ALA F 618 39.93 26.70 8.23
C ALA F 618 40.25 25.21 8.12
N VAL F 619 41.03 24.69 9.07
CA VAL F 619 41.40 23.27 9.04
C VAL F 619 40.15 22.40 9.18
N VAL F 620 39.24 22.77 10.09
CA VAL F 620 38.00 22.04 10.23
C VAL F 620 37.18 22.12 8.94
N LEU F 621 37.12 23.30 8.34
CA LEU F 621 36.40 23.46 7.08
C LEU F 621 37.09 22.72 5.94
N SER F 622 38.41 22.54 6.03
CA SER F 622 39.13 21.83 4.99
C SER F 622 38.66 20.39 4.86
N PHE F 623 38.60 19.67 5.99
CA PHE F 623 38.18 18.28 5.96
C PHE F 623 36.72 18.11 5.58
N SER F 624 35.94 19.20 5.55
CA SER F 624 34.58 19.14 5.03
C SER F 624 34.56 18.93 3.51
N ARG F 625 35.63 19.27 2.81
CA ARG F 625 35.70 19.05 1.37
C ARG F 625 35.87 17.58 1.00
N ILE F 626 36.10 16.70 1.97
CA ILE F 626 36.13 15.27 1.67
C ILE F 626 34.78 14.82 1.15
N ALA F 627 33.70 15.46 1.59
CA ALA F 627 32.38 15.15 1.07
C ALA F 627 32.20 15.58 -0.38
N TYR F 628 33.13 16.38 -0.93
CA TYR F 628 33.06 16.74 -2.33
C TYR F 628 33.43 15.58 -3.25
N ILE F 629 34.23 14.63 -2.77
CA ILE F 629 34.61 13.46 -3.56
C ILE F 629 33.79 12.23 -3.25
N LEU F 630 32.91 12.30 -2.25
CA LEU F 630 32.07 11.18 -1.84
C LEU F 630 30.98 10.80 -2.85
N PRO F 631 30.39 11.73 -3.62
CA PRO F 631 29.38 11.30 -4.59
C PRO F 631 29.89 10.30 -5.62
N ALA F 632 31.19 10.33 -5.92
CA ALA F 632 31.75 9.44 -6.93
C ALA F 632 31.70 7.98 -6.51
N ASN F 633 31.65 7.70 -5.21
CA ASN F 633 31.63 6.32 -4.72
C ASN F 633 30.21 5.81 -4.63
N GLU F 634 30.00 4.57 -5.05
CA GLU F 634 28.67 4.00 -5.11
C GLU F 634 28.12 3.62 -3.74
N SER F 635 28.99 3.44 -2.74
CA SER F 635 28.54 3.05 -1.41
C SER F 635 28.33 4.26 -0.50
N PHE F 636 29.28 5.19 -0.48
CA PHE F 636 29.19 6.37 0.37
C PHE F 636 28.53 7.56 -0.31
N GLY F 637 28.31 7.48 -1.63
CA GLY F 637 27.64 8.53 -2.36
C GLY F 637 26.18 8.73 -1.95
N PRO F 638 25.40 7.65 -1.93
CA PRO F 638 24.01 7.79 -1.45
C PRO F 638 23.92 8.25 -0.01
N LEU F 639 24.89 7.88 0.83
CA LEU F 639 24.85 8.30 2.23
C LEU F 639 25.00 9.80 2.37
N GLN F 640 25.89 10.41 1.57
CA GLN F 640 26.06 11.85 1.64
C GLN F 640 24.86 12.60 1.08
N ILE F 641 24.20 12.03 0.08
CA ILE F 641 22.98 12.65 -0.46
C ILE F 641 21.90 12.71 0.60
N SER F 642 21.70 11.60 1.33
CA SER F 642 20.71 11.58 2.38
C SER F 642 21.12 12.46 3.55
N LEU F 643 22.42 12.58 3.80
CA LEU F 643 22.89 13.46 4.88
C LEU F 643 22.56 14.91 4.58
N GLY F 644 22.81 15.34 3.34
CA GLY F 644 22.48 16.72 2.97
C GLY F 644 20.99 17.00 3.01
N ARG F 645 20.17 15.99 2.68
CA ARG F 645 18.73 16.16 2.74
C ARG F 645 18.25 16.38 4.18
N THR F 646 18.83 15.65 5.13
CA THR F 646 18.44 15.84 6.53
C THR F 646 18.86 17.21 7.04
N VAL F 647 20.04 17.68 6.63
CA VAL F 647 20.49 19.00 7.06
C VAL F 647 19.53 20.08 6.60
N LYS F 648 19.05 19.97 5.35
CA LYS F 648 18.07 20.93 4.85
C LYS F 648 16.76 20.81 5.63
N ASP F 649 16.37 19.59 6.01
CA ASP F 649 15.16 19.42 6.81
C ASP F 649 15.33 20.02 8.19
N ILE F 650 16.50 19.86 8.81
CA ILE F 650 16.73 20.39 10.15
C ILE F 650 16.76 21.91 10.14
N PHE F 651 17.18 22.52 9.03
CA PHE F 651 17.33 23.97 8.98
C PHE F 651 16.00 24.67 9.26
N LYS F 652 14.89 24.18 8.70
CA LYS F 652 13.61 24.81 8.97
C LYS F 652 13.14 24.55 10.39
N PHE F 653 13.49 23.40 10.97
CA PHE F 653 13.10 23.12 12.34
C PHE F 653 13.87 23.94 13.36
N MET F 654 15.10 24.32 13.01
CA MET F 654 15.92 25.15 13.94
C MET F 654 15.19 26.46 14.20
N VAL F 655 14.60 27.06 13.16
CA VAL F 655 13.92 28.34 13.30
C VAL F 655 12.87 28.27 14.40
N LEU F 656 12.14 27.16 14.46
CA LEU F 656 11.18 26.97 15.55
C LEU F 656 11.88 26.89 16.91
N PHE F 657 13.01 26.19 16.97
CA PHE F 657 13.71 26.04 18.23
C PHE F 657 14.46 27.31 18.63
N ILE F 658 14.86 28.13 17.65
CA ILE F 658 15.51 29.43 17.99
C ILE F 658 14.52 30.29 18.75
N MET F 659 13.26 30.32 18.34
CA MET F 659 12.25 31.11 19.04
C MET F 659 12.05 30.60 20.46
N VAL F 660 12.02 29.28 20.65
CA VAL F 660 11.95 28.72 21.99
C VAL F 660 13.23 29.00 22.76
N PHE F 661 14.38 28.86 22.10
CA PHE F 661 15.66 29.11 22.76
C PHE F 661 15.78 30.57 23.20
N PHE F 662 15.37 31.49 22.33
CA PHE F 662 15.49 32.91 22.66
C PHE F 662 14.49 33.33 23.73
N ALA F 663 13.35 32.63 23.82
CA ALA F 663 12.38 32.92 24.86
C ALA F 663 12.96 32.68 26.24
N PHE F 664 13.66 31.57 26.43
CA PHE F 664 14.23 31.25 27.74
C PHE F 664 15.58 31.92 27.96
N MET F 665 16.30 32.23 26.89
CA MET F 665 17.56 32.96 27.05
C MET F 665 17.33 34.33 27.64
N ILE F 666 16.36 35.07 27.10
CA ILE F 666 16.03 36.38 27.65
C ILE F 666 15.34 36.25 28.99
N GLY F 667 14.40 35.30 29.11
CA GLY F 667 13.62 35.18 30.32
C GLY F 667 14.46 34.78 31.53
N MET F 668 15.34 33.78 31.36
CA MET F 668 16.16 33.33 32.47
C MET F 668 17.31 34.29 32.76
N PHE F 669 17.83 34.96 31.74
CA PHE F 669 18.84 35.99 31.98
C PHE F 669 18.26 37.15 32.78
N ILE F 670 17.04 37.58 32.44
CA ILE F 670 16.39 38.67 33.18
C ILE F 670 16.20 38.27 34.63
N LEU F 671 15.81 37.01 34.87
CA LEU F 671 15.57 36.54 36.23
C LEU F 671 16.85 36.56 37.06
N TYR F 672 17.96 36.09 36.48
CA TYR F 672 19.19 35.87 37.24
C TYR F 672 20.24 36.95 37.03
N SER F 673 19.94 38.01 36.27
CA SER F 673 20.96 39.01 35.97
C SER F 673 21.41 39.75 37.22
N TYR F 674 20.49 39.95 38.17
CA TYR F 674 20.83 40.69 39.38
C TYR F 674 21.59 39.84 40.40
N TYR F 675 21.58 38.53 40.25
CA TYR F 675 22.32 37.65 41.15
C TYR F 675 23.63 37.20 40.50
N LEU F 676 24.54 38.15 40.28
CA LEU F 676 25.81 37.81 39.67
C LEU F 676 26.73 37.10 40.68
N GLY F 677 27.03 37.77 41.78
CA GLY F 677 27.86 37.18 42.82
C GLY F 677 27.10 36.37 43.83
N ALA F 678 25.80 36.13 43.62
CA ALA F 678 24.95 35.42 44.56
C ALA F 678 24.47 34.08 44.00
N LYS F 679 25.24 33.48 43.11
CA LYS F 679 24.89 32.20 42.52
C LYS F 679 26.05 31.22 42.68
N VAL F 680 25.71 29.93 42.58
CA VAL F 680 26.73 28.89 42.63
C VAL F 680 27.69 29.03 41.46
N ASN F 681 27.16 29.34 40.27
CA ASN F 681 28.01 29.62 39.12
C ASN F 681 27.51 30.85 38.38
N ALA F 682 28.05 31.11 37.19
CA ALA F 682 27.70 32.27 36.38
C ALA F 682 26.71 31.92 35.29
N ALA F 683 25.75 31.04 35.58
CA ALA F 683 24.95 30.41 34.55
C ALA F 683 24.16 31.44 33.73
N PHE F 684 23.26 32.18 34.36
CA PHE F 684 22.37 33.07 33.64
C PHE F 684 22.62 34.54 33.97
N THR F 685 23.80 34.86 34.51
CA THR F 685 24.07 36.23 34.95
C THR F 685 24.21 37.20 33.80
N THR F 686 24.57 36.74 32.61
CA THR F 686 24.71 37.59 31.43
C THR F 686 24.01 36.91 30.26
N VAL F 687 23.77 37.66 29.19
CA VAL F 687 23.07 37.09 27.99
C VAL F 687 23.93 35.97 27.41
N GLU F 688 25.25 36.17 27.39
CA GLU F 688 26.18 35.14 26.84
C GLU F 688 26.12 33.90 27.71
N GLU F 689 26.22 34.07 29.02
CA GLU F 689 26.18 32.92 29.97
C GLU F 689 24.80 32.27 29.87
N SER F 690 23.75 33.06 29.70
CA SER F 690 22.40 32.48 29.49
C SER F 690 22.38 31.69 28.20
N PHE F 691 23.01 32.17 27.14
CA PHE F 691 23.10 31.40 25.87
C PHE F 691 23.90 30.12 26.10
N LYS F 692 25.09 30.25 26.70
CA LYS F 692 25.97 29.08 26.91
C LYS F 692 25.21 27.99 27.66
N THR F 693 24.62 28.34 28.81
CA THR F 693 23.93 27.33 29.64
C THR F 693 22.83 26.64 28.85
N LEU F 694 21.99 27.41 28.17
CA LEU F 694 20.86 26.79 27.48
C LEU F 694 21.30 26.00 26.27
N PHE F 695 22.40 26.37 25.61
CA PHE F 695 22.86 25.62 24.46
C PHE F 695 23.39 24.25 24.88
N TRP F 696 24.19 24.21 25.94
CA TRP F 696 24.75 22.94 26.37
C TRP F 696 23.75 22.09 27.13
N SER F 697 22.62 22.66 27.54
CA SER F 697 21.54 21.86 28.08
C SER F 697 20.92 20.93 27.03
N ILE F 698 21.16 21.22 25.75
CA ILE F 698 20.67 20.34 24.69
C ILE F 698 21.36 18.98 24.77
N PHE F 699 22.63 18.98 25.13
CA PHE F 699 23.43 17.77 25.21
C PHE F 699 23.63 17.29 26.64
N GLY F 700 22.88 17.86 27.60
CA GLY F 700 23.01 17.45 28.97
C GLY F 700 24.30 17.88 29.63
N LEU F 701 24.94 18.91 29.12
CA LEU F 701 26.22 19.37 29.63
C LEU F 701 26.11 20.56 30.56
N SER F 702 24.90 20.97 30.93
CA SER F 702 24.68 22.04 31.89
C SER F 702 24.06 21.44 33.14
N GLU F 703 24.67 21.71 34.29
CA GLU F 703 24.25 21.12 35.55
C GLU F 703 23.01 21.84 36.11
N VAL F 704 22.33 21.17 37.04
CA VAL F 704 21.14 21.76 37.64
C VAL F 704 21.48 22.90 38.58
N THR F 705 22.71 22.92 39.13
CA THR F 705 23.13 24.02 39.98
C THR F 705 23.21 25.34 39.24
N SER F 706 22.91 25.35 37.94
CA SER F 706 22.86 26.58 37.17
C SER F 706 21.77 27.52 37.69
N VAL F 707 20.74 26.97 38.32
CA VAL F 707 19.60 27.76 38.77
C VAL F 707 19.60 27.98 40.28
N VAL F 708 20.60 27.50 40.99
CA VAL F 708 20.63 27.59 42.45
C VAL F 708 21.22 28.94 42.86
N LEU F 709 20.61 29.58 43.85
CA LEU F 709 21.06 30.85 44.38
C LEU F 709 21.74 30.66 45.72
N LYS F 710 22.68 31.55 46.04
CA LYS F 710 23.27 31.58 47.36
C LYS F 710 22.35 32.22 48.39
N TYR F 711 21.50 33.15 47.96
CA TYR F 711 20.61 33.85 48.86
C TYR F 711 19.37 33.01 49.17
N ASP F 712 18.57 33.47 50.13
CA ASP F 712 17.38 32.79 50.57
C ASP F 712 16.14 33.17 49.76
N HIS F 713 16.34 33.66 48.53
CA HIS F 713 15.24 34.07 47.66
C HIS F 713 14.76 32.84 46.91
N LYS F 714 14.03 31.98 47.64
CA LYS F 714 13.58 30.72 47.06
C LYS F 714 12.54 30.94 45.95
N PHE F 715 11.83 32.06 45.98
CA PHE F 715 10.84 32.32 44.94
C PHE F 715 11.51 32.45 43.58
N ILE F 716 12.61 33.21 43.51
CA ILE F 716 13.33 33.36 42.25
C ILE F 716 14.03 32.07 41.87
N GLU F 717 14.60 31.37 42.86
CA GLU F 717 15.28 30.11 42.57
C GLU F 717 14.31 29.05 42.07
N ASN F 718 13.11 28.99 42.63
CA ASN F 718 12.13 27.95 42.22
C ASN F 718 11.56 28.32 40.85
N ILE F 719 11.43 29.61 40.53
CA ILE F 719 11.03 29.99 39.18
C ILE F 719 12.08 29.55 38.17
N GLY F 720 13.36 29.74 38.51
CA GLY F 720 14.42 29.28 37.63
C GLY F 720 14.41 27.78 37.44
N TYR F 721 14.07 27.04 38.49
CA TYR F 721 13.92 25.59 38.36
C TYR F 721 12.82 25.23 37.37
N VAL F 722 11.68 25.90 37.47
CA VAL F 722 10.55 25.59 36.59
C VAL F 722 10.85 26.03 35.17
N LEU F 723 11.39 27.24 35.00
CA LEU F 723 11.72 27.71 33.65
C LEU F 723 12.78 26.82 33.01
N TYR F 724 13.80 26.43 33.77
CA TYR F 724 14.81 25.54 33.24
C TYR F 724 14.25 24.14 33.01
N GLY F 725 13.33 23.70 33.87
CA GLY F 725 12.67 22.43 33.66
C GLY F 725 11.74 22.45 32.46
N ILE F 726 11.02 23.55 32.26
CA ILE F 726 10.14 23.68 31.10
C ILE F 726 10.97 23.76 29.82
N TYR F 727 12.12 24.43 29.87
CA TYR F 727 12.97 24.53 28.70
C TYR F 727 13.45 23.15 28.24
N ASN F 728 13.87 22.31 29.19
CA ASN F 728 14.32 20.96 28.83
C ASN F 728 13.17 20.12 28.27
N VAL F 729 11.99 20.21 28.88
CA VAL F 729 10.85 19.47 28.36
C VAL F 729 10.45 20.00 27.00
N THR F 730 10.39 21.32 26.83
CA THR F 730 10.03 21.91 25.54
C THR F 730 11.04 21.52 24.48
N MET F 731 12.32 21.55 24.81
CA MET F 731 13.36 21.21 23.85
C MET F 731 13.25 19.77 23.38
N VAL F 732 12.90 18.86 24.30
CA VAL F 732 12.69 17.46 23.93
C VAL F 732 11.50 17.35 22.97
N VAL F 733 10.41 18.07 23.26
CA VAL F 733 9.23 18.01 22.42
C VAL F 733 9.54 18.51 21.01
N VAL F 734 10.30 19.61 20.91
CA VAL F 734 10.70 20.12 19.61
C VAL F 734 11.58 19.10 18.89
N LEU F 735 12.53 18.50 19.61
CA LEU F 735 13.37 17.47 19.01
C LEU F 735 12.55 16.24 18.63
N LEU F 736 11.60 15.85 19.50
CA LEU F 736 10.74 14.71 19.19
C LEU F 736 9.88 14.97 17.96
N ASN F 737 9.34 16.19 17.85
CA ASN F 737 8.56 16.55 16.67
C ASN F 737 9.42 16.53 15.41
N MET F 738 10.65 17.05 15.50
CA MET F 738 11.54 17.02 14.35
C MET F 738 11.88 15.59 13.95
N LEU F 739 12.12 14.72 14.93
CA LEU F 739 12.44 13.33 14.63
C LEU F 739 11.28 12.63 13.93
N ILE F 740 10.07 12.84 14.43
CA ILE F 740 8.91 12.16 13.84
C ILE F 740 8.60 12.72 12.46
N ALA F 741 8.62 14.05 12.32
CA ALA F 741 8.28 14.66 11.04
C ALA F 741 9.26 14.24 9.95
N MET F 742 10.54 14.16 10.28
CA MET F 742 11.53 13.75 9.28
C MET F 742 11.41 12.27 8.94
N ILE F 743 10.94 11.45 9.88
CA ILE F 743 10.70 10.04 9.58
C ILE F 743 9.55 9.90 8.59
N ASN F 744 8.46 10.64 8.80
CA ASN F 744 7.34 10.60 7.88
C ASN F 744 7.70 11.19 6.52
N SER F 745 8.56 12.21 6.49
CA SER F 745 8.99 12.78 5.22
C SER F 745 9.72 11.77 4.37
N SER F 746 10.51 10.88 4.98
CA SER F 746 11.20 9.84 4.23
C SER F 746 10.25 8.71 3.84
N TYR F 747 9.19 8.49 4.62
CA TYR F 747 8.25 7.41 4.31
C TYR F 747 7.51 7.66 3.00
N GLN F 748 7.39 8.92 2.57
CA GLN F 748 6.81 9.25 1.29
C GLN F 748 7.87 9.48 0.21
N ASP F 752 13.09 3.52 -4.47
CA ASP F 752 14.26 3.80 -5.29
C ASP F 752 14.32 5.25 -5.74
N ASP F 753 14.31 6.18 -4.78
CA ASP F 753 14.51 7.59 -5.08
C ASP F 753 15.89 8.09 -4.64
N SER F 754 16.46 7.50 -3.59
CA SER F 754 17.82 7.85 -3.18
C SER F 754 18.82 7.48 -4.26
N ASP F 755 18.58 6.37 -4.96
CA ASP F 755 19.45 5.97 -6.06
C ASP F 755 19.42 7.00 -7.18
N VAL F 756 18.23 7.52 -7.51
CA VAL F 756 18.12 8.53 -8.56
C VAL F 756 18.83 9.81 -8.16
N GLU F 757 18.66 10.24 -6.91
CA GLU F 757 19.28 11.50 -6.48
C GLU F 757 20.79 11.38 -6.43
N TRP F 758 21.31 10.22 -6.01
CA TRP F 758 22.76 10.04 -5.98
C TRP F 758 23.34 10.00 -7.40
N LYS F 759 22.72 9.23 -8.29
CA LYS F 759 23.22 9.15 -9.66
C LYS F 759 23.09 10.49 -10.38
N PHE F 760 22.16 11.33 -9.95
CA PHE F 760 22.08 12.68 -10.48
C PHE F 760 23.22 13.55 -9.96
N ALA F 761 23.50 13.46 -8.66
CA ALA F 761 24.58 14.26 -8.08
C ALA F 761 25.95 13.80 -8.58
N ARG F 762 26.13 12.49 -8.71
CA ARG F 762 27.40 11.97 -9.24
C ARG F 762 27.63 12.44 -10.67
N SER F 763 26.56 12.47 -11.48
CA SER F 763 26.68 12.92 -12.86
C SER F 763 27.10 14.39 -12.92
N LYS F 764 26.59 15.22 -12.00
CA LYS F 764 27.03 16.60 -11.94
C LYS F 764 28.52 16.69 -11.60
N LEU F 765 29.00 15.80 -10.75
CA LEU F 765 30.43 15.73 -10.46
C LEU F 765 31.21 15.35 -11.72
N TRP F 766 30.69 14.40 -12.50
CA TRP F 766 31.36 13.99 -13.74
C TRP F 766 31.39 15.13 -14.74
N LEU F 767 30.27 15.83 -14.92
CA LEU F 767 30.21 16.88 -15.94
C LEU F 767 31.17 18.03 -15.65
N SER F 768 31.57 18.21 -14.39
CA SER F 768 32.55 19.25 -14.07
C SER F 768 33.93 18.90 -14.61
N TYR F 769 34.22 17.63 -14.84
CA TYR F 769 35.52 17.19 -15.34
C TYR F 769 35.53 16.89 -16.83
N PHE F 770 34.40 17.01 -17.51
CA PHE F 770 34.39 16.74 -18.95
C PHE F 770 35.04 17.87 -19.73
N ASP F 771 34.99 19.09 -19.21
CA ASP F 771 35.60 20.22 -19.89
C ASP F 771 37.12 20.15 -19.81
N ASP F 772 37.78 20.67 -20.83
CA ASP F 772 39.23 20.63 -20.90
C ASP F 772 39.91 21.71 -20.07
N GLY F 773 39.16 22.68 -19.54
CA GLY F 773 39.77 23.73 -18.76
C GLY F 773 40.34 23.23 -17.44
N LYS F 774 39.62 22.33 -16.77
CA LYS F 774 40.01 21.83 -15.45
C LYS F 774 40.94 20.63 -15.65
N THR F 775 42.18 20.94 -16.05
CA THR F 775 43.15 19.89 -16.38
C THR F 775 44.00 19.49 -15.18
N LEU F 776 44.75 20.45 -14.63
CA LEU F 776 45.65 20.19 -13.53
C LEU F 776 45.05 20.62 -12.20
N PRO F 777 45.49 20.02 -11.10
CA PRO F 777 44.97 20.41 -9.78
C PRO F 777 45.30 21.85 -9.45
N PRO F 778 44.51 22.50 -8.59
CA PRO F 778 44.69 23.93 -8.31
C PRO F 778 46.10 24.29 -7.85
N PRO F 779 46.75 23.49 -7.00
CA PRO F 779 48.14 23.82 -6.66
C PRO F 779 49.09 23.84 -7.84
N PHE F 780 48.87 22.96 -8.82
CA PHE F 780 49.74 22.88 -9.99
C PHE F 780 49.21 23.65 -11.18
N SER F 781 48.09 24.35 -11.04
CA SER F 781 47.54 25.16 -12.11
C SER F 781 48.08 26.59 -12.12
N LEU F 782 48.96 26.93 -11.18
CA LEU F 782 49.54 28.26 -11.16
C LEU F 782 50.47 28.48 -12.37
N VAL F 783 51.26 27.47 -12.71
CA VAL F 783 52.19 27.57 -13.83
C VAL F 783 51.40 27.55 -15.13
N PRO F 784 51.55 28.55 -16.01
CA PRO F 784 50.82 28.63 -17.28
C PRO F 784 51.62 28.07 -18.45
N GLN F 844 15.00 13.14 -47.83
CA GLN F 844 14.76 14.54 -47.48
C GLN F 844 14.99 14.85 -45.99
N PRO F 845 14.42 14.08 -45.06
CA PRO F 845 14.67 14.35 -43.65
C PRO F 845 16.11 14.06 -43.26
N THR F 846 16.59 14.79 -42.25
CA THR F 846 17.92 14.53 -41.74
C THR F 846 17.93 13.24 -40.93
N ARG F 847 19.13 12.77 -40.60
CA ARG F 847 19.27 11.53 -39.85
C ARG F 847 18.64 11.67 -38.46
N TYR F 848 18.81 12.83 -37.83
CA TYR F 848 18.21 13.05 -36.52
C TYR F 848 16.69 12.99 -36.59
N GLN F 849 16.11 13.52 -37.66
CA GLN F 849 14.66 13.44 -37.84
C GLN F 849 14.20 11.99 -37.99
N GLN F 850 14.98 11.18 -38.70
CA GLN F 850 14.63 9.77 -38.84
C GLN F 850 14.68 9.05 -37.50
N ILE F 851 15.70 9.34 -36.69
CA ILE F 851 15.79 8.74 -35.37
C ILE F 851 14.63 9.19 -34.49
N MET F 852 14.31 10.49 -34.53
CA MET F 852 13.21 11.00 -33.70
C MET F 852 11.88 10.38 -34.11
N LYS F 853 11.64 10.22 -35.41
CA LYS F 853 10.41 9.60 -35.86
C LYS F 853 10.31 8.15 -35.38
N ARG F 854 11.43 7.41 -35.41
CA ARG F 854 11.42 6.04 -34.93
C ARG F 854 11.11 5.98 -33.44
N LEU F 855 11.71 6.86 -32.65
CA LEU F 855 11.53 6.80 -31.21
C LEU F 855 10.14 7.28 -30.80
N ILE F 856 9.59 8.26 -31.51
CA ILE F 856 8.25 8.74 -31.19
C ILE F 856 7.20 7.70 -31.54
N LYS F 857 7.33 7.08 -32.71
CA LYS F 857 6.43 5.98 -33.04
C LYS F 857 6.61 4.82 -32.07
N ARG F 858 7.87 4.55 -31.69
CA ARG F 858 8.12 3.57 -30.65
C ARG F 858 7.50 3.98 -29.32
N TYR F 859 7.44 5.28 -29.05
CA TYR F 859 6.82 5.76 -27.81
C TYR F 859 5.31 5.65 -27.87
N VAL F 860 4.70 6.04 -29.00
CA VAL F 860 3.26 6.02 -29.11
C VAL F 860 2.72 4.60 -29.00
N LEU F 861 3.36 3.65 -29.69
CA LEU F 861 2.95 2.26 -29.60
C LEU F 861 3.18 1.71 -28.20
N LYS F 862 4.28 2.09 -27.56
CA LYS F 862 4.55 1.59 -26.20
C LYS F 862 3.54 2.20 -25.22
N ALA F 863 3.17 3.46 -25.42
CA ALA F 863 2.18 4.07 -24.55
C ALA F 863 0.81 3.41 -24.73
N GLN F 864 0.45 3.05 -25.95
CA GLN F 864 -0.83 2.38 -26.18
C GLN F 864 -0.83 0.98 -25.60
N VAL F 865 0.31 0.28 -25.64
CA VAL F 865 0.39 -1.02 -24.99
C VAL F 865 0.25 -0.88 -23.48
N ASP F 866 0.89 0.12 -22.89
CA ASP F 866 0.77 0.34 -21.46
C ASP F 866 -0.64 0.71 -21.06
N LYS F 867 -1.37 1.44 -21.90
CA LYS F 867 -2.78 1.74 -21.59
C LYS F 867 -3.56 0.44 -21.57
N GLU F 868 -3.33 -0.43 -22.55
CA GLU F 868 -4.06 -1.68 -22.60
C GLU F 868 -3.71 -2.61 -21.44
N ASN F 869 -2.68 -2.29 -20.66
CA ASN F 869 -2.37 -3.05 -19.46
C ASN F 869 -3.02 -2.49 -18.22
N ASP F 870 -3.73 -1.36 -18.33
CA ASP F 870 -4.44 -0.81 -17.18
C ASP F 870 -5.66 -1.65 -16.86
N GLU F 871 -6.12 -1.52 -15.61
CA GLU F 871 -7.30 -2.26 -15.18
C GLU F 871 -8.53 -1.81 -15.95
N VAL F 872 -9.43 -2.74 -16.21
CA VAL F 872 -10.69 -2.43 -16.87
C VAL F 872 -11.64 -1.81 -15.86
N ASN F 873 -12.27 -0.71 -16.24
CA ASN F 873 -13.21 -0.01 -15.38
C ASN F 873 -14.63 -0.48 -15.65
N GLU F 874 -15.56 0.02 -14.84
CA GLU F 874 -16.97 -0.29 -15.06
C GLU F 874 -17.47 0.28 -16.38
N GLY F 875 -17.01 1.47 -16.75
CA GLY F 875 -17.45 2.06 -18.01
C GLY F 875 -16.99 1.29 -19.22
N GLU F 876 -15.79 0.71 -19.17
CA GLU F 876 -15.32 -0.12 -20.27
C GLU F 876 -16.15 -1.39 -20.39
N LEU F 877 -16.53 -2.00 -19.27
CA LEU F 877 -17.38 -3.17 -19.31
C LEU F 877 -18.79 -2.83 -19.78
N LYS F 878 -19.29 -1.66 -19.40
CA LYS F 878 -20.64 -1.21 -19.85
C LYS F 878 -20.63 -1.01 -21.36
N GLU F 879 -19.50 -0.64 -21.94
CA GLU F 879 -19.43 -0.51 -23.39
C GLU F 879 -19.65 -1.85 -24.07
N ILE F 880 -19.08 -2.92 -23.52
CA ILE F 880 -19.31 -4.26 -24.07
C ILE F 880 -20.75 -4.70 -23.82
N LYS F 881 -21.30 -4.36 -22.66
CA LYS F 881 -22.70 -4.70 -22.37
C LYS F 881 -23.64 -4.07 -23.38
N GLN F 882 -23.32 -2.85 -23.84
CA GLN F 882 -24.13 -2.21 -24.86
C GLN F 882 -23.87 -2.79 -26.24
N ASP F 883 -22.69 -3.34 -26.48
CA ASP F 883 -22.43 -4.05 -27.74
C ASP F 883 -23.34 -5.25 -27.88
N ILE F 884 -23.54 -6.00 -26.79
CA ILE F 884 -24.49 -7.11 -26.81
C ILE F 884 -25.91 -6.59 -26.92
N SER F 885 -26.20 -5.47 -26.27
CA SER F 885 -27.53 -4.87 -26.36
C SER F 885 -27.86 -4.46 -27.79
N SER F 886 -26.93 -3.79 -28.46
CA SER F 886 -27.15 -3.42 -29.85
C SER F 886 -27.22 -4.64 -30.75
N LEU F 887 -26.33 -5.61 -30.52
CA LEU F 887 -26.30 -6.81 -31.35
C LEU F 887 -27.60 -7.60 -31.20
N ARG F 888 -28.14 -7.67 -29.99
CA ARG F 888 -29.38 -8.40 -29.77
C ARG F 888 -30.52 -7.82 -30.57
N TYR F 889 -30.64 -6.49 -30.61
CA TYR F 889 -31.72 -5.86 -31.35
C TYR F 889 -31.57 -6.06 -32.86
N GLU F 890 -30.34 -6.00 -33.37
CA GLU F 890 -30.12 -6.23 -34.80
C GLU F 890 -30.46 -7.66 -35.19
N LEU F 891 -30.05 -8.63 -34.37
CA LEU F 891 -30.29 -10.03 -34.72
C LEU F 891 -31.75 -10.41 -34.61
N LEU F 892 -32.41 -10.00 -33.53
CA LEU F 892 -33.82 -10.36 -33.35
C LEU F 892 -34.69 -9.77 -34.45
N GLU F 893 -34.41 -8.52 -34.83
CA GLU F 893 -35.13 -7.93 -35.96
C GLU F 893 -34.80 -8.66 -37.26
N ASP F 894 -33.55 -9.07 -37.44
CA ASP F 894 -33.17 -9.83 -38.61
C ASP F 894 -33.89 -11.18 -38.65
N LYS F 895 -34.04 -11.83 -37.49
CA LYS F 895 -34.81 -13.06 -37.42
C LYS F 895 -36.27 -12.80 -37.78
N SER F 896 -36.82 -11.67 -37.33
CA SER F 896 -38.19 -11.31 -37.69
C SER F 896 -38.34 -11.08 -39.18
N GLN F 897 -37.28 -10.59 -39.84
CA GLN F 897 -37.33 -10.40 -41.29
C GLN F 897 -37.47 -11.73 -42.02
N ALA F 898 -36.86 -12.80 -41.50
CA ALA F 898 -37.04 -14.11 -42.10
C ALA F 898 -38.49 -14.57 -41.98
N THR F 899 -39.13 -14.32 -40.85
CA THR F 899 -40.51 -14.75 -40.66
C THR F 899 -41.47 -14.04 -41.60
N GLU F 900 -41.31 -12.72 -41.76
CA GLU F 900 -42.23 -11.98 -42.62
C GLU F 900 -42.02 -12.35 -44.10
N GLU F 901 -40.77 -12.62 -44.50
CA GLU F 901 -40.52 -13.06 -45.86
C GLU F 901 -41.18 -14.40 -46.14
N LEU F 902 -41.11 -15.32 -45.17
CA LEU F 902 -41.78 -16.61 -45.34
C LEU F 902 -43.29 -16.49 -45.16
N ALA F 903 -43.75 -15.51 -44.38
CA ALA F 903 -45.18 -15.30 -44.24
C ALA F 903 -45.82 -14.87 -45.55
N ILE F 904 -45.18 -13.94 -46.27
CA ILE F 904 -45.70 -13.52 -47.57
C ILE F 904 -45.41 -14.54 -48.66
N LEU F 905 -44.46 -15.45 -48.43
CA LEU F 905 -44.21 -16.52 -49.39
C LEU F 905 -45.39 -17.49 -49.44
N ILE F 906 -46.06 -17.70 -48.31
CA ILE F 906 -47.22 -18.60 -48.29
C ILE F 906 -48.37 -18.00 -49.10
N HIS F 907 -48.53 -16.67 -49.07
CA HIS F 907 -49.62 -16.05 -49.82
C HIS F 907 -49.49 -16.31 -51.31
N LYS F 908 -48.28 -16.21 -51.85
CA LYS F 908 -48.08 -16.53 -53.26
C LYS F 908 -48.30 -18.01 -53.53
N LEU F 909 -47.90 -18.86 -52.59
CA LEU F 909 -48.08 -20.30 -52.72
C LEU F 909 -49.41 -20.73 -52.12
N GLN G 23 -62.35 -11.26 -15.56
CA GLN G 23 -62.04 -10.49 -16.80
C GLN G 23 -62.73 -9.12 -16.72
N VAL G 24 -61.96 -8.04 -16.69
CA VAL G 24 -62.55 -6.68 -16.54
C VAL G 24 -63.41 -6.40 -17.78
N GLN G 25 -64.55 -5.73 -17.57
CA GLN G 25 -65.46 -5.43 -18.71
C GLN G 25 -65.34 -3.94 -19.03
N LEU G 26 -64.96 -3.59 -20.26
CA LEU G 26 -64.82 -2.17 -20.65
C LEU G 26 -65.88 -1.84 -21.71
N GLN G 27 -66.60 -0.74 -21.52
CA GLN G 27 -67.60 -0.31 -22.52
C GLN G 27 -67.37 1.17 -22.82
N GLU G 28 -67.31 1.54 -24.10
CA GLU G 28 -66.98 2.94 -24.46
C GLU G 28 -68.27 3.73 -24.73
N SER G 29 -68.25 5.03 -24.46
CA SER G 29 -69.38 5.90 -24.69
C SER G 29 -68.87 7.30 -24.95
N GLY G 30 -69.72 8.13 -25.55
CA GLY G 30 -69.39 9.50 -25.85
C GLY G 30 -69.00 9.77 -27.29
N GLY G 31 -68.78 8.73 -28.09
CA GLY G 31 -68.40 8.92 -29.47
C GLY G 31 -69.54 9.41 -30.33
N GLY G 32 -69.18 9.90 -31.51
CA GLY G 32 -70.15 10.41 -32.46
C GLY G 32 -69.47 11.18 -33.57
N SER G 33 -70.27 11.99 -34.25
CA SER G 33 -69.80 12.82 -35.36
C SER G 33 -69.71 14.26 -34.91
N VAL G 34 -68.52 14.85 -35.10
CA VAL G 34 -68.29 16.26 -34.67
C VAL G 34 -67.67 17.02 -35.85
N GLN G 35 -67.94 18.33 -35.94
CA GLN G 35 -67.29 19.14 -37.02
C GLN G 35 -65.83 19.39 -36.62
N SER G 36 -64.99 19.69 -37.60
CA SER G 36 -63.55 19.91 -37.31
C SER G 36 -63.39 21.02 -36.27
N GLY G 37 -62.31 20.98 -35.50
CA GLY G 37 -62.07 21.97 -34.48
C GLY G 37 -62.99 21.89 -33.30
N GLY G 38 -63.87 20.88 -33.25
CA GLY G 38 -64.82 20.74 -32.17
C GLY G 38 -64.20 20.08 -30.95
N SER G 39 -65.07 19.71 -30.01
CA SER G 39 -64.65 19.09 -28.76
C SER G 39 -65.50 17.86 -28.49
N LEU G 40 -64.84 16.79 -28.05
CA LEU G 40 -65.53 15.55 -27.68
C LEU G 40 -64.95 15.04 -26.36
N ARG G 41 -65.77 14.25 -25.67
CA ARG G 41 -65.33 13.61 -24.40
C ARG G 41 -65.77 12.15 -24.43
N LEU G 42 -64.81 11.23 -24.41
CA LEU G 42 -65.09 9.79 -24.43
C LEU G 42 -65.06 9.26 -23.01
N SER G 43 -66.01 8.39 -22.69
CA SER G 43 -66.10 7.78 -21.38
C SER G 43 -65.94 6.27 -21.51
N CYS G 44 -65.33 5.66 -20.50
CA CYS G 44 -65.06 4.23 -20.48
C CYS G 44 -65.44 3.69 -19.11
N ALA G 45 -66.51 2.91 -19.04
CA ALA G 45 -66.94 2.29 -17.79
C ALA G 45 -66.20 0.98 -17.59
N ALA G 46 -65.53 0.83 -16.44
CA ALA G 46 -64.72 -0.38 -16.19
C ALA G 46 -65.40 -1.24 -15.11
N SER G 47 -65.48 -2.55 -15.34
CA SER G 47 -66.12 -3.47 -14.35
C SER G 47 -65.10 -4.52 -13.89
N GLY G 48 -64.44 -4.30 -12.76
CA GLY G 48 -63.42 -5.23 -12.25
C GLY G 48 -62.37 -4.47 -11.46
N ASP G 49 -61.49 -5.15 -10.73
CA ASP G 49 -60.56 -4.40 -9.89
C ASP G 49 -59.14 -4.35 -10.42
N LYS G 50 -58.74 -5.35 -11.21
CA LYS G 50 -57.33 -5.40 -11.68
C LYS G 50 -57.20 -4.55 -12.95
N ASN G 51 -57.46 -3.25 -12.84
CA ASN G 51 -57.30 -2.33 -13.99
C ASN G 51 -56.41 -1.17 -13.51
N TYR G 52 -55.21 -1.51 -13.05
CA TYR G 52 -54.28 -0.47 -12.53
C TYR G 52 -53.69 0.32 -13.69
N TYR G 53 -53.77 -0.23 -14.90
CA TYR G 53 -53.25 0.48 -16.10
C TYR G 53 -54.36 0.55 -17.15
N MET G 54 -54.73 1.76 -17.57
CA MET G 54 -55.74 1.97 -18.60
C MET G 54 -55.19 2.94 -19.63
N GLY G 55 -55.79 2.89 -20.83
CA GLY G 55 -55.34 3.74 -21.91
C GLY G 55 -56.36 3.79 -23.02
N TRP G 56 -56.18 4.76 -23.91
CA TRP G 56 -57.04 4.95 -25.07
C TRP G 56 -56.26 4.65 -26.33
N PHE G 57 -56.89 3.94 -27.26
CA PHE G 57 -56.27 3.56 -28.52
C PHE G 57 -57.23 3.84 -29.65
N ARG G 58 -56.68 4.33 -30.77
CA ARG G 58 -57.47 4.62 -31.96
C ARG G 58 -57.01 3.71 -33.08
N GLN G 59 -57.94 3.41 -33.99
CA GLN G 59 -57.65 2.58 -35.16
C GLN G 59 -58.34 3.19 -36.36
N ALA G 60 -57.62 4.01 -37.11
CA ALA G 60 -58.16 4.56 -38.34
C ALA G 60 -58.33 3.45 -39.39
N PRO G 61 -59.33 3.57 -40.26
CA PRO G 61 -59.54 2.53 -41.27
C PRO G 61 -58.34 2.37 -42.17
N GLY G 62 -58.04 1.11 -42.50
CA GLY G 62 -56.91 0.81 -43.36
C GLY G 62 -55.56 0.83 -42.67
N LYS G 63 -55.52 1.04 -41.36
CA LYS G 63 -54.27 1.08 -40.61
C LYS G 63 -54.39 0.19 -39.38
N GLU G 64 -53.34 0.18 -38.57
CA GLU G 64 -53.28 -0.62 -37.35
C GLU G 64 -53.66 0.22 -36.14
N ARG G 65 -54.04 -0.48 -35.07
CA ARG G 65 -54.42 0.18 -33.84
C ARG G 65 -53.19 0.81 -33.19
N GLU G 66 -53.30 2.09 -32.83
CA GLU G 66 -52.18 2.83 -32.26
C GLU G 66 -52.62 3.52 -30.99
N GLY G 67 -51.64 3.81 -30.13
CA GLY G 67 -51.93 4.42 -28.85
C GLY G 67 -52.34 5.87 -28.98
N VAL G 68 -53.04 6.36 -27.95
CA VAL G 68 -53.40 7.76 -27.82
C VAL G 68 -52.94 8.32 -26.49
N ALA G 69 -53.28 7.66 -25.39
CA ALA G 69 -52.86 8.07 -24.07
C ALA G 69 -52.91 6.87 -23.14
N ALA G 70 -52.25 6.98 -21.99
CA ALA G 70 -52.25 5.93 -21.00
C ALA G 70 -52.01 6.55 -19.62
N ILE G 71 -52.79 6.12 -18.64
CA ILE G 71 -52.76 6.67 -17.30
C ILE G 71 -52.70 5.54 -16.29
N LYS G 72 -51.88 5.71 -15.26
CA LYS G 72 -51.76 4.73 -14.19
C LYS G 72 -52.85 4.95 -13.15
N SER G 73 -52.77 4.21 -12.04
CA SER G 73 -53.67 4.46 -10.92
C SER G 73 -53.28 5.73 -10.17
N ASP G 74 -51.98 5.94 -9.97
CA ASP G 74 -51.51 7.14 -9.29
C ASP G 74 -51.69 8.40 -10.12
N GLY G 75 -52.05 8.28 -11.39
CA GLY G 75 -52.34 9.41 -12.23
C GLY G 75 -51.23 9.78 -13.20
N GLU G 76 -50.10 9.08 -13.18
CA GLU G 76 -49.05 9.35 -14.14
C GLU G 76 -49.54 9.04 -15.55
N THR G 77 -49.43 10.02 -16.44
CA THR G 77 -49.98 9.85 -17.79
C THR G 77 -48.84 9.90 -18.79
N ARG G 78 -49.01 9.24 -19.94
CA ARG G 78 -48.16 9.55 -21.11
C ARG G 78 -49.04 9.59 -22.36
N TYR G 79 -48.71 10.48 -23.30
CA TYR G 79 -49.51 10.64 -24.53
C TYR G 79 -48.69 10.18 -25.72
N ALA G 80 -49.31 9.42 -26.62
CA ALA G 80 -48.65 8.96 -27.84
C ALA G 80 -48.44 10.14 -28.78
N ASP G 81 -47.23 10.26 -29.31
CA ASP G 81 -46.86 11.32 -30.25
C ASP G 81 -46.99 12.70 -29.62
N SER G 82 -46.74 13.73 -30.42
CA SER G 82 -46.94 15.11 -29.99
C SER G 82 -48.10 15.78 -30.71
N SER G 83 -48.77 15.07 -31.61
CA SER G 83 -49.94 15.63 -32.26
C SER G 83 -51.13 15.71 -31.31
N VAL G 84 -51.27 14.71 -30.43
CA VAL G 84 -52.37 14.70 -29.47
C VAL G 84 -52.02 15.41 -28.17
N THR G 85 -50.74 15.68 -27.91
CA THR G 85 -50.35 16.36 -26.69
C THR G 85 -50.85 17.79 -26.69
N GLY G 86 -51.47 18.20 -25.58
CA GLY G 86 -52.00 19.53 -25.44
C GLY G 86 -53.43 19.71 -25.91
N ARG G 87 -53.91 18.76 -26.71
CA ARG G 87 -55.30 18.84 -27.25
C ARG G 87 -56.11 17.65 -26.74
N PHE G 88 -55.45 16.52 -26.44
CA PHE G 88 -56.17 15.36 -25.85
C PHE G 88 -55.75 15.23 -24.39
N THR G 89 -56.72 15.02 -23.50
CA THR G 89 -56.45 14.84 -22.08
C THR G 89 -57.14 13.57 -21.60
N ILE G 90 -56.34 12.71 -20.96
CA ILE G 90 -56.89 11.44 -20.38
C ILE G 90 -57.01 11.67 -18.87
N SER G 91 -58.06 11.11 -18.25
CA SER G 91 -58.29 11.26 -16.80
C SER G 91 -59.17 10.12 -16.32
N GLN G 92 -59.14 9.84 -15.02
CA GLN G 92 -59.92 8.70 -14.50
C GLN G 92 -60.52 9.04 -13.13
N ASP G 93 -61.82 8.83 -12.96
CA ASP G 93 -62.39 8.96 -11.62
C ASP G 93 -61.69 8.04 -10.63
N ASN G 94 -61.12 6.93 -11.13
CA ASN G 94 -60.37 5.97 -10.33
C ASN G 94 -61.25 5.34 -9.25
N ALA G 95 -61.72 6.16 -8.30
CA ALA G 95 -62.63 5.64 -7.29
C ALA G 95 -63.94 5.17 -7.92
N LYS G 96 -64.45 5.91 -8.90
CA LYS G 96 -65.72 5.59 -9.54
C LYS G 96 -65.58 4.69 -10.75
N LYS G 97 -64.35 4.24 -11.06
CA LYS G 97 -64.11 3.25 -12.10
C LYS G 97 -64.56 3.74 -13.48
N THR G 98 -64.08 4.93 -13.87
CA THR G 98 -64.40 5.51 -15.16
C THR G 98 -63.16 6.14 -15.75
N LEU G 99 -63.00 5.98 -17.07
CA LEU G 99 -61.87 6.55 -17.80
C LEU G 99 -62.40 7.56 -18.80
N TYR G 100 -61.77 8.73 -18.85
CA TYR G 100 -62.22 9.82 -19.70
C TYR G 100 -61.11 10.23 -20.68
N LEU G 101 -61.51 10.64 -21.87
CA LEU G 101 -60.62 11.20 -22.88
C LEU G 101 -61.22 12.50 -23.39
N GLN G 102 -60.65 13.62 -22.97
CA GLN G 102 -61.11 14.93 -23.41
C GLN G 102 -60.40 15.29 -24.71
N MET G 103 -61.16 15.35 -25.80
CA MET G 103 -60.63 15.64 -27.13
C MET G 103 -61.04 17.04 -27.54
N THR G 104 -60.06 17.89 -27.80
CA THR G 104 -60.29 19.27 -28.23
C THR G 104 -59.50 19.54 -29.51
N SER G 105 -59.99 20.50 -30.29
CA SER G 105 -59.39 20.87 -31.57
C SER G 105 -59.31 19.66 -32.50
N LEU G 106 -60.46 19.04 -32.73
CA LEU G 106 -60.52 17.84 -33.55
C LEU G 106 -60.14 18.15 -34.99
N LYS G 107 -59.48 17.19 -35.63
CA LYS G 107 -59.03 17.29 -37.01
C LYS G 107 -59.57 16.12 -37.81
N PRO G 108 -59.66 16.27 -39.15
CA PRO G 108 -60.17 15.15 -39.96
C PRO G 108 -59.37 13.87 -39.82
N GLU G 109 -58.07 13.95 -39.58
CA GLU G 109 -57.28 12.74 -39.41
C GLU G 109 -57.53 12.06 -38.07
N ASP G 110 -58.25 12.71 -37.15
CA ASP G 110 -58.61 12.09 -35.88
C ASP G 110 -59.78 11.13 -36.02
N THR G 111 -60.42 11.07 -37.18
CA THR G 111 -61.52 10.14 -37.38
C THR G 111 -60.99 8.71 -37.34
N ALA G 112 -61.46 7.93 -36.38
CA ALA G 112 -61.01 6.56 -36.18
C ALA G 112 -62.00 5.87 -35.24
N MET G 113 -61.68 4.64 -34.87
CA MET G 113 -62.42 3.89 -33.86
C MET G 113 -61.60 3.88 -32.59
N TYR G 114 -62.17 4.41 -31.51
CA TYR G 114 -61.44 4.61 -30.27
C TYR G 114 -61.80 3.53 -29.26
N TYR G 115 -60.78 2.84 -28.75
CA TYR G 115 -60.94 1.78 -27.77
C TYR G 115 -60.28 2.21 -26.46
N CYS G 116 -60.86 1.79 -25.35
CA CYS G 116 -60.21 1.88 -24.05
C CYS G 116 -59.78 0.48 -23.62
N ALA G 117 -58.54 0.36 -23.17
CA ALA G 117 -57.98 -0.91 -22.77
C ALA G 117 -57.48 -0.82 -21.33
N ALA G 118 -57.50 -1.95 -20.63
CA ALA G 118 -57.08 -2.02 -19.25
C ALA G 118 -56.17 -3.22 -19.06
N ASP G 119 -55.29 -3.13 -18.06
CA ASP G 119 -54.41 -4.23 -17.73
C ASP G 119 -53.95 -4.08 -16.29
N ARG G 120 -53.66 -5.21 -15.66
CA ARG G 120 -53.21 -5.21 -14.27
C ARG G 120 -51.76 -4.76 -14.13
N TYR G 121 -50.93 -5.04 -15.14
CA TYR G 121 -49.52 -4.73 -15.09
C TYR G 121 -49.01 -4.52 -16.51
N ILE G 122 -48.07 -3.58 -16.68
CA ILE G 122 -47.47 -3.37 -17.99
C ILE G 122 -45.96 -3.56 -17.93
N GLY G 123 -45.28 -2.74 -17.14
CA GLY G 123 -43.83 -2.85 -17.02
C GLY G 123 -43.07 -1.66 -17.57
N THR G 124 -41.82 -1.87 -17.97
CA THR G 124 -41.01 -0.79 -18.52
C THR G 124 -41.52 -0.29 -19.86
N ARG G 125 -42.39 -1.05 -20.51
CA ARG G 125 -42.95 -0.68 -21.81
C ARG G 125 -44.24 0.12 -21.68
N TRP G 126 -44.64 0.46 -20.45
CA TRP G 126 -45.86 1.23 -20.26
C TRP G 126 -45.76 2.61 -20.88
N LYS G 127 -44.58 3.23 -20.75
CA LYS G 127 -44.38 4.62 -21.23
C LYS G 127 -44.33 4.69 -22.75
N TYR G 128 -44.64 3.61 -23.46
CA TYR G 128 -44.68 3.64 -24.91
C TYR G 128 -46.10 3.64 -25.45
N VAL G 129 -47.10 3.34 -24.61
CA VAL G 129 -48.51 3.23 -25.02
C VAL G 129 -48.62 2.31 -26.22
N ARG G 130 -48.35 1.02 -25.99
CA ARG G 130 -48.38 0.03 -27.10
C ARG G 130 -49.58 -0.89 -26.89
N PRO G 131 -50.47 -1.06 -27.90
CA PRO G 131 -51.69 -1.87 -27.73
C PRO G 131 -51.44 -3.29 -27.29
N GLU G 132 -50.31 -3.89 -27.65
CA GLU G 132 -50.05 -5.28 -27.32
C GLU G 132 -49.80 -5.52 -25.83
N ASP G 133 -49.63 -4.46 -25.04
CA ASP G 133 -49.39 -4.61 -23.62
C ASP G 133 -50.66 -4.63 -22.78
N TYR G 134 -51.83 -4.47 -23.40
CA TYR G 134 -53.09 -4.39 -22.69
C TYR G 134 -53.93 -5.63 -23.01
N SER G 135 -54.45 -6.26 -21.98
CA SER G 135 -55.14 -7.54 -22.12
C SER G 135 -56.65 -7.42 -22.27
N TYR G 136 -57.27 -6.45 -21.61
CA TYR G 136 -58.71 -6.28 -21.64
C TYR G 136 -59.07 -5.08 -22.51
N TRP G 137 -60.02 -5.27 -23.42
CA TRP G 137 -60.38 -4.25 -24.38
C TRP G 137 -61.89 -4.05 -24.39
N GLY G 138 -62.29 -2.81 -24.68
CA GLY G 138 -63.69 -2.51 -24.89
C GLY G 138 -64.11 -2.76 -26.32
N GLN G 139 -65.38 -2.49 -26.59
CA GLN G 139 -65.92 -2.68 -27.94
C GLN G 139 -65.48 -1.59 -28.90
N GLY G 140 -65.18 -0.39 -28.39
CA GLY G 140 -64.76 0.70 -29.25
C GLY G 140 -65.92 1.56 -29.72
N THR G 141 -65.70 2.87 -29.78
CA THR G 141 -66.72 3.81 -30.23
C THR G 141 -66.18 4.61 -31.40
N GLN G 142 -67.01 4.80 -32.42
CA GLN G 142 -66.59 5.46 -33.65
C GLN G 142 -66.65 6.97 -33.47
N VAL G 143 -65.55 7.64 -33.80
CA VAL G 143 -65.46 9.10 -33.80
C VAL G 143 -65.18 9.53 -35.23
N THR G 144 -66.08 10.35 -35.78
CA THR G 144 -65.90 10.84 -37.17
C THR G 144 -65.83 12.37 -37.16
N VAL G 145 -64.64 12.93 -37.32
CA VAL G 145 -64.48 14.42 -37.36
C VAL G 145 -64.61 14.88 -38.81
N SER G 146 -65.59 15.75 -39.07
CA SER G 146 -65.82 16.24 -40.46
C SER G 146 -65.34 17.69 -40.54
N SER G 147 -64.58 18.01 -41.60
CA SER G 147 -64.11 19.41 -41.79
C SER G 147 -65.17 20.19 -42.59
N GLY H 97 -28.13 -34.10 4.90
CA GLY H 97 -26.75 -33.66 4.75
C GLY H 97 -26.49 -32.31 5.39
N PRO H 98 -26.88 -31.23 4.71
CA PRO H 98 -26.70 -29.90 5.28
C PRO H 98 -27.48 -29.72 6.57
N ALA H 99 -26.91 -28.96 7.50
CA ALA H 99 -27.58 -28.70 8.76
C ALA H 99 -28.85 -27.90 8.57
N PHE H 100 -28.83 -26.92 7.67
CA PHE H 100 -29.97 -26.03 7.44
C PHE H 100 -30.46 -26.20 6.01
N MET H 101 -31.76 -26.38 5.85
CA MET H 101 -32.40 -26.47 4.55
C MET H 101 -33.15 -25.17 4.31
N PHE H 102 -32.56 -24.28 3.51
CA PHE H 102 -33.10 -22.94 3.30
C PHE H 102 -34.24 -22.91 2.29
N ASN H 103 -34.51 -24.02 1.61
CA ASN H 103 -35.58 -24.05 0.61
C ASN H 103 -36.95 -24.10 1.26
N THR H 107 -41.16 -31.79 -1.37
CA THR H 107 -40.04 -30.89 -1.00
C THR H 107 -38.88 -31.11 -1.96
N SER H 108 -39.08 -31.93 -3.01
CA SER H 108 -37.97 -32.25 -3.94
C SER H 108 -37.96 -31.24 -5.09
N LEU H 109 -39.00 -30.42 -5.23
CA LEU H 109 -39.14 -29.49 -6.38
C LEU H 109 -39.46 -30.30 -7.63
N THR H 110 -40.66 -30.15 -8.16
CA THR H 110 -41.10 -30.97 -9.33
C THR H 110 -40.22 -30.65 -10.55
N ALA H 111 -40.29 -31.49 -11.57
CA ALA H 111 -39.52 -31.27 -12.80
C ALA H 111 -39.95 -29.95 -13.45
N GLU H 112 -41.25 -29.66 -13.42
CA GLU H 112 -41.79 -28.39 -14.00
C GLU H 112 -41.18 -27.21 -13.27
N GLU H 113 -41.08 -27.31 -11.94
CA GLU H 113 -40.52 -26.20 -11.12
C GLU H 113 -39.00 -26.18 -11.29
N GLU H 114 -38.35 -27.33 -11.38
CA GLU H 114 -36.91 -27.32 -11.64
C GLU H 114 -36.61 -26.68 -12.98
N ARG H 115 -37.38 -27.03 -14.02
CA ARG H 115 -37.19 -26.44 -15.33
C ARG H 115 -37.52 -24.95 -15.31
N PHE H 116 -38.59 -24.58 -14.60
CA PHE H 116 -39.01 -23.19 -14.56
C PHE H 116 -37.98 -22.31 -13.84
N LEU H 117 -37.43 -22.79 -12.74
CA LEU H 117 -36.47 -22.01 -11.99
C LEU H 117 -35.18 -21.80 -12.76
N ASP H 118 -34.70 -22.83 -13.46
CA ASP H 118 -33.51 -22.68 -14.29
C ASP H 118 -33.75 -21.72 -15.43
N ALA H 119 -34.93 -21.77 -16.05
CA ALA H 119 -35.23 -20.87 -17.15
C ALA H 119 -35.23 -19.43 -16.69
N ALA H 120 -35.80 -19.14 -15.52
CA ALA H 120 -35.80 -17.79 -14.99
C ALA H 120 -34.40 -17.36 -14.58
N GLU H 121 -33.62 -18.27 -13.98
CA GLU H 121 -32.30 -17.90 -13.49
C GLU H 121 -31.33 -17.60 -14.63
N TYR H 122 -31.39 -18.37 -15.71
CA TYR H 122 -30.48 -18.22 -16.83
C TYR H 122 -31.09 -17.46 -17.99
N GLY H 123 -32.24 -16.84 -17.79
CA GLY H 123 -32.83 -16.01 -18.82
C GLY H 123 -33.32 -16.75 -20.05
N ASN H 124 -33.91 -17.92 -19.86
CA ASN H 124 -34.49 -18.68 -20.96
C ASN H 124 -35.89 -18.12 -21.22
N ILE H 125 -35.92 -16.97 -21.88
CA ILE H 125 -37.19 -16.26 -22.10
C ILE H 125 -38.21 -17.11 -22.86
N PRO H 126 -37.85 -17.80 -23.95
CA PRO H 126 -38.85 -18.64 -24.62
C PRO H 126 -39.47 -19.69 -23.72
N VAL H 127 -38.68 -20.32 -22.85
CA VAL H 127 -39.22 -21.31 -21.94
C VAL H 127 -40.03 -20.66 -20.83
N VAL H 128 -39.53 -19.55 -20.28
CA VAL H 128 -40.26 -18.85 -19.22
C VAL H 128 -41.62 -18.41 -19.73
N ARG H 129 -41.67 -17.82 -20.93
CA ARG H 129 -42.94 -17.38 -21.48
C ARG H 129 -43.87 -18.54 -21.75
N LYS H 130 -43.33 -19.65 -22.28
CA LYS H 130 -44.17 -20.80 -22.61
C LYS H 130 -44.80 -21.40 -21.36
N MET H 131 -44.02 -21.54 -20.29
CA MET H 131 -44.53 -22.16 -19.08
C MET H 131 -45.56 -21.28 -18.38
N LEU H 132 -45.35 -19.96 -18.40
CA LEU H 132 -46.32 -19.06 -17.79
C LEU H 132 -47.62 -18.99 -18.58
N GLU H 133 -47.64 -19.48 -19.82
CA GLU H 133 -48.83 -19.44 -20.65
C GLU H 133 -49.64 -20.73 -20.56
N GLU H 134 -49.02 -21.86 -20.91
CA GLU H 134 -49.81 -23.11 -21.01
C GLU H 134 -49.88 -23.88 -19.70
N SER H 135 -48.84 -23.82 -18.87
CA SER H 135 -48.82 -24.66 -17.69
C SER H 135 -49.90 -24.23 -16.70
N LYS H 136 -50.65 -25.21 -16.20
CA LYS H 136 -51.73 -24.91 -15.24
C LYS H 136 -51.40 -25.61 -13.92
N THR H 137 -50.27 -26.32 -13.89
CA THR H 137 -49.88 -27.09 -12.68
C THR H 137 -48.58 -26.52 -12.12
N LEU H 138 -48.27 -25.25 -12.40
CA LEU H 138 -46.97 -24.66 -11.95
C LEU H 138 -47.17 -23.63 -10.84
N ASN H 139 -46.33 -23.67 -9.80
CA ASN H 139 -46.37 -22.66 -8.71
C ASN H 139 -45.23 -21.68 -8.94
N VAL H 140 -45.53 -20.47 -9.40
CA VAL H 140 -44.47 -19.46 -9.74
C VAL H 140 -43.64 -19.17 -8.49
N ASN H 141 -44.15 -19.53 -7.31
CA ASN H 141 -43.49 -19.20 -6.06
C ASN H 141 -42.58 -20.31 -5.55
N CYS H 142 -42.26 -21.29 -6.40
CA CYS H 142 -41.30 -22.33 -6.02
C CYS H 142 -39.92 -21.72 -5.79
N VAL H 143 -39.20 -22.28 -4.83
CA VAL H 143 -37.92 -21.73 -4.40
C VAL H 143 -36.80 -22.73 -4.70
N ASP H 144 -35.59 -22.20 -4.81
CA ASP H 144 -34.40 -23.02 -5.03
C ASP H 144 -33.78 -23.36 -3.68
N TYR H 145 -32.55 -23.87 -3.69
CA TYR H 145 -31.91 -24.34 -2.47
C TYR H 145 -31.66 -23.21 -1.47
N MET H 146 -31.67 -21.96 -1.91
CA MET H 146 -31.50 -20.81 -1.03
C MET H 146 -32.80 -20.08 -0.76
N GLY H 147 -33.94 -20.67 -1.10
CA GLY H 147 -35.22 -20.02 -0.89
C GLY H 147 -35.46 -18.80 -1.76
N GLN H 148 -34.95 -18.82 -2.99
CA GLN H 148 -35.14 -17.73 -3.94
C GLN H 148 -36.09 -18.21 -5.03
N ASN H 149 -37.19 -17.51 -5.23
CA ASN H 149 -38.16 -17.89 -6.25
C ASN H 149 -37.69 -17.37 -7.61
N ALA H 150 -38.54 -17.51 -8.62
CA ALA H 150 -38.15 -17.13 -9.97
C ALA H 150 -37.85 -15.64 -10.07
N LEU H 151 -38.67 -14.81 -9.42
CA LEU H 151 -38.48 -13.36 -9.50
C LEU H 151 -37.14 -12.96 -8.90
N GLN H 152 -36.77 -13.52 -7.76
CA GLN H 152 -35.51 -13.17 -7.12
C GLN H 152 -34.32 -13.68 -7.91
N LEU H 153 -34.47 -14.84 -8.58
CA LEU H 153 -33.40 -15.34 -9.43
C LEU H 153 -33.24 -14.52 -10.68
N ALA H 154 -34.35 -14.11 -11.30
CA ALA H 154 -34.28 -13.28 -12.50
C ALA H 154 -33.73 -11.89 -12.19
N VAL H 155 -34.14 -11.30 -11.07
CA VAL H 155 -33.65 -9.98 -10.71
C VAL H 155 -32.16 -10.03 -10.40
N GLY H 156 -31.72 -11.08 -9.69
CA GLY H 156 -30.32 -11.19 -9.34
C GLY H 156 -29.40 -11.30 -10.54
N ASN H 157 -29.86 -11.96 -11.60
CA ASN H 157 -29.07 -12.12 -12.82
C ASN H 157 -29.39 -11.06 -13.87
N GLU H 158 -30.24 -10.09 -13.54
CA GLU H 158 -30.59 -8.99 -14.43
C GLU H 158 -31.24 -9.50 -15.72
N HIS H 159 -32.37 -10.18 -15.54
CA HIS H 159 -33.18 -10.67 -16.66
C HIS H 159 -34.45 -9.82 -16.67
N LEU H 160 -34.38 -8.69 -17.37
CA LEU H 160 -35.52 -7.77 -17.42
C LEU H 160 -36.71 -8.41 -18.14
N GLU H 161 -36.46 -9.10 -19.24
CA GLU H 161 -37.56 -9.71 -19.99
C GLU H 161 -38.24 -10.80 -19.19
N VAL H 162 -37.47 -11.60 -18.46
CA VAL H 162 -38.06 -12.60 -17.58
C VAL H 162 -38.79 -11.93 -16.43
N THR H 163 -38.23 -10.84 -15.90
CA THR H 163 -38.85 -10.15 -14.77
C THR H 163 -40.24 -9.63 -15.13
N GLU H 164 -40.39 -9.04 -16.31
CA GLU H 164 -41.71 -8.53 -16.71
C GLU H 164 -42.68 -9.66 -16.99
N LEU H 165 -42.21 -10.79 -17.50
CA LEU H 165 -43.08 -11.94 -17.70
C LEU H 165 -43.59 -12.48 -16.37
N LEU H 166 -42.72 -12.54 -15.36
CA LEU H 166 -43.14 -13.03 -14.05
C LEU H 166 -44.13 -12.08 -13.40
N LEU H 167 -43.89 -10.78 -13.51
CA LEU H 167 -44.75 -9.79 -12.87
C LEU H 167 -46.12 -9.72 -13.53
N LYS H 168 -46.25 -10.21 -14.75
CA LYS H 168 -47.60 -10.26 -15.38
C LYS H 168 -48.40 -11.35 -14.67
N LYS H 169 -47.71 -12.38 -14.19
CA LYS H 169 -48.39 -13.46 -13.47
C LYS H 169 -48.80 -12.96 -12.09
N GLU H 170 -50.09 -13.02 -11.79
CA GLU H 170 -50.58 -12.62 -10.48
C GLU H 170 -50.11 -13.62 -9.43
N ASN H 171 -50.49 -13.37 -8.17
CA ASN H 171 -50.12 -14.19 -7.02
C ASN H 171 -48.63 -14.53 -7.02
N LEU H 172 -47.81 -13.62 -7.51
CA LEU H 172 -46.36 -13.76 -7.45
C LEU H 172 -45.84 -13.17 -6.15
N ALA H 173 -44.92 -13.87 -5.51
CA ALA H 173 -44.43 -13.50 -4.20
C ALA H 173 -43.09 -12.79 -4.30
N ARG H 174 -42.62 -12.29 -3.15
CA ARG H 174 -41.33 -11.61 -3.02
C ARG H 174 -41.22 -10.39 -3.92
N ILE H 175 -42.33 -9.68 -4.11
CA ILE H 175 -42.30 -8.45 -4.89
C ILE H 175 -41.46 -7.39 -4.19
N GLY H 176 -41.65 -7.24 -2.88
CA GLY H 176 -40.92 -6.21 -2.15
C GLY H 176 -39.43 -6.49 -2.08
N ASP H 177 -39.05 -7.76 -1.91
CA ASP H 177 -37.63 -8.09 -1.84
C ASP H 177 -36.95 -7.94 -3.20
N ALA H 178 -37.66 -8.25 -4.28
CA ALA H 178 -37.06 -8.12 -5.60
C ALA H 178 -36.72 -6.67 -5.91
N LEU H 179 -37.55 -5.73 -5.45
CA LEU H 179 -37.22 -4.32 -5.62
C LEU H 179 -35.95 -3.96 -4.86
N LEU H 180 -35.85 -4.40 -3.61
CA LEU H 180 -34.65 -4.12 -2.83
C LEU H 180 -33.44 -4.79 -3.44
N LEU H 181 -33.59 -6.01 -3.94
CA LEU H 181 -32.49 -6.68 -4.62
C LEU H 181 -32.08 -5.93 -5.89
N ALA H 182 -33.07 -5.47 -6.66
CA ALA H 182 -32.76 -4.70 -7.86
C ALA H 182 -32.12 -3.36 -7.53
N ILE H 183 -32.62 -2.68 -6.50
CA ILE H 183 -32.05 -1.41 -6.09
C ILE H 183 -30.61 -1.59 -5.62
N SER H 184 -30.36 -2.67 -4.88
CA SER H 184 -29.02 -2.91 -4.35
C SER H 184 -28.01 -3.10 -5.47
N LYS H 185 -28.40 -3.79 -6.54
CA LYS H 185 -27.54 -4.01 -7.68
C LYS H 185 -27.60 -2.89 -8.71
N GLY H 186 -28.46 -1.90 -8.50
CA GLY H 186 -28.59 -0.78 -9.40
C GLY H 186 -29.13 -1.11 -10.77
N TYR H 187 -30.05 -2.06 -10.85
CA TYR H 187 -30.67 -2.44 -12.12
C TYR H 187 -31.84 -1.49 -12.35
N VAL H 188 -31.55 -0.36 -12.99
CA VAL H 188 -32.55 0.71 -13.13
C VAL H 188 -33.75 0.24 -13.93
N ARG H 189 -33.51 -0.51 -15.01
CA ARG H 189 -34.62 -0.98 -15.83
C ARG H 189 -35.48 -1.98 -15.07
N ILE H 190 -34.87 -2.86 -14.28
CA ILE H 190 -35.64 -3.80 -13.48
C ILE H 190 -36.41 -3.07 -12.39
N VAL H 191 -35.81 -2.02 -11.81
CA VAL H 191 -36.46 -1.29 -10.73
C VAL H 191 -37.77 -0.68 -11.21
N GLU H 192 -37.75 -0.03 -12.38
CA GLU H 192 -38.98 0.58 -12.88
C GLU H 192 -39.97 -0.47 -13.36
N ALA H 193 -39.51 -1.67 -13.68
CA ALA H 193 -40.43 -2.76 -13.97
C ALA H 193 -41.13 -3.25 -12.70
N ILE H 194 -40.37 -3.37 -11.61
CA ILE H 194 -40.96 -3.80 -10.34
C ILE H 194 -41.83 -2.69 -9.75
N LEU H 195 -41.37 -1.45 -9.83
CA LEU H 195 -42.13 -0.30 -9.26
C LEU H 195 -43.42 -0.14 -10.05
N ASN H 196 -43.58 -0.92 -11.11
CA ASN H 196 -44.83 -0.88 -11.92
C ASN H 196 -45.64 -2.13 -11.56
N HIS H 197 -45.49 -2.61 -10.33
CA HIS H 197 -46.30 -3.75 -9.86
C HIS H 197 -47.36 -3.16 -8.94
N PRO H 198 -48.63 -3.52 -9.08
CA PRO H 198 -49.69 -2.89 -8.29
C PRO H 198 -49.42 -2.87 -6.79
N GLY H 199 -48.49 -3.70 -6.30
CA GLY H 199 -48.09 -3.60 -4.91
C GLY H 199 -47.45 -2.25 -4.58
N PHE H 200 -46.74 -1.67 -5.54
CA PHE H 200 -46.14 -0.35 -5.38
C PHE H 200 -46.94 0.77 -6.03
N ALA H 201 -47.41 0.54 -7.27
CA ALA H 201 -48.10 1.60 -8.01
C ALA H 201 -49.40 2.01 -7.33
N ALA H 202 -50.22 1.03 -6.94
CA ALA H 202 -51.52 1.34 -6.36
C ALA H 202 -51.42 1.81 -4.92
N SER H 203 -50.43 1.33 -4.17
CA SER H 203 -50.32 1.64 -2.75
C SER H 203 -49.34 2.79 -2.54
N LYS H 204 -49.05 3.09 -1.29
CA LYS H 204 -48.15 4.18 -0.89
C LYS H 204 -46.97 3.64 -0.11
N ARG H 205 -46.45 2.49 -0.52
CA ARG H 205 -45.34 1.87 0.20
C ARG H 205 -44.07 2.69 0.08
N LEU H 206 -43.86 3.37 -1.04
CA LEU H 206 -42.66 4.18 -1.20
C LEU H 206 -42.70 5.42 -0.33
N THR H 207 -43.89 6.00 -0.12
CA THR H 207 -44.00 7.25 0.64
C THR H 207 -43.87 7.03 2.14
N LEU H 208 -44.35 5.90 2.67
CA LEU H 208 -44.41 5.72 4.11
C LEU H 208 -43.02 5.54 4.70
N SER H 209 -42.89 5.95 5.98
CA SER H 209 -41.57 5.91 6.67
C SER H 209 -41.16 4.47 7.05
N PRO H 210 -39.90 4.23 7.47
CA PRO H 210 -39.48 2.91 7.92
C PRO H 210 -40.31 2.49 9.15
N CYS H 211 -40.61 3.43 10.03
CA CYS H 211 -41.44 3.14 11.23
C CYS H 211 -42.84 2.73 10.79
N GLU H 212 -43.49 3.54 9.94
CA GLU H 212 -44.85 3.21 9.43
C GLU H 212 -44.78 1.88 8.69
N GLN H 213 -43.67 1.62 8.00
CA GLN H 213 -43.50 0.33 7.28
C GLN H 213 -43.53 -0.82 8.29
N GLU H 214 -42.89 -0.64 9.45
CA GLU H 214 -42.79 -1.74 10.45
C GLU H 214 -44.08 -1.81 11.28
N LEU H 215 -45.10 -1.06 10.90
CA LEU H 215 -46.41 -1.13 11.61
C LEU H 215 -47.39 -1.89 10.72
N GLN H 216 -47.13 -1.94 9.41
CA GLN H 216 -48.04 -2.64 8.46
C GLN H 216 -47.99 -4.14 8.73
N ASP H 217 -46.79 -4.69 8.95
CA ASP H 217 -46.63 -6.14 9.23
C ASP H 217 -47.32 -6.95 8.13
N ASP H 218 -47.06 -6.60 6.86
CA ASP H 218 -47.65 -7.32 5.71
C ASP H 218 -46.59 -8.23 5.11
N ASP H 219 -45.37 -8.18 5.65
CA ASP H 219 -44.27 -9.03 5.14
C ASP H 219 -44.16 -8.85 3.62
N PHE H 220 -44.19 -7.60 3.15
CA PHE H 220 -44.11 -7.33 1.69
C PHE H 220 -42.65 -7.43 1.25
N TYR H 221 -41.72 -6.98 2.09
CA TYR H 221 -40.30 -6.97 1.70
C TYR H 221 -39.60 -8.20 2.27
N ALA H 222 -40.36 -9.25 2.58
CA ALA H 222 -39.78 -10.50 3.12
C ALA H 222 -39.12 -11.29 1.99
N TYR H 223 -37.93 -11.84 2.23
CA TYR H 223 -37.22 -12.64 1.22
C TYR H 223 -37.42 -14.13 1.50
N ASP H 224 -38.08 -14.47 2.61
CA ASP H 224 -38.31 -15.88 2.98
C ASP H 224 -39.37 -15.95 4.06
N GLU H 225 -39.64 -17.16 4.58
CA GLU H 225 -40.69 -17.33 5.58
C GLU H 225 -40.50 -16.39 6.76
N ASP H 226 -39.25 -16.20 7.20
CA ASP H 226 -38.97 -15.29 8.30
C ASP H 226 -37.73 -14.48 7.97
N GLY H 227 -37.88 -13.18 7.91
CA GLY H 227 -36.76 -12.27 7.72
C GLY H 227 -36.84 -11.52 6.40
N THR H 228 -35.92 -10.56 6.28
CA THR H 228 -35.78 -9.74 5.08
C THR H 228 -34.31 -9.77 4.65
N ARG H 229 -34.09 -9.48 3.37
CA ARG H 229 -32.71 -9.49 2.86
C ARG H 229 -31.87 -8.42 3.54
N PHE H 230 -32.42 -7.23 3.71
CA PHE H 230 -31.77 -6.13 4.41
C PHE H 230 -32.49 -5.87 5.72
N SER H 231 -31.97 -4.91 6.48
CA SER H 231 -32.58 -4.58 7.75
C SER H 231 -33.99 -4.07 7.52
N PRO H 232 -34.95 -4.41 8.39
CA PRO H 232 -36.34 -3.98 8.15
C PRO H 232 -36.50 -2.47 8.12
N ASP H 233 -35.60 -1.73 8.77
CA ASP H 233 -35.66 -0.28 8.76
C ASP H 233 -35.21 0.33 7.44
N ILE H 234 -34.62 -0.47 6.55
CA ILE H 234 -34.12 0.03 5.28
C ILE H 234 -35.26 0.01 4.27
N THR H 235 -35.70 1.19 3.89
CA THR H 235 -36.74 1.37 2.87
C THR H 235 -36.10 1.40 1.49
N PRO H 236 -36.90 1.35 0.42
CA PRO H 236 -36.31 1.47 -0.92
C PRO H 236 -35.48 2.73 -1.11
N ILE H 237 -35.93 3.87 -0.59
CA ILE H 237 -35.18 5.11 -0.78
C ILE H 237 -33.89 5.09 0.03
N ILE H 238 -33.93 4.55 1.25
CA ILE H 238 -32.73 4.46 2.07
C ILE H 238 -31.72 3.52 1.42
N LEU H 239 -32.19 2.39 0.91
CA LEU H 239 -31.29 1.45 0.25
C LEU H 239 -30.66 2.06 -0.99
N ALA H 240 -31.45 2.77 -1.79
CA ALA H 240 -30.91 3.43 -2.97
C ALA H 240 -29.87 4.48 -2.60
N ALA H 241 -30.14 5.23 -1.53
CA ALA H 241 -29.15 6.19 -1.04
C ALA H 241 -27.90 5.49 -0.51
N HIS H 242 -28.08 4.37 0.19
CA HIS H 242 -26.92 3.63 0.72
C HIS H 242 -26.01 3.18 -0.42
N CYS H 243 -26.58 2.63 -1.48
CA CYS H 243 -25.82 2.15 -2.62
C CYS H 243 -25.38 3.26 -3.54
N GLN H 244 -25.86 4.49 -3.33
CA GLN H 244 -25.51 5.65 -4.14
C GLN H 244 -25.88 5.44 -5.60
N LYS H 245 -27.13 5.05 -5.83
CA LYS H 245 -27.69 4.89 -7.16
C LYS H 245 -28.43 6.19 -7.50
N TYR H 246 -27.77 7.07 -8.25
CA TYR H 246 -28.32 8.39 -8.50
C TYR H 246 -29.63 8.31 -9.27
N GLU H 247 -29.70 7.41 -10.26
CA GLU H 247 -30.93 7.32 -11.04
C GLU H 247 -32.05 6.64 -10.27
N VAL H 248 -31.72 5.66 -9.43
CA VAL H 248 -32.75 5.01 -8.62
C VAL H 248 -33.28 5.96 -7.56
N VAL H 249 -32.41 6.75 -6.94
CA VAL H 249 -32.85 7.74 -5.96
C VAL H 249 -33.79 8.74 -6.61
N HIS H 250 -33.45 9.19 -7.83
CA HIS H 250 -34.32 10.11 -8.54
C HIS H 250 -35.68 9.50 -8.83
N MET H 251 -35.70 8.24 -9.26
CA MET H 251 -36.97 7.57 -9.55
C MET H 251 -37.83 7.47 -8.30
N LEU H 252 -37.21 7.12 -7.17
CA LEU H 252 -37.96 7.01 -5.92
C LEU H 252 -38.39 8.39 -5.41
N LEU H 253 -37.54 9.40 -5.59
CA LEU H 253 -37.90 10.75 -5.20
C LEU H 253 -39.08 11.27 -6.03
N MET H 254 -39.12 10.93 -7.32
CA MET H 254 -40.24 11.32 -8.15
C MET H 254 -41.55 10.71 -7.66
N LYS H 255 -41.48 9.55 -7.01
CA LYS H 255 -42.66 8.90 -6.46
C LYS H 255 -43.09 9.46 -5.12
N GLY H 256 -42.27 10.29 -4.49
CA GLY H 256 -42.58 10.85 -3.19
C GLY H 256 -41.84 10.24 -2.03
N ALA H 257 -40.85 9.39 -2.28
CA ALA H 257 -40.10 8.75 -1.20
C ALA H 257 -39.11 9.72 -0.58
N ARG H 258 -39.09 9.79 0.75
CA ARG H 258 -38.16 10.61 1.50
C ARG H 258 -37.57 9.78 2.63
N ILE H 259 -36.40 10.22 3.09
CA ILE H 259 -35.77 9.56 4.27
C ILE H 259 -36.31 10.34 5.48
N GLU H 260 -36.91 9.69 6.46
CA GLU H 260 -37.33 10.44 7.67
C GLU H 260 -36.08 10.65 8.55
N ARG H 261 -35.86 11.86 9.05
CA ARG H 261 -34.71 12.10 9.97
C ARG H 261 -34.95 11.30 11.26
N PRO H 262 -33.92 10.69 11.85
CA PRO H 262 -34.09 9.81 13.02
C PRO H 262 -34.38 10.47 14.38
N HIS H 263 -34.74 11.76 14.42
CA HIS H 263 -35.00 12.50 15.70
C HIS H 263 -33.68 12.68 16.45
N ASP H 264 -33.72 13.44 17.56
CA ASP H 264 -32.52 13.63 18.36
C ASP H 264 -32.27 12.41 19.23
N TYR H 265 -31.02 12.24 19.66
CA TYR H 265 -30.68 11.12 20.51
C TYR H 265 -31.44 11.18 21.84
N PHE H 266 -31.52 12.36 22.44
CA PHE H 266 -32.25 12.54 23.69
C PHE H 266 -33.66 13.02 23.41
N CYS H 267 -34.38 12.23 22.62
CA CYS H 267 -35.76 12.52 22.26
C CYS H 267 -36.69 11.76 23.21
N LYS H 268 -37.64 12.49 23.80
CA LYS H 268 -38.55 11.92 24.79
C LYS H 268 -39.95 11.73 24.21
N CYS H 269 -40.07 11.65 22.90
CA CYS H 269 -41.38 11.40 22.28
C CYS H 269 -41.80 9.96 22.54
N GLY H 270 -43.07 9.67 22.21
CA GLY H 270 -43.60 8.33 22.42
C GLY H 270 -42.86 7.29 21.61
N ASP H 271 -42.54 7.60 20.34
CA ASP H 271 -41.89 6.62 19.48
C ASP H 271 -40.47 6.32 19.96
N CYS H 272 -39.69 7.36 20.23
CA CYS H 272 -38.30 7.14 20.65
C CYS H 272 -38.22 6.49 22.03
N MET H 273 -39.21 6.76 22.90
CA MET H 273 -39.19 6.15 24.22
C MET H 273 -39.54 4.67 24.15
N GLU H 274 -40.57 4.30 23.38
CA GLU H 274 -41.00 2.91 23.32
C GLU H 274 -40.08 2.04 22.48
N LYS H 275 -39.42 2.62 21.48
CA LYS H 275 -38.49 1.85 20.67
C LYS H 275 -37.20 1.56 21.43
N GLN H 276 -36.69 2.56 22.18
CA GLN H 276 -35.52 2.33 23.01
C GLN H 276 -35.81 1.34 24.11
N ARG H 277 -36.99 1.44 24.73
CA ARG H 277 -37.36 0.51 25.79
C ARG H 277 -37.50 -0.92 25.25
N HIS H 278 -38.09 -1.06 24.05
CA HIS H 278 -38.30 -2.39 23.49
C HIS H 278 -36.99 -3.09 23.19
N ASP H 279 -36.18 -2.53 22.30
CA ASP H 279 -34.98 -3.21 21.81
C ASP H 279 -33.70 -2.46 22.14
N SER H 280 -33.62 -1.18 21.76
CA SER H 280 -32.47 -0.31 22.05
C SER H 280 -31.26 -0.67 21.20
N PHE H 281 -31.34 -1.77 20.46
CA PHE H 281 -30.32 -2.13 19.47
C PHE H 281 -30.82 -2.03 18.05
N SER H 282 -32.07 -2.44 17.80
CA SER H 282 -32.68 -2.14 16.52
C SER H 282 -32.83 -0.64 16.33
N HIS H 283 -33.24 0.06 17.40
CA HIS H 283 -33.38 1.52 17.32
C HIS H 283 -32.05 2.19 17.03
N SER H 284 -30.98 1.73 17.69
CA SER H 284 -29.67 2.31 17.45
C SER H 284 -29.19 2.04 16.03
N ARG H 285 -29.44 0.84 15.51
CA ARG H 285 -29.04 0.53 14.15
C ARG H 285 -29.97 1.18 13.13
N SER H 286 -31.23 1.40 13.49
CA SER H 286 -32.18 2.03 12.57
C SER H 286 -31.79 3.48 12.28
N ARG H 287 -31.34 4.21 13.30
CA ARG H 287 -30.98 5.60 13.09
C ARG H 287 -29.67 5.74 12.33
N ILE H 288 -28.76 4.78 12.47
CA ILE H 288 -27.54 4.78 11.66
C ILE H 288 -27.88 4.59 10.20
N ASN H 289 -28.80 3.67 9.89
CA ASN H 289 -29.20 3.44 8.50
C ASN H 289 -29.87 4.66 7.91
N ALA H 290 -30.72 5.34 8.69
CA ALA H 290 -31.36 6.55 8.19
C ALA H 290 -30.34 7.64 7.92
N TYR H 291 -29.36 7.81 8.83
CA TYR H 291 -28.32 8.80 8.61
C TYR H 291 -27.36 8.38 7.53
N LYS H 292 -27.16 7.08 7.34
CA LYS H 292 -26.30 6.62 6.26
C LYS H 292 -26.89 6.92 4.89
N GLY H 293 -28.22 7.05 4.81
CA GLY H 293 -28.87 7.44 3.58
C GLY H 293 -28.95 8.95 3.44
N LEU H 294 -29.13 9.65 4.56
CA LEU H 294 -29.11 11.11 4.53
C LEU H 294 -27.75 11.65 4.13
N ALA H 295 -26.69 11.01 4.60
CA ALA H 295 -25.32 11.45 4.34
C ALA H 295 -24.78 10.96 3.00
N SER H 296 -25.62 10.37 2.16
CA SER H 296 -25.09 9.89 0.89
C SER H 296 -25.13 11.01 -0.14
N PRO H 297 -24.09 11.14 -0.96
CA PRO H 297 -24.11 12.15 -2.03
C PRO H 297 -25.24 11.94 -3.02
N ALA H 298 -25.69 10.71 -3.21
CA ALA H 298 -26.81 10.46 -4.11
C ALA H 298 -28.09 11.14 -3.60
N TYR H 299 -28.34 11.07 -2.30
CA TYR H 299 -29.51 11.69 -1.72
C TYR H 299 -29.30 13.15 -1.37
N LEU H 300 -28.07 13.54 -1.01
CA LEU H 300 -27.79 14.93 -0.67
C LEU H 300 -28.04 15.85 -1.85
N SER H 301 -27.60 15.45 -3.05
CA SER H 301 -27.69 16.33 -4.21
C SER H 301 -29.10 16.39 -4.80
N LEU H 302 -29.85 15.30 -4.72
CA LEU H 302 -31.14 15.20 -5.42
C LEU H 302 -32.34 15.54 -4.55
N SER H 303 -32.15 15.79 -3.25
CA SER H 303 -33.28 16.01 -2.36
C SER H 303 -33.48 17.47 -1.98
N SER H 304 -32.43 18.17 -1.58
CA SER H 304 -32.53 19.52 -1.08
C SER H 304 -32.17 20.54 -2.15
N GLU H 305 -32.78 21.72 -2.06
CA GLU H 305 -32.46 22.81 -2.99
C GLU H 305 -31.04 23.33 -2.78
N ASP H 306 -30.50 23.18 -1.57
CA ASP H 306 -29.15 23.64 -1.24
C ASP H 306 -28.40 22.48 -0.61
N PRO H 307 -27.91 21.54 -1.43
CA PRO H 307 -27.19 20.39 -0.86
C PRO H 307 -25.95 20.75 -0.07
N VAL H 308 -25.26 21.84 -0.44
CA VAL H 308 -24.06 22.24 0.27
C VAL H 308 -24.41 22.66 1.70
N LEU H 309 -25.47 23.46 1.86
CA LEU H 309 -25.91 23.82 3.20
C LEU H 309 -26.42 22.60 3.97
N THR H 310 -27.15 21.72 3.30
CA THR H 310 -27.66 20.52 3.96
C THR H 310 -26.53 19.61 4.41
N ALA H 311 -25.49 19.45 3.58
CA ALA H 311 -24.39 18.57 3.94
C ALA H 311 -23.56 19.15 5.08
N LEU H 312 -23.39 20.47 5.11
CA LEU H 312 -22.64 21.10 6.19
C LEU H 312 -23.36 20.93 7.52
N GLU H 313 -24.67 21.20 7.55
CA GLU H 313 -25.43 21.03 8.78
C GLU H 313 -25.48 19.57 9.21
N LEU H 314 -25.67 18.65 8.25
CA LEU H 314 -25.69 17.24 8.57
C LEU H 314 -24.34 16.74 9.05
N SER H 315 -23.26 17.31 8.53
CA SER H 315 -21.92 16.90 8.97
C SER H 315 -21.71 17.23 10.44
N ASN H 316 -22.18 18.41 10.88
CA ASN H 316 -22.11 18.74 12.30
C ASN H 316 -22.98 17.82 13.14
N GLU H 317 -24.20 17.53 12.66
CA GLU H 317 -25.11 16.68 13.41
C GLU H 317 -24.54 15.28 13.59
N LEU H 318 -23.91 14.74 12.55
CA LEU H 318 -23.31 13.41 12.66
C LEU H 318 -22.06 13.43 13.52
N ALA H 319 -21.30 14.53 13.49
CA ALA H 319 -20.12 14.63 14.34
C ALA H 319 -20.48 14.64 15.81
N LYS H 320 -21.57 15.33 16.18
CA LYS H 320 -21.99 15.36 17.57
C LYS H 320 -22.46 13.98 18.02
N LEU H 321 -23.18 13.25 17.17
CA LEU H 321 -23.66 11.93 17.53
C LEU H 321 -22.52 10.92 17.68
N ALA H 322 -21.37 11.18 17.05
CA ALA H 322 -20.23 10.28 17.23
C ALA H 322 -19.76 10.28 18.68
N ASN H 323 -19.81 11.43 19.33
CA ASN H 323 -19.45 11.50 20.75
C ASN H 323 -20.53 10.89 21.62
N ILE H 324 -21.80 11.16 21.30
CA ILE H 324 -22.90 10.67 22.13
C ILE H 324 -22.98 9.15 22.08
N GLU H 325 -22.92 8.57 20.89
CA GLU H 325 -22.90 7.12 20.72
C GLU H 325 -21.44 6.69 20.62
N LYS H 326 -20.82 6.45 21.77
CA LYS H 326 -19.42 6.09 21.80
C LYS H 326 -19.17 4.75 21.11
N GLU H 327 -20.10 3.82 21.23
CA GLU H 327 -19.87 2.48 20.68
C GLU H 327 -19.98 2.47 19.17
N PHE H 328 -20.85 3.31 18.59
CA PHE H 328 -20.96 3.46 17.15
C PHE H 328 -20.27 4.72 16.66
N LYS H 329 -19.19 5.12 17.32
CA LYS H 329 -18.49 6.35 16.97
C LYS H 329 -17.89 6.28 15.58
N ASN H 330 -17.30 5.14 15.22
CA ASN H 330 -16.70 4.99 13.90
C ASN H 330 -17.74 5.07 12.79
N ASP H 331 -18.94 4.54 13.04
CA ASP H 331 -20.00 4.61 12.04
C ASP H 331 -20.40 6.06 11.76
N TYR H 332 -20.55 6.86 12.81
CA TYR H 332 -20.98 8.25 12.62
C TYR H 332 -19.85 9.13 12.10
N ARG H 333 -18.60 8.86 12.49
CA ARG H 333 -17.49 9.63 11.96
C ARG H 333 -17.30 9.38 10.47
N LYS H 334 -17.55 8.15 10.02
CA LYS H 334 -17.48 7.84 8.60
C LYS H 334 -18.54 8.60 7.83
N LEU H 335 -19.76 8.69 8.38
CA LEU H 335 -20.84 9.41 7.71
C LEU H 335 -20.57 10.91 7.69
N SER H 336 -19.96 11.45 8.75
CA SER H 336 -19.63 12.87 8.78
C SER H 336 -18.64 13.21 7.68
N MET H 337 -17.65 12.35 7.46
CA MET H 337 -16.69 12.58 6.39
C MET H 337 -17.35 12.51 5.01
N GLN H 338 -18.43 11.74 4.88
CA GLN H 338 -19.16 11.70 3.62
C GLN H 338 -19.79 13.06 3.30
N CYS H 339 -20.34 13.73 4.30
CA CYS H 339 -20.85 15.08 4.09
C CYS H 339 -19.72 16.08 3.94
N LYS H 340 -18.58 15.83 4.60
CA LYS H 340 -17.45 16.75 4.51
C LYS H 340 -16.88 16.80 3.10
N ASP H 341 -16.70 15.64 2.46
CA ASP H 341 -16.11 15.62 1.14
C ASP H 341 -17.14 15.75 0.01
N PHE H 342 -18.43 15.80 0.34
CA PHE H 342 -19.43 16.16 -0.66
C PHE H 342 -19.35 17.64 -0.98
N VAL H 343 -19.26 18.49 0.04
CA VAL H 343 -19.18 19.93 -0.19
C VAL H 343 -17.83 20.31 -0.79
N VAL H 344 -16.78 19.57 -0.45
CA VAL H 344 -15.50 19.76 -1.14
C VAL H 344 -15.63 19.34 -2.60
N GLY H 345 -16.39 18.28 -2.87
CA GLY H 345 -16.59 17.85 -4.24
C GLY H 345 -17.37 18.87 -5.05
N VAL H 346 -18.37 19.51 -4.43
CA VAL H 346 -19.12 20.54 -5.13
C VAL H 346 -18.27 21.77 -5.35
N LEU H 347 -17.46 22.14 -4.36
CA LEU H 347 -16.56 23.28 -4.52
C LEU H 347 -15.51 23.02 -5.59
N ASP H 348 -15.07 21.76 -5.73
CA ASP H 348 -14.07 21.43 -6.74
C ASP H 348 -14.60 21.60 -8.16
N LEU H 349 -15.91 21.59 -8.35
CA LEU H 349 -16.50 21.67 -9.67
C LEU H 349 -16.75 23.10 -10.15
N CYS H 350 -16.56 24.08 -9.27
CA CYS H 350 -16.77 25.47 -9.67
C CYS H 350 -15.72 25.90 -10.69
N ARG H 351 -16.17 26.64 -11.71
CA ARG H 351 -15.30 26.98 -12.82
C ARG H 351 -15.11 28.49 -13.02
N ASP H 352 -15.94 29.33 -12.41
CA ASP H 352 -15.77 30.77 -12.51
C ASP H 352 -16.04 31.37 -11.13
N SER H 353 -15.85 32.69 -11.04
CA SER H 353 -15.99 33.38 -9.75
C SER H 353 -17.42 33.31 -9.24
N GLU H 354 -18.40 33.44 -10.13
CA GLU H 354 -19.80 33.46 -9.69
C GLU H 354 -20.18 32.16 -9.01
N GLU H 355 -19.75 31.02 -9.57
CA GLU H 355 -20.03 29.74 -8.95
C GLU H 355 -19.33 29.60 -7.60
N VAL H 356 -18.09 30.08 -7.51
CA VAL H 356 -17.37 30.02 -6.23
C VAL H 356 -18.03 30.93 -5.21
N GLU H 357 -18.42 32.14 -5.61
CA GLU H 357 -19.08 33.07 -4.70
C GLU H 357 -20.44 32.55 -4.24
N ALA H 358 -21.07 31.66 -5.00
CA ALA H 358 -22.31 31.04 -4.55
C ALA H 358 -22.06 29.95 -3.52
N ILE H 359 -21.02 29.14 -3.71
CA ILE H 359 -20.73 28.06 -2.76
C ILE H 359 -20.19 28.63 -1.46
N LEU H 360 -19.34 29.65 -1.53
CA LEU H 360 -18.68 30.18 -0.34
C LEU H 360 -19.56 31.16 0.43
N ASN H 361 -20.27 32.04 -0.26
CA ASN H 361 -21.09 33.05 0.41
C ASN H 361 -22.53 32.60 0.60
N GLY H 362 -22.87 31.38 0.21
CA GLY H 362 -24.27 30.98 0.25
C GLY H 362 -25.07 31.74 -0.79
N ASP H 363 -26.30 32.09 -0.45
CA ASP H 363 -27.16 32.83 -1.35
C ASP H 363 -26.62 34.24 -1.57
N ALA H 377 -18.88 40.72 0.87
CA ALA H 377 -18.91 39.28 0.59
C ALA H 377 -18.80 38.49 1.89
N SER H 378 -19.93 38.30 2.56
CA SER H 378 -19.97 37.54 3.81
C SER H 378 -19.75 36.07 3.50
N LEU H 379 -18.58 35.55 3.87
CA LEU H 379 -18.22 34.16 3.60
C LEU H 379 -18.94 33.24 4.59
N SER H 380 -20.26 33.16 4.42
CA SER H 380 -21.09 32.44 5.37
C SER H 380 -20.72 30.97 5.45
N ARG H 381 -20.54 30.33 4.29
CA ARG H 381 -20.22 28.91 4.27
C ARG H 381 -18.78 28.62 4.65
N VAL H 382 -17.87 29.56 4.37
CA VAL H 382 -16.48 29.39 4.83
C VAL H 382 -16.41 29.43 6.34
N LYS H 383 -17.17 30.34 6.94
CA LYS H 383 -17.21 30.43 8.42
C LYS H 383 -17.85 29.16 8.99
N LEU H 384 -18.91 28.63 8.34
CA LEU H 384 -19.52 27.38 8.79
C LEU H 384 -18.54 26.22 8.67
N ALA H 385 -17.80 26.15 7.56
CA ALA H 385 -16.86 25.06 7.37
C ALA H 385 -15.75 25.10 8.41
N ILE H 386 -15.27 26.29 8.75
CA ILE H 386 -14.32 26.42 9.84
C ILE H 386 -14.96 26.05 11.17
N LYS H 387 -16.20 26.51 11.38
CA LYS H 387 -16.91 26.17 12.61
C LYS H 387 -17.15 24.67 12.72
N TYR H 388 -17.50 24.03 11.60
CA TYR H 388 -17.75 22.59 11.57
C TYR H 388 -16.50 21.78 11.29
N GLU H 389 -15.33 22.43 11.20
CA GLU H 389 -14.06 21.77 10.95
C GLU H 389 -14.09 20.96 9.65
N VAL H 390 -14.69 21.55 8.61
CA VAL H 390 -14.60 20.97 7.26
C VAL H 390 -13.33 21.57 6.65
N LYS H 391 -12.20 20.93 6.95
CA LYS H 391 -10.91 21.53 6.64
C LYS H 391 -10.63 21.53 5.16
N LYS H 392 -10.97 20.45 4.45
CA LYS H 392 -10.68 20.38 3.03
C LYS H 392 -11.48 21.39 2.23
N PHE H 393 -12.67 21.78 2.72
CA PHE H 393 -13.44 22.82 2.07
C PHE H 393 -12.71 24.15 2.13
N VAL H 394 -12.22 24.51 3.32
CA VAL H 394 -11.51 25.78 3.48
C VAL H 394 -10.14 25.73 2.80
N ALA H 395 -9.46 24.60 2.90
CA ALA H 395 -8.13 24.45 2.33
C ALA H 395 -8.14 24.22 0.82
N HIS H 396 -9.31 24.07 0.22
CA HIS H 396 -9.37 23.83 -1.21
C HIS H 396 -8.91 25.06 -1.98
N PRO H 397 -8.21 24.88 -3.11
CA PRO H 397 -7.71 26.05 -3.85
C PRO H 397 -8.80 27.00 -4.31
N ASN H 398 -10.01 26.50 -4.56
CA ASN H 398 -11.10 27.40 -4.95
C ASN H 398 -11.47 28.35 -3.82
N CYS H 399 -11.47 27.85 -2.59
CA CYS H 399 -11.74 28.72 -1.44
C CYS H 399 -10.54 29.60 -1.11
N GLN H 400 -9.33 29.04 -1.24
CA GLN H 400 -8.13 29.79 -0.89
C GLN H 400 -7.91 30.98 -1.81
N GLN H 401 -8.16 30.81 -3.11
CA GLN H 401 -7.99 31.92 -4.03
C GLN H 401 -8.98 33.05 -3.74
N GLN H 402 -10.13 32.73 -3.16
CA GLN H 402 -11.06 33.77 -2.76
C GLN H 402 -10.62 34.46 -1.48
N LEU H 403 -9.99 33.71 -0.56
CA LEU H 403 -9.47 34.31 0.66
C LEU H 403 -8.27 35.20 0.37
N LEU H 404 -7.42 34.80 -0.56
CA LEU H 404 -6.26 35.62 -0.92
C LEU H 404 -6.68 36.96 -1.48
N THR H 405 -7.75 36.99 -2.28
CA THR H 405 -8.24 38.25 -2.82
C THR H 405 -8.69 39.19 -1.71
N ILE H 406 -9.41 38.66 -0.73
CA ILE H 406 -9.81 39.49 0.42
C ILE H 406 -8.62 39.78 1.31
N TRP H 407 -7.67 38.85 1.40
CA TRP H 407 -6.48 39.06 2.23
C TRP H 407 -5.66 40.24 1.70
N TYR H 408 -5.42 40.29 0.40
CA TYR H 408 -4.75 41.42 -0.24
C TYR H 408 -5.81 42.30 -0.90
N GLU H 409 -6.53 43.06 -0.08
CA GLU H 409 -7.58 43.92 -0.60
C GLU H 409 -7.00 44.99 -1.52
N ASN H 410 -6.17 45.87 -0.96
CA ASN H 410 -5.59 46.98 -1.76
C ASN H 410 -4.07 46.78 -1.85
N LEU H 411 -3.61 45.53 -1.87
CA LEU H 411 -2.19 45.23 -1.92
C LEU H 411 -1.87 44.32 -3.10
N SER H 412 -2.40 44.65 -4.28
CA SER H 412 -2.15 43.86 -5.47
C SER H 412 -0.65 43.76 -5.75
N GLY H 413 0.09 44.83 -5.48
CA GLY H 413 1.54 44.78 -5.65
C GLY H 413 2.21 43.84 -4.68
N LEU H 414 1.79 43.88 -3.41
CA LEU H 414 2.41 43.06 -2.38
C LEU H 414 2.09 41.58 -2.51
N ARG H 415 1.11 41.22 -3.34
CA ARG H 415 0.73 39.82 -3.46
C ARG H 415 1.87 38.97 -4.03
N GLU H 416 2.54 39.46 -5.06
CA GLU H 416 3.58 38.69 -5.74
C GLU H 416 4.98 39.01 -5.25
N GLN H 417 5.12 39.90 -4.26
CA GLN H 417 6.44 40.23 -3.76
C GLN H 417 7.04 39.05 -3.00
N THR H 418 8.37 39.03 -2.93
CA THR H 418 9.07 37.95 -2.28
C THR H 418 8.86 37.99 -0.76
N ILE H 419 9.24 36.91 -0.09
CA ILE H 419 9.08 36.82 1.35
C ILE H 419 9.93 37.86 2.06
N ALA H 420 11.14 38.09 1.56
CA ALA H 420 12.03 39.08 2.17
C ALA H 420 11.44 40.47 2.09
N ILE H 421 10.84 40.82 0.94
CA ILE H 421 10.20 42.12 0.80
C ILE H 421 9.01 42.24 1.75
N LYS H 422 8.23 41.17 1.90
CA LYS H 422 7.13 41.19 2.86
C LYS H 422 7.66 41.34 4.28
N CYS H 423 8.77 40.67 4.60
CA CYS H 423 9.40 40.89 5.89
C CYS H 423 10.03 42.28 5.97
N LEU H 424 10.46 42.82 4.83
CA LEU H 424 11.01 44.17 4.81
C LEU H 424 9.94 45.20 5.17
N VAL H 425 8.73 45.05 4.63
CA VAL H 425 7.68 46.02 4.91
C VAL H 425 7.17 45.91 6.34
N VAL H 426 7.35 44.74 6.98
CA VAL H 426 7.00 44.63 8.40
C VAL H 426 7.88 45.56 9.23
N LEU H 427 9.18 45.56 8.95
CA LEU H 427 10.09 46.47 9.64
C LEU H 427 9.76 47.92 9.30
N VAL H 428 9.44 48.22 8.04
CA VAL H 428 9.07 49.57 7.66
C VAL H 428 7.83 50.01 8.41
N VAL H 429 6.82 49.14 8.52
CA VAL H 429 5.66 49.43 9.33
C VAL H 429 6.06 49.55 10.80
N ALA H 430 6.91 48.65 11.28
CA ALA H 430 7.29 48.65 12.69
C ALA H 430 8.01 49.94 13.07
N LEU H 431 8.95 50.39 12.24
CA LEU H 431 9.68 51.62 12.54
C LEU H 431 8.76 52.82 12.55
N GLY H 432 7.86 52.91 11.59
CA GLY H 432 6.93 54.02 11.46
C GLY H 432 5.56 53.80 12.07
N LEU H 433 5.39 52.76 12.89
CA LEU H 433 4.06 52.46 13.43
C LEU H 433 3.45 53.60 14.24
N PRO H 434 4.19 54.29 15.13
CA PRO H 434 3.58 55.46 15.79
C PRO H 434 3.12 56.53 14.82
N PHE H 435 3.83 56.73 13.72
CA PHE H 435 3.41 57.72 12.73
C PHE H 435 2.26 57.20 11.87
N LEU H 436 2.26 55.90 11.57
CA LEU H 436 1.15 55.32 10.82
C LEU H 436 -0.15 55.39 11.60
N ALA H 437 -0.08 55.18 12.93
CA ALA H 437 -1.27 55.29 13.76
C ALA H 437 -1.79 56.72 13.75
N ILE H 438 -0.90 57.71 13.80
CA ILE H 438 -1.33 59.10 13.76
C ILE H 438 -2.04 59.41 12.45
N GLY H 439 -1.51 58.90 11.34
CA GLY H 439 -2.13 59.13 10.05
C GLY H 439 -3.54 58.58 9.97
N TYR H 440 -3.80 57.44 10.63
CA TYR H 440 -5.15 56.87 10.63
C TYR H 440 -6.14 57.78 11.34
N TRP H 441 -5.73 58.39 12.45
CA TRP H 441 -6.65 59.25 13.20
C TRP H 441 -6.96 60.53 12.42
N ILE H 442 -5.93 61.17 11.86
CA ILE H 442 -6.13 62.42 11.16
C ILE H 442 -6.87 62.19 9.84
N ALA H 443 -6.53 61.12 9.13
CA ALA H 443 -7.09 60.82 7.81
C ALA H 443 -7.57 59.38 7.76
N PRO H 444 -8.69 59.07 8.45
CA PRO H 444 -9.23 57.70 8.38
C PRO H 444 -9.63 57.28 6.97
N CYS H 445 -10.15 58.20 6.16
CA CYS H 445 -10.59 57.91 4.81
C CYS H 445 -9.67 58.63 3.84
N SER H 446 -8.70 57.90 3.30
CA SER H 446 -7.71 58.44 2.38
C SER H 446 -7.03 57.26 1.69
N ARG H 447 -5.97 57.55 0.93
CA ARG H 447 -5.16 56.47 0.38
C ARG H 447 -4.51 55.65 1.48
N LEU H 448 -4.04 56.33 2.54
CA LEU H 448 -3.47 55.62 3.68
C LEU H 448 -4.52 54.82 4.42
N GLY H 449 -5.75 55.32 4.48
CA GLY H 449 -6.79 54.60 5.20
C GLY H 449 -7.14 53.26 4.57
N LYS H 450 -7.24 53.23 3.24
CA LYS H 450 -7.63 52.00 2.57
C LYS H 450 -6.54 50.93 2.67
N ILE H 451 -5.28 51.33 2.48
CA ILE H 451 -4.19 50.36 2.57
C ILE H 451 -4.03 49.87 4.00
N LEU H 452 -4.25 50.74 4.98
CA LEU H 452 -4.12 50.34 6.37
C LEU H 452 -5.25 49.41 6.79
N ARG H 453 -6.41 49.50 6.15
CA ARG H 453 -7.53 48.63 6.46
C ARG H 453 -7.45 47.29 5.76
N SER H 454 -6.44 47.07 4.92
CA SER H 454 -6.29 45.78 4.26
C SER H 454 -6.01 44.71 5.32
N PRO H 455 -6.62 43.53 5.19
CA PRO H 455 -6.39 42.48 6.19
C PRO H 455 -4.93 42.08 6.32
N PHE H 456 -4.16 42.09 5.23
CA PHE H 456 -2.75 41.78 5.34
C PHE H 456 -1.99 42.87 6.08
N MET H 457 -2.34 44.13 5.86
CA MET H 457 -1.67 45.23 6.56
C MET H 457 -2.08 45.34 8.02
N LYS H 458 -3.26 44.83 8.38
CA LYS H 458 -3.64 44.77 9.79
C LYS H 458 -3.01 43.59 10.51
N PHE H 459 -2.65 42.53 9.78
CA PHE H 459 -1.84 41.47 10.37
C PHE H 459 -0.40 41.91 10.54
N VAL H 460 0.14 42.62 9.54
CA VAL H 460 1.50 43.13 9.63
C VAL H 460 1.62 44.14 10.77
N ALA H 461 0.63 45.03 10.89
CA ALA H 461 0.67 46.03 11.95
C ALA H 461 0.62 45.38 13.33
N HIS H 462 -0.22 44.35 13.49
CA HIS H 462 -0.28 43.65 14.77
C HIS H 462 1.01 42.89 15.03
N ALA H 463 1.58 42.27 14.00
CA ALA H 463 2.88 41.62 14.16
C ALA H 463 3.97 42.65 14.44
N ALA H 464 3.90 43.81 13.77
CA ALA H 464 4.92 44.84 13.98
C ALA H 464 4.87 45.38 15.40
N SER H 465 3.67 45.60 15.93
CA SER H 465 3.55 46.13 17.29
C SER H 465 4.11 45.14 18.31
N PHE H 466 3.86 43.85 18.11
CA PHE H 466 4.37 42.87 19.06
C PHE H 466 5.88 42.72 18.97
N ILE H 467 6.46 42.89 17.78
CA ILE H 467 7.92 42.91 17.67
C ILE H 467 8.49 44.08 18.45
N ILE H 468 7.80 45.22 18.42
CA ILE H 468 8.21 46.35 19.24
C ILE H 468 8.11 46.01 20.72
N PHE H 469 7.05 45.31 21.11
CA PHE H 469 6.89 44.93 22.52
C PHE H 469 8.02 44.01 22.98
N LEU H 470 8.40 43.05 22.14
CA LEU H 470 9.54 42.21 22.48
C LEU H 470 10.84 43.01 22.46
N GLY H 471 10.94 44.01 21.60
CA GLY H 471 12.09 44.89 21.64
C GLY H 471 12.16 45.70 22.91
N LEU H 472 11.01 46.15 23.41
CA LEU H 472 10.98 46.87 24.68
C LEU H 472 11.36 45.95 25.84
N LEU H 473 10.94 44.69 25.79
CA LEU H 473 11.33 43.73 26.83
C LEU H 473 12.83 43.52 26.85
N VAL H 474 13.44 43.35 25.67
CA VAL H 474 14.88 43.13 25.60
C VAL H 474 15.63 44.41 25.94
N PHE H 475 15.19 45.55 25.39
CA PHE H 475 15.88 46.82 25.65
C PHE H 475 15.74 47.25 27.10
N ASN H 476 14.72 46.79 27.81
CA ASN H 476 14.57 47.16 29.21
C ASN H 476 15.74 46.64 30.04
N ALA H 477 16.24 45.45 29.72
CA ALA H 477 17.36 44.84 30.40
C ALA H 477 18.67 45.02 29.62
N SER H 478 18.78 46.08 28.83
CA SER H 478 19.95 46.27 28.00
C SER H 478 21.18 46.72 28.78
N ASP H 479 20.99 47.26 29.98
CA ASP H 479 22.12 47.68 30.79
C ASP H 479 22.79 46.52 31.51
N ARG H 480 22.22 45.31 31.45
CA ARG H 480 22.76 44.15 32.12
C ARG H 480 23.19 43.05 31.16
N PHE H 481 23.35 43.38 29.88
CA PHE H 481 23.70 42.36 28.90
C PHE H 481 25.05 41.72 29.21
N GLU H 482 26.02 42.52 29.63
CA GLU H 482 27.33 42.00 30.00
C GLU H 482 27.46 41.76 31.51
N GLY H 483 26.39 41.95 32.26
CA GLY H 483 26.41 41.72 33.70
C GLY H 483 26.37 43.03 34.47
N ILE H 484 26.11 42.89 35.76
CA ILE H 484 26.01 44.03 36.66
C ILE H 484 27.38 44.32 37.26
N THR H 485 27.77 45.59 37.26
CA THR H 485 29.05 45.97 37.85
C THR H 485 28.99 45.91 39.37
N THR H 486 27.87 46.31 39.96
CA THR H 486 27.72 46.33 41.40
C THR H 486 27.33 44.97 41.92
N LEU H 487 28.03 44.50 42.95
CA LEU H 487 27.69 43.24 43.58
C LEU H 487 26.34 43.37 44.30
N PRO H 488 25.60 42.26 44.42
CA PRO H 488 24.34 42.30 45.18
C PRO H 488 24.54 42.57 46.67
N ASN H 489 25.78 42.66 47.13
CA ASN H 489 26.09 42.92 48.53
C ASN H 489 26.29 44.40 48.83
N ILE H 490 26.45 45.24 47.81
CA ILE H 490 26.77 46.65 47.98
C ILE H 490 25.65 47.49 47.37
N THR H 491 25.28 48.56 48.07
CA THR H 491 24.23 49.46 47.62
C THR H 491 24.85 50.70 47.00
N VAL H 492 24.33 51.10 45.84
CA VAL H 492 24.76 52.32 45.14
C VAL H 492 23.55 53.23 45.03
N THR H 493 23.73 54.50 45.41
CA THR H 493 22.67 55.49 45.38
C THR H 493 23.09 56.68 44.52
N ASP H 494 22.15 57.21 43.75
CA ASP H 494 22.46 58.34 42.88
C ASP H 494 22.81 59.59 43.68
N TYR H 495 22.06 59.87 44.75
CA TYR H 495 22.39 60.99 45.62
C TYR H 495 22.40 60.51 47.07
N PRO H 496 23.19 61.17 47.93
CA PRO H 496 23.45 60.62 49.27
C PRO H 496 22.22 60.36 50.12
N LYS H 497 21.19 61.21 50.03
CA LYS H 497 20.03 61.05 50.91
C LYS H 497 19.00 60.08 50.36
N GLN H 498 19.26 59.44 49.22
CA GLN H 498 18.27 58.57 48.61
C GLN H 498 18.15 57.26 49.37
N ILE H 499 16.92 56.76 49.47
CA ILE H 499 16.68 55.39 49.91
C ILE H 499 17.02 54.46 48.76
N PHE H 500 17.78 53.40 49.07
CA PHE H 500 18.25 52.52 48.01
C PHE H 500 17.08 51.85 47.26
N ARG H 501 16.06 51.43 48.00
CA ARG H 501 14.92 50.75 47.37
C ARG H 501 14.16 51.67 46.42
N VAL H 502 14.28 52.99 46.58
CA VAL H 502 13.68 53.91 45.62
C VAL H 502 14.35 53.76 44.27
N LYS H 503 15.69 53.66 44.25
CA LYS H 503 16.41 53.57 42.99
C LYS H 503 16.16 52.24 42.29
N THR H 504 15.99 51.17 43.06
CA THR H 504 15.81 49.85 42.46
C THR H 504 14.36 49.55 42.09
N THR H 505 13.41 50.38 42.52
CA THR H 505 12.00 50.17 42.21
C THR H 505 11.41 51.24 41.31
N GLN H 506 12.11 52.35 41.10
CA GLN H 506 11.58 53.41 40.26
C GLN H 506 11.41 52.93 38.83
N PHE H 507 10.28 53.31 38.22
CA PHE H 507 10.02 52.96 36.83
C PHE H 507 10.76 53.90 35.89
N THR H 508 11.33 53.33 34.84
CA THR H 508 12.03 54.10 33.83
C THR H 508 11.09 54.36 32.65
N TRP H 509 11.58 55.08 31.64
CA TRP H 509 10.71 55.37 30.48
C TRP H 509 10.41 54.09 29.70
N THR H 510 11.35 53.16 29.63
CA THR H 510 11.04 51.91 28.96
C THR H 510 9.99 51.11 29.73
N GLU H 511 10.03 51.17 31.06
CA GLU H 511 9.06 50.44 31.88
C GLU H 511 7.64 50.95 31.62
N MET H 512 7.47 52.26 31.51
CA MET H 512 6.15 52.84 31.29
C MET H 512 5.57 52.39 29.96
N LEU H 513 6.41 52.30 28.91
CA LEU H 513 5.93 51.83 27.62
C LEU H 513 5.45 50.40 27.69
N ILE H 514 6.16 49.54 28.44
CA ILE H 514 5.74 48.15 28.57
C ILE H 514 4.40 48.07 29.28
N MET H 515 4.23 48.88 30.34
CA MET H 515 2.96 48.84 31.09
C MET H 515 1.81 49.26 30.17
N VAL H 516 2.02 50.32 29.37
CA VAL H 516 0.97 50.81 28.43
C VAL H 516 0.68 49.72 27.40
N TRP H 517 1.72 49.13 26.81
CA TRP H 517 1.55 48.08 25.79
C TRP H 517 0.72 46.94 26.39
N VAL H 518 0.95 46.61 27.66
CA VAL H 518 0.20 45.52 28.35
C VAL H 518 -1.26 45.98 28.50
N LEU H 519 -1.48 47.20 28.97
CA LEU H 519 -2.85 47.71 29.06
C LEU H 519 -3.55 47.67 27.71
N GLY H 520 -2.84 48.05 26.65
CA GLY H 520 -3.42 47.94 25.32
C GLY H 520 -3.71 46.51 24.93
N MET H 521 -2.79 45.59 25.23
CA MET H 521 -3.02 44.19 24.92
C MET H 521 -4.13 43.59 25.77
N MET H 522 -4.17 43.96 27.06
CA MET H 522 -5.22 43.45 27.94
C MET H 522 -6.59 43.97 27.52
N TRP H 523 -6.66 45.24 27.09
CA TRP H 523 -7.93 45.80 26.65
C TRP H 523 -8.48 45.05 25.44
N SER H 524 -7.61 44.67 24.51
CA SER H 524 -8.05 43.88 23.37
C SER H 524 -8.56 42.52 23.81
N GLU H 525 -7.90 41.91 24.79
CA GLU H 525 -8.35 40.61 25.29
C GLU H 525 -9.65 40.75 26.07
N CYS H 526 -9.81 41.84 26.83
CA CYS H 526 -11.05 42.07 27.55
C CYS H 526 -12.22 42.27 26.60
N LYS H 527 -12.02 43.02 25.51
CA LYS H 527 -13.08 43.22 24.54
C LYS H 527 -13.47 41.91 23.87
N GLU H 528 -12.48 41.09 23.52
CA GLU H 528 -12.77 39.78 22.93
C GLU H 528 -13.49 38.89 23.93
N LEU H 529 -13.13 39.00 25.22
CA LEU H 529 -13.83 38.23 26.25
C LEU H 529 -15.28 38.68 26.37
N TRP H 530 -15.55 39.97 26.25
CA TRP H 530 -16.90 40.50 26.37
C TRP H 530 -17.72 40.27 25.09
N LEU H 531 -17.12 40.53 23.93
CA LEU H 531 -17.85 40.39 22.68
C LEU H 531 -18.10 38.91 22.35
N GLU H 532 -17.03 38.15 22.15
CA GLU H 532 -17.17 36.73 21.78
C GLU H 532 -17.96 36.01 22.88
N GLY H 533 -17.48 36.10 24.12
CA GLY H 533 -18.20 35.48 25.26
C GLY H 533 -17.23 34.85 26.23
N PRO H 534 -17.58 34.73 27.53
CA PRO H 534 -16.64 34.22 28.53
C PRO H 534 -16.38 32.72 28.37
N ARG H 535 -17.03 32.09 27.39
CA ARG H 535 -16.91 30.62 27.22
C ARG H 535 -16.08 30.34 25.96
N GLU H 536 -16.53 30.85 24.81
CA GLU H 536 -15.81 30.65 23.54
C GLU H 536 -14.39 31.23 23.67
N TYR H 537 -14.27 32.40 24.28
CA TYR H 537 -12.92 33.00 24.51
C TYR H 537 -11.97 31.91 25.00
N ILE H 538 -12.32 31.27 26.11
CA ILE H 538 -11.44 30.22 26.70
C ILE H 538 -11.17 29.14 25.63
N LEU H 539 -12.20 28.75 24.88
CA LEU H 539 -12.05 27.67 23.90
C LEU H 539 -11.16 28.11 22.74
N GLN H 540 -9.95 28.52 23.10
CA GLN H 540 -8.92 28.85 22.11
C GLN H 540 -7.58 28.88 22.83
N LEU H 541 -6.58 28.23 22.24
CA LEU H 541 -5.28 28.11 22.89
C LEU H 541 -4.63 29.48 23.08
N TRP H 542 -4.72 30.35 22.08
CA TRP H 542 -4.05 31.65 22.17
C TRP H 542 -4.73 32.56 23.18
N ASN H 543 -6.07 32.55 23.22
CA ASN H 543 -6.79 33.47 24.09
C ASN H 543 -6.47 33.20 25.56
N VAL H 544 -6.41 31.93 25.96
CA VAL H 544 -6.05 31.62 27.34
C VAL H 544 -4.58 31.93 27.61
N LEU H 545 -3.71 31.62 26.65
CA LEU H 545 -2.29 31.93 26.81
C LEU H 545 -2.04 33.44 26.84
N ASP H 546 -2.69 34.19 25.95
CA ASP H 546 -2.52 35.64 25.94
C ASP H 546 -3.05 36.26 27.23
N PHE H 547 -4.19 35.78 27.71
CA PHE H 547 -4.70 36.25 28.99
C PHE H 547 -3.81 35.83 30.14
N GLY H 548 -3.19 34.65 30.04
CA GLY H 548 -2.27 34.22 31.07
C GLY H 548 -1.04 35.11 31.18
N MET H 549 -0.41 35.40 30.03
CA MET H 549 0.82 36.18 30.07
C MET H 549 0.55 37.64 30.40
N LEU H 550 -0.61 38.17 30.01
CA LEU H 550 -0.94 39.55 30.35
C LEU H 550 -1.27 39.69 31.83
N SER H 551 -1.92 38.68 32.41
CA SER H 551 -2.22 38.71 33.84
C SER H 551 -0.94 38.64 34.66
N ILE H 552 0.02 37.83 34.23
CA ILE H 552 1.29 37.74 34.93
C ILE H 552 2.06 39.05 34.82
N PHE H 553 1.97 39.71 33.65
CA PHE H 553 2.56 41.04 33.51
C PHE H 553 1.93 42.03 34.48
N ILE H 554 0.60 42.01 34.59
CA ILE H 554 -0.08 42.91 35.51
C ILE H 554 0.32 42.60 36.96
N ALA H 555 0.36 41.31 37.30
CA ALA H 555 0.80 40.93 38.65
C ALA H 555 2.24 41.34 38.90
N ALA H 556 3.09 41.19 37.89
CA ALA H 556 4.49 41.61 38.03
C ALA H 556 4.59 43.12 38.26
N PHE H 557 3.81 43.91 37.50
CA PHE H 557 3.85 45.36 37.67
C PHE H 557 3.15 45.79 38.95
N THR H 558 2.09 45.10 39.33
CA THR H 558 1.42 45.40 40.60
C THR H 558 2.37 45.16 41.77
N ALA H 559 3.11 44.06 41.74
CA ALA H 559 4.07 43.78 42.82
C ALA H 559 5.16 44.84 42.88
N ARG H 560 5.69 45.23 41.72
CA ARG H 560 6.71 46.28 41.70
C ARG H 560 6.14 47.62 42.13
N PHE H 561 4.88 47.90 41.79
CA PHE H 561 4.25 49.15 42.23
C PHE H 561 4.13 49.19 43.75
N LEU H 562 3.76 48.06 44.36
CA LEU H 562 3.68 48.01 45.82
C LEU H 562 5.03 48.24 46.46
N ALA H 563 6.09 47.67 45.87
CA ALA H 563 7.44 47.93 46.37
C ALA H 563 7.81 49.39 46.21
N PHE H 564 7.40 50.01 45.09
CA PHE H 564 7.69 51.41 44.86
C PHE H 564 6.99 52.29 45.90
N LEU H 565 5.75 51.96 46.26
CA LEU H 565 5.04 52.74 47.26
C LEU H 565 5.72 52.65 48.62
N GLN H 566 6.19 51.45 48.99
CA GLN H 566 6.88 51.30 50.26
C GLN H 566 8.18 52.09 50.28
N ALA H 567 8.91 52.10 49.16
CA ALA H 567 10.16 52.86 49.08
C ALA H 567 9.91 54.35 49.22
N THR H 568 8.84 54.85 48.60
CA THR H 568 8.51 56.27 48.71
C THR H 568 8.17 56.66 50.15
N LYS H 569 7.45 55.77 50.86
CA LYS H 569 7.15 56.03 52.26
C LYS H 569 8.44 56.13 53.08
N ALA H 570 9.39 55.22 52.84
CA ALA H 570 10.69 55.33 53.48
C ALA H 570 11.42 56.59 53.07
N GLN H 571 11.34 56.94 51.77
CA GLN H 571 11.98 58.16 51.29
C GLN H 571 11.35 59.40 51.92
N GLN H 572 10.02 59.40 52.08
CA GLN H 572 9.35 60.56 52.66
C GLN H 572 9.83 60.82 54.08
N TYR H 573 10.08 59.76 54.84
CA TYR H 573 10.58 59.93 56.20
C TYR H 573 11.96 60.59 56.20
N VAL H 574 12.82 60.21 55.26
CA VAL H 574 14.19 60.71 55.25
C VAL H 574 14.22 62.19 54.94
N ASP H 575 13.49 62.63 53.91
CA ASP H 575 13.56 64.02 53.49
C ASP H 575 12.89 64.97 54.47
N SER H 576 11.96 64.47 55.29
CA SER H 576 11.21 65.31 56.22
C SER H 576 11.64 65.14 57.67
N TYR H 577 12.50 64.17 57.98
CA TYR H 577 12.94 63.96 59.35
C TYR H 577 14.43 63.73 59.51
N VAL H 578 15.19 63.51 58.44
CA VAL H 578 16.60 63.14 58.53
C VAL H 578 17.43 64.19 57.80
N GLN H 579 18.42 64.74 58.50
CA GLN H 579 19.43 65.60 57.92
C GLN H 579 20.80 65.24 58.46
N GLU H 580 21.09 63.94 58.52
CA GLU H 580 22.25 63.41 59.26
C GLU H 580 23.39 63.01 58.34
N SER H 581 23.66 63.82 57.30
CA SER H 581 24.84 63.67 56.45
C SER H 581 24.89 62.28 55.81
N ASP H 582 23.91 62.04 54.94
CA ASP H 582 23.90 60.91 54.02
C ASP H 582 23.68 59.58 54.73
N LEU H 583 22.82 59.57 55.75
CA LEU H 583 22.41 58.33 56.42
C LEU H 583 23.60 57.54 56.94
N SER H 584 24.59 58.25 57.51
CA SER H 584 25.80 57.61 58.00
C SER H 584 25.67 57.21 59.47
N GLU H 585 25.40 58.18 60.34
CA GLU H 585 25.31 57.92 61.77
C GLU H 585 23.88 57.72 62.26
N VAL H 586 22.89 58.22 61.52
CA VAL H 586 21.50 58.13 61.97
C VAL H 586 21.05 56.68 61.92
N THR H 587 20.35 56.25 62.97
CA THR H 587 19.80 54.90 63.07
C THR H 587 18.31 54.98 62.82
N LEU H 588 17.88 54.64 61.60
CA LEU H 588 16.49 54.71 61.23
C LEU H 588 15.69 53.62 61.94
N PRO H 589 14.38 53.79 62.05
CA PRO H 589 13.56 52.74 62.63
C PRO H 589 13.65 51.47 61.79
N PRO H 590 13.49 50.30 62.41
CA PRO H 590 13.65 49.04 61.65
C PRO H 590 12.72 48.91 60.48
N GLU H 591 11.52 49.50 60.55
CA GLU H 591 10.60 49.46 59.41
C GLU H 591 11.16 50.23 58.22
N ILE H 592 11.88 51.32 58.48
CA ILE H 592 12.39 52.18 57.43
C ILE H 592 13.83 51.83 57.12
N GLN H 593 14.56 51.32 58.11
CA GLN H 593 15.95 50.92 57.90
C GLN H 593 16.05 49.77 56.90
N TYR H 594 15.00 48.94 56.79
CA TYR H 594 15.04 47.80 55.89
C TYR H 594 15.23 48.22 54.44
N PHE H 595 14.77 49.41 54.07
CA PHE H 595 14.80 49.84 52.69
C PHE H 595 16.14 50.43 52.27
N THR H 596 17.13 50.45 53.16
CA THR H 596 18.49 50.84 52.82
C THR H 596 19.38 49.62 52.57
N TYR H 597 18.83 48.42 52.62
CA TYR H 597 19.60 47.19 52.52
C TYR H 597 19.84 46.80 51.07
N ALA H 598 20.87 46.00 50.86
CA ALA H 598 21.17 45.45 49.55
C ALA H 598 20.26 44.26 49.26
N ARG H 599 20.47 43.63 48.09
CA ARG H 599 19.62 42.52 47.69
C ARG H 599 19.74 41.34 48.65
N ASP H 600 20.89 41.18 49.29
CA ASP H 600 21.11 40.02 50.14
C ASP H 600 20.24 40.07 51.40
N LYS H 601 19.92 41.26 51.88
CA LYS H 601 19.12 41.40 53.10
C LYS H 601 17.63 41.54 52.82
N TRP H 602 17.20 41.45 51.57
CA TRP H 602 15.78 41.52 51.25
C TRP H 602 15.04 40.32 51.83
N LEU H 603 13.81 40.56 52.27
CA LEU H 603 12.98 39.47 52.73
C LEU H 603 12.65 38.53 51.58
N PRO H 604 12.57 37.22 51.81
CA PRO H 604 12.33 36.29 50.70
C PRO H 604 11.00 36.49 50.01
N SER H 605 10.04 37.16 50.63
CA SER H 605 8.71 37.33 50.07
C SER H 605 8.33 38.80 49.92
N ASP H 606 9.31 39.67 49.78
CA ASP H 606 8.97 41.07 49.54
C ASP H 606 8.51 41.26 48.10
N PRO H 607 7.71 42.29 47.83
CA PRO H 607 7.12 42.42 46.48
C PRO H 607 8.13 42.56 45.35
N GLN H 608 9.30 43.15 45.62
CA GLN H 608 10.28 43.33 44.55
C GLN H 608 10.77 42.00 44.00
N ILE H 609 11.03 41.03 44.89
CA ILE H 609 11.45 39.71 44.44
C ILE H 609 10.32 39.00 43.71
N ILE H 610 9.09 39.16 44.20
CA ILE H 610 7.94 38.56 43.53
C ILE H 610 7.74 39.19 42.16
N SER H 611 8.01 40.50 42.05
CA SER H 611 7.80 41.18 40.78
C SER H 611 8.71 40.62 39.69
N GLU H 612 10.02 40.55 39.97
CA GLU H 612 10.95 40.09 38.95
C GLU H 612 10.83 38.60 38.70
N GLY H 613 10.35 37.84 39.69
CA GLY H 613 10.06 36.44 39.45
C GLY H 613 8.90 36.25 38.48
N LEU H 614 7.83 37.02 38.65
CA LEU H 614 6.70 36.94 37.73
C LEU H 614 7.02 37.60 36.39
N TYR H 615 7.83 38.67 36.40
CA TYR H 615 8.20 39.33 35.16
C TYR H 615 8.97 38.39 34.24
N ALA H 616 9.82 37.54 34.81
CA ALA H 616 10.57 36.57 34.00
C ALA H 616 9.63 35.58 33.33
N ILE H 617 8.61 35.11 34.06
CA ILE H 617 7.65 34.17 33.47
C ILE H 617 6.90 34.82 32.32
N ALA H 618 6.48 36.08 32.50
CA ALA H 618 5.73 36.78 31.46
C ALA H 618 6.58 36.96 30.21
N VAL H 619 7.86 37.29 30.38
CA VAL H 619 8.75 37.50 29.23
C VAL H 619 8.89 36.20 28.44
N VAL H 620 9.05 35.07 29.13
CA VAL H 620 9.12 33.79 28.44
C VAL H 620 7.81 33.50 27.71
N LEU H 621 6.69 33.78 28.36
CA LEU H 621 5.39 33.58 27.72
C LEU H 621 5.18 34.56 26.57
N SER H 622 5.81 35.73 26.63
CA SER H 622 5.66 36.71 25.55
C SER H 622 6.19 36.16 24.23
N PHE H 623 7.42 35.63 24.25
CA PHE H 623 8.01 35.11 23.02
C PHE H 623 7.29 33.88 22.51
N SER H 624 6.40 33.28 23.29
CA SER H 624 5.56 32.21 22.80
C SER H 624 4.52 32.70 21.79
N ARG H 625 4.18 33.99 21.82
CA ARG H 625 3.24 34.55 20.87
C ARG H 625 3.82 34.69 19.47
N ILE H 626 5.12 34.47 19.29
CA ILE H 626 5.68 34.46 17.94
C ILE H 626 5.06 33.35 17.12
N ALA H 627 4.67 32.25 17.76
CA ALA H 627 3.97 31.18 17.06
C ALA H 627 2.57 31.58 16.61
N TYR H 628 2.05 32.72 17.09
CA TYR H 628 0.76 33.19 16.62
C TYR H 628 0.83 33.75 15.20
N ILE H 629 2.01 34.22 14.76
CA ILE H 629 2.17 34.75 13.41
C ILE H 629 2.80 33.74 12.46
N LEU H 630 3.21 32.58 12.95
CA LEU H 630 3.83 31.54 12.15
C LEU H 630 2.90 30.85 11.15
N PRO H 631 1.59 30.68 11.44
CA PRO H 631 0.73 30.04 10.42
C PRO H 631 0.68 30.79 9.10
N ALA H 632 0.90 32.11 9.11
CA ALA H 632 0.82 32.90 7.89
C ALA H 632 1.92 32.55 6.91
N ASN H 633 3.04 32.01 7.37
CA ASN H 633 4.16 31.67 6.49
C ASN H 633 4.01 30.27 5.95
N GLU H 634 4.29 30.10 4.66
CA GLU H 634 4.09 28.83 4.00
C GLU H 634 5.14 27.79 4.36
N SER H 635 6.31 28.22 4.86
CA SER H 635 7.36 27.29 5.21
C SER H 635 7.31 26.88 6.68
N PHE H 636 7.16 27.86 7.58
CA PHE H 636 7.13 27.59 9.01
C PHE H 636 5.72 27.34 9.54
N GLY H 637 4.69 27.60 8.74
CA GLY H 637 3.33 27.35 9.13
C GLY H 637 3.01 25.87 9.34
N PRO H 638 3.33 25.03 8.36
CA PRO H 638 3.13 23.58 8.57
C PRO H 638 3.94 23.02 9.73
N LEU H 639 5.13 23.58 9.99
CA LEU H 639 5.94 23.09 11.10
C LEU H 639 5.27 23.33 12.44
N GLN H 640 4.65 24.50 12.61
CA GLN H 640 3.98 24.78 13.87
C GLN H 640 2.72 23.94 14.04
N ILE H 641 2.03 23.63 12.94
CA ILE H 641 0.85 22.76 13.02
C ILE H 641 1.24 21.38 13.52
N SER H 642 2.33 20.82 12.97
CA SER H 642 2.78 19.52 13.41
C SER H 642 3.33 19.57 14.82
N LEU H 643 3.92 20.70 15.22
CA LEU H 643 4.42 20.83 16.59
C LEU H 643 3.29 20.79 17.59
N GLY H 644 2.19 21.50 17.31
CA GLY H 644 1.04 21.47 18.21
C GLY H 644 0.39 20.11 18.28
N ARG H 645 0.41 19.37 17.17
CA ARG H 645 -0.15 18.02 17.17
C ARG H 645 0.64 17.08 18.07
N THR H 646 1.98 17.20 18.06
CA THR H 646 2.79 16.36 18.92
C THR H 646 2.58 16.70 20.39
N VAL H 647 2.42 17.99 20.70
CA VAL H 647 2.19 18.40 22.08
C VAL H 647 0.90 17.77 22.62
N LYS H 648 -0.15 17.77 21.79
CA LYS H 648 -1.40 17.13 22.19
C LYS H 648 -1.21 15.62 22.36
N ASP H 649 -0.39 15.00 21.51
CA ASP H 649 -0.12 13.58 21.66
C ASP H 649 0.66 13.30 22.93
N ILE H 650 1.63 14.15 23.27
CA ILE H 650 2.43 13.93 24.46
C ILE H 650 1.60 14.12 25.73
N PHE H 651 0.57 14.96 25.68
CA PHE H 651 -0.20 15.27 26.88
C PHE H 651 -0.84 14.01 27.45
N LYS H 652 -1.39 13.14 26.60
CA LYS H 652 -1.99 11.91 27.12
C LYS H 652 -0.94 10.93 27.62
N PHE H 653 0.25 10.94 27.03
CA PHE H 653 1.31 10.04 27.49
C PHE H 653 1.90 10.48 28.82
N MET H 654 1.87 11.79 29.10
CA MET H 654 2.41 12.30 30.38
C MET H 654 1.62 11.66 31.53
N VAL H 655 0.30 11.55 31.38
CA VAL H 655 -0.54 11.00 32.45
C VAL H 655 -0.03 9.62 32.86
N LEU H 656 0.36 8.80 31.88
CA LEU H 656 0.95 7.50 32.20
C LEU H 656 2.27 7.66 32.95
N PHE H 657 3.10 8.62 32.55
CA PHE H 657 4.39 8.79 33.20
C PHE H 657 4.26 9.47 34.55
N ILE H 658 3.21 10.28 34.75
CA ILE H 658 2.98 10.90 36.09
C ILE H 658 2.74 9.79 37.11
N MET H 659 1.96 8.77 36.75
CA MET H 659 1.70 7.66 37.67
C MET H 659 2.99 6.91 38.00
N VAL H 660 3.84 6.68 37.00
CA VAL H 660 5.15 6.08 37.25
C VAL H 660 6.02 7.02 38.06
N PHE H 661 6.01 8.31 37.72
CA PHE H 661 6.83 9.28 38.45
C PHE H 661 6.41 9.38 39.91
N PHE H 662 5.09 9.40 40.16
CA PHE H 662 4.60 9.54 41.52
C PHE H 662 4.83 8.27 42.33
N ALA H 663 4.89 7.12 41.66
CA ALA H 663 5.17 5.87 42.35
C ALA H 663 6.55 5.88 42.98
N PHE H 664 7.55 6.35 42.24
CA PHE H 664 8.91 6.38 42.76
C PHE H 664 9.20 7.62 43.60
N MET H 665 8.47 8.71 43.36
CA MET H 665 8.64 9.89 44.20
C MET H 665 8.25 9.60 45.64
N ILE H 666 7.10 8.97 45.84
CA ILE H 666 6.67 8.60 47.19
C ILE H 666 7.52 7.46 47.73
N GLY H 667 7.79 6.45 46.89
CA GLY H 667 8.51 5.28 47.36
C GLY H 667 9.94 5.58 47.78
N MET H 668 10.66 6.36 46.97
CA MET H 668 12.05 6.68 47.30
C MET H 668 12.14 7.73 48.39
N PHE H 669 11.18 8.65 48.46
CA PHE H 669 11.17 9.61 49.56
C PHE H 669 10.93 8.89 50.89
N ILE H 670 10.00 7.94 50.91
CA ILE H 670 9.74 7.18 52.14
C ILE H 670 10.99 6.43 52.58
N LEU H 671 11.72 5.86 51.62
CA LEU H 671 12.92 5.11 51.93
C LEU H 671 14.00 6.00 52.55
N TYR H 672 14.21 7.18 51.99
CA TYR H 672 15.34 8.03 52.37
C TYR H 672 14.96 9.19 53.27
N SER H 673 13.70 9.29 53.70
CA SER H 673 13.28 10.44 54.49
C SER H 673 13.99 10.48 55.84
N TYR H 674 14.27 9.31 56.42
CA TYR H 674 14.90 9.27 57.73
C TYR H 674 16.40 9.52 57.67
N TYR H 675 17.01 9.43 56.50
CA TYR H 675 18.44 9.70 56.34
C TYR H 675 18.66 11.10 55.78
N LEU H 676 18.29 12.12 56.56
CA LEU H 676 18.46 13.49 56.10
C LEU H 676 19.94 13.90 56.17
N GLY H 677 20.51 13.86 57.36
CA GLY H 677 21.92 14.19 57.54
C GLY H 677 22.86 13.04 57.32
N ALA H 678 22.37 11.89 56.85
CA ALA H 678 23.17 10.69 56.67
C ALA H 678 23.31 10.31 55.20
N LYS H 679 23.24 11.28 54.31
CA LYS H 679 23.37 11.04 52.88
C LYS H 679 24.43 11.95 52.30
N VAL H 680 24.95 11.55 51.12
CA VAL H 680 25.92 12.37 50.42
C VAL H 680 25.30 13.69 50.01
N ASN H 681 24.04 13.66 49.56
CA ASN H 681 23.32 14.89 49.26
C ASN H 681 21.90 14.82 49.82
N ALA H 682 21.05 15.78 49.46
CA ALA H 682 19.68 15.86 49.93
C ALA H 682 18.69 15.30 48.93
N ALA H 683 19.05 14.22 48.25
CA ALA H 683 18.33 13.77 47.07
C ALA H 683 16.87 13.46 47.37
N PHE H 684 16.62 12.46 48.23
CA PHE H 684 15.27 11.99 48.46
C PHE H 684 14.80 12.25 49.89
N THR H 685 15.45 13.18 50.59
CA THR H 685 15.14 13.41 52.01
C THR H 685 13.78 14.05 52.21
N THR H 686 13.26 14.77 51.22
CA THR H 686 11.95 15.41 51.29
C THR H 686 11.18 15.11 50.01
N VAL H 687 9.88 15.35 50.02
CA VAL H 687 9.04 15.08 48.81
C VAL H 687 9.52 15.97 47.67
N GLU H 688 9.86 17.23 47.98
CA GLU H 688 10.33 18.18 46.94
C GLU H 688 11.66 17.68 46.37
N GLU H 689 12.59 17.32 47.24
CA GLU H 689 13.93 16.82 46.80
C GLU H 689 13.72 15.52 46.04
N SER H 690 12.78 14.69 46.48
CA SER H 690 12.46 13.44 45.72
C SER H 690 11.91 13.81 44.36
N PHE H 691 11.07 14.83 44.26
CA PHE H 691 10.56 15.29 42.94
C PHE H 691 11.72 15.83 42.09
N LYS H 692 12.52 16.72 42.67
CA LYS H 692 13.64 17.34 41.92
C LYS H 692 14.53 16.26 41.34
N THR H 693 15.01 15.34 42.17
CA THR H 693 15.95 14.29 41.71
C THR H 693 15.33 13.49 40.57
N LEU H 694 14.10 13.03 40.75
CA LEU H 694 13.52 12.17 39.72
C LEU H 694 13.19 12.93 38.45
N PHE H 695 12.87 14.23 38.54
CA PHE H 695 12.58 14.99 37.33
C PHE H 695 13.83 15.19 36.49
N TRP H 696 14.94 15.55 37.14
CA TRP H 696 16.17 15.79 36.38
C TRP H 696 16.85 14.50 35.97
N SER H 697 16.45 13.36 36.53
CA SER H 697 16.91 12.08 36.03
C SER H 697 16.41 11.80 34.62
N ILE H 698 15.36 12.50 34.18
CA ILE H 698 14.87 12.34 32.82
C ILE H 698 15.92 12.81 31.82
N PHE H 699 16.64 13.86 32.17
CA PHE H 699 17.65 14.46 31.31
C PHE H 699 19.07 14.07 31.71
N GLY H 700 19.21 13.09 32.61
CA GLY H 700 20.53 12.67 33.03
C GLY H 700 21.25 13.68 33.90
N LEU H 701 20.52 14.56 34.56
CA LEU H 701 21.11 15.61 35.37
C LEU H 701 21.12 15.30 36.85
N SER H 702 20.75 14.08 37.25
CA SER H 702 20.82 13.64 38.63
C SER H 702 21.87 12.56 38.74
N GLU H 703 22.81 12.74 39.66
CA GLU H 703 23.94 11.83 39.81
C GLU H 703 23.53 10.56 40.56
N VAL H 704 24.36 9.52 40.43
CA VAL H 704 24.08 8.26 41.10
C VAL H 704 24.28 8.36 42.60
N THR H 705 25.12 9.29 43.07
CA THR H 705 25.31 9.49 44.50
C THR H 705 24.05 9.96 45.20
N SER H 706 22.95 10.16 44.46
CA SER H 706 21.68 10.51 45.06
C SER H 706 21.17 9.41 45.99
N VAL H 707 21.59 8.17 45.75
CA VAL H 707 21.09 7.03 46.52
C VAL H 707 22.11 6.51 47.52
N VAL H 708 23.27 7.13 47.63
CA VAL H 708 24.33 6.64 48.50
C VAL H 708 24.12 7.19 49.91
N LEU H 709 24.30 6.32 50.91
CA LEU H 709 24.16 6.68 52.32
C LEU H 709 25.53 6.80 52.96
N LYS H 710 25.61 7.65 53.99
CA LYS H 710 26.81 7.73 54.81
C LYS H 710 26.90 6.57 55.79
N TYR H 711 25.77 6.03 56.22
CA TYR H 711 25.75 4.95 57.18
C TYR H 711 26.00 3.61 56.50
N ASP H 712 26.20 2.57 57.32
CA ASP H 712 26.49 1.23 56.84
C ASP H 712 25.22 0.42 56.57
N HIS H 713 24.09 1.10 56.34
CA HIS H 713 22.82 0.42 56.07
C HIS H 713 22.76 0.12 54.58
N LYS H 714 23.53 -0.90 54.17
CA LYS H 714 23.61 -1.24 52.76
C LYS H 714 22.29 -1.77 52.21
N PHE H 715 21.44 -2.34 53.07
CA PHE H 715 20.16 -2.85 52.61
C PHE H 715 19.30 -1.72 52.05
N ILE H 716 19.22 -0.61 52.78
CA ILE H 716 18.44 0.53 52.31
C ILE H 716 19.11 1.19 51.10
N GLU H 717 20.44 1.29 51.14
CA GLU H 717 21.15 1.89 50.02
C GLU H 717 21.01 1.07 48.74
N ASN H 718 21.04 -0.25 48.86
CA ASN H 718 20.96 -1.12 47.65
C ASN H 718 19.51 -1.12 47.14
N ILE H 719 18.52 -0.99 48.02
CA ILE H 719 17.14 -0.84 47.56
C ILE H 719 17.00 0.45 46.77
N GLY H 720 17.60 1.54 47.26
CA GLY H 720 17.56 2.79 46.54
C GLY H 720 18.23 2.70 45.18
N TYR H 721 19.32 1.93 45.10
CA TYR H 721 19.96 1.69 43.80
C TYR H 721 19.02 0.99 42.83
N VAL H 722 18.31 -0.04 43.31
CA VAL H 722 17.42 -0.80 42.44
C VAL H 722 16.21 0.04 42.07
N LEU H 723 15.61 0.72 43.04
CA LEU H 723 14.45 1.57 42.74
C LEU H 723 14.83 2.68 41.78
N TYR H 724 15.98 3.31 41.99
CA TYR H 724 16.43 4.36 41.08
C TYR H 724 16.82 3.77 39.73
N GLY H 725 17.39 2.57 39.72
CA GLY H 725 17.69 1.90 38.47
C GLY H 725 16.44 1.48 37.72
N ILE H 726 15.43 0.99 38.45
CA ILE H 726 14.16 0.61 37.81
C ILE H 726 13.45 1.85 37.28
N TYR H 727 13.52 2.96 38.01
CA TYR H 727 12.89 4.18 37.55
C TYR H 727 13.47 4.65 36.21
N ASN H 728 14.79 4.61 36.08
CA ASN H 728 15.42 5.02 34.83
C ASN H 728 15.05 4.08 33.68
N VAL H 729 15.05 2.77 33.95
CA VAL H 729 14.65 1.81 32.92
C VAL H 729 13.18 2.00 32.56
N THR H 730 12.32 2.14 33.56
CA THR H 730 10.89 2.33 33.30
C THR H 730 10.65 3.61 32.52
N MET H 731 11.34 4.68 32.88
CA MET H 731 11.17 5.96 32.20
C MET H 731 11.57 5.87 30.74
N VAL H 732 12.64 5.12 30.44
CA VAL H 732 13.04 4.92 29.05
C VAL H 732 11.96 4.15 28.29
N VAL H 733 11.40 3.11 28.92
CA VAL H 733 10.37 2.31 28.26
C VAL H 733 9.15 3.16 27.95
N VAL H 734 8.74 4.01 28.91
CA VAL H 734 7.61 4.91 28.67
C VAL H 734 7.94 5.88 27.54
N LEU H 735 9.15 6.44 27.54
CA LEU H 735 9.56 7.33 26.46
C LEU H 735 9.65 6.57 25.14
N LEU H 736 10.18 5.34 25.17
CA LEU H 736 10.28 4.55 23.95
C LEU H 736 8.90 4.22 23.40
N ASN H 737 7.95 3.88 24.28
CA ASN H 737 6.59 3.61 23.85
C ASN H 737 5.95 4.87 23.25
N MET H 738 6.17 6.03 23.87
CA MET H 738 5.63 7.26 23.33
C MET H 738 6.23 7.57 21.97
N LEU H 739 7.53 7.36 21.81
CA LEU H 739 8.18 7.62 20.53
C LEU H 739 7.62 6.73 19.43
N ILE H 740 7.45 5.44 19.73
CA ILE H 740 6.97 4.51 18.71
C ILE H 740 5.51 4.78 18.39
N ALA H 741 4.68 4.99 19.41
CA ALA H 741 3.26 5.19 19.18
C ALA H 741 3.01 6.45 18.35
N MET H 742 3.75 7.51 18.62
CA MET H 742 3.57 8.75 17.85
C MET H 742 4.08 8.61 16.43
N ILE H 743 5.08 7.75 16.20
CA ILE H 743 5.54 7.49 14.85
C ILE H 743 4.46 6.77 14.05
N ASN H 744 3.83 5.75 14.64
CA ASN H 744 2.76 5.04 13.97
C ASN H 744 1.53 5.93 13.77
N SER H 745 1.26 6.84 14.70
CA SER H 745 0.13 7.75 14.54
C SER H 745 0.30 8.64 13.32
N SER H 746 1.53 9.05 13.01
CA SER H 746 1.77 9.86 11.82
C SER H 746 1.76 9.01 10.56
N TYR H 747 2.10 7.72 10.67
CA TYR H 747 2.12 6.85 9.49
C TYR H 747 0.74 6.66 8.90
N GLN H 748 -0.32 6.83 9.69
CA GLN H 748 -1.69 6.79 9.20
C GLN H 748 -2.26 8.17 8.94
N ASP H 752 -0.68 14.11 2.07
CA ASP H 752 -1.04 15.52 2.00
C ASP H 752 -2.16 15.88 2.96
N ASP H 753 -1.95 15.62 4.25
CA ASP H 753 -2.87 16.06 5.29
C ASP H 753 -2.33 17.22 6.11
N SER H 754 -1.00 17.32 6.25
CA SER H 754 -0.41 18.47 6.93
C SER H 754 -0.66 19.75 6.15
N ASP H 755 -0.67 19.66 4.83
CA ASP H 755 -0.98 20.82 4.00
C ASP H 755 -2.40 21.30 4.24
N VAL H 756 -3.36 20.37 4.36
CA VAL H 756 -4.74 20.75 4.61
C VAL H 756 -4.89 21.40 5.97
N GLU H 757 -4.24 20.83 6.99
CA GLU H 757 -4.39 21.38 8.34
C GLU H 757 -3.75 22.75 8.46
N TRP H 758 -2.61 22.97 7.79
CA TRP H 758 -1.98 24.28 7.82
C TRP H 758 -2.82 25.32 7.09
N LYS H 759 -3.29 24.99 5.89
CA LYS H 759 -4.11 25.94 5.14
C LYS H 759 -5.44 26.21 5.84
N PHE H 760 -5.90 25.28 6.67
CA PHE H 760 -7.07 25.53 7.48
C PHE H 760 -6.75 26.50 8.62
N ALA H 761 -5.62 26.28 9.29
CA ALA H 761 -5.24 27.15 10.40
C ALA H 761 -4.88 28.55 9.91
N ARG H 762 -4.20 28.64 8.77
CA ARG H 762 -3.86 29.95 8.21
C ARG H 762 -5.12 30.73 7.84
N SER H 763 -6.13 30.03 7.30
CA SER H 763 -7.38 30.69 6.94
C SER H 763 -8.09 31.24 8.18
N LYS H 764 -8.02 30.53 9.31
CA LYS H 764 -8.57 31.05 10.54
C LYS H 764 -7.84 32.31 10.98
N LEU H 765 -6.54 32.36 10.76
CA LEU H 765 -5.77 33.59 11.02
C LEU H 765 -6.24 34.72 10.13
N TRP H 766 -6.50 34.43 8.84
CA TRP H 766 -6.98 35.45 7.93
C TRP H 766 -8.35 35.96 8.32
N LEU H 767 -9.27 35.05 8.67
CA LEU H 767 -10.63 35.47 8.98
C LEU H 767 -10.70 36.38 10.21
N SER H 768 -9.71 36.31 11.09
CA SER H 768 -9.69 37.21 12.24
C SER H 768 -9.42 38.65 11.83
N TYR H 769 -8.79 38.87 10.68
CA TYR H 769 -8.47 40.20 10.21
C TYR H 769 -9.43 40.73 9.14
N PHE H 770 -10.41 39.93 8.73
CA PHE H 770 -11.35 40.41 7.73
C PHE H 770 -12.33 41.42 8.31
N ASP H 771 -12.63 41.30 9.61
CA ASP H 771 -13.55 42.23 10.25
C ASP H 771 -12.91 43.60 10.42
N ASP H 772 -13.74 44.64 10.38
CA ASP H 772 -13.25 46.00 10.48
C ASP H 772 -12.98 46.45 11.91
N GLY H 773 -13.37 45.66 12.91
CA GLY H 773 -13.14 46.05 14.28
C GLY H 773 -11.67 46.05 14.65
N LYS H 774 -10.92 45.04 14.19
CA LYS H 774 -9.51 44.89 14.54
C LYS H 774 -8.67 45.70 13.54
N THR H 775 -8.70 47.02 13.73
CA THR H 775 -8.03 47.93 12.79
C THR H 775 -6.61 48.25 13.23
N LEU H 776 -6.45 48.84 14.41
CA LEU H 776 -5.15 49.25 14.90
C LEU H 776 -4.60 48.26 15.91
N PRO H 777 -3.28 48.21 16.06
CA PRO H 777 -2.68 47.30 17.04
C PRO H 777 -3.10 47.63 18.46
N PRO H 778 -3.08 46.66 19.37
CA PRO H 778 -3.59 46.87 20.73
C PRO H 778 -2.94 48.05 21.45
N PRO H 779 -1.63 48.26 21.32
CA PRO H 779 -1.06 49.46 21.96
C PRO H 779 -1.63 50.76 21.44
N PHE H 780 -1.97 50.83 20.15
CA PHE H 780 -2.50 52.04 19.55
C PHE H 780 -4.01 52.06 19.47
N SER H 781 -4.68 51.04 20.00
CA SER H 781 -6.14 51.00 20.03
C SER H 781 -6.74 51.66 21.27
N LEU H 782 -5.90 52.16 22.17
CA LEU H 782 -6.41 52.83 23.36
C LEU H 782 -7.11 54.14 22.99
N VAL H 783 -6.54 54.90 22.07
CA VAL H 783 -7.11 56.18 21.65
C VAL H 783 -8.37 55.91 20.83
N PRO H 784 -9.53 56.46 21.20
CA PRO H 784 -10.79 56.26 20.49
C PRO H 784 -11.09 57.37 19.48
N GLN H 844 -38.14 32.46 -13.32
CA GLN H 844 -38.72 32.26 -12.01
C GLN H 844 -37.68 31.97 -10.90
N PRO H 845 -36.75 31.03 -11.11
CA PRO H 845 -35.74 30.78 -10.08
C PRO H 845 -34.77 31.95 -9.94
N THR H 846 -34.24 32.10 -8.73
CA THR H 846 -33.24 33.12 -8.50
C THR H 846 -31.91 32.71 -9.13
N ARG H 847 -30.98 33.66 -9.20
CA ARG H 847 -29.69 33.38 -9.80
C ARG H 847 -28.93 32.32 -9.00
N TYR H 848 -29.03 32.36 -7.68
CA TYR H 848 -28.38 31.36 -6.85
C TYR H 848 -28.93 29.97 -7.12
N GLN H 849 -30.24 29.87 -7.34
CA GLN H 849 -30.84 28.58 -7.67
C GLN H 849 -30.33 28.07 -9.02
N GLN H 850 -30.14 28.96 -9.99
CA GLN H 850 -29.60 28.54 -11.27
C GLN H 850 -28.17 28.05 -11.14
N ILE H 851 -27.36 28.72 -10.33
CA ILE H 851 -26.00 28.27 -10.09
C ILE H 851 -25.99 26.93 -9.39
N MET H 852 -26.84 26.77 -8.37
CA MET H 852 -26.88 25.51 -7.63
C MET H 852 -27.33 24.35 -8.52
N LYS H 853 -28.30 24.58 -9.39
CA LYS H 853 -28.75 23.54 -10.31
C LYS H 853 -27.62 23.13 -11.25
N ARG H 854 -26.84 24.10 -11.74
CA ARG H 854 -25.73 23.78 -12.63
C ARG H 854 -24.67 22.95 -11.90
N LEU H 855 -24.35 23.32 -10.67
CA LEU H 855 -23.29 22.62 -9.94
C LEU H 855 -23.74 21.23 -9.50
N ILE H 856 -25.01 21.08 -9.15
CA ILE H 856 -25.50 19.77 -8.72
C ILE H 856 -25.57 18.81 -9.90
N LYS H 857 -26.07 19.29 -11.05
CA LYS H 857 -26.03 18.47 -12.26
C LYS H 857 -24.60 18.17 -12.66
N ARG H 858 -23.72 19.17 -12.53
CA ARG H 858 -22.30 18.93 -12.74
C ARG H 858 -21.74 17.92 -11.75
N TYR H 859 -22.27 17.89 -10.53
CA TYR H 859 -21.81 16.92 -9.53
C TYR H 859 -22.33 15.53 -9.84
N VAL H 860 -23.62 15.42 -10.21
CA VAL H 860 -24.20 14.11 -10.46
C VAL H 860 -23.53 13.44 -11.64
N LEU H 861 -23.31 14.18 -12.73
CA LEU H 861 -22.62 13.61 -13.87
C LEU H 861 -21.18 13.27 -13.55
N LYS H 862 -20.51 14.11 -12.75
CA LYS H 862 -19.11 13.81 -12.39
C LYS H 862 -19.06 12.58 -11.48
N ALA H 863 -20.03 12.45 -10.58
CA ALA H 863 -20.07 11.27 -9.72
C ALA H 863 -20.32 10.00 -10.53
N GLN H 864 -21.17 10.07 -11.54
CA GLN H 864 -21.43 8.91 -12.38
C GLN H 864 -20.23 8.55 -13.23
N VAL H 865 -19.47 9.54 -13.68
CA VAL H 865 -18.23 9.26 -14.41
C VAL H 865 -17.21 8.60 -13.48
N ASP H 866 -17.09 9.09 -12.26
CA ASP H 866 -16.17 8.48 -11.31
C ASP H 866 -16.57 7.06 -10.95
N LYS H 867 -17.86 6.77 -10.89
CA LYS H 867 -18.29 5.37 -10.64
C LYS H 867 -17.85 4.51 -11.80
N GLU H 868 -18.03 4.99 -13.03
CA GLU H 868 -17.64 4.20 -14.18
C GLU H 868 -16.13 4.01 -14.29
N ASN H 869 -15.35 4.72 -13.48
CA ASN H 869 -13.91 4.50 -13.42
C ASN H 869 -13.51 3.50 -12.35
N ASP H 870 -14.46 3.00 -11.56
CA ASP H 870 -14.14 1.99 -10.56
C ASP H 870 -13.87 0.65 -11.23
N GLU H 871 -13.16 -0.21 -10.50
CA GLU H 871 -12.85 -1.54 -11.02
C GLU H 871 -14.12 -2.35 -11.21
N VAL H 872 -14.12 -3.19 -12.24
CA VAL H 872 -15.23 -4.09 -12.49
C VAL H 872 -15.14 -5.27 -11.54
N ASN H 873 -16.26 -5.60 -10.91
CA ASN H 873 -16.33 -6.71 -9.98
C ASN H 873 -16.77 -7.98 -10.68
N GLU H 874 -16.77 -9.09 -9.94
CA GLU H 874 -17.26 -10.34 -10.49
C GLU H 874 -18.75 -10.28 -10.79
N GLY H 875 -19.52 -9.59 -9.95
CA GLY H 875 -20.95 -9.49 -10.20
C GLY H 875 -21.28 -8.71 -11.44
N GLU H 876 -20.50 -7.67 -11.75
CA GLU H 876 -20.72 -6.93 -12.99
C GLU H 876 -20.41 -7.78 -14.21
N LEU H 877 -19.36 -8.59 -14.14
CA LEU H 877 -19.04 -9.49 -15.25
C LEU H 877 -20.08 -10.59 -15.38
N LYS H 878 -20.62 -11.07 -14.27
CA LYS H 878 -21.68 -12.12 -14.30
C LYS H 878 -22.94 -11.54 -14.96
N GLU H 879 -23.17 -10.25 -14.83
CA GLU H 879 -24.32 -9.65 -15.50
C GLU H 879 -24.18 -9.74 -17.01
N ILE H 880 -22.97 -9.52 -17.54
CA ILE H 880 -22.74 -9.67 -18.97
C ILE H 880 -22.82 -11.14 -19.38
N LYS H 881 -22.32 -12.04 -18.52
CA LYS H 881 -22.41 -13.47 -18.82
C LYS H 881 -23.85 -13.91 -18.96
N GLN H 882 -24.75 -13.33 -18.16
CA GLN H 882 -26.17 -13.65 -18.28
C GLN H 882 -26.80 -12.98 -19.48
N ASP H 883 -26.26 -11.84 -19.93
CA ASP H 883 -26.74 -11.23 -21.16
C ASP H 883 -26.51 -12.14 -22.35
N ILE H 884 -25.34 -12.79 -22.40
CA ILE H 884 -25.08 -13.78 -23.45
C ILE H 884 -25.96 -15.00 -23.25
N SER H 885 -26.18 -15.39 -22.00
CA SER H 885 -27.05 -16.54 -21.71
C SER H 885 -28.47 -16.28 -22.20
N SER H 886 -29.02 -15.11 -21.89
CA SER H 886 -30.36 -14.78 -22.36
C SER H 886 -30.39 -14.64 -23.88
N LEU H 887 -29.37 -13.99 -24.45
CA LEU H 887 -29.33 -13.80 -25.90
C LEU H 887 -29.24 -15.13 -26.62
N ARG H 888 -28.48 -16.08 -26.09
CA ARG H 888 -28.35 -17.38 -26.73
C ARG H 888 -29.68 -18.09 -26.82
N TYR H 889 -30.48 -18.05 -25.75
CA TYR H 889 -31.77 -18.72 -25.76
C TYR H 889 -32.75 -18.06 -26.73
N GLU H 890 -32.73 -16.73 -26.81
CA GLU H 890 -33.62 -16.04 -27.74
C GLU H 890 -33.25 -16.36 -29.19
N LEU H 891 -31.95 -16.37 -29.50
CA LEU H 891 -31.53 -16.60 -30.88
C LEU H 891 -31.75 -18.04 -31.31
N LEU H 892 -31.40 -19.00 -30.46
CA LEU H 892 -31.56 -20.40 -30.84
C LEU H 892 -33.03 -20.76 -31.05
N GLU H 893 -33.90 -20.24 -30.19
CA GLU H 893 -35.34 -20.44 -30.39
C GLU H 893 -35.80 -19.74 -31.67
N ASP H 894 -35.27 -18.55 -31.96
CA ASP H 894 -35.61 -17.86 -33.19
C ASP H 894 -35.15 -18.64 -34.41
N LYS H 895 -33.97 -19.27 -34.33
CA LYS H 895 -33.51 -20.14 -35.41
C LYS H 895 -34.44 -21.33 -35.57
N SER H 896 -34.92 -21.89 -34.45
CA SER H 896 -35.88 -22.99 -34.52
C SER H 896 -37.19 -22.57 -35.15
N GLN H 897 -37.58 -21.30 -34.98
CA GLN H 897 -38.80 -20.81 -35.62
C GLN H 897 -38.67 -20.81 -37.14
N ALA H 898 -37.48 -20.54 -37.67
CA ALA H 898 -37.27 -20.62 -39.10
C ALA H 898 -37.45 -22.06 -39.60
N THR H 899 -36.95 -23.03 -38.84
CA THR H 899 -37.06 -24.42 -39.27
C THR H 899 -38.50 -24.90 -39.31
N GLU H 900 -39.29 -24.57 -38.27
CA GLU H 900 -40.68 -25.03 -38.24
C GLU H 900 -41.52 -24.34 -39.32
N GLU H 901 -41.23 -23.07 -39.62
CA GLU H 901 -41.93 -22.39 -40.70
C GLU H 901 -41.64 -23.04 -42.04
N LEU H 902 -40.38 -23.42 -42.27
CA LEU H 902 -40.03 -24.11 -43.51
C LEU H 902 -40.50 -25.55 -43.49
N ALA H 903 -40.61 -26.17 -42.31
CA ALA H 903 -41.12 -27.53 -42.24
C ALA H 903 -42.58 -27.60 -42.67
N ILE H 904 -43.41 -26.65 -42.21
CA ILE H 904 -44.81 -26.62 -42.64
C ILE H 904 -44.97 -26.06 -44.04
N LEU H 905 -43.96 -25.36 -44.56
CA LEU H 905 -44.02 -24.89 -45.93
C LEU H 905 -43.94 -26.06 -46.91
N ILE H 906 -43.21 -27.12 -46.55
CA ILE H 906 -43.11 -28.29 -47.42
C ILE H 906 -44.45 -29.00 -47.51
N HIS H 907 -45.22 -29.03 -46.41
CA HIS H 907 -46.51 -29.70 -46.43
C HIS H 907 -47.45 -29.08 -47.45
N LYS H 908 -47.49 -27.75 -47.51
CA LYS H 908 -48.31 -27.08 -48.51
C LYS H 908 -47.78 -27.34 -49.92
N LEU H 909 -46.46 -27.40 -50.06
CA LEU H 909 -45.83 -27.67 -51.35
C LEU H 909 -45.62 -29.16 -51.54
#